data_6H8C
#
_entry.id   6H8C
#
loop_
_entity.id
_entity.type
_entity.pdbx_description
1 polymer 'Gamma-aminobutyric acid receptor-associated protein-like 2'
2 polymer 'Ubiquitin-like modifier-activating enzyme 5'
#
loop_
_entity_poly.entity_id
_entity_poly.type
_entity_poly.pdbx_seq_one_letter_code
_entity_poly.pdbx_strand_id
1 'polypeptide(L)'
;MGWMFKEDHSLEHRCVESAKIRAKYPDRVPVIVEKVSGSQIVDIDKRKYLVPSDITVAQFMWIIRKRIQLPSEKAIFLFV
DKTVPQSSLTMGQLYEKEKDEDGFLYVAYSGENTFG
;
A
2 'polypeptide(L)' GAMEIIHEDNEWGIELVSE B
#
# COMPACT_ATOMS: atom_id res chain seq x y z
N MET A 1 -10.02 0.60 -11.78
CA MET A 1 -9.67 -0.77 -12.19
C MET A 1 -10.43 -1.75 -11.30
N GLY A 2 -9.91 -2.09 -10.14
CA GLY A 2 -10.52 -3.00 -9.19
C GLY A 2 -9.47 -3.43 -8.19
N TRP A 3 -9.90 -4.09 -7.12
CA TRP A 3 -9.01 -4.55 -6.09
C TRP A 3 -8.79 -6.05 -6.25
N MET A 4 -7.60 -6.36 -6.75
CA MET A 4 -7.13 -7.72 -7.01
C MET A 4 -7.23 -8.54 -5.73
N PHE A 5 -6.76 -7.97 -4.63
CA PHE A 5 -6.76 -8.59 -3.32
C PHE A 5 -8.19 -8.95 -2.87
N LYS A 6 -9.09 -7.96 -2.96
CA LYS A 6 -10.49 -8.06 -2.58
C LYS A 6 -11.24 -9.05 -3.47
N GLU A 7 -10.79 -9.24 -4.70
CA GLU A 7 -11.42 -10.16 -5.61
C GLU A 7 -11.06 -11.59 -5.19
N ASP A 8 -9.77 -11.83 -4.94
CA ASP A 8 -9.23 -13.13 -4.54
C ASP A 8 -9.58 -13.50 -3.10
N HIS A 9 -8.95 -12.93 -2.08
CA HIS A 9 -9.26 -13.25 -0.68
C HIS A 9 -8.77 -12.06 0.14
N SER A 10 -9.62 -11.41 0.93
CA SER A 10 -9.18 -10.26 1.72
C SER A 10 -9.62 -10.36 3.17
N LEU A 11 -10.92 -10.32 3.46
CA LEU A 11 -11.46 -10.33 4.83
C LEU A 11 -10.74 -11.28 5.81
N GLU A 12 -10.66 -12.57 5.50
CA GLU A 12 -10.02 -13.55 6.38
C GLU A 12 -8.51 -13.25 6.50
N HIS A 13 -7.82 -13.12 5.35
CA HIS A 13 -6.39 -12.85 5.26
C HIS A 13 -6.01 -11.59 6.04
N ARG A 14 -6.66 -10.47 5.73
CA ARG A 14 -6.41 -9.19 6.37
C ARG A 14 -6.64 -9.34 7.87
N CYS A 15 -7.66 -10.07 8.33
CA CYS A 15 -7.90 -10.24 9.75
C CYS A 15 -6.71 -10.93 10.45
N VAL A 16 -6.29 -12.11 9.97
CA VAL A 16 -5.18 -12.83 10.57
C VAL A 16 -3.88 -12.04 10.47
N GLU A 17 -3.54 -11.52 9.27
CA GLU A 17 -2.31 -10.78 9.08
C GLU A 17 -2.30 -9.53 9.95
N SER A 18 -3.43 -8.82 10.09
CA SER A 18 -3.48 -7.64 10.94
C SER A 18 -3.10 -8.07 12.36
N ALA A 19 -3.69 -9.16 12.88
CA ALA A 19 -3.33 -9.59 14.23
C ALA A 19 -1.84 -9.87 14.39
N LYS A 20 -1.24 -10.61 13.45
CA LYS A 20 0.19 -10.92 13.50
C LYS A 20 1.03 -9.66 13.43
N ILE A 21 0.72 -8.77 12.47
CA ILE A 21 1.42 -7.53 12.27
C ILE A 21 1.29 -6.62 13.48
N ARG A 22 0.11 -6.51 14.11
CA ARG A 22 -0.08 -5.66 15.27
C ARG A 22 0.69 -6.23 16.45
N ALA A 23 0.69 -7.55 16.61
CA ALA A 23 1.40 -8.19 17.70
C ALA A 23 2.92 -8.03 17.53
N LYS A 24 3.48 -8.31 16.35
CA LYS A 24 4.93 -8.19 16.14
C LYS A 24 5.39 -6.75 15.95
N TYR A 25 4.71 -5.99 15.12
CA TYR A 25 5.02 -4.61 14.76
C TYR A 25 3.86 -3.67 15.14
N PRO A 26 3.65 -3.39 16.43
CA PRO A 26 2.58 -2.51 16.88
C PRO A 26 2.77 -1.07 16.44
N ASP A 27 4.01 -0.65 16.20
CA ASP A 27 4.33 0.72 15.78
C ASP A 27 4.35 0.83 14.25
N ARG A 28 3.88 -0.16 13.48
CA ARG A 28 3.85 -0.12 12.02
C ARG A 28 2.41 -0.13 11.53
N VAL A 29 2.19 0.34 10.30
CA VAL A 29 0.89 0.42 9.65
C VAL A 29 0.94 -0.44 8.37
N PRO A 30 -0.05 -1.34 8.15
CA PRO A 30 -0.14 -2.24 7.00
C PRO A 30 -0.78 -1.56 5.77
N VAL A 31 0.03 -1.34 4.74
CA VAL A 31 -0.36 -0.70 3.49
C VAL A 31 -0.19 -1.65 2.30
N ILE A 32 -1.01 -1.44 1.27
CA ILE A 32 -1.05 -2.18 0.01
C ILE A 32 -0.82 -1.08 -1.04
N VAL A 33 0.07 -1.32 -2.01
CA VAL A 33 0.41 -0.34 -3.04
C VAL A 33 0.22 -0.94 -4.44
N GLU A 34 -0.64 -0.34 -5.30
CA GLU A 34 -0.86 -0.85 -6.66
C GLU A 34 -0.62 0.25 -7.72
N LYS A 35 -0.21 -0.16 -8.93
CA LYS A 35 0.08 0.71 -10.08
C LYS A 35 -1.20 0.97 -10.84
N VAL A 36 -1.61 2.23 -11.04
CA VAL A 36 -2.82 2.56 -11.77
C VAL A 36 -2.56 2.23 -13.23
N SER A 37 -3.43 1.46 -13.87
CA SER A 37 -3.28 1.07 -15.25
C SER A 37 -3.29 2.28 -16.20
N GLY A 38 -2.53 2.15 -17.28
CA GLY A 38 -2.38 3.11 -18.35
C GLY A 38 -1.20 4.07 -18.23
N SER A 39 -0.60 4.33 -17.06
CA SER A 39 0.53 5.26 -17.03
C SER A 39 1.83 4.55 -17.47
N GLN A 40 2.83 5.33 -17.86
CA GLN A 40 4.13 4.84 -18.32
C GLN A 40 5.07 4.25 -17.26
N ILE A 41 4.83 4.43 -15.97
CA ILE A 41 5.71 3.94 -14.90
C ILE A 41 5.79 2.40 -14.79
N VAL A 42 6.82 1.89 -14.10
CA VAL A 42 7.06 0.48 -13.87
C VAL A 42 5.91 -0.10 -13.03
N ASP A 43 5.65 -1.40 -13.18
CA ASP A 43 4.59 -2.09 -12.44
C ASP A 43 5.05 -2.48 -11.03
N ILE A 44 4.13 -2.91 -10.16
CA ILE A 44 4.39 -3.32 -8.79
C ILE A 44 3.87 -4.72 -8.51
N ASP A 45 4.66 -5.45 -7.73
CA ASP A 45 4.43 -6.81 -7.27
C ASP A 45 3.32 -6.76 -6.21
N LYS A 46 2.69 -7.90 -5.93
CA LYS A 46 1.64 -8.01 -4.93
C LYS A 46 2.37 -8.19 -3.61
N ARG A 47 2.56 -7.12 -2.82
CA ARG A 47 3.28 -7.20 -1.55
C ARG A 47 2.55 -6.41 -0.46
N LYS A 48 2.84 -6.75 0.80
CA LYS A 48 2.26 -6.16 2.00
C LYS A 48 3.32 -5.27 2.62
N TYR A 49 3.25 -3.96 2.37
CA TYR A 49 4.20 -2.98 2.86
C TYR A 49 3.84 -2.54 4.28
N LEU A 50 4.75 -2.75 5.23
CA LEU A 50 4.58 -2.40 6.63
C LEU A 50 5.50 -1.23 6.95
N VAL A 51 4.96 -0.02 7.09
CA VAL A 51 5.75 1.18 7.37
C VAL A 51 5.55 1.70 8.80
N PRO A 52 6.59 2.22 9.49
CA PRO A 52 6.45 2.71 10.85
C PRO A 52 5.52 3.92 10.88
N SER A 53 4.66 3.96 11.89
CA SER A 53 3.70 5.01 12.14
C SER A 53 4.36 6.37 12.43
N ASP A 54 5.67 6.36 12.73
CA ASP A 54 6.48 7.53 13.07
C ASP A 54 6.83 8.39 11.86
N ILE A 55 7.08 7.79 10.70
CA ILE A 55 7.45 8.56 9.52
C ILE A 55 6.24 9.31 8.94
N THR A 56 6.49 10.26 8.06
CA THR A 56 5.48 11.07 7.42
C THR A 56 5.17 10.56 6.01
N VAL A 57 4.07 11.02 5.43
CA VAL A 57 3.63 10.68 4.08
C VAL A 57 4.77 11.03 3.11
N ALA A 58 5.52 12.11 3.37
CA ALA A 58 6.63 12.58 2.56
C ALA A 58 7.70 11.47 2.46
N GLN A 59 8.05 10.85 3.58
CA GLN A 59 9.06 9.79 3.60
C GLN A 59 8.52 8.56 2.89
N PHE A 60 7.29 8.13 3.18
CA PHE A 60 6.73 6.94 2.56
C PHE A 60 6.72 7.12 1.04
N MET A 61 6.22 8.26 0.55
CA MET A 61 6.16 8.58 -0.85
C MET A 61 7.54 8.47 -1.48
N TRP A 62 8.55 9.14 -0.87
CA TRP A 62 9.91 9.10 -1.36
C TRP A 62 10.41 7.66 -1.43
N ILE A 63 10.09 6.81 -0.45
CA ILE A 63 10.54 5.42 -0.47
C ILE A 63 9.89 4.68 -1.64
N ILE A 64 8.59 4.84 -1.92
CA ILE A 64 7.96 4.12 -3.04
C ILE A 64 8.69 4.49 -4.33
N ARG A 65 8.88 5.79 -4.60
CA ARG A 65 9.57 6.19 -5.82
C ARG A 65 11.02 5.68 -5.86
N LYS A 66 11.75 5.70 -4.74
CA LYS A 66 13.14 5.23 -4.70
C LYS A 66 13.19 3.72 -4.93
N ARG A 67 12.26 2.96 -4.36
CA ARG A 67 12.21 1.51 -4.50
C ARG A 67 12.04 1.15 -5.97
N ILE A 68 11.11 1.79 -6.67
CA ILE A 68 10.85 1.53 -8.08
C ILE A 68 11.84 2.26 -9.02
N GLN A 69 12.78 3.04 -8.45
CA GLN A 69 13.81 3.82 -9.13
C GLN A 69 13.23 4.82 -10.14
N LEU A 70 12.37 5.73 -9.69
CA LEU A 70 11.74 6.75 -10.54
C LEU A 70 12.76 7.78 -11.05
N PRO A 71 13.13 7.76 -12.35
CA PRO A 71 14.08 8.72 -12.92
C PRO A 71 13.48 10.14 -12.97
N SER A 72 14.33 11.16 -13.00
CA SER A 72 13.88 12.54 -13.08
C SER A 72 13.12 12.85 -14.38
N GLU A 73 13.17 11.99 -15.40
CA GLU A 73 12.44 12.20 -16.64
C GLU A 73 10.93 12.04 -16.40
N LYS A 74 10.50 11.10 -15.53
CA LYS A 74 9.08 10.87 -15.22
C LYS A 74 8.74 11.46 -13.85
N ALA A 75 7.44 11.60 -13.60
CA ALA A 75 6.86 12.09 -12.37
C ALA A 75 6.19 10.90 -11.69
N ILE A 76 5.75 11.07 -10.46
CA ILE A 76 5.07 10.04 -9.69
C ILE A 76 4.13 10.72 -8.70
N PHE A 77 2.87 10.28 -8.66
CA PHE A 77 1.83 10.82 -7.81
C PHE A 77 1.16 9.67 -7.07
N LEU A 78 0.69 9.92 -5.84
CA LEU A 78 0.00 8.95 -4.99
C LEU A 78 -1.43 9.41 -4.78
N PHE A 79 -2.30 8.43 -4.50
CA PHE A 79 -3.73 8.64 -4.27
C PHE A 79 -4.19 7.63 -3.22
N VAL A 80 -5.06 8.07 -2.31
CA VAL A 80 -5.62 7.25 -1.24
C VAL A 80 -7.07 7.67 -1.11
N ASP A 81 -8.02 6.73 -1.12
CA ASP A 81 -9.46 7.04 -1.00
C ASP A 81 -9.87 8.20 -1.91
N LYS A 82 -9.30 8.29 -3.11
CA LYS A 82 -9.61 9.34 -4.09
C LYS A 82 -9.14 10.74 -3.65
N THR A 83 -8.18 10.85 -2.74
CA THR A 83 -7.63 12.11 -2.23
C THR A 83 -6.09 12.14 -2.37
N VAL A 84 -5.52 13.35 -2.29
CA VAL A 84 -4.09 13.59 -2.35
C VAL A 84 -3.69 13.81 -0.88
N PRO A 85 -2.98 12.87 -0.24
CA PRO A 85 -2.59 13.02 1.16
C PRO A 85 -1.49 14.07 1.34
N GLN A 86 -1.53 14.73 2.49
CA GLN A 86 -0.59 15.77 2.88
C GLN A 86 0.73 15.10 3.26
N SER A 87 1.80 15.41 2.53
CA SER A 87 3.14 14.87 2.75
C SER A 87 3.61 15.00 4.21
N SER A 88 3.30 16.11 4.88
CA SER A 88 3.70 16.36 6.27
C SER A 88 2.88 15.54 7.29
N LEU A 89 1.77 14.90 6.91
CA LEU A 89 0.96 14.11 7.84
C LEU A 89 1.74 12.87 8.27
N THR A 90 1.50 12.37 9.48
CA THR A 90 2.17 11.21 10.04
C THR A 90 1.48 9.91 9.59
N MET A 91 2.26 8.83 9.44
CA MET A 91 1.76 7.53 9.02
C MET A 91 0.68 7.03 9.97
N GLY A 92 0.92 7.10 11.28
CA GLY A 92 -0.03 6.66 12.28
C GLY A 92 -1.34 7.43 12.27
N GLN A 93 -1.29 8.74 12.03
CA GLN A 93 -2.48 9.58 11.99
C GLN A 93 -3.33 9.23 10.80
N LEU A 94 -2.71 9.19 9.62
CA LEU A 94 -3.42 8.88 8.39
C LEU A 94 -3.97 7.45 8.49
N TYR A 95 -3.25 6.54 9.13
CA TYR A 95 -3.69 5.17 9.30
C TYR A 95 -4.91 5.15 10.20
N GLU A 96 -4.84 5.69 11.42
CA GLU A 96 -5.97 5.67 12.34
C GLU A 96 -7.21 6.36 11.77
N LYS A 97 -7.05 7.52 11.11
CA LYS A 97 -8.19 8.23 10.55
C LYS A 97 -8.75 7.54 9.32
N GLU A 98 -7.91 6.87 8.51
CA GLU A 98 -8.36 6.19 7.29
C GLU A 98 -8.51 4.67 7.50
N LYS A 99 -8.36 4.17 8.73
CA LYS A 99 -8.42 2.77 9.12
C LYS A 99 -9.68 2.15 8.53
N ASP A 100 -9.50 1.12 7.69
CA ASP A 100 -10.60 0.45 7.01
C ASP A 100 -11.26 -0.63 7.88
N GLU A 101 -12.34 -1.26 7.41
CA GLU A 101 -13.06 -2.33 8.08
C GLU A 101 -12.13 -3.51 8.39
N ASP A 102 -11.06 -3.66 7.61
CA ASP A 102 -10.04 -4.70 7.73
C ASP A 102 -8.76 -4.16 8.38
N GLY A 103 -8.79 -2.90 8.82
CA GLY A 103 -7.68 -2.23 9.47
C GLY A 103 -6.42 -2.09 8.60
N PHE A 104 -6.55 -2.01 7.27
CA PHE A 104 -5.44 -1.85 6.33
C PHE A 104 -5.69 -0.61 5.47
N LEU A 105 -4.68 -0.16 4.72
CA LEU A 105 -4.74 1.03 3.86
C LEU A 105 -4.44 0.66 2.41
N TYR A 106 -5.17 1.25 1.44
CA TYR A 106 -4.99 1.02 0.00
C TYR A 106 -4.50 2.30 -0.67
N VAL A 107 -3.29 2.28 -1.23
CA VAL A 107 -2.68 3.45 -1.90
C VAL A 107 -2.32 3.06 -3.32
N ALA A 108 -2.71 3.89 -4.28
CA ALA A 108 -2.43 3.67 -5.68
C ALA A 108 -1.47 4.74 -6.15
N TYR A 109 -0.65 4.44 -7.16
CA TYR A 109 0.31 5.40 -7.71
C TYR A 109 0.20 5.45 -9.22
N SER A 110 0.60 6.59 -9.78
CA SER A 110 0.59 6.81 -11.21
C SER A 110 1.85 7.59 -11.59
N GLY A 111 2.29 7.45 -12.84
CA GLY A 111 3.46 8.12 -13.39
C GLY A 111 3.07 9.20 -14.39
N GLU A 112 1.86 9.75 -14.22
CA GLU A 112 1.22 10.78 -15.01
C GLU A 112 0.43 11.66 -14.04
N ASN A 113 0.25 12.93 -14.38
CA ASN A 113 -0.50 13.87 -13.56
C ASN A 113 -1.99 13.88 -13.89
N THR A 114 -2.34 13.54 -15.13
CA THR A 114 -3.70 13.48 -15.62
C THR A 114 -3.96 12.05 -16.05
N PHE A 115 -4.79 11.37 -15.26
CA PHE A 115 -5.19 9.98 -15.46
C PHE A 115 -6.30 9.85 -16.51
N GLY A 116 -6.61 10.95 -17.20
CA GLY A 116 -7.62 11.12 -18.22
C GLY A 116 -8.18 12.51 -17.97
N GLY B 1 -12.13 -20.55 7.98
CA GLY B 1 -11.01 -20.55 8.92
C GLY B 1 -9.75 -21.01 8.22
N ALA B 2 -8.75 -20.13 8.15
CA ALA B 2 -7.45 -20.34 7.54
C ALA B 2 -7.57 -21.10 6.21
N MET B 3 -8.28 -20.53 5.25
CA MET B 3 -8.48 -21.11 3.93
C MET B 3 -7.27 -20.79 3.05
N GLU B 4 -6.08 -21.01 3.59
CA GLU B 4 -4.74 -20.81 3.05
C GLU B 4 -4.47 -21.84 1.93
N ILE B 5 -5.36 -21.93 0.95
CA ILE B 5 -5.28 -22.84 -0.18
C ILE B 5 -3.92 -22.76 -0.87
N ILE B 6 -3.43 -23.90 -1.36
CA ILE B 6 -2.14 -23.99 -2.04
C ILE B 6 -2.20 -23.37 -3.45
N HIS B 7 -3.37 -22.87 -3.86
CA HIS B 7 -3.68 -22.27 -5.15
C HIS B 7 -3.72 -20.73 -5.11
N GLU B 8 -3.01 -20.06 -4.19
CA GLU B 8 -2.97 -18.60 -4.10
C GLU B 8 -2.56 -18.01 -5.46
N ASP B 9 -3.36 -17.13 -6.06
CA ASP B 9 -3.01 -16.52 -7.34
C ASP B 9 -2.10 -15.32 -7.08
N ASN B 10 -2.60 -14.34 -6.32
CA ASN B 10 -1.88 -13.13 -5.95
C ASN B 10 -1.05 -13.50 -4.72
N GLU B 11 0.28 -13.36 -4.77
CA GLU B 11 1.14 -13.72 -3.64
C GLU B 11 1.00 -12.88 -2.37
N TRP B 12 1.28 -11.56 -2.38
CA TRP B 12 1.18 -10.69 -1.21
C TRP B 12 2.25 -11.02 -0.15
N GLY B 13 3.52 -10.83 -0.50
CA GLY B 13 4.64 -11.11 0.40
C GLY B 13 4.85 -9.94 1.36
N ILE B 14 5.14 -10.20 2.64
CA ILE B 14 5.33 -9.16 3.64
C ILE B 14 6.70 -8.49 3.48
N GLU B 15 6.71 -7.16 3.55
CA GLU B 15 7.92 -6.37 3.44
C GLU B 15 7.91 -5.18 4.41
N LEU B 16 8.82 -5.18 5.39
CA LEU B 16 8.95 -4.11 6.37
C LEU B 16 9.79 -3.04 5.69
N VAL B 17 9.24 -1.84 5.53
CA VAL B 17 9.92 -0.72 4.88
C VAL B 17 10.01 0.46 5.84
N SER B 18 11.11 1.21 5.84
CA SER B 18 11.34 2.39 6.66
C SER B 18 12.49 3.17 6.03
N GLU B 19 12.50 4.50 6.16
CA GLU B 19 13.52 5.42 5.68
C GLU B 19 13.07 6.80 6.17
N MET A 1 -8.47 1.03 -10.58
CA MET A 1 -9.69 0.34 -10.96
C MET A 1 -9.58 -1.13 -10.58
N GLY A 2 -10.46 -1.62 -9.71
CA GLY A 2 -10.51 -2.99 -9.25
C GLY A 2 -9.39 -3.36 -8.26
N TRP A 3 -9.74 -4.08 -7.20
CA TRP A 3 -8.81 -4.55 -6.18
C TRP A 3 -8.61 -6.05 -6.34
N MET A 4 -7.47 -6.47 -6.86
CA MET A 4 -7.18 -7.90 -7.06
C MET A 4 -7.34 -8.68 -5.75
N PHE A 5 -6.79 -8.15 -4.65
CA PHE A 5 -6.88 -8.78 -3.35
C PHE A 5 -8.34 -8.93 -2.89
N LYS A 6 -9.18 -7.91 -3.10
CA LYS A 6 -10.59 -7.93 -2.68
C LYS A 6 -11.37 -8.91 -3.56
N GLU A 7 -10.96 -9.06 -4.83
CA GLU A 7 -11.59 -9.97 -5.76
C GLU A 7 -11.31 -11.41 -5.29
N ASP A 8 -10.05 -11.71 -4.96
CA ASP A 8 -9.56 -13.00 -4.51
C ASP A 8 -10.04 -13.33 -3.09
N HIS A 9 -9.44 -12.73 -2.06
CA HIS A 9 -9.79 -12.93 -0.66
C HIS A 9 -9.24 -11.76 0.14
N SER A 10 -10.08 -11.07 0.92
CA SER A 10 -9.64 -9.94 1.71
C SER A 10 -9.94 -10.10 3.19
N LEU A 11 -11.21 -10.13 3.62
CA LEU A 11 -11.60 -10.24 5.03
C LEU A 11 -10.77 -11.25 5.83
N GLU A 12 -10.77 -12.52 5.41
CA GLU A 12 -10.03 -13.58 6.08
C GLU A 12 -8.52 -13.27 6.10
N HIS A 13 -7.97 -12.96 4.93
CA HIS A 13 -6.58 -12.65 4.69
C HIS A 13 -6.10 -11.51 5.60
N ARG A 14 -6.86 -10.41 5.65
CA ARG A 14 -6.58 -9.21 6.43
C ARG A 14 -6.65 -9.55 7.91
N CYS A 15 -7.60 -10.38 8.36
CA CYS A 15 -7.70 -10.74 9.76
C CYS A 15 -6.43 -11.46 10.24
N VAL A 16 -5.93 -12.44 9.49
CA VAL A 16 -4.72 -13.19 9.85
C VAL A 16 -3.52 -12.23 9.82
N GLU A 17 -3.41 -11.46 8.74
CA GLU A 17 -2.34 -10.50 8.51
C GLU A 17 -2.26 -9.46 9.62
N SER A 18 -3.37 -8.81 9.95
CA SER A 18 -3.43 -7.78 10.97
C SER A 18 -3.05 -8.37 12.31
N ALA A 19 -3.61 -9.51 12.71
CA ALA A 19 -3.27 -10.11 14.01
C ALA A 19 -1.75 -10.32 14.15
N LYS A 20 -1.11 -10.90 13.12
CA LYS A 20 0.33 -11.15 13.15
C LYS A 20 1.13 -9.86 13.10
N ILE A 21 0.72 -8.90 12.26
CA ILE A 21 1.44 -7.64 12.15
C ILE A 21 1.33 -6.89 13.48
N ARG A 22 0.20 -6.88 14.16
CA ARG A 22 0.05 -6.17 15.43
C ARG A 22 0.98 -6.83 16.44
N ALA A 23 1.06 -8.16 16.46
CA ALA A 23 1.93 -8.84 17.40
C ALA A 23 3.42 -8.56 17.13
N LYS A 24 3.85 -8.69 15.87
CA LYS A 24 5.26 -8.48 15.52
C LYS A 24 5.68 -7.02 15.47
N TYR A 25 4.89 -6.15 14.82
CA TYR A 25 5.18 -4.74 14.64
C TYR A 25 3.95 -3.88 14.96
N PRO A 26 3.62 -3.62 16.25
CA PRO A 26 2.49 -2.79 16.59
C PRO A 26 2.75 -1.33 16.15
N ASP A 27 4.01 -0.96 15.94
CA ASP A 27 4.43 0.36 15.51
C ASP A 27 4.49 0.49 13.99
N ARG A 28 3.94 -0.47 13.23
CA ARG A 28 3.92 -0.42 11.78
C ARG A 28 2.50 -0.62 11.30
N VAL A 29 2.12 0.10 10.26
CA VAL A 29 0.78 0.06 9.68
C VAL A 29 0.88 -0.66 8.32
N PRO A 30 -0.07 -1.56 7.99
CA PRO A 30 -0.08 -2.34 6.75
C PRO A 30 -0.62 -1.58 5.53
N VAL A 31 0.27 -1.28 4.59
CA VAL A 31 -0.03 -0.56 3.36
C VAL A 31 0.14 -1.46 2.14
N ILE A 32 -0.83 -1.38 1.24
CA ILE A 32 -0.86 -2.12 -0.01
C ILE A 32 -0.83 -1.05 -1.10
N VAL A 33 0.24 -1.02 -1.89
CA VAL A 33 0.44 -0.06 -2.96
C VAL A 33 0.22 -0.75 -4.31
N GLU A 34 -0.65 -0.19 -5.16
CA GLU A 34 -0.97 -0.72 -6.48
C GLU A 34 -0.75 0.36 -7.54
N LYS A 35 -0.38 -0.02 -8.76
CA LYS A 35 -0.17 0.96 -9.83
C LYS A 35 -1.52 1.27 -10.46
N VAL A 36 -1.79 2.52 -10.83
CA VAL A 36 -3.02 2.90 -11.50
C VAL A 36 -2.90 2.23 -12.87
N SER A 37 -3.87 1.40 -13.27
CA SER A 37 -3.79 0.71 -14.56
C SER A 37 -3.68 1.73 -15.69
N GLY A 38 -2.86 1.40 -16.69
CA GLY A 38 -2.62 2.24 -17.84
C GLY A 38 -1.44 3.20 -17.66
N SER A 39 -0.75 3.25 -16.51
CA SER A 39 0.38 4.18 -16.39
C SER A 39 1.63 3.54 -16.99
N GLN A 40 2.47 4.38 -17.61
CA GLN A 40 3.73 4.01 -18.24
C GLN A 40 4.79 3.59 -17.22
N ILE A 41 4.63 3.98 -15.95
CA ILE A 41 5.60 3.67 -14.90
C ILE A 41 5.77 2.18 -14.64
N VAL A 42 6.91 1.84 -14.05
CA VAL A 42 7.24 0.48 -13.67
C VAL A 42 6.21 0.07 -12.62
N ASP A 43 5.68 -1.14 -12.80
CA ASP A 43 4.69 -1.76 -11.93
C ASP A 43 5.41 -2.37 -10.73
N ILE A 44 4.63 -2.84 -9.75
CA ILE A 44 5.14 -3.46 -8.54
C ILE A 44 4.52 -4.83 -8.32
N ASP A 45 5.24 -5.72 -7.64
CA ASP A 45 4.82 -7.08 -7.31
C ASP A 45 3.83 -7.03 -6.14
N LYS A 46 3.06 -8.09 -5.95
CA LYS A 46 2.07 -8.18 -4.87
C LYS A 46 2.78 -8.47 -3.56
N ARG A 47 3.17 -7.44 -2.82
CA ARG A 47 3.84 -7.55 -1.53
C ARG A 47 3.11 -6.60 -0.58
N LYS A 48 3.12 -6.92 0.72
CA LYS A 48 2.43 -6.16 1.76
C LYS A 48 3.47 -5.28 2.45
N TYR A 49 3.47 -3.97 2.21
CA TYR A 49 4.45 -3.05 2.78
C TYR A 49 4.03 -2.50 4.14
N LEU A 50 4.87 -2.75 5.15
CA LEU A 50 4.69 -2.36 6.54
C LEU A 50 5.53 -1.11 6.80
N VAL A 51 4.90 0.03 7.06
CA VAL A 51 5.57 1.30 7.30
C VAL A 51 5.40 1.73 8.76
N PRO A 52 6.41 2.31 9.43
CA PRO A 52 6.25 2.74 10.81
C PRO A 52 5.31 3.93 10.90
N SER A 53 4.44 3.93 11.91
CA SER A 53 3.47 4.99 12.19
C SER A 53 4.15 6.31 12.57
N ASP A 54 5.46 6.26 12.86
CA ASP A 54 6.28 7.39 13.28
C ASP A 54 6.72 8.29 12.12
N ILE A 55 7.00 7.73 10.94
CA ILE A 55 7.44 8.55 9.80
C ILE A 55 6.28 9.35 9.20
N THR A 56 6.60 10.28 8.29
CA THR A 56 5.65 11.13 7.61
C THR A 56 5.30 10.59 6.22
N VAL A 57 4.20 11.09 5.65
CA VAL A 57 3.74 10.74 4.33
C VAL A 57 4.85 11.07 3.32
N ALA A 58 5.61 12.16 3.54
CA ALA A 58 6.70 12.58 2.67
C ALA A 58 7.77 11.49 2.62
N GLN A 59 8.16 10.95 3.79
CA GLN A 59 9.16 9.90 3.86
C GLN A 59 8.64 8.66 3.13
N PHE A 60 7.39 8.27 3.37
CA PHE A 60 6.80 7.10 2.72
C PHE A 60 6.82 7.29 1.20
N MET A 61 6.32 8.43 0.71
CA MET A 61 6.27 8.76 -0.70
C MET A 61 7.67 8.66 -1.30
N TRP A 62 8.67 9.25 -0.64
CA TRP A 62 10.05 9.21 -1.11
C TRP A 62 10.51 7.76 -1.20
N ILE A 63 10.23 6.91 -0.20
CA ILE A 63 10.64 5.52 -0.27
C ILE A 63 9.95 4.84 -1.45
N ILE A 64 8.67 5.09 -1.74
CA ILE A 64 8.00 4.44 -2.87
C ILE A 64 8.74 4.82 -4.16
N ARG A 65 9.00 6.12 -4.40
CA ARG A 65 9.71 6.52 -5.63
C ARG A 65 11.13 5.94 -5.67
N LYS A 66 11.80 5.84 -4.51
CA LYS A 66 13.16 5.28 -4.44
C LYS A 66 13.10 3.80 -4.79
N ARG A 67 12.12 3.06 -4.25
CA ARG A 67 11.95 1.62 -4.46
C ARG A 67 11.75 1.30 -5.94
N ILE A 68 10.83 2.02 -6.59
CA ILE A 68 10.56 1.79 -8.03
C ILE A 68 11.63 2.48 -8.90
N GLN A 69 12.61 3.15 -8.28
CA GLN A 69 13.69 3.88 -8.93
C GLN A 69 13.13 4.81 -10.00
N LEU A 70 12.34 5.80 -9.58
CA LEU A 70 11.67 6.77 -10.44
C LEU A 70 12.70 7.70 -11.13
N PRO A 71 12.87 7.59 -12.46
CA PRO A 71 13.80 8.43 -13.21
C PRO A 71 13.27 9.87 -13.25
N SER A 72 14.17 10.86 -13.38
CA SER A 72 13.76 12.26 -13.45
C SER A 72 12.88 12.59 -14.65
N GLU A 73 12.81 11.72 -15.66
CA GLU A 73 12.00 11.92 -16.85
C GLU A 73 10.51 11.73 -16.50
N LYS A 74 10.17 10.85 -15.54
CA LYS A 74 8.80 10.60 -15.11
C LYS A 74 8.55 11.29 -13.77
N ALA A 75 7.27 11.43 -13.44
CA ALA A 75 6.78 12.01 -12.20
C ALA A 75 6.20 10.88 -11.35
N ILE A 76 5.74 11.18 -10.14
CA ILE A 76 5.11 10.24 -9.23
C ILE A 76 3.94 10.98 -8.59
N PHE A 77 2.81 10.30 -8.44
CA PHE A 77 1.58 10.83 -7.86
C PHE A 77 0.93 9.69 -7.09
N LEU A 78 0.50 9.95 -5.85
CA LEU A 78 -0.16 8.96 -4.99
C LEU A 78 -1.60 9.43 -4.76
N PHE A 79 -2.52 8.48 -4.54
CA PHE A 79 -3.93 8.74 -4.31
C PHE A 79 -4.47 7.73 -3.32
N VAL A 80 -5.37 8.19 -2.45
CA VAL A 80 -6.01 7.36 -1.43
C VAL A 80 -7.47 7.77 -1.37
N ASP A 81 -8.43 6.86 -1.53
CA ASP A 81 -9.86 7.23 -1.46
C ASP A 81 -10.15 8.49 -2.31
N LYS A 82 -9.49 8.60 -3.47
CA LYS A 82 -9.61 9.73 -4.41
C LYS A 82 -9.12 11.06 -3.83
N THR A 83 -8.31 11.12 -2.77
CA THR A 83 -7.77 12.31 -2.12
C THR A 83 -6.24 12.33 -2.17
N VAL A 84 -5.67 13.52 -1.93
CA VAL A 84 -4.22 13.76 -1.92
C VAL A 84 -3.76 13.82 -0.46
N PRO A 85 -3.04 12.81 0.05
CA PRO A 85 -2.56 12.78 1.42
C PRO A 85 -1.47 13.85 1.59
N GLN A 86 -1.48 14.54 2.74
CA GLN A 86 -0.53 15.59 3.04
C GLN A 86 0.82 15.01 3.45
N SER A 87 1.88 15.38 2.72
CA SER A 87 3.25 14.92 2.96
C SER A 87 3.74 15.12 4.41
N SER A 88 3.33 16.20 5.09
CA SER A 88 3.76 16.47 6.46
C SER A 88 3.01 15.64 7.52
N LEU A 89 1.87 15.04 7.20
CA LEU A 89 1.11 14.24 8.17
C LEU A 89 1.90 12.97 8.51
N THR A 90 1.74 12.45 9.73
CA THR A 90 2.42 11.23 10.17
C THR A 90 1.61 10.01 9.75
N MET A 91 2.31 8.90 9.56
CA MET A 91 1.73 7.63 9.14
C MET A 91 0.64 7.17 10.10
N GLY A 92 0.85 7.28 11.41
CA GLY A 92 -0.13 6.86 12.42
C GLY A 92 -1.37 7.74 12.45
N GLN A 93 -1.25 9.06 12.23
CA GLN A 93 -2.40 9.95 12.25
C GLN A 93 -3.28 9.59 11.05
N LEU A 94 -2.64 9.48 9.88
CA LEU A 94 -3.28 9.13 8.64
C LEU A 94 -3.92 7.75 8.75
N TYR A 95 -3.24 6.78 9.35
CA TYR A 95 -3.68 5.42 9.56
C TYR A 95 -4.95 5.43 10.39
N GLU A 96 -4.93 6.07 11.56
CA GLU A 96 -6.11 6.09 12.39
C GLU A 96 -7.30 6.76 11.71
N LYS A 97 -7.10 7.89 11.03
CA LYS A 97 -8.20 8.58 10.38
C LYS A 97 -8.68 7.91 9.08
N GLU A 98 -7.79 7.27 8.32
CA GLU A 98 -8.16 6.63 7.06
C GLU A 98 -8.35 5.10 7.15
N LYS A 99 -8.19 4.52 8.34
CA LYS A 99 -8.31 3.08 8.60
C LYS A 99 -9.56 2.48 7.97
N ASP A 100 -9.39 1.48 7.11
CA ASP A 100 -10.51 0.81 6.45
C ASP A 100 -11.22 -0.12 7.44
N GLU A 101 -12.33 -0.75 7.05
CA GLU A 101 -13.10 -1.68 7.88
C GLU A 101 -12.20 -2.82 8.38
N ASP A 102 -11.24 -3.24 7.56
CA ASP A 102 -10.28 -4.31 7.82
C ASP A 102 -8.98 -3.80 8.45
N GLY A 103 -8.98 -2.53 8.86
CA GLY A 103 -7.88 -1.78 9.43
C GLY A 103 -6.67 -1.61 8.51
N PHE A 104 -6.70 -2.18 7.29
CA PHE A 104 -5.62 -2.08 6.33
C PHE A 104 -5.67 -0.74 5.57
N LEU A 105 -4.62 -0.44 4.80
CA LEU A 105 -4.53 0.78 4.01
C LEU A 105 -4.28 0.47 2.53
N TYR A 106 -4.95 1.16 1.60
CA TYR A 106 -4.84 0.99 0.15
C TYR A 106 -4.45 2.33 -0.49
N VAL A 107 -3.32 2.38 -1.23
CA VAL A 107 -2.85 3.57 -1.92
C VAL A 107 -2.52 3.22 -3.37
N ALA A 108 -2.89 4.06 -4.34
CA ALA A 108 -2.60 3.84 -5.75
C ALA A 108 -1.54 4.85 -6.17
N TYR A 109 -0.65 4.49 -7.11
CA TYR A 109 0.40 5.37 -7.60
C TYR A 109 0.39 5.43 -9.13
N SER A 110 0.86 6.54 -9.69
CA SER A 110 0.90 6.75 -11.12
C SER A 110 2.10 7.61 -11.49
N GLY A 111 2.47 7.60 -12.76
CA GLY A 111 3.58 8.34 -13.35
C GLY A 111 3.15 9.45 -14.31
N GLU A 112 1.88 9.87 -14.27
CA GLU A 112 1.30 10.90 -15.11
C GLU A 112 0.32 11.74 -14.27
N ASN A 113 0.19 13.00 -14.66
CA ASN A 113 -0.68 13.98 -14.03
C ASN A 113 -2.06 14.02 -14.71
N THR A 114 -2.20 13.42 -15.91
CA THR A 114 -3.42 13.40 -16.69
C THR A 114 -3.77 11.97 -17.13
N PHE A 115 -4.84 11.46 -16.52
CA PHE A 115 -5.43 10.14 -16.73
C PHE A 115 -6.61 10.21 -17.71
N GLY A 116 -6.81 11.34 -18.37
CA GLY A 116 -7.86 11.60 -19.33
C GLY A 116 -7.65 13.01 -19.82
N GLY B 1 -17.63 -20.73 3.67
CA GLY B 1 -16.96 -21.21 2.47
C GLY B 1 -16.08 -20.11 1.93
N ALA B 2 -14.83 -20.43 1.62
CA ALA B 2 -13.85 -19.49 1.10
C ALA B 2 -12.87 -20.23 0.18
N MET B 3 -11.97 -19.46 -0.43
CA MET B 3 -10.94 -19.92 -1.34
C MET B 3 -9.54 -19.68 -0.77
N GLU B 4 -9.37 -19.84 0.55
CA GLU B 4 -8.07 -19.66 1.24
C GLU B 4 -7.22 -20.91 0.99
N ILE B 5 -7.07 -21.29 -0.28
CA ILE B 5 -6.30 -22.45 -0.71
C ILE B 5 -4.83 -22.29 -0.26
N ILE B 6 -4.10 -23.41 -0.16
CA ILE B 6 -2.71 -23.40 0.24
C ILE B 6 -1.94 -22.64 -0.86
N HIS B 7 -2.16 -23.06 -2.12
CA HIS B 7 -1.56 -22.52 -3.32
C HIS B 7 -2.19 -21.17 -3.70
N GLU B 8 -2.20 -20.20 -2.77
CA GLU B 8 -2.76 -18.86 -2.96
C GLU B 8 -2.13 -18.29 -4.23
N ASP B 9 -2.97 -17.79 -5.13
CA ASP B 9 -2.60 -17.23 -6.42
C ASP B 9 -1.59 -16.08 -6.31
N ASN B 10 -2.04 -14.91 -5.85
CA ASN B 10 -1.16 -13.75 -5.70
C ASN B 10 -0.33 -13.94 -4.43
N GLU B 11 0.96 -13.65 -4.53
CA GLU B 11 2.00 -13.75 -3.51
C GLU B 11 1.67 -13.10 -2.16
N TRP B 12 1.49 -11.78 -2.16
CA TRP B 12 1.21 -10.95 -0.99
C TRP B 12 2.21 -11.19 0.14
N GLY B 13 3.52 -11.10 -0.14
CA GLY B 13 4.53 -11.33 0.90
C GLY B 13 4.79 -10.06 1.70
N ILE B 14 4.77 -10.16 3.03
CA ILE B 14 5.01 -9.07 3.99
C ILE B 14 6.46 -8.56 3.89
N GLU B 15 6.66 -7.24 3.81
CA GLU B 15 7.95 -6.54 3.72
C GLU B 15 7.96 -5.27 4.58
N LEU B 16 9.08 -4.96 5.25
CA LEU B 16 9.21 -3.76 6.09
C LEU B 16 9.82 -2.66 5.23
N VAL B 17 9.14 -1.52 5.14
CA VAL B 17 9.56 -0.35 4.38
C VAL B 17 9.65 0.86 5.33
N SER B 18 10.85 1.33 5.62
CA SER B 18 11.11 2.49 6.48
C SER B 18 12.28 3.32 5.95
N GLU B 19 12.36 4.57 6.38
CA GLU B 19 13.42 5.50 5.97
C GLU B 19 14.63 5.26 6.86
N MET A 1 -13.58 1.11 -8.34
CA MET A 1 -12.44 0.31 -7.91
C MET A 1 -12.47 -1.07 -8.57
N GLY A 2 -11.37 -1.80 -8.48
CA GLY A 2 -11.18 -3.14 -9.02
C GLY A 2 -9.94 -3.72 -8.37
N TRP A 3 -9.97 -3.85 -7.04
CA TRP A 3 -8.88 -4.36 -6.25
C TRP A 3 -8.73 -5.87 -6.37
N MET A 4 -7.56 -6.31 -6.87
CA MET A 4 -7.30 -7.75 -7.03
C MET A 4 -7.33 -8.45 -5.67
N PHE A 5 -6.88 -7.80 -4.58
CA PHE A 5 -6.94 -8.44 -3.26
C PHE A 5 -8.39 -8.77 -2.90
N LYS A 6 -9.31 -7.83 -3.12
CA LYS A 6 -10.74 -8.01 -2.86
C LYS A 6 -11.33 -9.08 -3.76
N GLU A 7 -10.84 -9.19 -4.99
CA GLU A 7 -11.30 -10.16 -5.97
C GLU A 7 -11.07 -11.56 -5.41
N ASP A 8 -9.90 -11.80 -4.83
CA ASP A 8 -9.52 -13.09 -4.25
C ASP A 8 -10.05 -13.28 -2.84
N HIS A 9 -9.44 -12.62 -1.86
CA HIS A 9 -9.77 -12.71 -0.44
C HIS A 9 -9.21 -11.50 0.29
N SER A 10 -10.02 -10.86 1.14
CA SER A 10 -9.61 -9.71 1.92
C SER A 10 -9.98 -9.91 3.38
N LEU A 11 -11.24 -10.22 3.70
CA LEU A 11 -11.70 -10.40 5.07
C LEU A 11 -10.83 -11.32 5.94
N GLU A 12 -10.66 -12.60 5.57
CA GLU A 12 -9.85 -13.55 6.35
C GLU A 12 -8.38 -13.14 6.35
N HIS A 13 -7.85 -13.06 5.13
CA HIS A 13 -6.47 -12.75 4.84
C HIS A 13 -6.01 -11.48 5.56
N ARG A 14 -6.75 -10.36 5.47
CA ARG A 14 -6.38 -9.12 6.14
C ARG A 14 -6.54 -9.26 7.65
N CYS A 15 -7.62 -9.87 8.15
CA CYS A 15 -7.84 -10.03 9.59
C CYS A 15 -6.61 -10.70 10.23
N VAL A 16 -6.23 -11.86 9.70
CA VAL A 16 -5.11 -12.66 10.16
C VAL A 16 -3.79 -11.92 10.04
N GLU A 17 -3.53 -11.30 8.88
CA GLU A 17 -2.29 -10.57 8.68
C GLU A 17 -2.22 -9.40 9.65
N SER A 18 -3.31 -8.67 9.85
CA SER A 18 -3.39 -7.54 10.75
C SER A 18 -2.93 -7.97 12.14
N ALA A 19 -3.45 -9.11 12.65
CA ALA A 19 -3.08 -9.61 13.97
C ALA A 19 -1.58 -9.94 14.06
N LYS A 20 -1.05 -10.71 13.11
CA LYS A 20 0.37 -11.08 13.12
C LYS A 20 1.25 -9.85 12.99
N ILE A 21 0.92 -8.94 12.07
CA ILE A 21 1.66 -7.72 11.84
C ILE A 21 1.63 -6.88 13.12
N ARG A 22 0.50 -6.79 13.83
CA ARG A 22 0.44 -6.01 15.06
C ARG A 22 1.28 -6.66 16.16
N ALA A 23 1.42 -7.98 16.13
CA ALA A 23 2.23 -8.66 17.13
C ALA A 23 3.72 -8.42 16.86
N LYS A 24 4.15 -8.58 15.60
CA LYS A 24 5.56 -8.39 15.25
C LYS A 24 5.96 -6.93 15.17
N TYR A 25 5.15 -6.12 14.51
CA TYR A 25 5.34 -4.70 14.28
C TYR A 25 4.11 -3.91 14.76
N PRO A 26 3.93 -3.75 16.08
CA PRO A 26 2.80 -2.99 16.65
C PRO A 26 2.90 -1.50 16.34
N ASP A 27 4.10 -1.06 15.98
CA ASP A 27 4.41 0.32 15.66
C ASP A 27 4.43 0.56 14.16
N ARG A 28 3.91 -0.37 13.34
CA ARG A 28 3.85 -0.23 11.89
C ARG A 28 2.41 -0.38 11.42
N VAL A 29 2.09 0.25 10.29
CA VAL A 29 0.77 0.26 9.67
C VAL A 29 0.86 -0.48 8.32
N PRO A 30 -0.04 -1.46 8.06
CA PRO A 30 -0.09 -2.25 6.84
C PRO A 30 -0.74 -1.51 5.67
N VAL A 31 0.05 -1.28 4.62
CA VAL A 31 -0.38 -0.58 3.43
C VAL A 31 -0.23 -1.49 2.21
N ILE A 32 -1.13 -1.31 1.26
CA ILE A 32 -1.19 -2.03 -0.01
C ILE A 32 -1.12 -0.93 -1.05
N VAL A 33 -0.04 -0.89 -1.80
CA VAL A 33 0.23 0.08 -2.84
C VAL A 33 0.05 -0.63 -4.18
N GLU A 34 -0.76 -0.07 -5.08
CA GLU A 34 -1.00 -0.64 -6.39
C GLU A 34 -0.77 0.42 -7.47
N LYS A 35 -0.23 -0.01 -8.61
CA LYS A 35 0.05 0.88 -9.72
C LYS A 35 -1.20 0.96 -10.60
N VAL A 36 -1.55 2.16 -11.04
CA VAL A 36 -2.71 2.42 -11.89
C VAL A 36 -2.39 1.80 -13.26
N SER A 37 -3.12 0.74 -13.62
CA SER A 37 -3.00 0.01 -14.86
C SER A 37 -2.98 0.96 -16.07
N GLY A 38 -2.26 0.56 -17.11
CA GLY A 38 -2.11 1.33 -18.34
C GLY A 38 -1.00 2.38 -18.22
N SER A 39 -0.58 2.79 -17.01
CA SER A 39 0.48 3.77 -16.89
C SER A 39 1.82 3.21 -17.43
N GLN A 40 2.62 4.08 -18.03
CA GLN A 40 3.91 3.77 -18.63
C GLN A 40 4.95 3.46 -17.55
N ILE A 41 4.80 4.05 -16.36
CA ILE A 41 5.71 3.86 -15.24
C ILE A 41 5.79 2.39 -14.84
N VAL A 42 6.89 2.01 -14.19
CA VAL A 42 7.14 0.68 -13.70
C VAL A 42 6.08 0.37 -12.64
N ASP A 43 5.57 -0.86 -12.69
CA ASP A 43 4.58 -1.41 -11.79
C ASP A 43 5.25 -2.13 -10.63
N ILE A 44 4.44 -2.63 -9.70
CA ILE A 44 4.89 -3.36 -8.52
C ILE A 44 4.18 -4.73 -8.46
N ASP A 45 4.79 -5.64 -7.72
CA ASP A 45 4.37 -7.01 -7.43
C ASP A 45 3.29 -6.99 -6.35
N LYS A 46 2.58 -8.10 -6.15
CA LYS A 46 1.56 -8.20 -5.11
C LYS A 46 2.35 -8.50 -3.85
N ARG A 47 2.92 -7.44 -3.25
CA ARG A 47 3.73 -7.52 -2.04
C ARG A 47 3.25 -6.39 -1.14
N LYS A 48 3.25 -6.61 0.16
CA LYS A 48 2.77 -5.66 1.16
C LYS A 48 3.88 -4.77 1.68
N TYR A 49 3.53 -3.52 1.95
CA TYR A 49 4.42 -2.49 2.44
C TYR A 49 3.97 -2.12 3.86
N LEU A 50 4.82 -2.35 4.87
CA LEU A 50 4.54 -2.05 6.28
C LEU A 50 5.39 -0.84 6.72
N VAL A 51 4.80 0.33 6.98
CA VAL A 51 5.56 1.52 7.40
C VAL A 51 5.35 1.87 8.88
N PRO A 52 6.37 2.36 9.62
CA PRO A 52 6.22 2.74 11.02
C PRO A 52 5.26 3.93 11.15
N SER A 53 4.39 3.93 12.15
CA SER A 53 3.43 5.01 12.39
C SER A 53 4.13 6.35 12.70
N ASP A 54 5.43 6.28 13.06
CA ASP A 54 6.27 7.41 13.44
C ASP A 54 6.71 8.27 12.25
N ILE A 55 6.77 7.71 11.04
CA ILE A 55 7.16 8.47 9.86
C ILE A 55 6.00 9.30 9.30
N THR A 56 6.29 10.18 8.34
CA THR A 56 5.32 11.03 7.69
C THR A 56 5.09 10.53 6.25
N VAL A 57 3.98 10.95 5.64
CA VAL A 57 3.62 10.62 4.26
C VAL A 57 4.83 10.95 3.36
N ALA A 58 5.52 12.04 3.67
CA ALA A 58 6.69 12.52 2.96
C ALA A 58 7.78 11.44 2.85
N GLN A 59 8.09 10.76 3.97
CA GLN A 59 9.11 9.72 3.98
C GLN A 59 8.60 8.51 3.22
N PHE A 60 7.35 8.12 3.45
CA PHE A 60 6.77 6.95 2.79
C PHE A 60 6.83 7.12 1.28
N MET A 61 6.35 8.27 0.78
CA MET A 61 6.34 8.59 -0.62
C MET A 61 7.78 8.63 -1.16
N TRP A 62 8.70 9.34 -0.51
CA TRP A 62 10.08 9.43 -0.97
C TRP A 62 10.71 8.04 -1.10
N ILE A 63 10.51 7.18 -0.10
CA ILE A 63 11.05 5.84 -0.11
C ILE A 63 10.40 5.06 -1.25
N ILE A 64 9.08 5.16 -1.48
CA ILE A 64 8.41 4.45 -2.57
C ILE A 64 9.05 4.83 -3.92
N ARG A 65 9.22 6.12 -4.24
CA ARG A 65 9.84 6.49 -5.51
C ARG A 65 11.27 5.95 -5.61
N LYS A 66 12.00 5.90 -4.50
CA LYS A 66 13.36 5.36 -4.50
C LYS A 66 13.32 3.84 -4.70
N ARG A 67 12.30 3.15 -4.17
CA ARG A 67 12.13 1.71 -4.25
C ARG A 67 11.83 1.26 -5.67
N ILE A 68 10.93 1.96 -6.37
CA ILE A 68 10.60 1.60 -7.75
C ILE A 68 11.67 2.12 -8.72
N GLN A 69 12.67 2.86 -8.23
CA GLN A 69 13.76 3.41 -9.03
C GLN A 69 13.20 4.45 -10.02
N LEU A 70 12.34 5.36 -9.54
CA LEU A 70 11.69 6.41 -10.33
C LEU A 70 12.72 7.44 -10.80
N PRO A 71 13.05 7.49 -12.11
CA PRO A 71 14.00 8.47 -12.62
C PRO A 71 13.33 9.85 -12.61
N SER A 72 14.10 10.93 -12.44
CA SER A 72 13.53 12.28 -12.42
C SER A 72 12.83 12.66 -13.73
N GLU A 73 13.11 11.95 -14.85
CA GLU A 73 12.44 12.25 -16.11
C GLU A 73 10.94 11.93 -16.02
N LYS A 74 10.56 11.01 -15.13
CA LYS A 74 9.17 10.61 -14.91
C LYS A 74 8.66 11.24 -13.62
N ALA A 75 7.33 11.25 -13.43
CA ALA A 75 6.65 11.80 -12.26
C ALA A 75 6.09 10.67 -11.41
N ILE A 76 5.68 10.95 -10.19
CA ILE A 76 5.11 9.96 -9.29
C ILE A 76 4.11 10.63 -8.36
N PHE A 77 2.83 10.30 -8.50
CA PHE A 77 1.75 10.82 -7.68
C PHE A 77 1.04 9.64 -7.06
N LEU A 78 0.69 9.78 -5.78
CA LEU A 78 0.01 8.80 -4.96
C LEU A 78 -1.36 9.39 -4.58
N PHE A 79 -2.37 8.53 -4.40
CA PHE A 79 -3.73 8.92 -4.05
C PHE A 79 -4.30 7.93 -3.06
N VAL A 80 -4.93 8.45 -2.00
CA VAL A 80 -5.55 7.68 -0.93
C VAL A 80 -6.85 8.37 -0.59
N ASP A 81 -7.90 7.63 -0.24
CA ASP A 81 -9.22 8.17 0.12
C ASP A 81 -9.68 9.29 -0.83
N LYS A 82 -9.36 9.16 -2.12
CA LYS A 82 -9.68 10.13 -3.17
C LYS A 82 -9.16 11.53 -2.81
N THR A 83 -7.98 11.62 -2.19
CA THR A 83 -7.36 12.86 -1.78
C THR A 83 -5.84 12.68 -1.89
N VAL A 84 -5.12 13.79 -1.92
CA VAL A 84 -3.67 13.81 -1.98
C VAL A 84 -3.25 13.83 -0.50
N PRO A 85 -2.60 12.78 0.04
CA PRO A 85 -2.21 12.77 1.43
C PRO A 85 -1.10 13.81 1.60
N GLN A 86 -1.30 14.75 2.50
CA GLN A 86 -0.35 15.81 2.75
C GLN A 86 0.95 15.19 3.27
N SER A 87 2.08 15.52 2.63
CA SER A 87 3.41 15.06 2.95
C SER A 87 3.75 15.14 4.45
N SER A 88 3.46 16.24 5.16
CA SER A 88 3.78 16.31 6.58
C SER A 88 2.81 15.55 7.49
N LEU A 89 1.74 14.94 6.99
CA LEU A 89 0.82 14.19 7.84
C LEU A 89 1.59 12.96 8.34
N THR A 90 1.39 12.57 9.60
CA THR A 90 2.08 11.44 10.20
C THR A 90 1.32 10.15 9.88
N MET A 91 2.03 9.02 9.83
CA MET A 91 1.45 7.73 9.50
C MET A 91 0.40 7.28 10.51
N GLY A 92 0.63 7.46 11.81
CA GLY A 92 -0.36 7.06 12.81
C GLY A 92 -1.67 7.80 12.59
N GLN A 93 -1.60 9.12 12.39
CA GLN A 93 -2.75 9.97 12.18
C GLN A 93 -3.50 9.54 10.91
N LEU A 94 -2.76 9.37 9.82
CA LEU A 94 -3.32 8.97 8.53
C LEU A 94 -3.95 7.60 8.62
N TYR A 95 -3.29 6.59 9.16
CA TYR A 95 -3.85 5.26 9.26
C TYR A 95 -5.09 5.29 10.15
N GLU A 96 -5.06 5.96 11.31
CA GLU A 96 -6.25 5.99 12.16
C GLU A 96 -7.40 6.77 11.49
N LYS A 97 -7.13 7.71 10.57
CA LYS A 97 -8.17 8.47 9.88
C LYS A 97 -8.61 7.79 8.58
N GLU A 98 -7.77 6.97 7.94
CA GLU A 98 -8.11 6.30 6.67
C GLU A 98 -8.27 4.78 6.75
N LYS A 99 -8.14 4.17 7.95
CA LYS A 99 -8.26 2.73 8.20
C LYS A 99 -9.48 2.14 7.53
N ASP A 100 -9.28 1.15 6.67
CA ASP A 100 -10.39 0.48 6.00
C ASP A 100 -10.96 -0.57 6.98
N GLU A 101 -12.08 -1.18 6.64
CA GLU A 101 -12.79 -2.19 7.43
C GLU A 101 -11.92 -3.40 7.78
N ASP A 102 -10.83 -3.62 7.05
CA ASP A 102 -9.90 -4.73 7.21
C ASP A 102 -8.62 -4.31 7.92
N GLY A 103 -8.60 -3.13 8.55
CA GLY A 103 -7.42 -2.63 9.25
C GLY A 103 -6.19 -2.46 8.38
N PHE A 104 -6.39 -2.12 7.10
CA PHE A 104 -5.30 -1.87 6.15
C PHE A 104 -5.54 -0.53 5.47
N LEU A 105 -4.57 -0.08 4.68
CA LEU A 105 -4.64 1.17 3.94
C LEU A 105 -4.42 0.86 2.46
N TYR A 106 -5.34 1.27 1.59
CA TYR A 106 -5.29 1.04 0.14
C TYR A 106 -4.86 2.35 -0.54
N VAL A 107 -3.74 2.34 -1.26
CA VAL A 107 -3.22 3.51 -1.96
C VAL A 107 -2.96 3.13 -3.42
N ALA A 108 -3.19 4.07 -4.33
CA ALA A 108 -2.99 3.93 -5.77
C ALA A 108 -1.88 4.90 -6.19
N TYR A 109 -1.09 4.56 -7.20
CA TYR A 109 -0.03 5.43 -7.69
C TYR A 109 0.00 5.43 -9.22
N SER A 110 0.35 6.57 -9.80
CA SER A 110 0.42 6.74 -11.25
C SER A 110 1.58 7.67 -11.60
N GLY A 111 2.00 7.60 -12.87
CA GLY A 111 3.04 8.41 -13.46
C GLY A 111 2.43 9.32 -14.53
N GLU A 112 1.10 9.45 -14.57
CA GLU A 112 0.35 10.24 -15.52
C GLU A 112 -0.51 11.24 -14.76
N ASN A 113 -0.35 12.51 -15.07
CA ASN A 113 -1.11 13.59 -14.44
C ASN A 113 -2.58 13.55 -14.83
N THR A 114 -2.92 12.85 -15.91
CA THR A 114 -4.26 12.69 -16.46
C THR A 114 -4.47 11.20 -16.72
N PHE A 115 -5.35 10.57 -15.94
CA PHE A 115 -5.64 9.13 -16.08
C PHE A 115 -6.67 8.81 -17.16
N GLY A 116 -7.07 9.78 -17.98
CA GLY A 116 -8.03 9.65 -19.07
C GLY A 116 -7.92 10.84 -20.01
N GLY B 1 -18.24 -17.69 2.23
CA GLY B 1 -17.18 -16.76 1.82
C GLY B 1 -15.86 -17.18 2.42
N ALA B 2 -15.19 -18.17 1.83
CA ALA B 2 -13.89 -18.68 2.26
C ALA B 2 -13.12 -19.11 1.03
N MET B 3 -12.35 -18.19 0.45
CA MET B 3 -11.53 -18.42 -0.73
C MET B 3 -10.13 -18.75 -0.22
N GLU B 4 -10.02 -19.94 0.37
CA GLU B 4 -8.81 -20.49 0.97
C GLU B 4 -8.28 -21.63 0.07
N ILE B 5 -8.13 -21.40 -1.24
CA ILE B 5 -7.64 -22.42 -2.20
C ILE B 5 -6.11 -22.41 -2.29
N ILE B 6 -5.49 -23.55 -2.63
CA ILE B 6 -4.03 -23.68 -2.72
C ILE B 6 -3.39 -22.90 -3.88
N HIS B 7 -4.08 -22.78 -5.01
CA HIS B 7 -3.57 -22.08 -6.18
C HIS B 7 -3.77 -20.59 -5.98
N GLU B 8 -2.85 -19.96 -5.27
CA GLU B 8 -2.91 -18.54 -5.01
C GLU B 8 -2.66 -17.81 -6.32
N ASP B 9 -3.45 -16.78 -6.60
CA ASP B 9 -3.27 -15.98 -7.81
C ASP B 9 -2.32 -14.86 -7.42
N ASN B 10 -2.62 -14.20 -6.30
CA ASN B 10 -1.91 -13.09 -5.70
C ASN B 10 -1.19 -13.53 -4.43
N GLU B 11 0.15 -13.53 -4.47
CA GLU B 11 1.07 -13.93 -3.40
C GLU B 11 0.97 -13.11 -2.10
N TRP B 12 1.04 -11.76 -2.16
CA TRP B 12 0.99 -10.89 -0.98
C TRP B 12 2.14 -11.13 0.00
N GLY B 13 3.38 -10.98 -0.47
CA GLY B 13 4.58 -11.17 0.36
C GLY B 13 4.77 -9.96 1.26
N ILE B 14 4.96 -10.14 2.56
CA ILE B 14 5.13 -9.06 3.54
C ILE B 14 6.55 -8.46 3.50
N GLU B 15 6.68 -7.13 3.47
CA GLU B 15 7.96 -6.45 3.50
C GLU B 15 7.87 -5.24 4.45
N LEU B 16 8.93 -5.02 5.22
CA LEU B 16 9.10 -3.96 6.19
C LEU B 16 9.91 -2.85 5.53
N VAL B 17 9.33 -1.65 5.42
CA VAL B 17 9.99 -0.51 4.80
C VAL B 17 10.03 0.67 5.78
N SER B 18 11.22 1.21 6.03
CA SER B 18 11.45 2.36 6.88
C SER B 18 12.84 2.88 6.50
N GLU B 19 13.07 4.18 6.62
CA GLU B 19 14.34 4.82 6.30
C GLU B 19 14.44 6.17 6.96
N MET A 1 -9.94 -3.83 -13.86
CA MET A 1 -10.44 -4.57 -12.70
C MET A 1 -10.30 -3.72 -11.44
N GLY A 2 -10.89 -4.16 -10.33
CA GLY A 2 -10.86 -3.46 -9.06
C GLY A 2 -9.65 -3.86 -8.23
N TRP A 3 -9.86 -4.13 -6.94
CA TRP A 3 -8.82 -4.54 -6.03
C TRP A 3 -8.56 -6.04 -6.18
N MET A 4 -7.31 -6.42 -6.46
CA MET A 4 -6.93 -7.82 -6.63
C MET A 4 -7.27 -8.56 -5.34
N PHE A 5 -6.89 -7.97 -4.19
CA PHE A 5 -7.16 -8.55 -2.89
C PHE A 5 -8.66 -8.75 -2.65
N LYS A 6 -9.50 -7.77 -2.98
CA LYS A 6 -10.95 -7.92 -2.74
C LYS A 6 -11.55 -8.96 -3.67
N GLU A 7 -11.06 -9.06 -4.91
CA GLU A 7 -11.57 -10.04 -5.85
C GLU A 7 -11.22 -11.45 -5.36
N ASP A 8 -10.00 -11.65 -4.84
CA ASP A 8 -9.53 -12.94 -4.35
C ASP A 8 -10.02 -13.22 -2.92
N HIS A 9 -9.45 -12.58 -1.91
CA HIS A 9 -9.88 -12.74 -0.51
C HIS A 9 -9.37 -11.52 0.24
N SER A 10 -10.30 -10.77 0.80
CA SER A 10 -10.04 -9.54 1.54
C SER A 10 -10.17 -9.73 3.03
N LEU A 11 -11.37 -10.02 3.50
CA LEU A 11 -11.72 -10.19 4.91
C LEU A 11 -10.76 -11.12 5.64
N GLU A 12 -10.64 -12.37 5.18
CA GLU A 12 -9.80 -13.38 5.82
C GLU A 12 -8.33 -13.00 5.82
N HIS A 13 -7.75 -12.79 4.63
CA HIS A 13 -6.35 -12.45 4.49
C HIS A 13 -5.98 -11.21 5.31
N ARG A 14 -6.68 -10.10 5.11
CA ARG A 14 -6.38 -8.87 5.82
C ARG A 14 -6.52 -9.07 7.34
N CYS A 15 -7.51 -9.83 7.81
CA CYS A 15 -7.74 -10.10 9.24
C CYS A 15 -6.57 -10.83 9.90
N VAL A 16 -6.17 -12.00 9.40
CA VAL A 16 -5.06 -12.76 10.00
C VAL A 16 -3.78 -11.94 9.95
N GLU A 17 -3.51 -11.32 8.81
CA GLU A 17 -2.31 -10.53 8.65
C GLU A 17 -2.31 -9.37 9.64
N SER A 18 -3.42 -8.65 9.86
CA SER A 18 -3.40 -7.56 10.82
C SER A 18 -3.04 -8.12 12.19
N ALA A 19 -3.64 -9.24 12.62
CA ALA A 19 -3.32 -9.76 13.95
C ALA A 19 -1.83 -10.08 14.09
N LYS A 20 -1.26 -10.81 13.14
CA LYS A 20 0.15 -11.18 13.18
C LYS A 20 1.04 -9.96 13.08
N ILE A 21 0.68 -8.99 12.25
CA ILE A 21 1.45 -7.75 12.09
C ILE A 21 1.39 -6.97 13.39
N ARG A 22 0.25 -6.88 14.09
CA ARG A 22 0.17 -6.14 15.34
C ARG A 22 1.01 -6.83 16.39
N ALA A 23 1.03 -8.16 16.43
CA ALA A 23 1.83 -8.84 17.43
C ALA A 23 3.32 -8.59 17.20
N LYS A 24 3.81 -8.74 15.96
CA LYS A 24 5.23 -8.54 15.65
C LYS A 24 5.67 -7.08 15.53
N TYR A 25 4.92 -6.30 14.78
CA TYR A 25 5.18 -4.90 14.46
C TYR A 25 3.97 -4.03 14.84
N PRO A 26 3.68 -3.82 16.14
CA PRO A 26 2.56 -2.99 16.58
C PRO A 26 2.81 -1.52 16.20
N ASP A 27 4.08 -1.19 15.96
CA ASP A 27 4.51 0.14 15.60
C ASP A 27 4.51 0.38 14.09
N ARG A 28 3.89 -0.51 13.31
CA ARG A 28 3.78 -0.44 11.85
C ARG A 28 2.34 -0.62 11.39
N VAL A 29 2.04 -0.19 10.16
CA VAL A 29 0.71 -0.26 9.56
C VAL A 29 0.84 -1.01 8.21
N PRO A 30 -0.11 -1.94 7.90
CA PRO A 30 -0.18 -2.72 6.67
C PRO A 30 -0.73 -1.91 5.51
N VAL A 31 0.10 -1.65 4.50
CA VAL A 31 -0.26 -0.88 3.33
C VAL A 31 0.04 -1.66 2.06
N ILE A 32 -0.82 -1.50 1.04
CA ILE A 32 -0.62 -2.12 -0.26
C ILE A 32 -0.59 -0.95 -1.23
N VAL A 33 0.44 -0.93 -2.06
CA VAL A 33 0.74 0.07 -3.07
C VAL A 33 0.42 -0.57 -4.43
N GLU A 34 -0.51 -0.02 -5.22
CA GLU A 34 -0.84 -0.57 -6.55
C GLU A 34 -0.67 0.52 -7.61
N LYS A 35 -0.26 0.16 -8.83
CA LYS A 35 -0.06 1.13 -9.91
C LYS A 35 -1.36 1.32 -10.68
N VAL A 36 -1.69 2.55 -11.05
CA VAL A 36 -2.89 2.83 -11.82
C VAL A 36 -2.71 2.24 -13.21
N SER A 37 -3.71 1.48 -13.66
CA SER A 37 -3.70 0.85 -14.97
C SER A 37 -3.63 1.98 -16.01
N GLY A 38 -2.60 1.94 -16.86
CA GLY A 38 -2.37 2.93 -17.89
C GLY A 38 -1.14 3.80 -17.62
N SER A 39 -0.57 3.80 -16.41
CA SER A 39 0.64 4.58 -16.14
C SER A 39 1.81 3.76 -16.69
N GLN A 40 2.70 4.39 -17.47
CA GLN A 40 3.87 3.74 -18.06
C GLN A 40 4.87 3.23 -17.01
N ILE A 41 4.81 3.75 -15.78
CA ILE A 41 5.69 3.40 -14.67
C ILE A 41 5.75 1.88 -14.42
N VAL A 42 6.84 1.42 -13.80
CA VAL A 42 7.09 0.02 -13.49
C VAL A 42 5.94 -0.59 -12.66
N ASP A 43 5.64 -1.87 -12.90
CA ASP A 43 4.60 -2.59 -12.18
C ASP A 43 5.10 -3.00 -10.78
N ILE A 44 4.19 -3.37 -9.88
CA ILE A 44 4.51 -3.77 -8.51
C ILE A 44 3.94 -5.16 -8.17
N ASP A 45 4.79 -5.99 -7.57
CA ASP A 45 4.49 -7.35 -7.12
C ASP A 45 3.50 -7.24 -5.96
N LYS A 46 2.69 -8.27 -5.74
CA LYS A 46 1.70 -8.28 -4.67
C LYS A 46 2.48 -8.50 -3.38
N ARG A 47 2.76 -7.43 -2.65
CA ARG A 47 3.50 -7.48 -1.40
C ARG A 47 2.78 -6.62 -0.38
N LYS A 48 3.09 -6.85 0.89
CA LYS A 48 2.52 -6.17 2.04
C LYS A 48 3.59 -5.28 2.64
N TYR A 49 3.50 -3.98 2.38
CA TYR A 49 4.45 -3.03 2.92
C TYR A 49 4.00 -2.65 4.32
N LEU A 50 4.89 -2.80 5.29
CA LEU A 50 4.68 -2.48 6.70
C LEU A 50 5.50 -1.24 6.96
N VAL A 51 4.86 -0.09 7.13
CA VAL A 51 5.56 1.17 7.36
C VAL A 51 5.35 1.64 8.79
N PRO A 52 6.34 2.25 9.48
CA PRO A 52 6.19 2.71 10.85
C PRO A 52 5.29 3.94 10.96
N SER A 53 4.37 3.92 11.93
CA SER A 53 3.42 5.00 12.20
C SER A 53 4.08 6.35 12.52
N ASP A 54 5.36 6.33 12.88
CA ASP A 54 6.17 7.48 13.23
C ASP A 54 6.59 8.32 12.03
N ILE A 55 6.84 7.73 10.86
CA ILE A 55 7.25 8.54 9.70
C ILE A 55 6.04 9.30 9.10
N THR A 56 6.30 10.26 8.22
CA THR A 56 5.27 11.06 7.56
C THR A 56 5.14 10.67 6.10
N VAL A 57 4.06 11.13 5.46
CA VAL A 57 3.75 10.87 4.05
C VAL A 57 4.95 11.27 3.17
N ALA A 58 5.65 12.38 3.48
CA ALA A 58 6.79 12.83 2.70
C ALA A 58 7.89 11.78 2.68
N GLN A 59 8.22 11.20 3.83
CA GLN A 59 9.26 10.19 3.98
C GLN A 59 8.82 8.94 3.21
N PHE A 60 7.57 8.52 3.39
CA PHE A 60 6.98 7.34 2.75
C PHE A 60 7.02 7.50 1.22
N MET A 61 6.54 8.64 0.71
CA MET A 61 6.49 8.95 -0.72
C MET A 61 7.89 8.82 -1.33
N TRP A 62 8.88 9.44 -0.68
CA TRP A 62 10.26 9.38 -1.16
C TRP A 62 10.71 7.92 -1.25
N ILE A 63 10.37 7.08 -0.28
CA ILE A 63 10.76 5.67 -0.31
C ILE A 63 10.10 4.97 -1.50
N ILE A 64 8.79 5.13 -1.73
CA ILE A 64 8.12 4.46 -2.85
C ILE A 64 8.79 4.83 -4.17
N ARG A 65 9.01 6.13 -4.43
CA ARG A 65 9.65 6.52 -5.68
C ARG A 65 11.07 5.96 -5.79
N LYS A 66 11.85 5.87 -4.70
CA LYS A 66 13.20 5.31 -4.77
C LYS A 66 13.15 3.80 -4.99
N ARG A 67 12.19 3.08 -4.40
CA ARG A 67 12.01 1.63 -4.53
C ARG A 67 11.70 1.28 -5.97
N ILE A 68 10.74 1.98 -6.58
CA ILE A 68 10.36 1.75 -7.98
C ILE A 68 11.35 2.41 -8.94
N GLN A 69 12.39 3.08 -8.41
CA GLN A 69 13.43 3.79 -9.15
C GLN A 69 12.79 4.73 -10.18
N LEU A 70 11.96 5.66 -9.71
CA LEU A 70 11.24 6.62 -10.54
C LEU A 70 12.28 7.56 -11.16
N PRO A 71 12.52 7.47 -12.49
CA PRO A 71 13.47 8.30 -13.19
C PRO A 71 13.06 9.77 -13.23
N SER A 72 13.99 10.68 -13.51
CA SER A 72 13.65 12.09 -13.62
C SER A 72 12.74 12.36 -14.84
N GLU A 73 12.75 11.48 -15.85
CA GLU A 73 11.93 11.64 -17.06
C GLU A 73 10.43 11.58 -16.73
N LYS A 74 10.04 10.76 -15.74
CA LYS A 74 8.65 10.60 -15.28
C LYS A 74 8.41 11.33 -13.96
N ALA A 75 7.13 11.50 -13.64
CA ALA A 75 6.62 12.11 -12.43
C ALA A 75 6.00 10.98 -11.59
N ILE A 76 5.55 11.27 -10.38
CA ILE A 76 4.91 10.33 -9.47
C ILE A 76 3.83 11.10 -8.71
N PHE A 77 2.71 10.44 -8.44
CA PHE A 77 1.56 10.97 -7.72
C PHE A 77 0.94 9.84 -6.90
N LEU A 78 0.61 10.09 -5.63
CA LEU A 78 -0.01 9.11 -4.72
C LEU A 78 -1.41 9.58 -4.35
N PHE A 79 -2.34 8.64 -4.23
CA PHE A 79 -3.74 8.88 -3.86
C PHE A 79 -4.18 7.79 -2.89
N VAL A 80 -4.90 8.19 -1.85
CA VAL A 80 -5.43 7.30 -0.83
C VAL A 80 -6.90 7.65 -0.75
N ASP A 81 -7.79 6.67 -0.90
CA ASP A 81 -9.24 6.88 -0.83
C ASP A 81 -9.74 8.13 -1.59
N LYS A 82 -9.19 8.32 -2.79
CA LYS A 82 -9.52 9.42 -3.70
C LYS A 82 -9.05 10.80 -3.22
N THR A 83 -8.11 10.91 -2.29
CA THR A 83 -7.61 12.17 -1.74
C THR A 83 -6.09 12.29 -1.89
N VAL A 84 -5.61 13.53 -1.76
CA VAL A 84 -4.20 13.87 -1.81
C VAL A 84 -3.69 13.80 -0.36
N PRO A 85 -2.93 12.77 0.04
CA PRO A 85 -2.43 12.66 1.40
C PRO A 85 -1.49 13.83 1.71
N GLN A 86 -1.65 14.46 2.86
CA GLN A 86 -0.82 15.58 3.29
C GLN A 86 0.60 15.09 3.55
N SER A 87 1.59 15.61 2.82
CA SER A 87 3.00 15.23 2.96
C SER A 87 3.51 15.30 4.41
N SER A 88 3.10 16.31 5.19
CA SER A 88 3.51 16.47 6.58
C SER A 88 2.73 15.62 7.60
N LEU A 89 1.64 14.92 7.23
CA LEU A 89 0.86 14.11 8.17
C LEU A 89 1.63 12.87 8.58
N THR A 90 1.52 12.48 9.85
CA THR A 90 2.20 11.32 10.42
C THR A 90 1.42 10.09 10.02
N MET A 91 2.12 8.99 9.74
CA MET A 91 1.50 7.74 9.33
C MET A 91 0.45 7.28 10.33
N GLY A 92 0.71 7.37 11.64
CA GLY A 92 -0.27 6.94 12.64
C GLY A 92 -1.60 7.72 12.55
N GLN A 93 -1.54 9.02 12.25
CA GLN A 93 -2.72 9.88 12.13
C GLN A 93 -3.49 9.49 10.87
N LEU A 94 -2.77 9.48 9.75
CA LEU A 94 -3.33 9.13 8.46
C LEU A 94 -3.89 7.70 8.48
N TYR A 95 -3.21 6.77 9.16
CA TYR A 95 -3.62 5.39 9.30
C TYR A 95 -4.96 5.37 9.99
N GLU A 96 -5.11 5.99 11.16
CA GLU A 96 -6.38 6.00 11.88
C GLU A 96 -7.52 6.53 11.01
N LYS A 97 -7.38 7.72 10.43
CA LYS A 97 -8.44 8.32 9.61
C LYS A 97 -8.66 7.59 8.29
N GLU A 98 -7.67 6.88 7.74
CA GLU A 98 -7.86 6.17 6.47
C GLU A 98 -7.99 4.65 6.64
N LYS A 99 -8.01 4.19 7.91
CA LYS A 99 -8.11 2.79 8.30
C LYS A 99 -9.34 2.16 7.68
N ASP A 100 -9.13 1.11 6.88
CA ASP A 100 -10.26 0.41 6.27
C ASP A 100 -10.91 -0.47 7.34
N GLU A 101 -12.05 -1.09 7.06
CA GLU A 101 -12.72 -1.96 8.02
C GLU A 101 -11.79 -3.09 8.46
N ASP A 102 -10.94 -3.55 7.54
CA ASP A 102 -9.98 -4.62 7.76
C ASP A 102 -8.64 -4.09 8.30
N GLY A 103 -8.61 -2.86 8.81
CA GLY A 103 -7.45 -2.21 9.40
C GLY A 103 -6.23 -2.04 8.49
N PHE A 104 -6.41 -1.92 7.18
CA PHE A 104 -5.31 -1.76 6.22
C PHE A 104 -5.45 -0.43 5.46
N LEU A 105 -4.45 -0.11 4.61
CA LEU A 105 -4.42 1.10 3.80
C LEU A 105 -4.27 0.75 2.30
N TYR A 106 -5.01 1.43 1.42
CA TYR A 106 -5.00 1.22 -0.03
C TYR A 106 -4.52 2.49 -0.74
N VAL A 107 -3.25 2.52 -1.17
CA VAL A 107 -2.67 3.68 -1.83
C VAL A 107 -2.32 3.36 -3.28
N ALA A 108 -2.87 4.13 -4.21
CA ALA A 108 -2.62 3.97 -5.63
C ALA A 108 -1.54 4.97 -6.02
N TYR A 109 -0.68 4.59 -6.97
CA TYR A 109 0.37 5.46 -7.45
C TYR A 109 0.30 5.51 -8.97
N SER A 110 0.66 6.65 -9.53
CA SER A 110 0.65 6.83 -10.96
C SER A 110 1.81 7.73 -11.35
N GLY A 111 2.27 7.59 -12.59
CA GLY A 111 3.35 8.35 -13.17
C GLY A 111 2.81 9.23 -14.31
N GLU A 112 1.51 9.50 -14.33
CA GLU A 112 0.83 10.28 -15.34
C GLU A 112 -0.11 11.26 -14.64
N ASN A 113 0.17 12.56 -14.71
CA ASN A 113 -0.68 13.58 -14.09
C ASN A 113 -2.03 13.59 -14.79
N THR A 114 -2.06 13.47 -16.12
CA THR A 114 -3.27 13.44 -16.93
C THR A 114 -3.62 11.97 -17.12
N PHE A 115 -4.83 11.59 -16.73
CA PHE A 115 -5.36 10.23 -16.83
C PHE A 115 -6.56 10.15 -17.77
N GLY A 116 -6.86 11.20 -18.52
CA GLY A 116 -7.95 11.29 -19.48
C GLY A 116 -7.74 12.53 -20.31
N GLY B 1 -12.34 -19.88 4.12
CA GLY B 1 -12.40 -20.82 2.99
C GLY B 1 -11.05 -21.50 2.84
N ALA B 2 -10.59 -21.70 1.60
CA ALA B 2 -9.31 -22.33 1.31
C ALA B 2 -8.97 -22.03 -0.16
N MET B 3 -8.01 -21.13 -0.40
CA MET B 3 -7.57 -20.73 -1.72
C MET B 3 -6.09 -21.11 -1.95
N GLU B 4 -5.54 -21.97 -1.08
CA GLU B 4 -4.16 -22.50 -1.04
C GLU B 4 -3.84 -23.44 -2.21
N ILE B 5 -4.11 -22.97 -3.43
CA ILE B 5 -3.89 -23.68 -4.68
C ILE B 5 -2.62 -23.13 -5.31
N ILE B 6 -2.06 -23.92 -6.22
CA ILE B 6 -0.85 -23.65 -6.99
C ILE B 6 -1.06 -22.59 -8.09
N HIS B 7 -2.22 -21.93 -8.11
CA HIS B 7 -2.59 -20.92 -9.08
C HIS B 7 -2.69 -19.53 -8.43
N GLU B 8 -2.30 -19.39 -7.16
CA GLU B 8 -2.29 -18.15 -6.40
C GLU B 8 -1.48 -17.12 -7.20
N ASP B 9 -2.14 -16.11 -7.78
CA ASP B 9 -1.47 -15.08 -8.58
C ASP B 9 -1.05 -13.88 -7.72
N ASN B 10 -1.58 -13.74 -6.51
CA ASN B 10 -1.22 -12.68 -5.58
C ASN B 10 -0.45 -13.37 -4.46
N GLU B 11 0.86 -13.15 -4.38
CA GLU B 11 1.70 -13.77 -3.36
C GLU B 11 1.58 -13.10 -2.00
N TRP B 12 1.42 -11.77 -1.94
CA TRP B 12 1.29 -10.96 -0.73
C TRP B 12 2.43 -11.22 0.27
N GLY B 13 3.69 -11.00 -0.13
CA GLY B 13 4.86 -11.20 0.73
C GLY B 13 5.05 -9.99 1.65
N ILE B 14 5.32 -10.18 2.94
CA ILE B 14 5.50 -9.10 3.92
C ILE B 14 6.90 -8.48 3.87
N GLU B 15 6.98 -7.15 3.90
CA GLU B 15 8.25 -6.41 3.88
C GLU B 15 8.19 -5.21 4.82
N LEU B 16 9.24 -5.05 5.63
CA LEU B 16 9.42 -3.95 6.57
C LEU B 16 10.10 -2.84 5.78
N VAL B 17 9.44 -1.71 5.63
CA VAL B 17 9.96 -0.55 4.91
C VAL B 17 9.97 0.65 5.86
N SER B 18 11.13 1.26 6.08
CA SER B 18 11.30 2.41 6.95
C SER B 18 12.56 3.15 6.54
N GLU B 19 12.47 4.44 6.30
CA GLU B 19 13.54 5.33 5.88
C GLU B 19 13.00 6.75 6.05
N MET A 1 -12.62 0.65 -9.66
CA MET A 1 -13.13 -0.55 -8.98
C MET A 1 -12.50 -1.79 -9.59
N GLY A 2 -12.23 -2.80 -8.76
CA GLY A 2 -11.62 -4.06 -9.18
C GLY A 2 -10.28 -4.25 -8.47
N TRP A 3 -10.32 -4.22 -7.14
CA TRP A 3 -9.17 -4.39 -6.28
C TRP A 3 -8.82 -5.87 -6.31
N MET A 4 -7.64 -6.21 -6.85
CA MET A 4 -7.18 -7.59 -6.97
C MET A 4 -7.32 -8.30 -5.62
N PHE A 5 -6.88 -7.65 -4.54
CA PHE A 5 -6.98 -8.23 -3.21
C PHE A 5 -8.40 -8.62 -2.82
N LYS A 6 -9.40 -7.76 -3.09
CA LYS A 6 -10.81 -7.99 -2.74
C LYS A 6 -11.48 -9.02 -3.63
N GLU A 7 -11.04 -9.16 -4.88
CA GLU A 7 -11.63 -10.14 -5.77
C GLU A 7 -11.19 -11.53 -5.31
N ASP A 8 -9.89 -11.68 -5.08
CA ASP A 8 -9.28 -12.92 -4.65
C ASP A 8 -9.61 -13.16 -3.17
N HIS A 9 -8.97 -12.49 -2.21
CA HIS A 9 -9.28 -12.65 -0.79
C HIS A 9 -8.71 -11.46 -0.04
N SER A 10 -9.57 -10.66 0.60
CA SER A 10 -9.12 -9.50 1.34
C SER A 10 -9.37 -9.71 2.81
N LEU A 11 -10.63 -9.78 3.25
CA LEU A 11 -11.06 -9.96 4.63
C LEU A 11 -10.30 -11.01 5.43
N GLU A 12 -10.30 -12.26 4.95
CA GLU A 12 -9.68 -13.42 5.56
C GLU A 12 -8.17 -13.20 5.78
N HIS A 13 -7.46 -12.94 4.67
CA HIS A 13 -6.03 -12.71 4.65
C HIS A 13 -5.66 -11.46 5.44
N ARG A 14 -6.32 -10.33 5.18
CA ARG A 14 -6.04 -9.07 5.84
C ARG A 14 -6.22 -9.21 7.34
N CYS A 15 -7.23 -9.92 7.83
CA CYS A 15 -7.45 -10.11 9.25
C CYS A 15 -6.28 -10.91 9.86
N VAL A 16 -5.98 -12.09 9.34
CA VAL A 16 -4.89 -12.93 9.85
C VAL A 16 -3.56 -12.19 9.81
N GLU A 17 -3.24 -11.55 8.69
CA GLU A 17 -2.00 -10.81 8.59
C GLU A 17 -2.02 -9.63 9.55
N SER A 18 -3.15 -8.93 9.74
CA SER A 18 -3.22 -7.81 10.67
C SER A 18 -2.84 -8.30 12.06
N ALA A 19 -3.43 -9.41 12.53
CA ALA A 19 -3.10 -9.95 13.85
C ALA A 19 -1.59 -10.18 13.99
N LYS A 20 -0.98 -10.87 13.02
CA LYS A 20 0.46 -11.14 13.05
C LYS A 20 1.28 -9.86 12.99
N ILE A 21 1.00 -8.97 12.02
CA ILE A 21 1.72 -7.72 11.82
C ILE A 21 1.62 -6.86 13.07
N ARG A 22 0.47 -6.77 13.72
CA ARG A 22 0.31 -5.95 14.93
C ARG A 22 1.09 -6.57 16.07
N ALA A 23 1.08 -7.90 16.18
CA ALA A 23 1.81 -8.58 17.24
C ALA A 23 3.32 -8.39 17.05
N LYS A 24 3.83 -8.62 15.84
CA LYS A 24 5.24 -8.50 15.53
C LYS A 24 5.73 -7.05 15.47
N TYR A 25 5.00 -6.18 14.80
CA TYR A 25 5.34 -4.78 14.61
C TYR A 25 4.14 -3.90 15.01
N PRO A 26 3.91 -3.68 16.31
CA PRO A 26 2.79 -2.87 16.78
C PRO A 26 2.87 -1.42 16.36
N ASP A 27 4.07 -0.86 16.14
CA ASP A 27 4.26 0.53 15.70
C ASP A 27 4.26 0.62 14.16
N ARG A 28 3.84 -0.43 13.45
CA ARG A 28 3.78 -0.43 12.00
C ARG A 28 2.33 -0.60 11.57
N VAL A 29 1.99 -0.08 10.39
CA VAL A 29 0.65 -0.14 9.82
C VAL A 29 0.76 -0.85 8.44
N PRO A 30 -0.14 -1.80 8.12
CA PRO A 30 -0.13 -2.57 6.88
C PRO A 30 -0.72 -1.82 5.67
N VAL A 31 0.12 -1.52 4.69
CA VAL A 31 -0.25 -0.81 3.48
C VAL A 31 -0.13 -1.73 2.27
N ILE A 32 -0.97 -1.48 1.26
CA ILE A 32 -1.06 -2.16 -0.01
C ILE A 32 -0.88 -1.03 -1.01
N VAL A 33 0.19 -1.04 -1.80
CA VAL A 33 0.48 0.00 -2.79
C VAL A 33 0.37 -0.63 -4.18
N GLU A 34 -0.53 -0.15 -5.05
CA GLU A 34 -0.71 -0.71 -6.40
C GLU A 34 -0.73 0.39 -7.48
N LYS A 35 -0.48 0.01 -8.73
CA LYS A 35 -0.47 0.99 -9.82
C LYS A 35 -1.86 1.23 -10.38
N VAL A 36 -2.06 2.42 -10.94
CA VAL A 36 -3.31 2.78 -11.58
C VAL A 36 -3.32 1.98 -12.89
N SER A 37 -4.44 1.35 -13.23
CA SER A 37 -4.58 0.57 -14.46
C SER A 37 -4.27 1.50 -15.65
N GLY A 38 -3.27 1.20 -16.46
CA GLY A 38 -2.90 2.00 -17.61
C GLY A 38 -1.64 2.83 -17.35
N SER A 39 -1.17 2.93 -16.11
CA SER A 39 0.04 3.67 -15.78
C SER A 39 1.16 2.83 -16.38
N GLN A 40 1.85 3.34 -17.41
CA GLN A 40 2.91 2.59 -18.07
C GLN A 40 4.18 2.47 -17.23
N ILE A 41 4.32 3.23 -16.14
CA ILE A 41 5.48 3.22 -15.27
C ILE A 41 5.69 1.85 -14.59
N VAL A 42 6.86 1.64 -14.00
CA VAL A 42 7.21 0.41 -13.28
C VAL A 42 6.16 0.14 -12.19
N ASP A 43 5.55 -1.03 -12.23
CA ASP A 43 4.54 -1.49 -11.29
C ASP A 43 5.21 -2.34 -10.19
N ILE A 44 4.42 -2.80 -9.23
CA ILE A 44 4.87 -3.60 -8.10
C ILE A 44 4.07 -4.91 -8.00
N ASP A 45 4.72 -5.96 -7.50
CA ASP A 45 4.14 -7.27 -7.27
C ASP A 45 3.27 -7.18 -6.02
N LYS A 46 2.43 -8.17 -5.77
CA LYS A 46 1.52 -8.15 -4.64
C LYS A 46 2.32 -8.40 -3.36
N ARG A 47 2.60 -7.35 -2.58
CA ARG A 47 3.32 -7.39 -1.32
C ARG A 47 2.70 -6.40 -0.32
N LYS A 48 2.88 -6.69 0.96
CA LYS A 48 2.37 -5.90 2.09
C LYS A 48 3.48 -5.01 2.60
N TYR A 49 3.42 -3.72 2.29
CA TYR A 49 4.43 -2.76 2.74
C TYR A 49 4.03 -2.33 4.15
N LEU A 50 4.87 -2.59 5.14
CA LEU A 50 4.62 -2.23 6.53
C LEU A 50 5.39 -0.96 6.80
N VAL A 51 4.70 0.13 7.11
CA VAL A 51 5.33 1.42 7.38
C VAL A 51 5.17 1.79 8.86
N PRO A 52 6.17 2.38 9.53
CA PRO A 52 6.04 2.77 10.92
C PRO A 52 5.12 3.98 11.01
N SER A 53 4.28 4.03 12.02
CA SER A 53 3.32 5.09 12.25
C SER A 53 3.93 6.46 12.57
N ASP A 54 5.24 6.52 12.87
CA ASP A 54 5.93 7.75 13.23
C ASP A 54 6.43 8.56 12.04
N ILE A 55 6.80 7.92 10.92
CA ILE A 55 7.26 8.70 9.76
C ILE A 55 6.05 9.40 9.12
N THR A 56 6.32 10.38 8.25
CA THR A 56 5.29 11.14 7.55
C THR A 56 5.17 10.67 6.10
N VAL A 57 4.07 11.06 5.45
CA VAL A 57 3.78 10.76 4.06
C VAL A 57 4.97 11.20 3.18
N ALA A 58 5.66 12.29 3.52
CA ALA A 58 6.81 12.75 2.75
C ALA A 58 7.87 11.66 2.69
N GLN A 59 8.17 11.03 3.82
CA GLN A 59 9.17 9.97 3.91
C GLN A 59 8.68 8.74 3.16
N PHE A 60 7.43 8.32 3.36
CA PHE A 60 6.87 7.14 2.69
C PHE A 60 6.93 7.32 1.18
N MET A 61 6.49 8.48 0.66
CA MET A 61 6.51 8.80 -0.75
C MET A 61 7.94 8.64 -1.28
N TRP A 62 8.90 9.27 -0.63
CA TRP A 62 10.31 9.20 -1.01
C TRP A 62 10.78 7.76 -1.01
N ILE A 63 10.38 6.91 -0.06
CA ILE A 63 10.80 5.53 -0.05
C ILE A 63 10.17 4.80 -1.25
N ILE A 64 8.89 4.99 -1.58
CA ILE A 64 8.25 4.30 -2.72
C ILE A 64 8.95 4.67 -4.03
N ARG A 65 9.14 5.96 -4.31
CA ARG A 65 9.81 6.40 -5.53
C ARG A 65 11.27 5.92 -5.56
N LYS A 66 11.95 5.89 -4.42
CA LYS A 66 13.34 5.45 -4.32
C LYS A 66 13.44 3.96 -4.60
N ARG A 67 12.53 3.17 -4.04
CA ARG A 67 12.46 1.72 -4.17
C ARG A 67 12.29 1.33 -5.62
N ILE A 68 11.30 1.92 -6.30
CA ILE A 68 11.04 1.62 -7.71
C ILE A 68 12.02 2.35 -8.63
N GLN A 69 12.91 3.19 -8.09
CA GLN A 69 13.91 3.99 -8.79
C GLN A 69 13.24 4.75 -9.93
N LEU A 70 12.36 5.68 -9.58
CA LEU A 70 11.58 6.47 -10.54
C LEU A 70 12.55 7.41 -11.31
N PRO A 71 12.71 7.24 -12.64
CA PRO A 71 13.62 8.03 -13.47
C PRO A 71 13.25 9.52 -13.52
N SER A 72 14.19 10.36 -14.00
CA SER A 72 13.97 11.79 -14.14
C SER A 72 12.94 12.11 -15.23
N GLU A 73 12.83 11.26 -16.25
CA GLU A 73 11.88 11.46 -17.35
C GLU A 73 10.43 11.46 -16.87
N LYS A 74 10.07 10.59 -15.90
CA LYS A 74 8.71 10.49 -15.37
C LYS A 74 8.60 11.15 -14.00
N ALA A 75 7.37 11.40 -13.58
CA ALA A 75 7.00 11.98 -12.30
C ALA A 75 6.35 10.86 -11.47
N ILE A 76 5.89 11.17 -10.25
CA ILE A 76 5.22 10.23 -9.36
C ILE A 76 4.15 10.99 -8.59
N PHE A 77 2.99 10.36 -8.38
CA PHE A 77 1.86 10.90 -7.65
C PHE A 77 1.20 9.74 -6.93
N LEU A 78 0.76 9.98 -5.69
CA LEU A 78 0.09 9.03 -4.82
C LEU A 78 -1.34 9.47 -4.56
N PHE A 79 -2.24 8.52 -4.28
CA PHE A 79 -3.65 8.77 -4.01
C PHE A 79 -4.14 7.74 -2.99
N VAL A 80 -4.86 8.18 -1.96
CA VAL A 80 -5.42 7.33 -0.91
C VAL A 80 -6.90 7.71 -0.90
N ASP A 81 -7.82 6.78 -1.17
CA ASP A 81 -9.27 7.04 -1.23
C ASP A 81 -9.59 8.28 -2.07
N LYS A 82 -8.94 8.36 -3.22
CA LYS A 82 -9.09 9.43 -4.18
C LYS A 82 -8.78 10.81 -3.57
N THR A 83 -7.90 10.90 -2.57
CA THR A 83 -7.48 12.14 -1.92
C THR A 83 -5.98 12.27 -2.16
N VAL A 84 -5.44 13.49 -2.02
CA VAL A 84 -4.02 13.77 -2.21
C VAL A 84 -3.40 13.66 -0.80
N PRO A 85 -2.59 12.63 -0.51
CA PRO A 85 -1.97 12.46 0.79
C PRO A 85 -1.04 13.62 1.09
N GLN A 86 -1.28 14.29 2.22
CA GLN A 86 -0.52 15.44 2.68
C GLN A 86 0.83 14.98 3.21
N SER A 87 1.91 15.40 2.56
CA SER A 87 3.28 15.04 2.92
C SER A 87 3.63 15.22 4.40
N SER A 88 3.08 16.23 5.09
CA SER A 88 3.38 16.46 6.49
C SER A 88 2.57 15.59 7.45
N LEU A 89 1.55 14.86 6.98
CA LEU A 89 0.75 14.01 7.86
C LEU A 89 1.54 12.76 8.25
N THR A 90 1.36 12.28 9.47
CA THR A 90 2.05 11.10 9.98
C THR A 90 1.29 9.84 9.56
N MET A 91 2.05 8.76 9.39
CA MET A 91 1.53 7.47 8.97
C MET A 91 0.41 6.98 9.88
N GLY A 92 0.58 7.10 11.21
CA GLY A 92 -0.42 6.66 12.18
C GLY A 92 -1.69 7.48 12.14
N GLN A 93 -1.60 8.79 11.89
CA GLN A 93 -2.77 9.66 11.81
C GLN A 93 -3.60 9.27 10.61
N LEU A 94 -2.93 9.22 9.45
CA LEU A 94 -3.52 8.86 8.17
C LEU A 94 -4.18 7.48 8.30
N TYR A 95 -3.51 6.52 8.93
CA TYR A 95 -3.98 5.17 9.16
C TYR A 95 -5.27 5.21 9.98
N GLU A 96 -5.26 5.85 11.16
CA GLU A 96 -6.45 5.92 12.02
C GLU A 96 -7.65 6.59 11.34
N LYS A 97 -7.44 7.68 10.61
CA LYS A 97 -8.55 8.37 9.95
C LYS A 97 -8.96 7.70 8.64
N GLU A 98 -8.06 7.05 7.90
CA GLU A 98 -8.44 6.42 6.63
C GLU A 98 -8.71 4.92 6.73
N LYS A 99 -8.44 4.31 7.89
CA LYS A 99 -8.55 2.90 8.24
C LYS A 99 -9.70 2.16 7.56
N ASP A 100 -9.36 1.13 6.78
CA ASP A 100 -10.35 0.31 6.10
C ASP A 100 -10.92 -0.67 7.13
N GLU A 101 -11.98 -1.36 6.76
CA GLU A 101 -12.67 -2.36 7.57
C GLU A 101 -11.72 -3.45 8.09
N ASP A 102 -10.65 -3.75 7.35
CA ASP A 102 -9.67 -4.78 7.69
C ASP A 102 -8.41 -4.21 8.34
N GLY A 103 -8.45 -2.98 8.85
CA GLY A 103 -7.30 -2.35 9.51
C GLY A 103 -6.08 -2.17 8.61
N PHE A 104 -6.26 -1.97 7.30
CA PHE A 104 -5.18 -1.78 6.35
C PHE A 104 -5.40 -0.50 5.54
N LEU A 105 -4.42 -0.12 4.71
CA LEU A 105 -4.51 1.07 3.85
C LEU A 105 -4.28 0.69 2.38
N TYR A 106 -4.99 1.31 1.43
CA TYR A 106 -4.85 1.10 -0.01
C TYR A 106 -4.40 2.42 -0.64
N VAL A 107 -3.21 2.45 -1.22
CA VAL A 107 -2.67 3.66 -1.86
C VAL A 107 -2.32 3.32 -3.31
N ALA A 108 -2.75 4.16 -4.24
CA ALA A 108 -2.50 4.00 -5.65
C ALA A 108 -1.46 4.99 -6.10
N TYR A 109 -0.70 4.62 -7.13
CA TYR A 109 0.30 5.51 -7.69
C TYR A 109 0.33 5.46 -9.20
N SER A 110 0.79 6.56 -9.78
CA SER A 110 0.95 6.73 -11.22
C SER A 110 2.06 7.76 -11.47
N GLY A 111 2.49 7.88 -12.73
CA GLY A 111 3.53 8.81 -13.16
C GLY A 111 3.04 9.89 -14.12
N GLU A 112 1.76 10.23 -14.09
CA GLU A 112 1.10 11.23 -14.93
C GLU A 112 0.26 12.16 -14.06
N ASN A 113 0.60 13.45 -14.03
CA ASN A 113 -0.13 14.44 -13.21
C ASN A 113 -1.62 14.59 -13.58
N THR A 114 -2.06 14.11 -14.74
CA THR A 114 -3.45 14.21 -15.15
C THR A 114 -3.89 12.85 -15.69
N PHE A 115 -5.12 12.47 -15.34
CA PHE A 115 -5.75 11.22 -15.77
C PHE A 115 -6.28 11.50 -17.19
N GLY A 116 -5.39 11.63 -18.17
CA GLY A 116 -5.77 11.91 -19.55
C GLY A 116 -4.75 11.30 -20.48
N GLY B 1 -16.79 -16.58 4.28
CA GLY B 1 -15.92 -17.02 5.37
C GLY B 1 -15.11 -18.23 4.97
N ALA B 2 -14.08 -18.58 5.76
CA ALA B 2 -13.18 -19.71 5.54
C ALA B 2 -12.64 -19.72 4.09
N MET B 3 -12.47 -18.54 3.48
CA MET B 3 -11.97 -18.32 2.11
C MET B 3 -10.44 -18.49 2.04
N GLU B 4 -9.85 -19.12 3.04
CA GLU B 4 -8.42 -19.39 3.21
C GLU B 4 -7.99 -20.54 2.29
N ILE B 5 -8.30 -20.45 1.00
CA ILE B 5 -7.94 -21.46 0.03
C ILE B 5 -6.42 -21.56 -0.08
N ILE B 6 -5.95 -22.78 -0.36
CA ILE B 6 -4.54 -23.11 -0.53
C ILE B 6 -4.06 -22.57 -1.89
N HIS B 7 -4.99 -22.49 -2.85
CA HIS B 7 -4.75 -22.03 -4.21
C HIS B 7 -4.83 -20.49 -4.26
N GLU B 8 -3.95 -19.81 -3.55
CA GLU B 8 -3.92 -18.35 -3.54
C GLU B 8 -3.37 -17.88 -4.90
N ASP B 9 -4.05 -16.94 -5.55
CA ASP B 9 -3.60 -16.41 -6.83
C ASP B 9 -2.51 -15.35 -6.63
N ASN B 10 -2.54 -14.63 -5.51
CA ASN B 10 -1.60 -13.57 -5.17
C ASN B 10 -0.66 -13.99 -4.06
N GLU B 11 0.43 -13.26 -3.89
CA GLU B 11 1.42 -13.51 -2.86
C GLU B 11 1.11 -12.74 -1.59
N TRP B 12 1.04 -11.41 -1.67
CA TRP B 12 0.78 -10.52 -0.54
C TRP B 12 1.76 -10.86 0.60
N GLY B 13 3.05 -10.97 0.27
CA GLY B 13 4.10 -11.28 1.23
C GLY B 13 4.46 -9.99 1.98
N ILE B 14 4.83 -10.09 3.25
CA ILE B 14 5.19 -8.95 4.08
C ILE B 14 6.56 -8.38 3.70
N GLU B 15 6.69 -7.05 3.78
CA GLU B 15 7.91 -6.32 3.49
C GLU B 15 7.97 -5.05 4.36
N LEU B 16 9.01 -4.90 5.20
CA LEU B 16 9.18 -3.73 6.06
C LEU B 16 9.72 -2.60 5.19
N VAL B 17 8.97 -1.49 5.09
CA VAL B 17 9.34 -0.31 4.31
C VAL B 17 9.36 0.90 5.25
N SER B 18 10.54 1.41 5.54
CA SER B 18 10.80 2.56 6.42
C SER B 18 12.01 3.34 5.91
N GLU B 19 12.15 4.59 6.35
CA GLU B 19 13.25 5.47 5.96
C GLU B 19 14.58 4.76 6.19
N MET A 1 -9.19 -0.94 -13.56
CA MET A 1 -9.47 -0.81 -12.13
C MET A 1 -9.75 -2.17 -11.50
N GLY A 2 -9.98 -2.22 -10.18
CA GLY A 2 -10.27 -3.44 -9.45
C GLY A 2 -9.10 -3.77 -8.53
N TRP A 3 -9.40 -4.35 -7.38
CA TRP A 3 -8.41 -4.72 -6.39
C TRP A 3 -8.23 -6.22 -6.42
N MET A 4 -7.05 -6.66 -6.87
CA MET A 4 -6.73 -8.09 -6.95
C MET A 4 -6.97 -8.75 -5.59
N PHE A 5 -6.50 -8.11 -4.53
CA PHE A 5 -6.64 -8.60 -3.16
C PHE A 5 -8.10 -8.79 -2.77
N LYS A 6 -8.94 -7.78 -3.01
CA LYS A 6 -10.35 -7.79 -2.66
C LYS A 6 -11.14 -8.85 -3.42
N GLU A 7 -10.88 -8.96 -4.72
CA GLU A 7 -11.57 -9.91 -5.57
C GLU A 7 -11.19 -11.34 -5.20
N ASP A 8 -9.88 -11.59 -4.98
CA ASP A 8 -9.42 -12.93 -4.62
C ASP A 8 -9.74 -13.25 -3.16
N HIS A 9 -9.04 -12.68 -2.19
CA HIS A 9 -9.27 -12.95 -0.78
C HIS A 9 -8.74 -11.78 0.07
N SER A 10 -9.64 -11.14 0.84
CA SER A 10 -9.31 -10.01 1.69
C SER A 10 -9.77 -10.17 3.13
N LEU A 11 -11.06 -10.23 3.44
CA LEU A 11 -11.56 -10.32 4.84
C LEU A 11 -10.76 -11.23 5.77
N GLU A 12 -10.62 -12.52 5.42
CA GLU A 12 -9.86 -13.45 6.28
C GLU A 12 -8.38 -13.03 6.33
N HIS A 13 -7.81 -12.87 5.13
CA HIS A 13 -6.43 -12.52 4.89
C HIS A 13 -5.99 -11.30 5.70
N ARG A 14 -6.67 -10.16 5.49
CA ARG A 14 -6.46 -8.85 6.11
C ARG A 14 -6.65 -8.90 7.61
N CYS A 15 -7.75 -9.47 8.10
CA CYS A 15 -8.04 -9.54 9.53
C CYS A 15 -6.91 -10.26 10.28
N VAL A 16 -6.51 -11.42 9.77
CA VAL A 16 -5.45 -12.23 10.35
C VAL A 16 -4.10 -11.52 10.21
N GLU A 17 -3.84 -10.91 9.05
CA GLU A 17 -2.61 -10.19 8.72
C GLU A 17 -2.41 -9.02 9.69
N SER A 18 -3.43 -8.16 9.83
CA SER A 18 -3.41 -7.00 10.68
C SER A 18 -3.12 -7.43 12.10
N ALA A 19 -3.83 -8.46 12.61
CA ALA A 19 -3.60 -8.92 13.97
C ALA A 19 -2.13 -9.33 14.17
N LYS A 20 -1.58 -10.16 13.27
CA LYS A 20 -0.19 -10.60 13.38
C LYS A 20 0.75 -9.40 13.35
N ILE A 21 0.48 -8.40 12.52
CA ILE A 21 1.31 -7.22 12.43
C ILE A 21 1.21 -6.45 13.73
N ARG A 22 0.03 -6.28 14.32
CA ARG A 22 -0.12 -5.54 15.57
C ARG A 22 0.64 -6.25 16.68
N ALA A 23 0.72 -7.58 16.66
CA ALA A 23 1.45 -8.33 17.66
C ALA A 23 2.97 -8.25 17.43
N LYS A 24 3.40 -8.48 16.20
CA LYS A 24 4.82 -8.48 15.82
C LYS A 24 5.45 -7.10 15.69
N TYR A 25 4.78 -6.19 15.00
CA TYR A 25 5.20 -4.83 14.70
C TYR A 25 4.06 -3.89 15.13
N PRO A 26 3.84 -3.66 16.43
CA PRO A 26 2.77 -2.79 16.91
C PRO A 26 2.94 -1.37 16.38
N ASP A 27 4.18 -0.94 16.18
CA ASP A 27 4.50 0.40 15.69
C ASP A 27 4.57 0.44 14.15
N ARG A 28 4.08 -0.58 13.44
CA ARG A 28 4.09 -0.57 11.97
C ARG A 28 2.68 -0.83 11.45
N VAL A 29 2.31 -0.16 10.35
CA VAL A 29 1.00 -0.25 9.74
C VAL A 29 1.04 -0.96 8.37
N PRO A 30 0.01 -1.76 8.04
CA PRO A 30 -0.12 -2.52 6.81
C PRO A 30 -0.60 -1.69 5.61
N VAL A 31 0.22 -1.60 4.57
CA VAL A 31 -0.10 -0.86 3.35
C VAL A 31 0.05 -1.77 2.13
N ILE A 32 -0.84 -1.59 1.15
CA ILE A 32 -0.90 -2.29 -0.12
C ILE A 32 -0.75 -1.13 -1.10
N VAL A 33 0.28 -1.15 -1.96
CA VAL A 33 0.54 -0.08 -2.90
C VAL A 33 0.57 -0.67 -4.30
N GLU A 34 -0.28 -0.17 -5.22
CA GLU A 34 -0.30 -0.68 -6.59
C GLU A 34 -0.33 0.47 -7.60
N LYS A 35 0.08 0.19 -8.83
CA LYS A 35 0.12 1.17 -9.91
C LYS A 35 -1.29 1.38 -10.47
N VAL A 36 -1.62 2.60 -10.89
CA VAL A 36 -2.90 2.92 -11.51
C VAL A 36 -2.79 2.15 -12.83
N SER A 37 -3.63 1.13 -13.01
CA SER A 37 -3.61 0.28 -14.18
C SER A 37 -3.59 1.08 -15.47
N GLY A 38 -2.72 0.67 -16.39
CA GLY A 38 -2.55 1.30 -17.68
C GLY A 38 -1.42 2.30 -17.71
N SER A 39 -0.95 2.83 -16.56
CA SER A 39 0.11 3.82 -16.60
C SER A 39 1.41 3.16 -17.08
N GLN A 40 2.21 3.94 -17.80
CA GLN A 40 3.48 3.53 -18.37
C GLN A 40 4.59 3.41 -17.33
N ILE A 41 4.41 4.04 -16.16
CA ILE A 41 5.41 3.96 -15.10
C ILE A 41 5.59 2.49 -14.66
N VAL A 42 6.74 2.19 -14.05
CA VAL A 42 7.09 0.85 -13.61
C VAL A 42 6.06 0.22 -12.66
N ASP A 43 5.90 -1.10 -12.79
CA ASP A 43 5.00 -1.95 -12.02
C ASP A 43 5.65 -2.44 -10.73
N ILE A 44 4.82 -2.89 -9.78
CA ILE A 44 5.22 -3.45 -8.50
C ILE A 44 4.55 -4.81 -8.29
N ASP A 45 5.29 -5.78 -7.75
CA ASP A 45 4.77 -7.12 -7.45
C ASP A 45 3.75 -6.98 -6.32
N LYS A 46 2.87 -7.96 -6.18
CA LYS A 46 1.86 -7.95 -5.13
C LYS A 46 2.56 -8.28 -3.82
N ARG A 47 2.96 -7.26 -3.06
CA ARG A 47 3.62 -7.41 -1.76
C ARG A 47 2.92 -6.46 -0.80
N LYS A 48 2.92 -6.79 0.49
CA LYS A 48 2.30 -5.99 1.53
C LYS A 48 3.39 -5.19 2.21
N TYR A 49 3.44 -3.89 1.98
CA TYR A 49 4.46 -3.04 2.56
C TYR A 49 4.05 -2.55 3.95
N LEU A 50 4.84 -2.88 4.97
CA LEU A 50 4.63 -2.47 6.35
C LEU A 50 5.56 -1.29 6.56
N VAL A 51 4.98 -0.12 6.85
CA VAL A 51 5.72 1.10 7.12
C VAL A 51 5.52 1.48 8.59
N PRO A 52 6.51 2.00 9.33
CA PRO A 52 6.31 2.37 10.72
C PRO A 52 5.34 3.55 10.81
N SER A 53 4.42 3.52 11.78
CA SER A 53 3.45 4.59 12.00
C SER A 53 4.12 5.91 12.40
N ASP A 54 5.39 5.82 12.79
CA ASP A 54 6.25 6.91 13.24
C ASP A 54 6.68 7.85 12.10
N ILE A 55 6.88 7.36 10.89
CA ILE A 55 7.30 8.23 9.77
C ILE A 55 6.12 9.00 9.18
N THR A 56 6.39 10.03 8.36
CA THR A 56 5.37 10.85 7.71
C THR A 56 5.13 10.43 6.26
N VAL A 57 4.06 10.95 5.65
CA VAL A 57 3.67 10.69 4.27
C VAL A 57 4.85 11.03 3.35
N ALA A 58 5.57 12.12 3.61
CA ALA A 58 6.71 12.51 2.79
C ALA A 58 7.75 11.40 2.75
N GLN A 59 8.09 10.79 3.89
CA GLN A 59 9.06 9.73 3.95
C GLN A 59 8.56 8.53 3.17
N PHE A 60 7.30 8.12 3.37
CA PHE A 60 6.74 6.98 2.66
C PHE A 60 6.80 7.24 1.14
N MET A 61 6.35 8.42 0.71
CA MET A 61 6.33 8.86 -0.68
C MET A 61 7.73 8.84 -1.27
N TRP A 62 8.73 9.38 -0.56
CA TRP A 62 10.11 9.40 -1.01
C TRP A 62 10.61 7.97 -1.16
N ILE A 63 10.33 7.10 -0.20
CA ILE A 63 10.76 5.72 -0.29
C ILE A 63 10.09 5.06 -1.49
N ILE A 64 8.80 5.32 -1.78
CA ILE A 64 8.13 4.70 -2.93
C ILE A 64 8.89 5.09 -4.21
N ARG A 65 9.18 6.38 -4.45
CA ARG A 65 9.91 6.74 -5.68
C ARG A 65 11.32 6.15 -5.71
N LYS A 66 12.02 6.15 -4.57
CA LYS A 66 13.36 5.60 -4.44
C LYS A 66 13.37 4.09 -4.72
N ARG A 67 12.43 3.35 -4.13
CA ARG A 67 12.31 1.90 -4.27
C ARG A 67 12.09 1.50 -5.71
N ILE A 68 11.14 2.15 -6.39
CA ILE A 68 10.86 1.82 -7.78
C ILE A 68 11.88 2.47 -8.72
N GLN A 69 12.85 3.22 -8.18
CA GLN A 69 13.92 3.93 -8.85
C GLN A 69 13.34 4.76 -10.00
N LEU A 70 12.59 5.80 -9.61
CA LEU A 70 11.90 6.73 -10.50
C LEU A 70 12.89 7.59 -11.29
N PRO A 71 13.01 7.43 -12.62
CA PRO A 71 13.92 8.21 -13.45
C PRO A 71 13.42 9.65 -13.64
N SER A 72 14.33 10.58 -13.99
CA SER A 72 13.98 11.99 -14.21
C SER A 72 13.03 12.17 -15.41
N GLU A 73 13.00 11.21 -16.34
CA GLU A 73 12.11 11.31 -17.49
C GLU A 73 10.65 11.26 -17.03
N LYS A 74 10.33 10.48 -15.98
CA LYS A 74 8.98 10.34 -15.45
C LYS A 74 8.78 11.12 -14.15
N ALA A 75 7.52 11.30 -13.80
CA ALA A 75 7.00 11.95 -12.61
C ALA A 75 6.39 10.86 -11.73
N ILE A 76 5.90 11.23 -10.55
CA ILE A 76 5.26 10.31 -9.62
C ILE A 76 4.17 11.10 -8.87
N PHE A 77 3.03 10.46 -8.64
CA PHE A 77 1.86 10.99 -7.97
C PHE A 77 1.20 9.88 -7.15
N LEU A 78 0.70 10.19 -5.96
CA LEU A 78 0.00 9.25 -5.07
C LEU A 78 -1.46 9.68 -4.92
N PHE A 79 -2.34 8.70 -4.76
CA PHE A 79 -3.77 8.91 -4.59
C PHE A 79 -4.26 7.85 -3.60
N VAL A 80 -4.89 8.27 -2.50
CA VAL A 80 -5.40 7.39 -1.46
C VAL A 80 -6.88 7.72 -1.27
N ASP A 81 -7.78 6.76 -1.52
CA ASP A 81 -9.24 6.90 -1.42
C ASP A 81 -9.73 8.23 -2.02
N LYS A 82 -9.32 8.52 -3.27
CA LYS A 82 -9.65 9.73 -4.02
C LYS A 82 -9.13 11.03 -3.38
N THR A 83 -8.16 10.99 -2.47
CA THR A 83 -7.61 12.16 -1.80
C THR A 83 -6.10 12.26 -2.05
N VAL A 84 -5.56 13.46 -1.82
CA VAL A 84 -4.16 13.79 -1.94
C VAL A 84 -3.64 13.79 -0.50
N PRO A 85 -2.80 12.81 -0.11
CA PRO A 85 -2.29 12.76 1.25
C PRO A 85 -1.34 13.91 1.55
N GLN A 86 -1.49 14.53 2.71
CA GLN A 86 -0.64 15.64 3.13
C GLN A 86 0.72 15.07 3.51
N SER A 87 1.78 15.51 2.83
CA SER A 87 3.17 15.10 3.00
C SER A 87 3.70 15.21 4.44
N SER A 88 3.14 16.10 5.26
CA SER A 88 3.58 16.31 6.64
C SER A 88 2.79 15.44 7.64
N LEU A 89 1.67 14.83 7.21
CA LEU A 89 0.85 13.96 8.06
C LEU A 89 1.67 12.73 8.45
N THR A 90 1.40 12.17 9.62
CA THR A 90 2.12 11.01 10.14
C THR A 90 1.44 9.73 9.65
N MET A 91 2.20 8.63 9.52
CA MET A 91 1.66 7.36 9.07
C MET A 91 0.55 6.90 10.02
N GLY A 92 0.77 6.96 11.33
CA GLY A 92 -0.21 6.56 12.34
C GLY A 92 -1.48 7.40 12.26
N GLN A 93 -1.33 8.70 12.01
CA GLN A 93 -2.44 9.63 11.88
C GLN A 93 -3.27 9.25 10.65
N LEU A 94 -2.63 9.08 9.50
CA LEU A 94 -3.31 8.72 8.25
C LEU A 94 -3.99 7.34 8.39
N TYR A 95 -3.36 6.40 9.08
CA TYR A 95 -3.83 5.04 9.33
C TYR A 95 -5.13 5.09 10.15
N GLU A 96 -5.11 5.81 11.28
CA GLU A 96 -6.26 5.92 12.15
C GLU A 96 -7.39 6.74 11.54
N LYS A 97 -7.06 7.77 10.74
CA LYS A 97 -8.07 8.62 10.14
C LYS A 97 -8.64 7.99 8.87
N GLU A 98 -7.91 7.13 8.17
CA GLU A 98 -8.43 6.50 6.94
C GLU A 98 -8.84 5.04 7.15
N LYS A 99 -8.65 4.47 8.36
CA LYS A 99 -8.99 3.10 8.72
C LYS A 99 -10.21 2.49 8.03
N ASP A 100 -9.98 1.39 7.32
CA ASP A 100 -11.03 0.65 6.60
C ASP A 100 -11.60 -0.44 7.52
N GLU A 101 -12.63 -1.16 7.07
CA GLU A 101 -13.31 -2.25 7.80
C GLU A 101 -12.33 -3.29 8.32
N ASP A 102 -11.32 -3.60 7.50
CA ASP A 102 -10.28 -4.58 7.76
C ASP A 102 -9.07 -3.98 8.47
N GLY A 103 -9.10 -2.68 8.78
CA GLY A 103 -8.02 -1.95 9.43
C GLY A 103 -6.72 -1.97 8.63
N PHE A 104 -6.82 -2.10 7.31
CA PHE A 104 -5.72 -2.14 6.36
C PHE A 104 -5.75 -0.86 5.51
N LEU A 105 -4.65 -0.49 4.84
CA LEU A 105 -4.62 0.71 4.00
C LEU A 105 -4.17 0.34 2.58
N TYR A 106 -4.79 0.91 1.54
CA TYR A 106 -4.47 0.69 0.13
C TYR A 106 -4.14 2.04 -0.49
N VAL A 107 -3.06 2.17 -1.26
CA VAL A 107 -2.66 3.41 -1.91
C VAL A 107 -2.40 3.11 -3.39
N ALA A 108 -2.68 4.06 -4.28
CA ALA A 108 -2.45 3.91 -5.70
C ALA A 108 -1.41 4.94 -6.13
N TYR A 109 -0.55 4.60 -7.07
CA TYR A 109 0.48 5.51 -7.58
C TYR A 109 0.41 5.54 -9.09
N SER A 110 0.78 6.68 -9.68
CA SER A 110 0.77 6.89 -11.11
C SER A 110 1.95 7.78 -11.45
N GLY A 111 2.30 7.80 -12.74
CA GLY A 111 3.37 8.63 -13.26
C GLY A 111 2.76 9.85 -13.95
N GLU A 112 1.44 10.04 -13.85
CA GLU A 112 0.73 11.13 -14.48
C GLU A 112 -0.28 11.71 -13.49
N ASN A 113 -0.51 13.01 -13.70
CA ASN A 113 -1.44 13.86 -12.95
C ASN A 113 -2.85 13.67 -13.50
N THR A 114 -2.97 13.21 -14.75
CA THR A 114 -4.19 12.94 -15.46
C THR A 114 -4.53 11.48 -15.16
N PHE A 115 -5.75 11.23 -14.67
CA PHE A 115 -6.23 9.89 -14.33
C PHE A 115 -7.43 9.51 -15.21
N GLY A 116 -7.72 10.30 -16.24
CA GLY A 116 -8.80 10.09 -17.20
C GLY A 116 -8.16 10.00 -18.56
N GLY B 1 -14.44 -24.20 -0.82
CA GLY B 1 -13.53 -24.49 -1.94
C GLY B 1 -12.59 -23.33 -2.17
N ALA B 2 -11.47 -23.29 -1.45
CA ALA B 2 -10.47 -22.25 -1.56
C ALA B 2 -9.74 -22.38 -2.89
N MET B 3 -9.53 -21.28 -3.59
CA MET B 3 -8.85 -21.19 -4.88
C MET B 3 -7.33 -21.13 -4.64
N GLU B 4 -6.80 -22.08 -3.87
CA GLU B 4 -5.39 -22.21 -3.49
C GLU B 4 -4.57 -22.79 -4.65
N ILE B 5 -4.70 -22.20 -5.83
CA ILE B 5 -4.02 -22.60 -7.06
C ILE B 5 -2.52 -22.37 -7.02
N ILE B 6 -1.78 -23.10 -7.86
CA ILE B 6 -0.33 -22.99 -7.98
C ILE B 6 -0.02 -21.68 -8.74
N HIS B 7 -0.82 -21.36 -9.77
CA HIS B 7 -0.68 -20.16 -10.60
C HIS B 7 -1.30 -18.95 -9.90
N GLU B 8 -0.94 -18.73 -8.64
CA GLU B 8 -1.41 -17.63 -7.81
C GLU B 8 -1.01 -16.33 -8.51
N ASP B 9 -1.96 -15.44 -8.80
CA ASP B 9 -1.62 -14.18 -9.46
C ASP B 9 -0.92 -13.23 -8.52
N ASN B 10 -1.44 -13.10 -7.29
CA ASN B 10 -0.93 -12.22 -6.27
C ASN B 10 -0.25 -12.96 -5.11
N GLU B 11 1.07 -12.87 -5.01
CA GLU B 11 1.82 -13.54 -3.95
C GLU B 11 1.55 -12.90 -2.58
N TRP B 12 1.32 -11.58 -2.52
CA TRP B 12 1.07 -10.82 -1.30
C TRP B 12 2.12 -11.10 -0.21
N GLY B 13 3.42 -10.98 -0.49
CA GLY B 13 4.42 -11.25 0.54
C GLY B 13 4.57 -10.03 1.45
N ILE B 14 4.56 -10.21 2.78
CA ILE B 14 4.72 -9.11 3.75
C ILE B 14 6.16 -8.58 3.59
N GLU B 15 6.38 -7.26 3.68
CA GLU B 15 7.67 -6.57 3.54
C GLU B 15 7.81 -5.48 4.61
N LEU B 16 9.04 -5.17 5.04
CA LEU B 16 9.35 -4.13 6.02
C LEU B 16 10.13 -2.99 5.34
N VAL B 17 9.56 -1.79 5.21
CA VAL B 17 10.18 -0.61 4.59
C VAL B 17 10.19 0.60 5.54
N SER B 18 11.29 1.34 5.62
CA SER B 18 11.40 2.53 6.46
C SER B 18 12.59 3.40 6.04
N GLU B 19 12.58 4.67 6.44
CA GLU B 19 13.64 5.64 6.23
C GLU B 19 13.48 6.59 7.39
N MET A 1 -11.46 1.26 -8.70
CA MET A 1 -12.09 -0.07 -8.66
C MET A 1 -11.14 -1.09 -9.27
N GLY A 2 -11.41 -2.39 -9.09
CA GLY A 2 -10.57 -3.47 -9.62
C GLY A 2 -9.42 -3.80 -8.67
N TRP A 3 -9.72 -3.96 -7.37
CA TRP A 3 -8.74 -4.30 -6.35
C TRP A 3 -8.42 -5.79 -6.47
N MET A 4 -7.17 -6.15 -6.79
CA MET A 4 -6.75 -7.54 -6.92
C MET A 4 -7.04 -8.32 -5.64
N PHE A 5 -6.67 -7.74 -4.49
CA PHE A 5 -6.89 -8.37 -3.18
C PHE A 5 -8.35 -8.68 -2.91
N LYS A 6 -9.25 -7.72 -3.17
CA LYS A 6 -10.67 -7.85 -2.93
C LYS A 6 -11.29 -8.95 -3.80
N GLU A 7 -10.84 -9.05 -5.05
CA GLU A 7 -11.35 -10.04 -5.97
C GLU A 7 -10.94 -11.46 -5.55
N ASP A 8 -9.69 -11.63 -5.14
CA ASP A 8 -9.16 -12.93 -4.75
C ASP A 8 -9.46 -13.29 -3.31
N HIS A 9 -8.82 -12.64 -2.35
CA HIS A 9 -9.02 -12.92 -0.93
C HIS A 9 -8.59 -11.68 -0.14
N SER A 10 -9.47 -11.05 0.62
CA SER A 10 -9.09 -9.87 1.38
C SER A 10 -9.48 -9.99 2.85
N LEU A 11 -10.77 -10.03 3.19
CA LEU A 11 -11.28 -10.10 4.56
C LEU A 11 -10.55 -11.12 5.45
N GLU A 12 -10.39 -12.37 4.99
CA GLU A 12 -9.70 -13.39 5.79
C GLU A 12 -8.22 -13.08 5.98
N HIS A 13 -7.49 -12.96 4.86
CA HIS A 13 -6.07 -12.68 4.84
C HIS A 13 -5.76 -11.43 5.64
N ARG A 14 -6.47 -10.34 5.36
CA ARG A 14 -6.26 -9.08 6.03
C ARG A 14 -6.47 -9.26 7.53
N CYS A 15 -7.53 -9.93 8.00
CA CYS A 15 -7.69 -10.08 9.44
C CYS A 15 -6.53 -10.84 10.10
N VAL A 16 -6.07 -11.94 9.48
CA VAL A 16 -4.97 -12.75 10.02
C VAL A 16 -3.68 -11.92 10.04
N GLU A 17 -3.37 -11.26 8.93
CA GLU A 17 -2.17 -10.46 8.81
C GLU A 17 -2.25 -9.25 9.74
N SER A 18 -3.40 -8.58 9.89
CA SER A 18 -3.52 -7.44 10.79
C SER A 18 -3.10 -7.90 12.18
N ALA A 19 -3.62 -9.04 12.63
CA ALA A 19 -3.29 -9.58 13.93
C ALA A 19 -1.78 -9.86 14.07
N LYS A 20 -1.18 -10.58 13.12
CA LYS A 20 0.25 -10.90 13.17
C LYS A 20 1.11 -9.65 13.10
N ILE A 21 0.86 -8.79 12.11
CA ILE A 21 1.62 -7.56 11.89
C ILE A 21 1.51 -6.66 13.11
N ARG A 22 0.33 -6.52 13.74
CA ARG A 22 0.21 -5.65 14.91
C ARG A 22 0.87 -6.27 16.14
N ALA A 23 0.92 -7.60 16.24
CA ALA A 23 1.55 -8.25 17.38
C ALA A 23 3.07 -8.13 17.26
N LYS A 24 3.62 -8.42 16.07
CA LYS A 24 5.06 -8.36 15.83
C LYS A 24 5.52 -6.91 15.76
N TYR A 25 4.81 -6.07 15.02
CA TYR A 25 5.11 -4.67 14.79
C TYR A 25 3.93 -3.80 15.24
N PRO A 26 3.78 -3.53 16.55
CA PRO A 26 2.69 -2.71 17.04
C PRO A 26 2.84 -1.27 16.56
N ASP A 27 4.04 -0.83 16.16
CA ASP A 27 4.31 0.52 15.69
C ASP A 27 4.44 0.60 14.17
N ARG A 28 3.98 -0.41 13.43
CA ARG A 28 4.04 -0.37 11.96
C ARG A 28 2.60 -0.50 11.48
N VAL A 29 2.30 0.02 10.29
CA VAL A 29 0.98 -0.01 9.70
C VAL A 29 1.04 -0.77 8.36
N PRO A 30 0.08 -1.67 8.11
CA PRO A 30 -0.02 -2.49 6.91
C PRO A 30 -0.64 -1.73 5.72
N VAL A 31 0.18 -1.46 4.70
CA VAL A 31 -0.23 -0.76 3.50
C VAL A 31 -0.13 -1.70 2.29
N ILE A 32 -0.99 -1.47 1.31
CA ILE A 32 -1.08 -2.20 0.05
C ILE A 32 -0.91 -1.11 -1.00
N VAL A 33 0.10 -1.23 -1.85
CA VAL A 33 0.39 -0.29 -2.93
C VAL A 33 0.12 -1.01 -4.25
N GLU A 34 -0.64 -0.38 -5.14
CA GLU A 34 -0.99 -0.91 -6.46
C GLU A 34 -0.73 0.13 -7.55
N LYS A 35 -0.37 -0.32 -8.76
CA LYS A 35 -0.10 0.57 -9.89
C LYS A 35 -1.43 0.98 -10.51
N VAL A 36 -1.66 2.26 -10.79
CA VAL A 36 -2.92 2.70 -11.41
C VAL A 36 -2.93 2.12 -12.83
N SER A 37 -3.83 1.17 -13.09
CA SER A 37 -3.96 0.53 -14.39
C SER A 37 -4.24 1.62 -15.42
N GLY A 38 -3.40 1.70 -16.45
CA GLY A 38 -3.47 2.69 -17.51
C GLY A 38 -2.29 3.66 -17.41
N SER A 39 -1.61 3.75 -16.27
CA SER A 39 -0.45 4.62 -16.09
C SER A 39 0.73 4.03 -16.90
N GLN A 40 1.81 4.80 -17.06
CA GLN A 40 3.00 4.39 -17.81
C GLN A 40 4.17 3.99 -16.90
N ILE A 41 4.09 4.28 -15.60
CA ILE A 41 5.14 3.93 -14.65
C ILE A 41 5.20 2.41 -14.46
N VAL A 42 6.35 1.91 -13.98
CA VAL A 42 6.60 0.50 -13.72
C VAL A 42 5.54 -0.07 -12.76
N ASP A 43 5.24 -1.35 -12.92
CA ASP A 43 4.27 -2.09 -12.11
C ASP A 43 4.84 -2.48 -10.75
N ILE A 44 4.00 -2.94 -9.80
CA ILE A 44 4.43 -3.35 -8.47
C ILE A 44 3.93 -4.76 -8.15
N ASP A 45 4.84 -5.57 -7.59
CA ASP A 45 4.57 -6.93 -7.16
C ASP A 45 3.53 -6.90 -6.06
N LYS A 46 2.76 -7.98 -5.93
CA LYS A 46 1.73 -8.08 -4.92
C LYS A 46 2.41 -8.31 -3.58
N ARG A 47 2.69 -7.23 -2.85
CA ARG A 47 3.35 -7.20 -1.56
C ARG A 47 2.57 -6.29 -0.61
N LYS A 48 2.82 -6.43 0.69
CA LYS A 48 2.22 -5.66 1.77
C LYS A 48 3.36 -4.83 2.36
N TYR A 49 3.39 -3.53 2.15
CA TYR A 49 4.45 -2.67 2.66
C TYR A 49 4.08 -2.28 4.10
N LEU A 50 4.96 -2.59 5.06
CA LEU A 50 4.79 -2.27 6.46
C LEU A 50 5.61 -1.02 6.71
N VAL A 51 4.96 0.11 6.96
CA VAL A 51 5.66 1.35 7.22
C VAL A 51 5.45 1.74 8.69
N PRO A 52 6.45 2.30 9.40
CA PRO A 52 6.28 2.69 10.79
C PRO A 52 5.29 3.83 10.93
N SER A 53 4.38 3.76 11.91
CA SER A 53 3.38 4.80 12.16
C SER A 53 4.04 6.13 12.55
N ASP A 54 5.33 6.11 12.89
CA ASP A 54 6.09 7.28 13.29
C ASP A 54 6.56 8.16 12.13
N ILE A 55 6.83 7.59 10.94
CA ILE A 55 7.26 8.40 9.81
C ILE A 55 6.08 9.21 9.23
N THR A 56 6.36 10.14 8.33
CA THR A 56 5.36 10.97 7.68
C THR A 56 5.14 10.51 6.24
N VAL A 57 4.06 11.01 5.61
CA VAL A 57 3.69 10.71 4.24
C VAL A 57 4.89 10.99 3.33
N ALA A 58 5.65 12.06 3.56
CA ALA A 58 6.81 12.39 2.75
C ALA A 58 7.85 11.28 2.78
N GLN A 59 8.16 10.73 3.96
CA GLN A 59 9.14 9.67 4.10
C GLN A 59 8.66 8.46 3.30
N PHE A 60 7.38 8.06 3.46
CA PHE A 60 6.83 6.91 2.76
C PHE A 60 6.92 7.13 1.25
N MET A 61 6.44 8.28 0.79
CA MET A 61 6.43 8.70 -0.60
C MET A 61 7.84 8.65 -1.19
N TRP A 62 8.83 9.19 -0.49
CA TRP A 62 10.21 9.18 -0.96
C TRP A 62 10.72 7.74 -1.09
N ILE A 63 10.39 6.87 -0.13
CA ILE A 63 10.82 5.49 -0.21
C ILE A 63 10.13 4.83 -1.43
N ILE A 64 8.86 5.11 -1.71
CA ILE A 64 8.15 4.53 -2.87
C ILE A 64 8.89 4.91 -4.16
N ARG A 65 9.20 6.20 -4.38
CA ARG A 65 9.92 6.57 -5.61
C ARG A 65 11.28 5.86 -5.66
N LYS A 66 11.96 5.65 -4.53
CA LYS A 66 13.24 4.95 -4.51
C LYS A 66 13.02 3.46 -4.85
N ARG A 67 11.99 2.83 -4.29
CA ARG A 67 11.64 1.42 -4.46
C ARG A 67 11.33 1.06 -5.89
N ILE A 68 10.76 1.99 -6.67
CA ILE A 68 10.46 1.73 -8.07
C ILE A 68 11.52 2.34 -9.00
N GLN A 69 12.56 3.00 -8.45
CA GLN A 69 13.61 3.64 -9.23
C GLN A 69 12.96 4.62 -10.21
N LEU A 70 12.18 5.57 -9.69
CA LEU A 70 11.49 6.57 -10.50
C LEU A 70 12.56 7.47 -11.12
N PRO A 71 12.81 7.38 -12.43
CA PRO A 71 13.79 8.22 -13.08
C PRO A 71 13.26 9.65 -13.07
N SER A 72 14.12 10.65 -12.98
CA SER A 72 13.65 12.04 -12.96
C SER A 72 12.93 12.43 -14.25
N GLU A 73 13.06 11.66 -15.34
CA GLU A 73 12.37 11.93 -16.59
C GLU A 73 10.86 11.75 -16.42
N LYS A 74 10.42 10.87 -15.50
CA LYS A 74 9.02 10.61 -15.21
C LYS A 74 8.68 11.31 -13.89
N ALA A 75 7.38 11.42 -13.62
CA ALA A 75 6.83 12.03 -12.42
C ALA A 75 6.24 10.92 -11.56
N ILE A 76 5.76 11.25 -10.36
CA ILE A 76 5.14 10.32 -9.43
C ILE A 76 3.98 11.05 -8.74
N PHE A 77 2.88 10.34 -8.51
CA PHE A 77 1.66 10.79 -7.87
C PHE A 77 1.07 9.63 -7.06
N LEU A 78 0.62 9.90 -5.84
CA LEU A 78 0.02 8.93 -4.92
C LEU A 78 -1.44 9.30 -4.66
N PHE A 79 -2.23 8.31 -4.28
CA PHE A 79 -3.65 8.47 -3.97
C PHE A 79 -4.06 7.49 -2.87
N VAL A 80 -4.93 7.94 -1.98
CA VAL A 80 -5.47 7.16 -0.87
C VAL A 80 -6.93 7.58 -0.76
N ASP A 81 -7.87 6.65 -0.91
CA ASP A 81 -9.32 6.89 -0.84
C ASP A 81 -9.72 8.15 -1.62
N LYS A 82 -9.29 8.22 -2.89
CA LYS A 82 -9.55 9.35 -3.80
C LYS A 82 -8.98 10.70 -3.31
N THR A 83 -8.03 10.74 -2.38
CA THR A 83 -7.45 11.98 -1.87
C THR A 83 -5.93 11.98 -2.07
N VAL A 84 -5.33 13.17 -2.01
CA VAL A 84 -3.89 13.39 -2.11
C VAL A 84 -3.48 13.51 -0.64
N PRO A 85 -2.69 12.58 -0.08
CA PRO A 85 -2.31 12.67 1.31
C PRO A 85 -1.32 13.80 1.54
N GLN A 86 -1.51 14.54 2.64
CA GLN A 86 -0.64 15.65 2.99
C GLN A 86 0.72 15.06 3.35
N SER A 87 1.76 15.47 2.63
CA SER A 87 3.15 15.05 2.79
C SER A 87 3.69 15.26 4.22
N SER A 88 3.05 16.13 5.02
CA SER A 88 3.41 16.46 6.39
C SER A 88 2.59 15.66 7.42
N LEU A 89 1.65 14.80 7.02
CA LEU A 89 0.85 14.01 7.95
C LEU A 89 1.67 12.80 8.40
N THR A 90 1.44 12.29 9.62
CA THR A 90 2.16 11.14 10.15
C THR A 90 1.43 9.87 9.70
N MET A 91 2.16 8.76 9.56
CA MET A 91 1.61 7.49 9.13
C MET A 91 0.54 7.02 10.12
N GLY A 92 0.75 7.21 11.42
CA GLY A 92 -0.20 6.80 12.45
C GLY A 92 -1.52 7.56 12.30
N GLN A 93 -1.46 8.87 12.05
CA GLN A 93 -2.65 9.70 11.89
C GLN A 93 -3.39 9.25 10.63
N LEU A 94 -2.67 9.18 9.50
CA LEU A 94 -3.24 8.77 8.22
C LEU A 94 -3.86 7.38 8.30
N TYR A 95 -3.26 6.47 9.06
CA TYR A 95 -3.75 5.11 9.25
C TYR A 95 -5.08 5.22 9.99
N GLU A 96 -5.08 5.88 11.15
CA GLU A 96 -6.25 6.06 11.99
C GLU A 96 -7.42 6.73 11.24
N LYS A 97 -7.14 7.75 10.42
CA LYS A 97 -8.18 8.47 9.68
C LYS A 97 -8.60 7.80 8.37
N GLU A 98 -7.72 7.02 7.72
CA GLU A 98 -8.05 6.36 6.44
C GLU A 98 -8.19 4.84 6.59
N LYS A 99 -8.19 4.32 7.82
CA LYS A 99 -8.32 2.91 8.17
C LYS A 99 -9.54 2.28 7.50
N ASP A 100 -9.31 1.25 6.71
CA ASP A 100 -10.37 0.53 6.04
C ASP A 100 -10.98 -0.44 7.06
N GLU A 101 -12.11 -1.08 6.76
CA GLU A 101 -12.77 -2.05 7.65
C GLU A 101 -11.82 -3.19 8.04
N ASP A 102 -10.86 -3.49 7.15
CA ASP A 102 -9.88 -4.55 7.32
C ASP A 102 -8.66 -4.09 8.13
N GLY A 103 -8.70 -2.88 8.70
CA GLY A 103 -7.63 -2.30 9.51
C GLY A 103 -6.33 -2.12 8.73
N PHE A 104 -6.41 -1.90 7.42
CA PHE A 104 -5.28 -1.70 6.53
C PHE A 104 -5.46 -0.41 5.73
N LEU A 105 -4.47 -0.08 4.89
CA LEU A 105 -4.47 1.09 4.03
C LEU A 105 -4.27 0.69 2.57
N TYR A 106 -5.11 1.16 1.66
CA TYR A 106 -5.01 0.86 0.23
C TYR A 106 -4.54 2.14 -0.46
N VAL A 107 -3.41 2.10 -1.16
CA VAL A 107 -2.84 3.25 -1.86
C VAL A 107 -2.55 2.86 -3.31
N ALA A 108 -2.80 3.80 -4.23
CA ALA A 108 -2.54 3.63 -5.64
C ALA A 108 -1.49 4.66 -6.07
N TYR A 109 -0.68 4.37 -7.09
CA TYR A 109 0.33 5.31 -7.58
C TYR A 109 0.32 5.37 -9.10
N SER A 110 0.74 6.50 -9.65
CA SER A 110 0.80 6.76 -11.07
C SER A 110 2.03 7.62 -11.34
N GLY A 111 2.52 7.57 -12.57
CA GLY A 111 3.66 8.36 -13.01
C GLY A 111 3.20 9.36 -14.08
N GLU A 112 1.89 9.54 -14.20
CA GLU A 112 1.25 10.42 -15.14
C GLU A 112 0.33 11.34 -14.35
N ASN A 113 0.49 12.64 -14.58
CA ASN A 113 -0.28 13.71 -13.96
C ASN A 113 -1.75 13.57 -14.35
N THR A 114 -2.02 13.07 -15.56
CA THR A 114 -3.35 12.85 -16.10
C THR A 114 -3.47 11.37 -16.47
N PHE A 115 -4.47 10.70 -15.90
CA PHE A 115 -4.80 9.28 -16.11
C PHE A 115 -6.12 9.19 -16.88
N GLY A 116 -6.45 10.25 -17.64
CA GLY A 116 -7.65 10.38 -18.44
C GLY A 116 -7.79 9.26 -19.44
N GLY B 1 -12.57 -18.33 3.24
CA GLY B 1 -12.63 -19.11 2.00
C GLY B 1 -11.70 -20.29 2.07
N ALA B 2 -11.44 -20.90 0.91
CA ALA B 2 -10.56 -22.05 0.76
C ALA B 2 -9.85 -22.02 -0.60
N MET B 3 -9.72 -20.84 -1.23
CA MET B 3 -9.08 -20.66 -2.53
C MET B 3 -7.55 -20.56 -2.39
N GLU B 4 -6.96 -21.50 -1.66
CA GLU B 4 -5.53 -21.62 -1.41
C GLU B 4 -4.95 -22.41 -2.59
N ILE B 5 -5.29 -21.95 -3.80
CA ILE B 5 -4.91 -22.52 -5.07
C ILE B 5 -3.43 -22.30 -5.39
N ILE B 6 -2.87 -23.22 -6.17
CA ILE B 6 -1.47 -23.23 -6.60
C ILE B 6 -1.06 -22.01 -7.43
N HIS B 7 -1.89 -21.54 -8.36
CA HIS B 7 -1.54 -20.39 -9.17
C HIS B 7 -1.99 -19.11 -8.45
N GLU B 8 -1.57 -18.92 -7.18
CA GLU B 8 -1.93 -17.71 -6.45
C GLU B 8 -1.21 -16.58 -7.20
N ASP B 9 -1.97 -15.75 -7.90
CA ASP B 9 -1.43 -14.64 -8.71
C ASP B 9 -0.87 -13.54 -7.84
N ASN B 10 -1.58 -13.27 -6.76
CA ASN B 10 -1.28 -12.25 -5.78
C ASN B 10 -0.84 -12.93 -4.49
N GLU B 11 0.46 -12.84 -4.19
CA GLU B 11 1.11 -13.44 -3.02
C GLU B 11 0.94 -12.59 -1.75
N TRP B 12 0.99 -11.26 -1.87
CA TRP B 12 0.90 -10.30 -0.78
C TRP B 12 1.95 -10.60 0.30
N GLY B 13 3.23 -10.56 -0.04
CA GLY B 13 4.31 -10.82 0.92
C GLY B 13 4.50 -9.62 1.84
N ILE B 14 4.61 -9.82 3.15
CA ILE B 14 4.80 -8.79 4.16
C ILE B 14 6.25 -8.30 4.04
N GLU B 15 6.47 -7.02 3.75
CA GLU B 15 7.78 -6.39 3.60
C GLU B 15 7.91 -5.20 4.55
N LEU B 16 9.12 -4.95 5.07
CA LEU B 16 9.43 -3.84 5.99
C LEU B 16 10.08 -2.73 5.20
N VAL B 17 9.41 -1.57 5.10
CA VAL B 17 9.88 -0.40 4.37
C VAL B 17 9.96 0.81 5.33
N SER B 18 11.13 1.43 5.51
CA SER B 18 11.28 2.60 6.38
C SER B 18 12.55 3.39 6.08
N GLU B 19 12.56 4.67 6.50
CA GLU B 19 13.64 5.63 6.36
C GLU B 19 13.22 6.92 7.06
N MET A 1 -11.75 -0.08 -6.09
CA MET A 1 -11.65 -0.40 -7.53
C MET A 1 -11.34 -1.88 -7.68
N GLY A 2 -10.99 -2.34 -8.88
CA GLY A 2 -10.64 -3.71 -9.18
C GLY A 2 -9.34 -3.99 -8.45
N TRP A 3 -9.44 -4.57 -7.25
CA TRP A 3 -8.33 -4.90 -6.41
C TRP A 3 -8.08 -6.38 -6.51
N MET A 4 -6.81 -6.75 -6.75
CA MET A 4 -6.49 -8.17 -6.86
C MET A 4 -6.74 -8.83 -5.50
N PHE A 5 -6.33 -8.18 -4.39
CA PHE A 5 -6.55 -8.78 -3.08
C PHE A 5 -8.04 -9.03 -2.83
N LYS A 6 -8.91 -8.00 -3.02
CA LYS A 6 -10.33 -8.18 -2.77
C LYS A 6 -10.95 -9.17 -3.74
N GLU A 7 -10.46 -9.26 -4.97
CA GLU A 7 -11.02 -10.21 -5.91
C GLU A 7 -10.86 -11.60 -5.30
N ASP A 8 -9.67 -11.88 -4.76
CA ASP A 8 -9.39 -13.16 -4.14
C ASP A 8 -10.17 -13.30 -2.82
N HIS A 9 -9.74 -12.59 -1.77
CA HIS A 9 -10.28 -12.56 -0.42
C HIS A 9 -9.80 -11.28 0.28
N SER A 10 -10.63 -10.66 1.10
CA SER A 10 -10.25 -9.44 1.80
C SER A 10 -10.33 -9.61 3.30
N LEU A 11 -11.53 -9.79 3.85
CA LEU A 11 -11.82 -9.96 5.27
C LEU A 11 -10.88 -10.92 5.99
N GLU A 12 -10.82 -12.18 5.57
CA GLU A 12 -9.96 -13.16 6.23
C GLU A 12 -8.48 -12.81 6.07
N HIS A 13 -8.06 -12.51 4.85
CA HIS A 13 -6.68 -12.18 4.55
C HIS A 13 -6.22 -11.00 5.41
N ARG A 14 -7.02 -9.93 5.47
CA ARG A 14 -6.76 -8.73 6.24
C ARG A 14 -6.69 -9.10 7.70
N CYS A 15 -7.64 -9.88 8.25
CA CYS A 15 -7.60 -10.25 9.66
C CYS A 15 -6.35 -11.05 9.99
N VAL A 16 -6.06 -12.12 9.26
CA VAL A 16 -4.90 -12.96 9.51
C VAL A 16 -3.61 -12.13 9.43
N GLU A 17 -3.47 -11.32 8.38
CA GLU A 17 -2.30 -10.49 8.15
C GLU A 17 -2.15 -9.47 9.28
N SER A 18 -3.20 -8.71 9.59
CA SER A 18 -3.17 -7.69 10.63
C SER A 18 -2.82 -8.32 11.97
N ALA A 19 -3.45 -9.43 12.37
CA ALA A 19 -3.16 -10.08 13.63
C ALA A 19 -1.68 -10.44 13.76
N LYS A 20 -1.08 -10.99 12.70
CA LYS A 20 0.33 -11.37 12.70
C LYS A 20 1.21 -10.13 12.77
N ILE A 21 0.86 -9.06 12.06
CA ILE A 21 1.63 -7.82 12.05
C ILE A 21 1.49 -7.12 13.39
N ARG A 22 0.31 -7.07 14.01
CA ARG A 22 0.08 -6.40 15.28
C ARG A 22 0.92 -7.10 16.34
N ALA A 23 1.03 -8.43 16.28
CA ALA A 23 1.85 -9.13 17.25
C ALA A 23 3.34 -8.81 17.06
N LYS A 24 3.85 -8.84 15.83
CA LYS A 24 5.27 -8.58 15.52
C LYS A 24 5.75 -7.13 15.48
N TYR A 25 5.01 -6.26 14.79
CA TYR A 25 5.28 -4.84 14.57
C TYR A 25 4.01 -4.04 14.91
N PRO A 26 3.68 -3.82 16.18
CA PRO A 26 2.49 -3.08 16.58
C PRO A 26 2.59 -1.59 16.23
N ASP A 27 3.82 -1.09 16.09
CA ASP A 27 4.18 0.29 15.78
C ASP A 27 4.31 0.53 14.27
N ARG A 28 3.85 -0.41 13.45
CA ARG A 28 3.86 -0.30 11.99
C ARG A 28 2.42 -0.45 11.53
N VAL A 29 2.10 0.13 10.39
CA VAL A 29 0.76 0.11 9.82
C VAL A 29 0.82 -0.66 8.47
N PRO A 30 -0.20 -1.52 8.21
CA PRO A 30 -0.32 -2.35 7.01
C PRO A 30 -0.84 -1.53 5.82
N VAL A 31 -0.05 -1.51 4.74
CA VAL A 31 -0.37 -0.77 3.52
C VAL A 31 -0.20 -1.64 2.27
N ILE A 32 -1.07 -1.47 1.27
CA ILE A 32 -1.04 -2.17 -0.02
C ILE A 32 -0.82 -1.05 -1.04
N VAL A 33 0.27 -1.12 -1.80
CA VAL A 33 0.68 -0.14 -2.81
C VAL A 33 0.45 -0.75 -4.20
N GLU A 34 -0.51 -0.26 -4.98
CA GLU A 34 -0.76 -0.79 -6.34
C GLU A 34 -0.66 0.32 -7.39
N LYS A 35 -0.32 -0.02 -8.64
CA LYS A 35 -0.23 0.98 -9.70
C LYS A 35 -1.55 1.06 -10.47
N VAL A 36 -1.89 2.26 -10.93
CA VAL A 36 -3.10 2.56 -11.70
C VAL A 36 -2.96 1.86 -13.06
N SER A 37 -4.04 1.24 -13.53
CA SER A 37 -4.08 0.54 -14.81
C SER A 37 -3.53 1.41 -15.94
N GLY A 38 -2.82 0.77 -16.87
CA GLY A 38 -2.21 1.35 -18.06
C GLY A 38 -1.19 2.46 -17.82
N SER A 39 -0.88 2.82 -16.57
CA SER A 39 0.07 3.86 -16.24
C SER A 39 1.45 3.58 -16.81
N GLN A 40 2.14 4.67 -17.16
CA GLN A 40 3.49 4.65 -17.73
C GLN A 40 4.57 4.44 -16.65
N ILE A 41 4.22 4.32 -15.37
CA ILE A 41 5.19 4.10 -14.31
C ILE A 41 5.52 2.60 -14.24
N VAL A 42 6.69 2.27 -13.68
CA VAL A 42 7.11 0.89 -13.55
C VAL A 42 6.17 0.17 -12.58
N ASP A 43 6.04 -1.14 -12.78
CA ASP A 43 5.17 -2.00 -11.99
C ASP A 43 5.75 -2.40 -10.62
N ILE A 44 4.87 -2.92 -9.77
CA ILE A 44 5.13 -3.41 -8.42
C ILE A 44 4.57 -4.83 -8.32
N ASP A 45 5.28 -5.75 -7.66
CA ASP A 45 4.80 -7.11 -7.49
C ASP A 45 3.78 -7.07 -6.34
N LYS A 46 2.91 -8.08 -6.21
CA LYS A 46 1.91 -8.10 -5.15
C LYS A 46 2.62 -8.38 -3.84
N ARG A 47 2.78 -7.33 -3.03
CA ARG A 47 3.47 -7.35 -1.74
C ARG A 47 2.67 -6.57 -0.71
N LYS A 48 2.93 -6.84 0.57
CA LYS A 48 2.30 -6.22 1.73
C LYS A 48 3.34 -5.29 2.34
N TYR A 49 3.12 -3.98 2.38
CA TYR A 49 4.09 -3.04 2.93
C TYR A 49 3.74 -2.66 4.37
N LEU A 50 4.75 -2.57 5.23
CA LEU A 50 4.64 -2.21 6.64
C LEU A 50 5.48 -0.96 6.90
N VAL A 51 4.83 0.18 7.19
CA VAL A 51 5.50 1.46 7.44
C VAL A 51 5.35 1.88 8.91
N PRO A 52 6.37 2.48 9.57
CA PRO A 52 6.28 2.90 10.96
C PRO A 52 5.38 4.14 11.10
N SER A 53 4.53 4.16 12.12
CA SER A 53 3.61 5.23 12.43
C SER A 53 4.28 6.58 12.75
N ASP A 54 5.60 6.64 12.97
CA ASP A 54 6.27 7.90 13.31
C ASP A 54 6.60 8.77 12.12
N ILE A 55 6.93 8.14 10.99
CA ILE A 55 7.29 8.90 9.79
C ILE A 55 6.08 9.54 9.13
N THR A 56 6.31 10.44 8.18
CA THR A 56 5.26 11.14 7.48
C THR A 56 5.10 10.66 6.04
N VAL A 57 3.96 10.98 5.43
CA VAL A 57 3.63 10.64 4.05
C VAL A 57 4.79 11.05 3.12
N ALA A 58 5.48 12.15 3.42
CA ALA A 58 6.61 12.65 2.65
C ALA A 58 7.75 11.61 2.58
N GLN A 59 8.10 11.02 3.72
CA GLN A 59 9.17 10.01 3.81
C GLN A 59 8.75 8.73 3.12
N PHE A 60 7.50 8.31 3.33
CA PHE A 60 6.94 7.10 2.73
C PHE A 60 7.02 7.24 1.20
N MET A 61 6.58 8.40 0.69
CA MET A 61 6.58 8.73 -0.71
C MET A 61 8.01 8.66 -1.26
N TRP A 62 9.01 9.18 -0.54
CA TRP A 62 10.41 9.14 -0.97
C TRP A 62 10.85 7.68 -1.17
N ILE A 63 10.56 6.80 -0.22
CA ILE A 63 10.96 5.40 -0.34
C ILE A 63 10.31 4.77 -1.57
N ILE A 64 9.02 5.02 -1.84
CA ILE A 64 8.38 4.44 -3.02
C ILE A 64 9.13 4.86 -4.28
N ARG A 65 9.41 6.16 -4.47
CA ARG A 65 10.10 6.61 -5.67
C ARG A 65 11.53 6.07 -5.76
N LYS A 66 12.20 5.87 -4.63
CA LYS A 66 13.57 5.33 -4.59
C LYS A 66 13.55 3.86 -4.98
N ARG A 67 12.66 3.06 -4.39
CA ARG A 67 12.51 1.63 -4.60
C ARG A 67 12.22 1.30 -6.04
N ILE A 68 11.25 1.99 -6.64
CA ILE A 68 10.89 1.72 -8.03
C ILE A 68 11.89 2.39 -8.99
N GLN A 69 12.84 3.19 -8.48
CA GLN A 69 13.84 3.91 -9.26
C GLN A 69 13.12 4.79 -10.28
N LEU A 70 12.32 5.73 -9.77
CA LEU A 70 11.55 6.66 -10.57
C LEU A 70 12.53 7.62 -11.29
N PRO A 71 12.72 7.52 -12.61
CA PRO A 71 13.62 8.39 -13.36
C PRO A 71 13.04 9.80 -13.49
N SER A 72 13.86 10.78 -13.85
CA SER A 72 13.37 12.15 -14.02
C SER A 72 12.40 12.28 -15.19
N GLU A 73 12.36 11.32 -16.11
CA GLU A 73 11.43 11.38 -17.24
C GLU A 73 9.99 11.32 -16.71
N LYS A 74 9.70 10.45 -15.74
CA LYS A 74 8.37 10.32 -15.16
C LYS A 74 8.29 11.01 -13.81
N ALA A 75 7.05 11.22 -13.38
CA ALA A 75 6.70 11.82 -12.11
C ALA A 75 6.12 10.68 -11.25
N ILE A 76 5.67 11.00 -10.04
CA ILE A 76 5.06 10.05 -9.14
C ILE A 76 3.95 10.76 -8.40
N PHE A 77 2.82 10.08 -8.21
CA PHE A 77 1.64 10.60 -7.52
C PHE A 77 0.99 9.45 -6.77
N LEU A 78 0.61 9.69 -5.51
CA LEU A 78 -0.06 8.73 -4.63
C LEU A 78 -1.46 9.26 -4.33
N PHE A 79 -2.49 8.41 -4.40
CA PHE A 79 -3.88 8.77 -4.13
C PHE A 79 -4.50 7.77 -3.18
N VAL A 80 -5.03 8.24 -2.06
CA VAL A 80 -5.65 7.42 -1.02
C VAL A 80 -7.08 7.91 -0.81
N ASP A 81 -8.04 6.99 -0.82
CA ASP A 81 -9.47 7.24 -0.66
C ASP A 81 -9.97 8.35 -1.59
N LYS A 82 -9.36 8.43 -2.79
CA LYS A 82 -9.67 9.42 -3.82
C LYS A 82 -9.29 10.83 -3.37
N THR A 83 -8.37 10.96 -2.41
CA THR A 83 -7.90 12.20 -1.84
C THR A 83 -6.38 12.31 -1.99
N VAL A 84 -5.89 13.54 -1.85
CA VAL A 84 -4.50 13.94 -1.93
C VAL A 84 -3.99 13.96 -0.47
N PRO A 85 -3.22 12.96 0.00
CA PRO A 85 -2.74 12.94 1.37
C PRO A 85 -1.70 14.03 1.62
N GLN A 86 -1.77 14.68 2.79
CA GLN A 86 -0.87 15.74 3.18
C GLN A 86 0.48 15.12 3.56
N SER A 87 1.51 15.52 2.84
CA SER A 87 2.89 15.08 2.99
C SER A 87 3.40 15.05 4.45
N SER A 88 3.03 16.01 5.30
CA SER A 88 3.48 16.07 6.68
C SER A 88 2.64 15.26 7.68
N LEU A 89 1.52 14.67 7.25
CA LEU A 89 0.70 13.88 8.17
C LEU A 89 1.53 12.64 8.52
N THR A 90 1.48 12.18 9.77
CA THR A 90 2.25 11.01 10.16
C THR A 90 1.51 9.75 9.73
N MET A 91 2.24 8.66 9.54
CA MET A 91 1.70 7.38 9.14
C MET A 91 0.69 6.92 10.19
N GLY A 92 1.01 7.12 11.47
CA GLY A 92 0.13 6.74 12.54
C GLY A 92 -1.18 7.51 12.47
N GLN A 93 -1.14 8.82 12.23
CA GLN A 93 -2.37 9.61 12.16
C GLN A 93 -3.16 9.29 10.91
N LEU A 94 -2.49 9.26 9.75
CA LEU A 94 -3.12 8.97 8.47
C LEU A 94 -3.83 7.62 8.56
N TYR A 95 -3.20 6.60 9.12
CA TYR A 95 -3.80 5.29 9.27
C TYR A 95 -5.03 5.40 10.18
N GLU A 96 -4.85 5.97 11.38
CA GLU A 96 -5.91 6.11 12.37
C GLU A 96 -7.15 6.80 11.83
N LYS A 97 -6.96 7.85 11.02
CA LYS A 97 -8.04 8.61 10.44
C LYS A 97 -8.53 8.06 9.10
N GLU A 98 -7.71 7.32 8.34
CA GLU A 98 -8.10 6.74 7.05
C GLU A 98 -8.38 5.23 7.18
N LYS A 99 -8.43 4.72 8.43
CA LYS A 99 -8.73 3.34 8.80
C LYS A 99 -10.03 2.85 8.16
N ASP A 100 -9.95 1.78 7.37
CA ASP A 100 -11.12 1.16 6.72
C ASP A 100 -11.72 0.11 7.65
N GLU A 101 -12.84 -0.53 7.30
CA GLU A 101 -13.53 -1.56 8.10
C GLU A 101 -12.56 -2.70 8.50
N ASP A 102 -11.66 -3.05 7.58
CA ASP A 102 -10.65 -4.11 7.73
C ASP A 102 -9.43 -3.63 8.50
N GLY A 103 -9.39 -2.36 8.88
CA GLY A 103 -8.29 -1.74 9.61
C GLY A 103 -6.98 -1.76 8.83
N PHE A 104 -7.03 -1.74 7.50
CA PHE A 104 -5.87 -1.76 6.62
C PHE A 104 -5.90 -0.50 5.73
N LEU A 105 -4.80 -0.17 5.04
CA LEU A 105 -4.73 0.99 4.17
C LEU A 105 -4.35 0.51 2.76
N TYR A 106 -5.09 0.96 1.76
CA TYR A 106 -4.94 0.63 0.36
C TYR A 106 -4.72 1.92 -0.41
N VAL A 107 -3.56 2.10 -1.05
CA VAL A 107 -3.22 3.32 -1.79
C VAL A 107 -2.83 2.96 -3.23
N ALA A 108 -3.08 3.87 -4.17
CA ALA A 108 -2.75 3.67 -5.58
C ALA A 108 -1.71 4.71 -5.99
N TYR A 109 -0.88 4.39 -7.00
CA TYR A 109 0.13 5.30 -7.49
C TYR A 109 0.14 5.31 -9.02
N SER A 110 0.60 6.42 -9.58
CA SER A 110 0.70 6.63 -11.01
C SER A 110 1.88 7.57 -11.26
N GLY A 111 2.45 7.51 -12.46
CA GLY A 111 3.57 8.36 -12.86
C GLY A 111 3.18 9.30 -13.98
N GLU A 112 1.88 9.56 -14.13
CA GLU A 112 1.27 10.38 -15.15
C GLU A 112 0.59 11.55 -14.46
N ASN A 113 0.95 12.75 -14.89
CA ASN A 113 0.40 14.01 -14.41
C ASN A 113 -1.04 14.20 -14.92
N THR A 114 -1.40 13.56 -16.04
CA THR A 114 -2.70 13.58 -16.67
C THR A 114 -3.01 12.12 -17.07
N PHE A 115 -4.22 11.65 -16.78
CA PHE A 115 -4.65 10.29 -17.06
C PHE A 115 -5.46 10.25 -18.37
N GLY A 116 -4.80 10.44 -19.51
CA GLY A 116 -5.45 10.41 -20.81
C GLY A 116 -4.42 10.14 -21.89
N GLY B 1 -11.74 -21.12 6.58
CA GLY B 1 -11.74 -22.52 7.03
C GLY B 1 -11.00 -23.37 6.01
N ALA B 2 -10.07 -24.22 6.50
CA ALA B 2 -9.24 -25.11 5.68
C ALA B 2 -8.48 -24.36 4.59
N MET B 3 -8.11 -23.09 4.84
CA MET B 3 -7.36 -22.26 3.91
C MET B 3 -5.88 -22.55 4.13
N GLU B 4 -5.45 -23.75 3.73
CA GLU B 4 -4.08 -24.23 3.84
C GLU B 4 -3.48 -24.35 2.44
N ILE B 5 -3.96 -23.54 1.48
CA ILE B 5 -3.50 -23.51 0.10
C ILE B 5 -2.02 -23.14 0.12
N ILE B 6 -1.27 -23.56 -0.90
CA ILE B 6 0.16 -23.31 -1.04
C ILE B 6 0.47 -22.52 -2.31
N HIS B 7 -0.29 -22.75 -3.37
CA HIS B 7 -0.12 -22.10 -4.66
C HIS B 7 -1.30 -21.18 -4.92
N GLU B 8 -1.49 -20.19 -4.05
CA GLU B 8 -2.56 -19.21 -4.19
C GLU B 8 -2.27 -18.37 -5.43
N ASP B 9 -3.30 -17.71 -5.98
CA ASP B 9 -3.12 -16.92 -7.19
C ASP B 9 -2.17 -15.72 -7.06
N ASN B 10 -2.22 -14.96 -5.96
CA ASN B 10 -1.35 -13.80 -5.77
C ASN B 10 -0.31 -14.11 -4.71
N GLU B 11 0.91 -13.59 -4.89
CA GLU B 11 2.02 -13.80 -3.96
C GLU B 11 1.80 -13.11 -2.60
N TRP B 12 1.70 -11.78 -2.57
CA TRP B 12 1.51 -10.98 -1.37
C TRP B 12 2.62 -11.27 -0.34
N GLY B 13 3.89 -10.95 -0.67
CA GLY B 13 5.02 -11.16 0.23
C GLY B 13 5.10 -9.94 1.16
N ILE B 14 5.36 -10.12 2.45
CA ILE B 14 5.44 -9.01 3.41
C ILE B 14 6.79 -8.30 3.31
N GLU B 15 6.80 -6.96 3.45
CA GLU B 15 8.00 -6.13 3.44
C GLU B 15 7.89 -5.04 4.50
N LEU B 16 9.05 -4.53 4.93
CA LEU B 16 9.24 -3.47 5.91
C LEU B 16 9.80 -2.28 5.14
N VAL B 17 9.12 -1.13 5.13
CA VAL B 17 9.59 0.07 4.42
C VAL B 17 9.74 1.21 5.41
N SER B 18 10.96 1.70 5.52
CA SER B 18 11.32 2.82 6.36
C SER B 18 12.66 3.41 5.92
N GLU B 19 12.83 4.69 6.20
CA GLU B 19 13.97 5.56 5.94
C GLU B 19 14.23 5.80 4.46
N MET A 1 -9.37 -4.24 -13.05
CA MET A 1 -10.78 -3.87 -12.82
C MET A 1 -10.90 -3.34 -11.41
N GLY A 2 -11.12 -4.21 -10.42
CA GLY A 2 -11.23 -3.81 -9.03
C GLY A 2 -9.94 -4.19 -8.32
N TRP A 3 -9.94 -4.25 -6.98
CA TRP A 3 -8.75 -4.64 -6.24
C TRP A 3 -8.61 -6.15 -6.42
N MET A 4 -7.44 -6.62 -6.89
CA MET A 4 -7.20 -8.05 -7.08
C MET A 4 -7.31 -8.76 -5.73
N PHE A 5 -6.84 -8.16 -4.63
CA PHE A 5 -6.96 -8.81 -3.32
C PHE A 5 -8.43 -9.03 -2.97
N LYS A 6 -9.32 -8.07 -3.29
CA LYS A 6 -10.74 -8.22 -3.02
C LYS A 6 -11.33 -9.31 -3.90
N GLU A 7 -10.83 -9.42 -5.13
CA GLU A 7 -11.26 -10.42 -6.08
C GLU A 7 -10.92 -11.80 -5.52
N ASP A 8 -9.70 -11.95 -4.99
CA ASP A 8 -9.20 -13.20 -4.45
C ASP A 8 -9.75 -13.52 -3.05
N HIS A 9 -9.25 -12.84 -2.01
CA HIS A 9 -9.60 -13.02 -0.61
C HIS A 9 -9.23 -11.75 0.14
N SER A 10 -10.22 -11.11 0.74
CA SER A 10 -10.03 -9.88 1.47
C SER A 10 -9.99 -10.06 2.98
N LEU A 11 -11.14 -10.43 3.55
CA LEU A 11 -11.36 -10.62 4.97
C LEU A 11 -10.38 -11.52 5.71
N GLU A 12 -10.18 -12.76 5.28
CA GLU A 12 -9.28 -13.66 6.01
C GLU A 12 -7.84 -13.15 5.99
N HIS A 13 -7.33 -12.91 4.79
CA HIS A 13 -5.99 -12.43 4.52
C HIS A 13 -5.68 -11.15 5.33
N ARG A 14 -6.63 -10.20 5.39
CA ARG A 14 -6.45 -8.96 6.16
C ARG A 14 -6.47 -9.27 7.65
N CYS A 15 -7.43 -10.06 8.11
CA CYS A 15 -7.56 -10.42 9.53
C CYS A 15 -6.27 -11.04 10.05
N VAL A 16 -5.82 -12.15 9.44
CA VAL A 16 -4.61 -12.85 9.85
C VAL A 16 -3.39 -11.93 9.78
N GLU A 17 -3.21 -11.18 8.69
CA GLU A 17 -2.04 -10.30 8.61
C GLU A 17 -2.11 -9.22 9.67
N SER A 18 -3.27 -8.62 9.95
CA SER A 18 -3.39 -7.58 10.97
C SER A 18 -2.90 -8.16 12.30
N ALA A 19 -3.35 -9.36 12.67
CA ALA A 19 -2.96 -10.00 13.91
C ALA A 19 -1.44 -10.26 13.94
N LYS A 20 -0.90 -10.88 12.89
CA LYS A 20 0.53 -11.21 12.76
C LYS A 20 1.38 -9.95 12.85
N ILE A 21 1.01 -8.93 12.08
CA ILE A 21 1.71 -7.67 12.01
C ILE A 21 1.63 -6.92 13.32
N ARG A 22 0.48 -6.85 13.99
CA ARG A 22 0.41 -6.11 15.24
C ARG A 22 1.17 -6.84 16.34
N ALA A 23 1.24 -8.18 16.26
CA ALA A 23 1.97 -8.94 17.25
C ALA A 23 3.47 -8.71 17.03
N LYS A 24 3.98 -8.78 15.80
CA LYS A 24 5.41 -8.57 15.58
C LYS A 24 5.84 -7.10 15.59
N TYR A 25 5.11 -6.27 14.86
CA TYR A 25 5.32 -4.85 14.66
C TYR A 25 4.08 -4.03 15.02
N PRO A 26 3.77 -3.87 16.32
CA PRO A 26 2.62 -3.09 16.74
C PRO A 26 2.66 -1.65 16.26
N ASP A 27 3.86 -1.07 16.10
CA ASP A 27 3.97 0.32 15.67
C ASP A 27 3.99 0.42 14.15
N ARG A 28 3.67 -0.63 13.38
CA ARG A 28 3.67 -0.55 11.92
C ARG A 28 2.25 -0.69 11.41
N VAL A 29 1.92 0.04 10.36
CA VAL A 29 0.60 0.06 9.74
C VAL A 29 0.68 -0.69 8.40
N PRO A 30 -0.28 -1.60 8.11
CA PRO A 30 -0.32 -2.41 6.90
C PRO A 30 -0.81 -1.61 5.68
N VAL A 31 0.01 -1.51 4.65
CA VAL A 31 -0.31 -0.77 3.43
C VAL A 31 -0.10 -1.64 2.19
N ILE A 32 -0.90 -1.37 1.15
CA ILE A 32 -0.89 -2.01 -0.17
C ILE A 32 -0.67 -0.82 -1.10
N VAL A 33 0.23 -0.96 -2.07
CA VAL A 33 0.64 0.06 -3.02
C VAL A 33 0.49 -0.49 -4.45
N GLU A 34 -0.34 0.11 -5.31
CA GLU A 34 -0.49 -0.36 -6.69
C GLU A 34 -0.53 0.77 -7.73
N LYS A 35 -0.20 0.48 -8.99
CA LYS A 35 -0.22 1.48 -10.06
C LYS A 35 -1.59 1.56 -10.70
N VAL A 36 -1.94 2.75 -11.21
CA VAL A 36 -3.21 3.00 -11.88
C VAL A 36 -3.23 2.15 -13.16
N SER A 37 -4.34 1.49 -13.42
CA SER A 37 -4.52 0.64 -14.60
C SER A 37 -4.42 1.53 -15.85
N GLY A 38 -3.40 1.29 -16.66
CA GLY A 38 -3.11 2.02 -17.88
C GLY A 38 -1.85 2.88 -17.76
N SER A 39 -1.24 3.01 -16.57
CA SER A 39 -0.04 3.80 -16.36
C SER A 39 1.17 2.90 -16.70
N GLN A 40 1.88 3.25 -17.78
CA GLN A 40 3.05 2.54 -18.30
C GLN A 40 4.23 2.45 -17.31
N ILE A 41 4.27 3.32 -16.31
CA ILE A 41 5.33 3.41 -15.32
C ILE A 41 5.64 2.10 -14.58
N VAL A 42 6.85 2.01 -14.02
CA VAL A 42 7.36 0.89 -13.26
C VAL A 42 6.33 0.47 -12.21
N ASP A 43 5.80 -0.74 -12.40
CA ASP A 43 4.82 -1.37 -11.55
C ASP A 43 5.55 -2.01 -10.36
N ILE A 44 4.78 -2.43 -9.35
CA ILE A 44 5.30 -3.07 -8.15
C ILE A 44 4.54 -4.39 -7.99
N ASP A 45 5.24 -5.45 -7.60
CA ASP A 45 4.63 -6.75 -7.38
C ASP A 45 3.64 -6.67 -6.20
N LYS A 46 2.79 -7.68 -6.05
CA LYS A 46 1.79 -7.74 -5.00
C LYS A 46 2.55 -8.03 -3.74
N ARG A 47 2.70 -7.03 -2.87
CA ARG A 47 3.43 -7.14 -1.60
C ARG A 47 2.71 -6.38 -0.50
N LYS A 48 2.90 -6.83 0.74
CA LYS A 48 2.35 -6.24 1.95
C LYS A 48 3.41 -5.29 2.48
N TYR A 49 3.32 -4.00 2.14
CA TYR A 49 4.28 -2.99 2.56
C TYR A 49 3.87 -2.49 3.95
N LEU A 50 4.72 -2.70 4.96
CA LEU A 50 4.48 -2.31 6.35
C LEU A 50 5.31 -1.08 6.72
N VAL A 51 4.69 0.07 7.04
CA VAL A 51 5.43 1.31 7.41
C VAL A 51 5.22 1.67 8.89
N PRO A 52 6.23 2.19 9.61
CA PRO A 52 6.08 2.58 11.02
C PRO A 52 5.21 3.84 11.13
N SER A 53 4.38 3.88 12.17
CA SER A 53 3.45 4.96 12.50
C SER A 53 4.16 6.28 12.82
N ASP A 54 5.48 6.28 13.03
CA ASP A 54 6.24 7.47 13.36
C ASP A 54 6.68 8.28 12.13
N ILE A 55 6.89 7.65 10.97
CA ILE A 55 7.30 8.40 9.78
C ILE A 55 6.12 9.21 9.23
N THR A 56 6.40 10.14 8.32
CA THR A 56 5.39 11.00 7.71
C THR A 56 5.10 10.64 6.25
N VAL A 57 3.98 11.13 5.71
CA VAL A 57 3.57 10.91 4.32
C VAL A 57 4.70 11.37 3.39
N ALA A 58 5.41 12.44 3.75
CA ALA A 58 6.52 12.97 2.96
C ALA A 58 7.58 11.89 2.72
N GLN A 59 7.95 11.18 3.78
CA GLN A 59 8.93 10.12 3.75
C GLN A 59 8.35 8.90 3.05
N PHE A 60 7.10 8.52 3.31
CA PHE A 60 6.49 7.35 2.68
C PHE A 60 6.50 7.53 1.16
N MET A 61 6.19 8.74 0.68
CA MET A 61 6.19 9.04 -0.74
C MET A 61 7.62 8.89 -1.27
N TRP A 62 8.62 9.48 -0.61
CA TRP A 62 10.02 9.39 -1.02
C TRP A 62 10.49 7.94 -1.07
N ILE A 63 10.17 7.14 -0.05
CA ILE A 63 10.54 5.73 0.04
C ILE A 63 9.98 5.02 -1.20
N ILE A 64 8.70 5.16 -1.52
CA ILE A 64 8.08 4.52 -2.68
C ILE A 64 8.84 4.86 -3.97
N ARG A 65 9.12 6.14 -4.24
CA ARG A 65 9.82 6.51 -5.48
C ARG A 65 11.24 5.95 -5.51
N LYS A 66 11.92 5.83 -4.38
CA LYS A 66 13.26 5.27 -4.32
C LYS A 66 13.19 3.76 -4.56
N ARG A 67 12.25 3.07 -3.90
CA ARG A 67 12.04 1.62 -3.98
C ARG A 67 11.83 1.16 -5.42
N ILE A 68 10.91 1.81 -6.15
CA ILE A 68 10.62 1.44 -7.54
C ILE A 68 11.67 2.00 -8.51
N GLN A 69 12.63 2.79 -8.01
CA GLN A 69 13.70 3.44 -8.76
C GLN A 69 13.04 4.26 -9.87
N LEU A 70 12.27 5.28 -9.46
CA LEU A 70 11.56 6.16 -10.36
C LEU A 70 12.59 7.00 -11.14
N PRO A 71 12.71 6.84 -12.46
CA PRO A 71 13.68 7.59 -13.28
C PRO A 71 13.34 9.08 -13.38
N SER A 72 14.29 9.92 -13.83
CA SER A 72 14.04 11.36 -13.97
C SER A 72 13.01 11.68 -15.06
N GLU A 73 12.99 10.85 -16.10
CA GLU A 73 12.13 10.95 -17.25
C GLU A 73 10.64 10.88 -16.87
N LYS A 74 10.28 10.08 -15.87
CA LYS A 74 8.90 9.92 -15.39
C LYS A 74 8.68 10.68 -14.07
N ALA A 75 7.43 10.87 -13.69
CA ALA A 75 6.97 11.54 -12.47
C ALA A 75 6.38 10.49 -11.53
N ILE A 76 5.89 10.90 -10.35
CA ILE A 76 5.25 10.06 -9.36
C ILE A 76 4.19 10.88 -8.65
N PHE A 77 3.01 10.31 -8.44
CA PHE A 77 1.89 10.94 -7.76
C PHE A 77 1.16 9.84 -6.98
N LEU A 78 0.76 10.11 -5.73
CA LEU A 78 0.03 9.17 -4.88
C LEU A 78 -1.39 9.67 -4.70
N PHE A 79 -2.31 8.72 -4.55
CA PHE A 79 -3.75 8.94 -4.37
C PHE A 79 -4.24 8.00 -3.28
N VAL A 80 -4.86 8.54 -2.23
CA VAL A 80 -5.39 7.78 -1.09
C VAL A 80 -6.71 8.42 -0.66
N ASP A 81 -7.70 7.66 -0.21
CA ASP A 81 -9.00 8.22 0.23
C ASP A 81 -9.58 9.20 -0.79
N LYS A 82 -9.36 8.91 -2.08
CA LYS A 82 -9.84 9.72 -3.20
C LYS A 82 -9.37 11.17 -3.08
N THR A 83 -8.20 11.40 -2.49
CA THR A 83 -7.64 12.71 -2.25
C THR A 83 -6.11 12.62 -2.22
N VAL A 84 -5.46 13.77 -2.35
CA VAL A 84 -4.01 13.85 -2.30
C VAL A 84 -3.68 13.99 -0.79
N PRO A 85 -2.99 13.03 -0.14
CA PRO A 85 -2.67 13.11 1.28
C PRO A 85 -1.61 14.18 1.52
N GLN A 86 -1.76 14.93 2.61
CA GLN A 86 -0.83 15.97 2.98
C GLN A 86 0.47 15.33 3.47
N SER A 87 1.60 15.75 2.90
CA SER A 87 2.95 15.30 3.20
C SER A 87 3.29 15.43 4.70
N SER A 88 2.76 16.48 5.33
CA SER A 88 2.93 16.81 6.73
C SER A 88 2.22 15.83 7.66
N LEU A 89 1.29 15.00 7.15
CA LEU A 89 0.54 14.05 7.95
C LEU A 89 1.49 12.93 8.37
N THR A 90 1.25 12.36 9.55
CA THR A 90 2.08 11.31 10.10
C THR A 90 1.38 9.98 9.82
N MET A 91 2.15 8.89 9.64
CA MET A 91 1.60 7.58 9.34
C MET A 91 0.57 7.14 10.38
N GLY A 92 0.89 7.30 11.67
CA GLY A 92 -0.01 6.94 12.75
C GLY A 92 -1.36 7.63 12.61
N GLN A 93 -1.33 8.95 12.33
CA GLN A 93 -2.52 9.75 12.15
C GLN A 93 -3.29 9.28 10.91
N LEU A 94 -2.61 9.19 9.77
CA LEU A 94 -3.20 8.77 8.49
C LEU A 94 -3.92 7.44 8.65
N TYR A 95 -3.29 6.44 9.22
CA TYR A 95 -3.86 5.11 9.41
C TYR A 95 -5.06 5.21 10.34
N GLU A 96 -4.94 5.88 11.50
CA GLU A 96 -6.05 5.98 12.43
C GLU A 96 -7.21 6.84 11.89
N LYS A 97 -6.95 7.78 10.96
CA LYS A 97 -8.00 8.62 10.39
C LYS A 97 -8.60 7.98 9.15
N GLU A 98 -7.81 7.32 8.30
CA GLU A 98 -8.32 6.71 7.07
C GLU A 98 -8.70 5.23 7.20
N LYS A 99 -8.47 4.62 8.36
CA LYS A 99 -8.74 3.22 8.63
C LYS A 99 -9.98 2.60 7.98
N ASP A 100 -9.73 1.55 7.20
CA ASP A 100 -10.76 0.78 6.53
C ASP A 100 -11.40 -0.14 7.57
N GLU A 101 -12.55 -0.73 7.27
CA GLU A 101 -13.27 -1.65 8.14
C GLU A 101 -12.37 -2.79 8.62
N ASP A 102 -11.45 -3.26 7.78
CA ASP A 102 -10.54 -4.37 8.07
C ASP A 102 -9.16 -3.92 8.56
N GLY A 103 -9.04 -2.64 8.95
CA GLY A 103 -7.78 -2.11 9.47
C GLY A 103 -6.64 -2.17 8.46
N PHE A 104 -6.91 -2.11 7.17
CA PHE A 104 -5.90 -2.15 6.13
C PHE A 104 -5.91 -0.82 5.38
N LEU A 105 -4.80 -0.42 4.77
CA LEU A 105 -4.72 0.83 4.01
C LEU A 105 -4.31 0.49 2.58
N TYR A 106 -4.98 1.07 1.59
CA TYR A 106 -4.75 0.86 0.17
C TYR A 106 -4.45 2.19 -0.50
N VAL A 107 -3.31 2.33 -1.18
CA VAL A 107 -2.93 3.57 -1.85
C VAL A 107 -2.57 3.23 -3.31
N ALA A 108 -2.92 4.15 -4.23
CA ALA A 108 -2.65 4.00 -5.64
C ALA A 108 -1.61 5.04 -6.07
N TYR A 109 -0.89 4.77 -7.15
CA TYR A 109 0.14 5.67 -7.68
C TYR A 109 0.12 5.68 -9.20
N SER A 110 0.71 6.72 -9.77
CA SER A 110 0.80 6.86 -11.22
C SER A 110 2.05 7.67 -11.53
N GLY A 111 2.55 7.48 -12.75
CA GLY A 111 3.70 8.13 -13.33
C GLY A 111 3.28 9.01 -14.49
N GLU A 112 2.03 9.48 -14.47
CA GLU A 112 1.40 10.33 -15.46
C GLU A 112 0.72 11.46 -14.69
N ASN A 113 0.79 12.65 -15.26
CA ASN A 113 0.18 13.83 -14.69
C ASN A 113 -1.30 13.84 -15.04
N THR A 114 -1.63 13.60 -16.31
CA THR A 114 -3.00 13.55 -16.79
C THR A 114 -3.48 12.10 -16.79
N PHE A 115 -4.59 11.87 -16.09
CA PHE A 115 -5.29 10.60 -15.94
C PHE A 115 -6.72 10.69 -16.50
N GLY A 116 -7.04 11.75 -17.25
CA GLY A 116 -8.35 11.98 -17.85
C GLY A 116 -8.64 11.04 -19.01
N GLY B 1 -17.55 -21.30 3.30
CA GLY B 1 -17.10 -22.39 4.18
C GLY B 1 -15.87 -23.06 3.58
N ALA B 2 -14.70 -22.80 4.16
CA ALA B 2 -13.37 -23.27 3.80
C ALA B 2 -12.94 -22.66 2.46
N MET B 3 -12.17 -21.57 2.51
CA MET B 3 -11.64 -20.86 1.35
C MET B 3 -10.11 -20.92 1.33
N GLU B 4 -9.50 -21.86 2.05
CA GLU B 4 -8.06 -22.08 2.17
C GLU B 4 -7.44 -22.66 0.89
N ILE B 5 -7.72 -22.03 -0.25
CA ILE B 5 -7.22 -22.41 -1.57
C ILE B 5 -5.71 -22.15 -1.58
N ILE B 6 -4.90 -23.20 -1.77
CA ILE B 6 -3.45 -23.05 -1.82
C ILE B 6 -3.00 -22.43 -3.14
N HIS B 7 -3.86 -22.40 -4.16
CA HIS B 7 -3.59 -21.83 -5.48
C HIS B 7 -3.73 -20.31 -5.36
N GLU B 8 -2.88 -19.71 -4.52
CA GLU B 8 -2.85 -18.28 -4.29
C GLU B 8 -2.41 -17.69 -5.62
N ASP B 9 -3.34 -17.03 -6.31
CA ASP B 9 -3.13 -16.41 -7.61
C ASP B 9 -2.24 -15.18 -7.50
N ASN B 10 -2.23 -14.52 -6.34
CA ASN B 10 -1.39 -13.36 -6.06
C ASN B 10 -0.36 -13.81 -5.02
N GLU B 11 0.79 -13.13 -4.92
CA GLU B 11 1.81 -13.52 -3.95
C GLU B 11 1.63 -12.80 -2.62
N TRP B 12 1.63 -11.46 -2.61
CA TRP B 12 1.48 -10.63 -1.41
C TRP B 12 2.58 -10.94 -0.38
N GLY B 13 3.85 -10.77 -0.76
CA GLY B 13 4.97 -11.04 0.13
C GLY B 13 5.13 -9.88 1.10
N ILE B 14 5.53 -10.12 2.34
CA ILE B 14 5.68 -9.07 3.34
C ILE B 14 6.97 -8.28 3.13
N GLU B 15 6.91 -6.96 3.33
CA GLU B 15 8.06 -6.09 3.22
C GLU B 15 8.01 -5.06 4.34
N LEU B 16 9.07 -5.01 5.16
CA LEU B 16 9.24 -4.10 6.28
C LEU B 16 9.99 -2.91 5.70
N VAL B 17 9.33 -1.77 5.54
CA VAL B 17 9.94 -0.57 4.96
C VAL B 17 9.89 0.65 5.90
N SER B 18 11.00 1.36 6.01
CA SER B 18 11.16 2.57 6.80
C SER B 18 12.41 3.30 6.29
N GLU B 19 12.51 4.61 6.55
CA GLU B 19 13.58 5.53 6.17
C GLU B 19 13.74 5.66 4.67
N MET A 1 -9.93 -4.59 -13.95
CA MET A 1 -10.17 -5.19 -12.62
C MET A 1 -9.94 -4.14 -11.54
N GLY A 2 -10.66 -4.25 -10.43
CA GLY A 2 -10.54 -3.34 -9.30
C GLY A 2 -9.42 -3.82 -8.40
N TRP A 3 -9.70 -3.99 -7.11
CA TRP A 3 -8.70 -4.45 -6.16
C TRP A 3 -8.46 -5.94 -6.39
N MET A 4 -7.26 -6.28 -6.86
CA MET A 4 -6.87 -7.66 -7.14
C MET A 4 -7.02 -8.49 -5.86
N PHE A 5 -6.51 -7.96 -4.74
CA PHE A 5 -6.60 -8.65 -3.45
C PHE A 5 -8.06 -8.92 -3.08
N LYS A 6 -8.95 -7.93 -3.25
CA LYS A 6 -10.34 -8.09 -2.89
C LYS A 6 -11.03 -9.13 -3.76
N GLU A 7 -10.65 -9.24 -5.03
CA GLU A 7 -11.24 -10.24 -5.91
C GLU A 7 -10.88 -11.62 -5.39
N ASP A 8 -9.61 -11.84 -5.06
CA ASP A 8 -9.12 -13.13 -4.57
C ASP A 8 -9.62 -13.50 -3.17
N HIS A 9 -9.11 -12.82 -2.14
CA HIS A 9 -9.40 -13.05 -0.72
C HIS A 9 -9.13 -11.74 0.04
N SER A 10 -10.10 -11.27 0.84
CA SER A 10 -9.94 -10.02 1.56
C SER A 10 -10.17 -10.16 3.06
N LEU A 11 -11.37 -10.47 3.54
CA LEU A 11 -11.65 -10.55 4.97
C LEU A 11 -10.68 -11.45 5.74
N GLU A 12 -10.53 -12.71 5.38
CA GLU A 12 -9.62 -13.60 6.10
C GLU A 12 -8.15 -13.17 5.94
N HIS A 13 -7.80 -12.65 4.76
CA HIS A 13 -6.45 -12.21 4.46
C HIS A 13 -6.06 -11.01 5.32
N ARG A 14 -6.88 -9.96 5.29
CA ARG A 14 -6.69 -8.73 6.04
C ARG A 14 -6.75 -9.03 7.53
N CYS A 15 -7.76 -9.76 7.99
CA CYS A 15 -7.91 -10.07 9.40
C CYS A 15 -6.67 -10.74 9.98
N VAL A 16 -6.31 -11.90 9.44
CA VAL A 16 -5.16 -12.67 9.91
C VAL A 16 -3.86 -11.89 9.80
N GLU A 17 -3.59 -11.26 8.65
CA GLU A 17 -2.35 -10.55 8.50
C GLU A 17 -2.29 -9.33 9.41
N SER A 18 -3.32 -8.48 9.46
CA SER A 18 -3.33 -7.31 10.32
C SER A 18 -3.06 -7.73 11.77
N ALA A 19 -3.71 -8.80 12.24
CA ALA A 19 -3.52 -9.27 13.61
C ALA A 19 -2.07 -9.62 13.91
N LYS A 20 -1.45 -10.43 13.04
CA LYS A 20 -0.06 -10.86 13.20
C LYS A 20 0.88 -9.68 13.03
N ILE A 21 0.61 -8.77 12.09
CA ILE A 21 1.43 -7.58 11.86
C ILE A 21 1.35 -6.69 13.08
N ARG A 22 0.18 -6.49 13.70
CA ARG A 22 0.06 -5.64 14.87
C ARG A 22 0.86 -6.23 16.03
N ALA A 23 0.85 -7.57 16.17
CA ALA A 23 1.59 -8.22 17.23
C ALA A 23 3.11 -8.10 17.00
N LYS A 24 3.58 -8.39 15.79
CA LYS A 24 5.00 -8.34 15.46
C LYS A 24 5.55 -6.93 15.37
N TYR A 25 4.81 -6.03 14.73
CA TYR A 25 5.19 -4.64 14.50
C TYR A 25 4.04 -3.71 14.94
N PRO A 26 3.88 -3.46 16.25
CA PRO A 26 2.81 -2.60 16.76
C PRO A 26 3.01 -1.14 16.34
N ASP A 27 4.22 -0.76 15.93
CA ASP A 27 4.52 0.60 15.49
C ASP A 27 4.53 0.66 13.97
N ARG A 28 4.01 -0.35 13.25
CA ARG A 28 3.95 -0.34 11.79
C ARG A 28 2.50 -0.53 11.36
N VAL A 29 2.19 -0.07 10.16
CA VAL A 29 0.85 -0.12 9.60
C VAL A 29 0.89 -0.86 8.24
N PRO A 30 -0.10 -1.75 7.98
CA PRO A 30 -0.22 -2.54 6.77
C PRO A 30 -0.79 -1.71 5.62
N VAL A 31 0.03 -1.50 4.59
CA VAL A 31 -0.32 -0.75 3.40
C VAL A 31 -0.12 -1.63 2.15
N ILE A 32 -1.01 -1.48 1.17
CA ILE A 32 -0.95 -2.17 -0.11
C ILE A 32 -0.86 -1.02 -1.11
N VAL A 33 0.13 -1.06 -1.98
CA VAL A 33 0.42 -0.05 -2.99
C VAL A 33 0.23 -0.64 -4.38
N GLU A 34 -0.62 -0.07 -5.25
CA GLU A 34 -0.78 -0.62 -6.61
C GLU A 34 -0.80 0.53 -7.64
N LYS A 35 -0.42 0.23 -8.90
CA LYS A 35 -0.40 1.25 -9.95
C LYS A 35 -1.71 1.29 -10.72
N VAL A 36 -2.02 2.45 -11.28
CA VAL A 36 -3.21 2.72 -12.09
C VAL A 36 -3.08 1.91 -13.37
N SER A 37 -4.06 1.09 -13.73
CA SER A 37 -4.04 0.27 -14.93
C SER A 37 -3.88 1.16 -16.17
N GLY A 38 -2.81 0.91 -16.93
CA GLY A 38 -2.42 1.60 -18.14
C GLY A 38 -1.28 2.59 -17.89
N SER A 39 -1.03 2.99 -16.64
CA SER A 39 0.02 3.94 -16.29
C SER A 39 1.38 3.46 -16.80
N GLN A 40 2.15 4.40 -17.37
CA GLN A 40 3.47 4.15 -17.93
C GLN A 40 4.52 3.72 -16.90
N ILE A 41 4.35 4.14 -15.66
CA ILE A 41 5.28 3.83 -14.57
C ILE A 41 5.40 2.32 -14.33
N VAL A 42 6.54 1.91 -13.78
CA VAL A 42 6.81 0.53 -13.44
C VAL A 42 5.82 0.13 -12.35
N ASP A 43 5.30 -1.09 -12.43
CA ASP A 43 4.38 -1.60 -11.44
C ASP A 43 5.19 -2.18 -10.28
N ILE A 44 4.52 -2.45 -9.17
CA ILE A 44 5.10 -3.01 -7.97
C ILE A 44 4.55 -4.41 -7.82
N ASP A 45 5.37 -5.33 -7.33
CA ASP A 45 4.97 -6.72 -7.14
C ASP A 45 3.94 -6.82 -6.01
N LYS A 46 3.26 -7.97 -5.92
CA LYS A 46 2.25 -8.19 -4.91
C LYS A 46 2.97 -8.43 -3.59
N ARG A 47 3.12 -7.37 -2.77
CA ARG A 47 3.78 -7.43 -1.47
C ARG A 47 2.96 -6.66 -0.45
N LYS A 48 3.05 -7.06 0.82
CA LYS A 48 2.38 -6.44 1.95
C LYS A 48 3.39 -5.48 2.55
N TYR A 49 3.27 -4.17 2.29
CA TYR A 49 4.23 -3.22 2.82
C TYR A 49 3.82 -2.83 4.22
N LEU A 50 4.79 -2.77 5.14
CA LEU A 50 4.60 -2.41 6.53
C LEU A 50 5.45 -1.17 6.80
N VAL A 51 4.84 0.00 6.98
CA VAL A 51 5.57 1.25 7.23
C VAL A 51 5.34 1.74 8.66
N PRO A 52 6.34 2.30 9.37
CA PRO A 52 6.18 2.75 10.72
C PRO A 52 5.32 3.99 10.85
N SER A 53 4.50 4.01 11.89
CA SER A 53 3.62 5.10 12.26
C SER A 53 4.41 6.36 12.60
N ASP A 54 5.72 6.19 12.85
CA ASP A 54 6.69 7.20 13.22
C ASP A 54 6.99 8.17 12.06
N ILE A 55 7.00 7.70 10.81
CA ILE A 55 7.29 8.57 9.67
C ILE A 55 6.04 9.28 9.15
N THR A 56 6.25 10.24 8.24
CA THR A 56 5.22 11.02 7.60
C THR A 56 5.04 10.60 6.15
N VAL A 57 3.94 11.06 5.56
CA VAL A 57 3.58 10.82 4.18
C VAL A 57 4.75 11.28 3.28
N ALA A 58 5.48 12.34 3.66
CA ALA A 58 6.60 12.85 2.88
C ALA A 58 7.71 11.78 2.68
N GLN A 59 8.10 11.11 3.77
CA GLN A 59 9.14 10.10 3.76
C GLN A 59 8.64 8.84 3.05
N PHE A 60 7.36 8.49 3.25
CA PHE A 60 6.77 7.32 2.63
C PHE A 60 6.89 7.46 1.10
N MET A 61 6.56 8.64 0.56
CA MET A 61 6.66 8.89 -0.86
C MET A 61 8.10 8.80 -1.32
N TRP A 62 9.07 9.38 -0.58
CA TRP A 62 10.47 9.29 -0.99
C TRP A 62 10.92 7.81 -1.12
N ILE A 63 10.50 6.96 -0.18
CA ILE A 63 10.84 5.55 -0.23
C ILE A 63 10.21 4.94 -1.49
N ILE A 64 8.90 5.12 -1.73
CA ILE A 64 8.21 4.56 -2.90
C ILE A 64 8.94 4.92 -4.19
N ARG A 65 9.27 6.20 -4.41
CA ARG A 65 9.95 6.58 -5.65
C ARG A 65 11.32 5.92 -5.78
N LYS A 66 12.10 5.79 -4.70
CA LYS A 66 13.41 5.15 -4.82
C LYS A 66 13.27 3.64 -4.97
N ARG A 67 12.28 3.02 -4.34
CA ARG A 67 12.05 1.58 -4.41
C ARG A 67 11.76 1.18 -5.84
N ILE A 68 10.84 1.89 -6.50
CA ILE A 68 10.49 1.61 -7.88
C ILE A 68 11.53 2.21 -8.85
N GLN A 69 12.53 2.94 -8.32
CA GLN A 69 13.60 3.59 -9.06
C GLN A 69 13.00 4.49 -10.15
N LEU A 70 12.16 5.44 -9.73
CA LEU A 70 11.47 6.38 -10.60
C LEU A 70 12.51 7.34 -11.20
N PRO A 71 12.80 7.26 -12.52
CA PRO A 71 13.76 8.12 -13.18
C PRO A 71 13.25 9.55 -13.30
N SER A 72 14.13 10.53 -13.49
CA SER A 72 13.74 11.92 -13.63
C SER A 72 12.95 12.20 -14.91
N GLU A 73 12.97 11.27 -15.87
CA GLU A 73 12.23 11.42 -17.11
C GLU A 73 10.73 11.24 -16.84
N LYS A 74 10.32 10.38 -15.90
CA LYS A 74 8.91 10.16 -15.53
C LYS A 74 8.61 10.88 -14.22
N ALA A 75 7.34 11.06 -13.89
CA ALA A 75 6.87 11.71 -12.67
C ALA A 75 6.25 10.64 -11.74
N ILE A 76 5.85 11.02 -10.54
CA ILE A 76 5.20 10.16 -9.55
C ILE A 76 4.07 10.96 -8.90
N PHE A 77 2.94 10.31 -8.64
CA PHE A 77 1.74 10.86 -8.03
C PHE A 77 1.12 9.76 -7.18
N LEU A 78 0.80 10.03 -5.90
CA LEU A 78 0.21 9.07 -4.96
C LEU A 78 -1.21 9.54 -4.58
N PHE A 79 -2.14 8.61 -4.35
CA PHE A 79 -3.53 8.90 -3.98
C PHE A 79 -4.03 7.87 -2.96
N VAL A 80 -4.67 8.34 -1.89
CA VAL A 80 -5.21 7.51 -0.81
C VAL A 80 -6.70 7.78 -0.70
N ASP A 81 -7.54 6.75 -0.84
CA ASP A 81 -9.00 6.83 -0.76
C ASP A 81 -9.58 8.04 -1.50
N LYS A 82 -9.20 8.22 -2.76
CA LYS A 82 -9.63 9.33 -3.64
C LYS A 82 -9.20 10.71 -3.12
N THR A 83 -8.13 10.81 -2.33
CA THR A 83 -7.62 12.08 -1.78
C THR A 83 -6.12 12.19 -1.98
N VAL A 84 -5.61 13.43 -1.87
CA VAL A 84 -4.21 13.77 -1.99
C VAL A 84 -3.76 13.93 -0.53
N PRO A 85 -3.01 12.96 0.04
CA PRO A 85 -2.57 13.02 1.42
C PRO A 85 -1.53 14.11 1.65
N GLN A 86 -1.73 14.94 2.67
CA GLN A 86 -0.78 16.00 3.00
C GLN A 86 0.51 15.32 3.49
N SER A 87 1.63 15.65 2.86
CA SER A 87 2.95 15.13 3.19
C SER A 87 3.36 15.33 4.66
N SER A 88 2.78 16.28 5.38
CA SER A 88 3.08 16.58 6.78
C SER A 88 2.38 15.59 7.73
N LEU A 89 1.34 14.88 7.26
CA LEU A 89 0.60 13.93 8.09
C LEU A 89 1.50 12.75 8.44
N THR A 90 1.38 12.25 9.67
CA THR A 90 2.14 11.12 10.17
C THR A 90 1.41 9.85 9.76
N MET A 91 2.15 8.76 9.59
CA MET A 91 1.59 7.48 9.20
C MET A 91 0.61 6.99 10.25
N GLY A 92 0.95 7.11 11.54
CA GLY A 92 0.04 6.66 12.60
C GLY A 92 -1.29 7.40 12.56
N GLN A 93 -1.25 8.72 12.38
CA GLN A 93 -2.43 9.57 12.34
C GLN A 93 -3.24 9.24 11.08
N LEU A 94 -2.58 9.14 9.92
CA LEU A 94 -3.24 8.82 8.65
C LEU A 94 -3.95 7.47 8.77
N TYR A 95 -3.28 6.46 9.31
CA TYR A 95 -3.81 5.13 9.49
C TYR A 95 -5.01 5.17 10.43
N GLU A 96 -4.91 5.90 11.54
CA GLU A 96 -5.98 6.04 12.52
C GLU A 96 -7.18 6.80 11.94
N LYS A 97 -6.95 7.75 11.04
CA LYS A 97 -8.02 8.54 10.44
C LYS A 97 -8.57 7.94 9.15
N GLU A 98 -7.82 7.11 8.43
CA GLU A 98 -8.26 6.49 7.17
C GLU A 98 -8.52 4.97 7.24
N LYS A 99 -8.30 4.31 8.38
CA LYS A 99 -8.50 2.86 8.55
C LYS A 99 -9.83 2.34 7.97
N ASP A 100 -9.70 1.39 7.06
CA ASP A 100 -10.82 0.71 6.40
C ASP A 100 -11.50 -0.21 7.43
N GLU A 101 -12.60 -0.87 7.06
CA GLU A 101 -13.38 -1.80 7.88
C GLU A 101 -12.51 -2.92 8.46
N ASP A 102 -11.49 -3.33 7.72
CA ASP A 102 -10.53 -4.39 8.07
C ASP A 102 -9.26 -3.80 8.71
N GLY A 103 -9.27 -2.52 9.06
CA GLY A 103 -8.15 -1.83 9.68
C GLY A 103 -6.89 -1.83 8.82
N PHE A 104 -7.01 -1.87 7.49
CA PHE A 104 -5.87 -1.85 6.56
C PHE A 104 -5.89 -0.57 5.73
N LEU A 105 -4.80 -0.29 5.00
CA LEU A 105 -4.70 0.90 4.15
C LEU A 105 -4.39 0.50 2.70
N TYR A 106 -5.09 1.12 1.76
CA TYR A 106 -4.98 0.91 0.31
C TYR A 106 -4.55 2.21 -0.35
N VAL A 107 -3.40 2.23 -1.03
CA VAL A 107 -2.90 3.41 -1.71
C VAL A 107 -2.57 3.06 -3.17
N ALA A 108 -2.83 4.01 -4.06
CA ALA A 108 -2.57 3.87 -5.48
C ALA A 108 -1.54 4.89 -5.94
N TYR A 109 -0.89 4.65 -7.08
CA TYR A 109 0.08 5.58 -7.65
C TYR A 109 0.04 5.54 -9.18
N SER A 110 0.57 6.59 -9.80
CA SER A 110 0.63 6.76 -11.24
C SER A 110 1.85 7.62 -11.59
N GLY A 111 2.28 7.56 -12.85
CA GLY A 111 3.42 8.31 -13.37
C GLY A 111 2.98 9.33 -14.42
N GLU A 112 1.72 9.72 -14.38
CA GLU A 112 1.08 10.66 -15.30
C GLU A 112 0.25 11.61 -14.45
N ASN A 113 0.38 12.90 -14.70
CA ASN A 113 -0.36 13.93 -13.98
C ASN A 113 -1.81 14.00 -14.47
N THR A 114 -2.02 13.62 -15.73
CA THR A 114 -3.30 13.60 -16.40
C THR A 114 -3.75 12.14 -16.39
N PHE A 115 -4.85 11.88 -15.67
CA PHE A 115 -5.44 10.55 -15.54
C PHE A 115 -6.85 10.50 -16.13
N GLY A 116 -7.26 11.56 -16.84
CA GLY A 116 -8.55 11.67 -17.50
C GLY A 116 -8.57 10.88 -18.79
N GLY B 1 -11.25 -22.01 9.55
CA GLY B 1 -10.49 -22.32 8.32
C GLY B 1 -10.16 -21.06 7.53
N ALA B 2 -9.05 -20.39 7.86
CA ALA B 2 -8.62 -19.19 7.19
C ALA B 2 -8.10 -19.50 5.79
N MET B 3 -8.02 -18.48 4.94
CA MET B 3 -7.58 -18.55 3.55
C MET B 3 -6.06 -18.68 3.44
N GLU B 4 -5.52 -19.83 3.82
CA GLU B 4 -4.09 -20.13 3.77
C GLU B 4 -3.84 -21.30 2.80
N ILE B 5 -4.65 -21.41 1.75
CA ILE B 5 -4.54 -22.48 0.76
C ILE B 5 -3.26 -22.26 -0.04
N ILE B 6 -2.66 -23.35 -0.49
CA ILE B 6 -1.42 -23.36 -1.26
C ILE B 6 -1.70 -22.86 -2.68
N HIS B 7 -2.95 -22.93 -3.14
CA HIS B 7 -3.37 -22.47 -4.45
C HIS B 7 -3.76 -21.00 -4.34
N GLU B 8 -2.74 -20.16 -4.29
CA GLU B 8 -2.82 -18.71 -4.20
C GLU B 8 -2.47 -18.17 -5.58
N ASP B 9 -3.12 -17.09 -6.01
CA ASP B 9 -2.87 -16.49 -7.33
C ASP B 9 -1.92 -15.30 -7.20
N ASN B 10 -2.01 -14.57 -6.09
CA ASN B 10 -1.18 -13.40 -5.78
C ASN B 10 -0.20 -13.78 -4.67
N GLU B 11 1.06 -13.36 -4.79
CA GLU B 11 2.11 -13.64 -3.82
C GLU B 11 1.89 -12.98 -2.45
N TRP B 12 1.79 -11.65 -2.40
CA TRP B 12 1.60 -10.87 -1.19
C TRP B 12 2.67 -11.19 -0.13
N GLY B 13 3.96 -11.03 -0.44
CA GLY B 13 5.03 -11.31 0.53
C GLY B 13 5.15 -10.14 1.52
N ILE B 14 5.39 -10.41 2.80
CA ILE B 14 5.52 -9.38 3.84
C ILE B 14 6.87 -8.66 3.68
N GLU B 15 6.85 -7.32 3.63
CA GLU B 15 8.04 -6.50 3.50
C GLU B 15 7.99 -5.35 4.50
N LEU B 16 9.04 -5.21 5.30
CA LEU B 16 9.19 -4.15 6.29
C LEU B 16 9.85 -3.01 5.52
N VAL B 17 9.20 -1.85 5.50
CA VAL B 17 9.65 -0.67 4.78
C VAL B 17 9.84 0.47 5.78
N SER B 18 11.04 1.07 5.83
CA SER B 18 11.30 2.19 6.72
C SER B 18 12.54 2.98 6.27
N GLU B 19 12.56 4.27 6.59
CA GLU B 19 13.62 5.23 6.27
C GLU B 19 14.69 5.25 7.35
N MET A 1 -9.11 0.26 -10.64
CA MET A 1 -9.63 -0.64 -11.69
C MET A 1 -9.78 -2.06 -11.12
N GLY A 2 -10.52 -2.22 -10.02
CA GLY A 2 -10.72 -3.51 -9.37
C GLY A 2 -9.51 -3.82 -8.47
N TRP A 3 -9.75 -4.52 -7.36
CA TRP A 3 -8.71 -4.91 -6.43
C TRP A 3 -8.44 -6.39 -6.54
N MET A 4 -7.20 -6.72 -6.90
CA MET A 4 -6.74 -8.10 -7.03
C MET A 4 -7.01 -8.82 -5.71
N PHE A 5 -6.66 -8.18 -4.59
CA PHE A 5 -6.87 -8.76 -3.26
C PHE A 5 -8.34 -9.02 -2.95
N LYS A 6 -9.26 -8.10 -3.29
CA LYS A 6 -10.67 -8.30 -3.00
C LYS A 6 -11.23 -9.46 -3.80
N GLU A 7 -10.79 -9.60 -5.05
CA GLU A 7 -11.23 -10.67 -5.92
C GLU A 7 -10.76 -12.01 -5.33
N ASP A 8 -9.48 -12.08 -4.94
CA ASP A 8 -8.83 -13.27 -4.38
C ASP A 8 -9.34 -13.62 -2.98
N HIS A 9 -8.93 -12.90 -1.92
CA HIS A 9 -9.31 -13.13 -0.52
C HIS A 9 -9.03 -11.83 0.26
N SER A 10 -9.99 -11.34 1.06
CA SER A 10 -9.82 -10.10 1.80
C SER A 10 -10.16 -10.18 3.28
N LEU A 11 -11.37 -10.55 3.69
CA LEU A 11 -11.75 -10.56 5.11
C LEU A 11 -10.86 -11.43 6.00
N GLU A 12 -10.72 -12.71 5.69
CA GLU A 12 -9.89 -13.61 6.51
C GLU A 12 -8.43 -13.16 6.47
N HIS A 13 -7.93 -12.95 5.26
CA HIS A 13 -6.58 -12.52 4.94
C HIS A 13 -6.23 -11.26 5.72
N ARG A 14 -7.15 -10.28 5.78
CA ARG A 14 -6.89 -9.04 6.49
C ARG A 14 -6.78 -9.30 7.97
N CYS A 15 -7.74 -10.01 8.57
CA CYS A 15 -7.75 -10.30 10.00
C CYS A 15 -6.53 -11.08 10.49
N VAL A 16 -6.18 -12.18 9.80
CA VAL A 16 -5.05 -13.02 10.18
C VAL A 16 -3.76 -12.24 10.05
N GLU A 17 -3.57 -11.54 8.93
CA GLU A 17 -2.36 -10.78 8.69
C GLU A 17 -2.24 -9.58 9.62
N SER A 18 -3.32 -8.83 9.86
CA SER A 18 -3.25 -7.69 10.75
C SER A 18 -2.81 -8.16 12.12
N ALA A 19 -3.37 -9.26 12.64
CA ALA A 19 -2.98 -9.78 13.94
C ALA A 19 -1.48 -10.10 13.97
N LYS A 20 -0.93 -10.82 12.97
CA LYS A 20 0.50 -11.14 12.95
C LYS A 20 1.34 -9.87 12.89
N ILE A 21 0.98 -8.94 12.02
CA ILE A 21 1.68 -7.68 11.84
C ILE A 21 1.62 -6.88 13.14
N ARG A 22 0.49 -6.82 13.85
CA ARG A 22 0.31 -6.08 15.10
C ARG A 22 1.16 -6.70 16.20
N ALA A 23 1.20 -8.03 16.28
CA ALA A 23 2.00 -8.68 17.31
C ALA A 23 3.49 -8.45 17.08
N LYS A 24 3.98 -8.65 15.85
CA LYS A 24 5.40 -8.46 15.56
C LYS A 24 5.80 -7.00 15.41
N TYR A 25 4.91 -6.15 14.89
CA TYR A 25 5.15 -4.72 14.65
C TYR A 25 3.93 -3.89 15.06
N PRO A 26 3.75 -3.55 16.34
CA PRO A 26 2.61 -2.77 16.82
C PRO A 26 2.63 -1.33 16.31
N ASP A 27 3.83 -0.79 16.07
CA ASP A 27 4.04 0.57 15.59
C ASP A 27 4.01 0.64 14.06
N ARG A 28 3.57 -0.42 13.36
CA ARG A 28 3.53 -0.40 11.89
C ARG A 28 2.11 -0.63 11.42
N VAL A 29 1.80 -0.10 10.24
CA VAL A 29 0.48 -0.20 9.63
C VAL A 29 0.62 -0.89 8.27
N PRO A 30 -0.35 -1.77 7.91
CA PRO A 30 -0.38 -2.53 6.67
C PRO A 30 -0.91 -1.69 5.50
N VAL A 31 -0.05 -1.48 4.50
CA VAL A 31 -0.35 -0.71 3.31
C VAL A 31 -0.18 -1.62 2.09
N ILE A 32 -1.08 -1.46 1.11
CA ILE A 32 -1.11 -2.18 -0.14
C ILE A 32 -0.92 -1.12 -1.21
N VAL A 33 -0.07 -1.37 -2.19
CA VAL A 33 0.22 -0.44 -3.27
C VAL A 33 -0.02 -1.12 -4.61
N GLU A 34 -0.69 -0.42 -5.53
CA GLU A 34 -0.97 -0.91 -6.87
C GLU A 34 -0.73 0.22 -7.87
N LYS A 35 -0.21 -0.12 -9.05
CA LYS A 35 0.06 0.85 -10.11
C LYS A 35 -1.25 1.08 -10.85
N VAL A 36 -1.52 2.31 -11.28
CA VAL A 36 -2.71 2.63 -12.05
C VAL A 36 -2.40 2.05 -13.43
N SER A 37 -3.06 0.96 -13.78
CA SER A 37 -2.87 0.30 -15.05
C SER A 37 -3.06 1.32 -16.18
N GLY A 38 -2.13 1.32 -17.14
CA GLY A 38 -2.10 2.23 -18.28
C GLY A 38 -1.04 3.30 -18.15
N SER A 39 -0.50 3.55 -16.94
CA SER A 39 0.52 4.58 -16.79
C SER A 39 1.87 3.98 -17.18
N GLN A 40 2.70 4.72 -17.93
CA GLN A 40 4.03 4.25 -18.37
C GLN A 40 5.00 4.04 -17.20
N ILE A 41 4.68 4.51 -16.00
CA ILE A 41 5.51 4.34 -14.82
C ILE A 41 5.71 2.85 -14.53
N VAL A 42 6.82 2.54 -13.87
CA VAL A 42 7.19 1.19 -13.48
C VAL A 42 6.10 0.57 -12.62
N ASP A 43 5.89 -0.74 -12.77
CA ASP A 43 4.92 -1.57 -12.07
C ASP A 43 5.42 -2.04 -10.68
N ILE A 44 4.52 -2.57 -9.87
CA ILE A 44 4.79 -3.08 -8.52
C ILE A 44 4.28 -4.52 -8.39
N ASP A 45 4.95 -5.32 -7.57
CA ASP A 45 4.58 -6.73 -7.31
C ASP A 45 3.50 -6.76 -6.23
N LYS A 46 2.80 -7.89 -6.09
CA LYS A 46 1.75 -8.04 -5.07
C LYS A 46 2.43 -8.32 -3.75
N ARG A 47 2.64 -7.28 -2.94
CA ARG A 47 3.28 -7.37 -1.64
C ARG A 47 2.47 -6.60 -0.59
N LYS A 48 2.80 -6.80 0.68
CA LYS A 48 2.17 -6.19 1.84
C LYS A 48 3.25 -5.33 2.48
N TYR A 49 3.20 -4.05 2.19
CA TYR A 49 4.15 -3.10 2.68
C TYR A 49 3.75 -2.65 4.09
N LEU A 50 4.70 -2.55 5.04
CA LEU A 50 4.45 -2.15 6.42
C LEU A 50 5.23 -0.87 6.76
N VAL A 51 4.57 0.24 7.12
CA VAL A 51 5.26 1.50 7.45
C VAL A 51 5.14 1.85 8.94
N PRO A 52 6.16 2.40 9.60
CA PRO A 52 6.09 2.79 11.00
C PRO A 52 5.29 4.08 11.14
N SER A 53 4.46 4.20 12.18
CA SER A 53 3.63 5.37 12.43
C SER A 53 4.42 6.65 12.70
N ASP A 54 5.73 6.48 12.92
CA ASP A 54 6.74 7.49 13.20
C ASP A 54 7.12 8.33 11.98
N ILE A 55 7.13 7.76 10.77
CA ILE A 55 7.50 8.53 9.57
C ILE A 55 6.29 9.28 9.00
N THR A 56 6.54 10.24 8.10
CA THR A 56 5.49 11.02 7.45
C THR A 56 5.18 10.50 6.04
N VAL A 57 4.10 10.98 5.45
CA VAL A 57 3.68 10.62 4.10
C VAL A 57 4.84 10.96 3.15
N ALA A 58 5.58 12.05 3.40
CA ALA A 58 6.70 12.47 2.59
C ALA A 58 7.82 11.42 2.62
N GLN A 59 8.17 10.90 3.79
CA GLN A 59 9.20 9.89 3.93
C GLN A 59 8.74 8.61 3.27
N PHE A 60 7.49 8.18 3.50
CA PHE A 60 6.99 6.95 2.90
C PHE A 60 7.10 7.08 1.39
N MET A 61 6.51 8.13 0.83
CA MET A 61 6.49 8.43 -0.60
C MET A 61 7.90 8.41 -1.18
N TRP A 62 8.84 9.10 -0.53
CA TRP A 62 10.23 9.17 -0.97
C TRP A 62 10.85 7.78 -1.08
N ILE A 63 10.59 6.90 -0.11
CA ILE A 63 11.12 5.56 -0.13
C ILE A 63 10.49 4.79 -1.31
N ILE A 64 9.19 4.96 -1.61
CA ILE A 64 8.60 4.22 -2.74
C ILE A 64 9.30 4.63 -4.05
N ARG A 65 9.44 5.95 -4.32
CA ARG A 65 10.08 6.37 -5.57
C ARG A 65 11.51 5.84 -5.67
N LYS A 66 12.27 5.83 -4.57
CA LYS A 66 13.64 5.30 -4.61
C LYS A 66 13.59 3.79 -4.85
N ARG A 67 12.66 3.07 -4.21
CA ARG A 67 12.52 1.62 -4.33
C ARG A 67 12.26 1.20 -5.77
N ILE A 68 11.30 1.86 -6.42
CA ILE A 68 10.94 1.55 -7.80
C ILE A 68 11.94 2.18 -8.78
N GLN A 69 12.94 2.92 -8.29
CA GLN A 69 13.99 3.56 -9.09
C GLN A 69 13.38 4.54 -10.11
N LEU A 70 12.50 5.45 -9.65
CA LEU A 70 11.80 6.45 -10.47
C LEU A 70 12.80 7.49 -11.01
N PRO A 71 13.11 7.49 -12.32
CA PRO A 71 14.00 8.45 -12.93
C PRO A 71 13.30 9.81 -13.07
N SER A 72 14.04 10.92 -13.08
CA SER A 72 13.45 12.26 -13.23
C SER A 72 12.67 12.43 -14.54
N GLU A 73 12.92 11.61 -15.56
CA GLU A 73 12.16 11.71 -16.81
C GLU A 73 10.68 11.48 -16.54
N LYS A 74 10.35 10.51 -15.67
CA LYS A 74 8.98 10.16 -15.32
C LYS A 74 8.59 10.90 -14.03
N ALA A 75 7.29 10.95 -13.76
CA ALA A 75 6.71 11.56 -12.60
C ALA A 75 6.15 10.47 -11.70
N ILE A 76 5.74 10.86 -10.50
CA ILE A 76 5.14 10.00 -9.51
C ILE A 76 4.11 10.80 -8.73
N PHE A 77 2.92 10.23 -8.54
CA PHE A 77 1.79 10.81 -7.82
C PHE A 77 1.05 9.68 -7.10
N LEU A 78 0.55 9.93 -5.88
CA LEU A 78 -0.19 8.99 -5.05
C LEU A 78 -1.64 9.43 -4.86
N PHE A 79 -2.51 8.47 -4.59
CA PHE A 79 -3.93 8.66 -4.33
C PHE A 79 -4.46 7.63 -3.32
N VAL A 80 -5.12 8.09 -2.25
CA VAL A 80 -5.71 7.27 -1.20
C VAL A 80 -7.17 7.71 -1.11
N ASP A 81 -8.15 6.81 -1.21
CA ASP A 81 -9.58 7.13 -1.12
C ASP A 81 -10.01 8.30 -2.03
N LYS A 82 -9.38 8.44 -3.22
CA LYS A 82 -9.67 9.54 -4.14
C LYS A 82 -9.35 10.90 -3.47
N THR A 83 -8.36 10.94 -2.57
CA THR A 83 -7.91 12.11 -1.84
C THR A 83 -6.39 12.22 -1.94
N VAL A 84 -5.89 13.43 -1.65
CA VAL A 84 -4.48 13.81 -1.66
C VAL A 84 -3.98 13.86 -0.19
N PRO A 85 -3.22 12.87 0.30
CA PRO A 85 -2.71 12.91 1.67
C PRO A 85 -1.59 13.94 1.75
N GLN A 86 -1.59 14.74 2.81
CA GLN A 86 -0.58 15.76 3.01
C GLN A 86 0.77 15.10 3.36
N SER A 87 1.82 15.54 2.69
CA SER A 87 3.21 15.09 2.83
C SER A 87 3.69 15.14 4.29
N SER A 88 3.41 16.23 5.00
CA SER A 88 3.80 16.44 6.38
C SER A 88 2.98 15.62 7.40
N LEU A 89 1.87 14.99 7.01
CA LEU A 89 1.07 14.18 7.93
C LEU A 89 1.87 12.93 8.31
N THR A 90 1.71 12.43 9.54
CA THR A 90 2.44 11.24 9.99
C THR A 90 1.67 9.99 9.59
N MET A 91 2.36 8.86 9.46
CA MET A 91 1.75 7.59 9.09
C MET A 91 0.70 7.18 10.10
N GLY A 92 1.01 7.30 11.40
CA GLY A 92 0.04 6.94 12.42
C GLY A 92 -1.24 7.74 12.29
N GLN A 93 -1.13 9.06 12.11
CA GLN A 93 -2.27 9.93 11.99
C GLN A 93 -3.11 9.60 10.77
N LEU A 94 -2.47 9.47 9.61
CA LEU A 94 -3.13 9.14 8.36
C LEU A 94 -3.83 7.79 8.47
N TYR A 95 -3.17 6.77 9.01
CA TYR A 95 -3.71 5.43 9.18
C TYR A 95 -4.92 5.51 10.12
N GLU A 96 -4.75 6.04 11.33
CA GLU A 96 -5.81 6.15 12.31
C GLU A 96 -7.01 6.93 11.75
N LYS A 97 -6.81 7.91 10.85
CA LYS A 97 -7.92 8.68 10.28
C LYS A 97 -8.48 8.08 8.99
N GLU A 98 -7.73 7.31 8.20
CA GLU A 98 -8.23 6.73 6.94
C GLU A 98 -8.58 5.24 7.07
N LYS A 99 -8.35 4.63 8.24
CA LYS A 99 -8.59 3.22 8.56
C LYS A 99 -9.86 2.66 7.97
N ASP A 100 -9.70 1.59 7.17
CA ASP A 100 -10.78 0.87 6.49
C ASP A 100 -11.57 0.01 7.50
N GLU A 101 -12.66 -0.65 7.11
CA GLU A 101 -13.43 -1.51 8.01
C GLU A 101 -12.50 -2.60 8.56
N ASP A 102 -11.57 -3.09 7.74
CA ASP A 102 -10.61 -4.13 8.10
C ASP A 102 -9.26 -3.56 8.54
N GLY A 103 -9.19 -2.25 8.78
CA GLY A 103 -7.99 -1.56 9.22
C GLY A 103 -6.81 -1.64 8.26
N PHE A 104 -7.02 -1.80 6.96
CA PHE A 104 -5.92 -1.86 5.99
C PHE A 104 -5.94 -0.56 5.18
N LEU A 105 -4.82 -0.20 4.57
CA LEU A 105 -4.71 1.01 3.74
C LEU A 105 -4.32 0.58 2.34
N TYR A 106 -4.94 1.20 1.33
CA TYR A 106 -4.69 0.92 -0.08
C TYR A 106 -4.27 2.22 -0.75
N VAL A 107 -3.19 2.22 -1.52
CA VAL A 107 -2.73 3.39 -2.23
C VAL A 107 -2.52 3.00 -3.70
N ALA A 108 -2.93 3.90 -4.58
CA ALA A 108 -2.81 3.75 -6.01
C ALA A 108 -1.78 4.79 -6.43
N TYR A 109 -0.91 4.47 -7.38
CA TYR A 109 0.08 5.43 -7.84
C TYR A 109 0.14 5.44 -9.35
N SER A 110 0.51 6.58 -9.90
CA SER A 110 0.63 6.80 -11.33
C SER A 110 1.77 7.78 -11.56
N GLY A 111 2.20 7.85 -12.80
CA GLY A 111 3.23 8.74 -13.29
C GLY A 111 2.59 9.70 -14.28
N GLU A 112 1.25 9.81 -14.29
CA GLU A 112 0.45 10.66 -15.14
C GLU A 112 -0.24 11.68 -14.26
N ASN A 113 0.10 12.95 -14.44
CA ASN A 113 -0.44 14.06 -13.67
C ASN A 113 -1.96 14.28 -13.85
N THR A 114 -2.60 13.55 -14.76
CA THR A 114 -4.03 13.63 -15.05
C THR A 114 -4.56 12.21 -15.30
N PHE A 115 -5.69 11.86 -14.65
CA PHE A 115 -6.37 10.57 -14.77
C PHE A 115 -7.79 10.72 -15.36
N GLY A 116 -8.14 11.92 -15.84
CA GLY A 116 -9.44 12.25 -16.42
C GLY A 116 -9.59 11.65 -17.79
N GLY B 1 -21.61 -19.06 5.79
CA GLY B 1 -20.88 -18.73 4.56
C GLY B 1 -19.72 -19.68 4.35
N ALA B 2 -19.71 -20.39 3.22
CA ALA B 2 -18.68 -21.35 2.84
C ALA B 2 -17.65 -20.65 1.95
N MET B 3 -16.87 -19.71 2.52
CA MET B 3 -15.87 -18.92 1.80
C MET B 3 -14.42 -19.18 2.24
N GLU B 4 -14.16 -20.24 3.00
CA GLU B 4 -12.87 -20.67 3.54
C GLU B 4 -11.91 -21.21 2.45
N ILE B 5 -11.72 -20.45 1.37
CA ILE B 5 -10.85 -20.81 0.26
C ILE B 5 -9.40 -20.87 0.76
N ILE B 6 -8.64 -21.87 0.28
CA ILE B 6 -7.24 -22.11 0.63
C ILE B 6 -6.32 -21.74 -0.55
N HIS B 7 -6.84 -21.70 -1.77
CA HIS B 7 -6.07 -21.38 -2.96
C HIS B 7 -5.94 -19.87 -3.16
N GLU B 8 -4.97 -19.27 -2.49
CA GLU B 8 -4.65 -17.86 -2.58
C GLU B 8 -3.82 -17.82 -3.88
N ASP B 9 -4.34 -17.26 -4.96
CA ASP B 9 -3.60 -17.22 -6.24
C ASP B 9 -2.49 -16.17 -6.23
N ASN B 10 -2.68 -15.09 -5.48
CA ASN B 10 -1.73 -13.98 -5.34
C ASN B 10 -0.74 -14.26 -4.22
N GLU B 11 0.44 -13.65 -4.31
CA GLU B 11 1.51 -13.82 -3.34
C GLU B 11 1.33 -12.98 -2.08
N TRP B 12 1.33 -11.63 -2.19
CA TRP B 12 1.19 -10.74 -1.05
C TRP B 12 2.28 -10.98 0.01
N GLY B 13 3.56 -10.80 -0.34
CA GLY B 13 4.68 -11.02 0.59
C GLY B 13 4.83 -9.81 1.51
N ILE B 14 5.03 -10.01 2.81
CA ILE B 14 5.18 -8.96 3.80
C ILE B 14 6.57 -8.34 3.70
N GLU B 15 6.68 -7.03 3.49
CA GLU B 15 7.94 -6.30 3.38
C GLU B 15 7.88 -5.05 4.27
N LEU B 16 8.78 -5.00 5.25
CA LEU B 16 8.92 -3.91 6.22
C LEU B 16 9.75 -2.79 5.58
N VAL B 17 9.17 -1.59 5.43
CA VAL B 17 9.84 -0.42 4.84
C VAL B 17 9.84 0.75 5.83
N SER B 18 11.00 1.36 6.08
CA SER B 18 11.16 2.47 7.00
C SER B 18 12.45 3.22 6.64
N GLU B 19 12.53 4.51 6.95
CA GLU B 19 13.67 5.38 6.72
C GLU B 19 13.46 6.62 7.58
N MET A 1 -10.57 -3.92 -13.82
CA MET A 1 -9.45 -3.40 -13.04
C MET A 1 -9.93 -3.04 -11.64
N GLY A 2 -9.95 -4.04 -10.75
CA GLY A 2 -10.36 -3.92 -9.36
C GLY A 2 -9.21 -4.29 -8.44
N TRP A 3 -9.52 -4.45 -7.15
CA TRP A 3 -8.55 -4.82 -6.14
C TRP A 3 -8.24 -6.30 -6.27
N MET A 4 -7.01 -6.63 -6.70
CA MET A 4 -6.59 -8.02 -6.88
C MET A 4 -6.87 -8.85 -5.62
N PHE A 5 -6.52 -8.28 -4.45
CA PHE A 5 -6.74 -8.95 -3.17
C PHE A 5 -8.21 -9.22 -2.90
N LYS A 6 -9.12 -8.28 -3.23
CA LYS A 6 -10.55 -8.43 -3.01
C LYS A 6 -11.16 -9.53 -3.86
N GLU A 7 -10.66 -9.65 -5.08
CA GLU A 7 -11.12 -10.66 -6.04
C GLU A 7 -10.73 -12.04 -5.53
N ASP A 8 -9.51 -12.13 -4.98
CA ASP A 8 -8.97 -13.38 -4.43
C ASP A 8 -9.52 -13.65 -3.03
N HIS A 9 -9.05 -12.93 -2.00
CA HIS A 9 -9.45 -13.05 -0.60
C HIS A 9 -9.06 -11.78 0.16
N SER A 10 -10.03 -11.14 0.84
CA SER A 10 -9.77 -9.94 1.61
C SER A 10 -10.03 -10.07 3.11
N LEU A 11 -11.25 -10.30 3.59
CA LEU A 11 -11.56 -10.40 5.03
C LEU A 11 -10.62 -11.33 5.82
N GLU A 12 -10.53 -12.61 5.45
CA GLU A 12 -9.68 -13.55 6.18
C GLU A 12 -8.21 -13.17 6.10
N HIS A 13 -7.80 -12.66 4.94
CA HIS A 13 -6.45 -12.24 4.65
C HIS A 13 -6.08 -11.09 5.59
N ARG A 14 -6.88 -10.01 5.55
CA ARG A 14 -6.70 -8.81 6.36
C ARG A 14 -6.73 -9.14 7.84
N CYS A 15 -7.71 -9.92 8.32
CA CYS A 15 -7.80 -10.28 9.73
C CYS A 15 -6.51 -10.94 10.21
N VAL A 16 -6.08 -12.00 9.52
CA VAL A 16 -4.86 -12.73 9.88
C VAL A 16 -3.62 -11.83 9.76
N GLU A 17 -3.49 -11.11 8.65
CA GLU A 17 -2.39 -10.22 8.37
C GLU A 17 -2.26 -9.16 9.47
N SER A 18 -3.35 -8.47 9.80
CA SER A 18 -3.38 -7.42 10.81
C SER A 18 -3.00 -7.98 12.18
N ALA A 19 -3.58 -9.13 12.58
CA ALA A 19 -3.27 -9.74 13.88
C ALA A 19 -1.77 -10.04 13.99
N LYS A 20 -1.20 -10.70 12.97
CA LYS A 20 0.22 -11.05 12.95
C LYS A 20 1.09 -9.80 12.92
N ILE A 21 0.73 -8.83 12.08
CA ILE A 21 1.50 -7.60 11.96
C ILE A 21 1.51 -6.85 13.28
N ARG A 22 0.40 -6.74 14.01
CA ARG A 22 0.40 -6.01 15.26
C ARG A 22 1.20 -6.77 16.31
N ALA A 23 1.17 -8.11 16.28
CA ALA A 23 1.94 -8.86 17.26
C ALA A 23 3.45 -8.63 17.02
N LYS A 24 3.90 -8.75 15.77
CA LYS A 24 5.32 -8.58 15.42
C LYS A 24 5.79 -7.14 15.37
N TYR A 25 5.05 -6.26 14.71
CA TYR A 25 5.34 -4.84 14.52
C TYR A 25 4.12 -3.99 14.92
N PRO A 26 3.87 -3.79 16.22
CA PRO A 26 2.74 -3.01 16.70
C PRO A 26 2.83 -1.54 16.34
N ASP A 27 4.07 -1.04 16.20
CA ASP A 27 4.32 0.35 15.87
C ASP A 27 4.40 0.57 14.35
N ARG A 28 3.95 -0.41 13.55
CA ARG A 28 3.92 -0.31 12.09
C ARG A 28 2.47 -0.47 11.67
N VAL A 29 2.06 0.22 10.61
CA VAL A 29 0.72 0.18 10.08
C VAL A 29 0.76 -0.55 8.71
N PRO A 30 -0.28 -1.36 8.38
CA PRO A 30 -0.40 -2.15 7.16
C PRO A 30 -0.81 -1.31 5.93
N VAL A 31 -0.04 -1.40 4.84
CA VAL A 31 -0.29 -0.66 3.62
C VAL A 31 -0.11 -1.55 2.37
N ILE A 32 -0.91 -1.31 1.34
CA ILE A 32 -0.90 -1.99 0.05
C ILE A 32 -0.68 -0.87 -0.95
N VAL A 33 0.21 -1.12 -1.91
CA VAL A 33 0.61 -0.18 -2.93
C VAL A 33 0.35 -0.81 -4.30
N GLU A 34 -0.58 -0.27 -5.10
CA GLU A 34 -0.84 -0.83 -6.45
C GLU A 34 -0.79 0.32 -7.48
N LYS A 35 -0.48 0.00 -8.74
CA LYS A 35 -0.38 1.02 -9.80
C LYS A 35 -1.67 1.19 -10.57
N VAL A 36 -1.86 2.38 -11.12
CA VAL A 36 -3.00 2.74 -11.95
C VAL A 36 -2.82 1.98 -13.26
N SER A 37 -3.83 1.21 -13.67
CA SER A 37 -3.75 0.44 -14.91
C SER A 37 -3.51 1.39 -16.10
N GLY A 38 -2.68 0.95 -17.04
CA GLY A 38 -2.35 1.71 -18.23
C GLY A 38 -1.43 2.90 -17.98
N SER A 39 -0.65 2.91 -16.90
CA SER A 39 0.27 3.99 -16.58
C SER A 39 1.67 3.60 -17.08
N GLN A 40 2.44 4.56 -17.60
CA GLN A 40 3.80 4.33 -18.12
C GLN A 40 4.82 3.93 -17.04
N ILE A 41 4.48 4.00 -15.76
CA ILE A 41 5.41 3.65 -14.69
C ILE A 41 5.52 2.13 -14.54
N VAL A 42 6.60 1.69 -13.89
CA VAL A 42 6.86 0.29 -13.63
C VAL A 42 5.77 -0.24 -12.70
N ASP A 43 5.36 -1.48 -12.94
CA ASP A 43 4.36 -2.19 -12.17
C ASP A 43 5.01 -2.65 -10.88
N ILE A 44 4.22 -2.99 -9.87
CA ILE A 44 4.71 -3.45 -8.59
C ILE A 44 4.13 -4.83 -8.35
N ASP A 45 4.96 -5.76 -7.88
CA ASP A 45 4.53 -7.12 -7.58
C ASP A 45 3.62 -7.02 -6.34
N LYS A 46 2.80 -8.03 -6.11
CA LYS A 46 1.86 -8.00 -4.99
C LYS A 46 2.59 -8.23 -3.68
N ARG A 47 2.73 -7.17 -2.87
CA ARG A 47 3.42 -7.21 -1.58
C ARG A 47 2.63 -6.47 -0.49
N LYS A 48 2.92 -6.78 0.77
CA LYS A 48 2.31 -6.20 1.98
C LYS A 48 3.37 -5.24 2.54
N TYR A 49 3.22 -3.95 2.26
CA TYR A 49 4.14 -2.88 2.66
C TYR A 49 3.79 -2.41 4.08
N LEU A 50 4.71 -2.59 5.03
CA LEU A 50 4.55 -2.20 6.43
C LEU A 50 5.35 -0.94 6.70
N VAL A 51 4.74 0.18 7.12
CA VAL A 51 5.44 1.43 7.45
C VAL A 51 5.35 1.75 8.95
N PRO A 52 6.38 2.30 9.61
CA PRO A 52 6.29 2.66 11.02
C PRO A 52 5.38 3.87 11.16
N SER A 53 4.56 3.87 12.20
CA SER A 53 3.59 4.90 12.56
C SER A 53 4.24 6.25 12.88
N ASP A 54 5.55 6.30 13.16
CA ASP A 54 6.24 7.54 13.51
C ASP A 54 6.67 8.38 12.32
N ILE A 55 6.98 7.75 11.17
CA ILE A 55 7.40 8.48 9.97
C ILE A 55 6.25 9.28 9.37
N THR A 56 6.57 10.14 8.39
CA THR A 56 5.62 10.98 7.72
C THR A 56 5.35 10.50 6.29
N VAL A 57 4.19 10.90 5.77
CA VAL A 57 3.70 10.58 4.42
C VAL A 57 4.78 10.94 3.39
N ALA A 58 5.53 12.01 3.62
CA ALA A 58 6.60 12.48 2.75
C ALA A 58 7.73 11.45 2.65
N GLN A 59 8.15 10.88 3.78
CA GLN A 59 9.22 9.90 3.84
C GLN A 59 8.77 8.64 3.11
N PHE A 60 7.51 8.22 3.31
CA PHE A 60 6.99 7.04 2.61
C PHE A 60 7.08 7.28 1.10
N MET A 61 6.70 8.48 0.65
CA MET A 61 6.75 8.84 -0.76
C MET A 61 8.18 8.76 -1.30
N TRP A 62 9.18 9.33 -0.61
CA TRP A 62 10.57 9.28 -1.07
C TRP A 62 11.05 7.83 -1.22
N ILE A 63 10.71 6.97 -0.27
CA ILE A 63 11.12 5.57 -0.34
C ILE A 63 10.43 4.88 -1.53
N ILE A 64 9.13 5.11 -1.77
CA ILE A 64 8.43 4.46 -2.90
C ILE A 64 9.12 4.84 -4.23
N ARG A 65 9.36 6.13 -4.48
CA ARG A 65 10.00 6.53 -5.73
C ARG A 65 11.38 5.89 -5.89
N LYS A 66 12.17 5.79 -4.81
CA LYS A 66 13.48 5.17 -4.92
C LYS A 66 13.33 3.66 -5.15
N ARG A 67 12.39 2.99 -4.47
CA ARG A 67 12.15 1.56 -4.58
C ARG A 67 11.80 1.21 -6.02
N ILE A 68 10.86 1.94 -6.64
CA ILE A 68 10.46 1.66 -8.02
C ILE A 68 11.47 2.24 -9.02
N GLN A 69 12.52 2.90 -8.53
CA GLN A 69 13.58 3.50 -9.32
C GLN A 69 12.95 4.47 -10.34
N LEU A 70 12.12 5.40 -9.84
CA LEU A 70 11.40 6.42 -10.58
C LEU A 70 12.42 7.45 -11.10
N PRO A 71 12.75 7.48 -12.41
CA PRO A 71 13.70 8.46 -12.95
C PRO A 71 13.05 9.85 -12.95
N SER A 72 13.85 10.91 -12.97
CA SER A 72 13.34 12.28 -12.99
C SER A 72 12.44 12.55 -14.20
N GLU A 73 12.65 11.85 -15.32
CA GLU A 73 11.86 12.00 -16.53
C GLU A 73 10.38 11.70 -16.30
N LYS A 74 10.07 10.77 -15.39
CA LYS A 74 8.68 10.43 -15.07
C LYS A 74 8.34 11.11 -13.75
N ALA A 75 7.05 11.20 -13.42
CA ALA A 75 6.54 11.79 -12.20
C ALA A 75 5.99 10.69 -11.31
N ILE A 76 5.62 11.02 -10.08
CA ILE A 76 5.02 10.11 -9.12
C ILE A 76 3.98 10.87 -8.31
N PHE A 77 2.73 10.43 -8.43
CA PHE A 77 1.59 11.01 -7.73
C PHE A 77 0.92 9.85 -6.97
N LEU A 78 0.51 10.09 -5.72
CA LEU A 78 -0.14 9.12 -4.85
C LEU A 78 -1.57 9.54 -4.60
N PHE A 79 -2.45 8.55 -4.40
CA PHE A 79 -3.87 8.75 -4.18
C PHE A 79 -4.39 7.71 -3.17
N VAL A 80 -5.08 8.16 -2.12
CA VAL A 80 -5.64 7.28 -1.08
C VAL A 80 -7.08 7.68 -0.89
N ASP A 81 -8.03 6.75 -1.05
CA ASP A 81 -9.47 6.98 -0.93
C ASP A 81 -9.94 8.18 -1.79
N LYS A 82 -9.30 8.38 -2.95
CA LYS A 82 -9.57 9.49 -3.88
C LYS A 82 -9.22 10.82 -3.21
N THR A 83 -8.30 10.85 -2.24
CA THR A 83 -7.87 12.03 -1.53
C THR A 83 -6.39 12.26 -1.76
N VAL A 84 -5.96 13.49 -1.49
CA VAL A 84 -4.60 13.96 -1.59
C VAL A 84 -4.07 13.96 -0.15
N PRO A 85 -3.25 12.98 0.27
CA PRO A 85 -2.75 12.91 1.62
C PRO A 85 -1.73 14.03 1.87
N GLN A 86 -1.74 14.60 3.08
CA GLN A 86 -0.82 15.66 3.44
C GLN A 86 0.52 15.00 3.73
N SER A 87 1.52 15.28 2.91
CA SER A 87 2.88 14.77 2.99
C SER A 87 3.53 15.03 4.38
N SER A 88 3.10 16.07 5.10
CA SER A 88 3.63 16.40 6.40
C SER A 88 2.93 15.66 7.56
N LEU A 89 1.85 14.90 7.30
CA LEU A 89 1.11 14.14 8.31
C LEU A 89 1.93 12.90 8.68
N THR A 90 1.68 12.30 9.85
CA THR A 90 2.40 11.11 10.29
C THR A 90 1.62 9.86 9.89
N MET A 91 2.30 8.71 9.88
CA MET A 91 1.68 7.46 9.53
C MET A 91 0.60 7.06 10.52
N GLY A 92 0.86 7.14 11.82
CA GLY A 92 -0.15 6.81 12.84
C GLY A 92 -1.43 7.60 12.63
N GLN A 93 -1.31 8.91 12.42
CA GLN A 93 -2.45 9.80 12.20
C GLN A 93 -3.18 9.43 10.93
N LEU A 94 -2.46 9.32 9.80
CA LEU A 94 -3.07 8.98 8.52
C LEU A 94 -3.77 7.64 8.61
N TYR A 95 -3.16 6.63 9.22
CA TYR A 95 -3.77 5.31 9.34
C TYR A 95 -5.00 5.40 10.23
N GLU A 96 -4.89 5.92 11.45
CA GLU A 96 -6.00 6.05 12.38
C GLU A 96 -7.15 6.88 11.80
N LYS A 97 -6.86 7.87 10.93
CA LYS A 97 -7.92 8.67 10.34
C LYS A 97 -8.49 7.97 9.09
N GLU A 98 -7.65 7.34 8.25
CA GLU A 98 -8.09 6.66 7.02
C GLU A 98 -8.42 5.20 7.24
N LYS A 99 -8.42 4.66 8.46
CA LYS A 99 -8.69 3.26 8.71
C LYS A 99 -10.00 2.81 8.04
N ASP A 100 -9.87 1.82 7.17
CA ASP A 100 -10.92 1.19 6.39
C ASP A 100 -11.85 0.37 7.30
N GLU A 101 -12.95 -0.19 6.79
CA GLU A 101 -13.86 -1.02 7.58
C GLU A 101 -13.08 -2.21 8.15
N ASP A 102 -12.06 -2.66 7.44
CA ASP A 102 -11.18 -3.78 7.77
C ASP A 102 -9.82 -3.33 8.31
N GLY A 103 -9.64 -2.02 8.55
CA GLY A 103 -8.41 -1.45 9.09
C GLY A 103 -7.14 -1.68 8.27
N PHE A 104 -7.22 -1.83 6.95
CA PHE A 104 -6.07 -2.03 6.06
C PHE A 104 -5.96 -0.80 5.16
N LEU A 105 -4.77 -0.23 4.96
CA LEU A 105 -4.63 0.96 4.11
C LEU A 105 -4.24 0.53 2.70
N TYR A 106 -4.90 1.08 1.68
CA TYR A 106 -4.68 0.81 0.27
C TYR A 106 -4.37 2.14 -0.42
N VAL A 107 -3.23 2.27 -1.10
CA VAL A 107 -2.79 3.50 -1.79
C VAL A 107 -2.41 3.17 -3.24
N ALA A 108 -2.84 4.00 -4.19
CA ALA A 108 -2.57 3.82 -5.60
C ALA A 108 -1.62 4.91 -6.11
N TYR A 109 -0.79 4.57 -7.11
CA TYR A 109 0.18 5.51 -7.69
C TYR A 109 0.17 5.50 -9.22
N SER A 110 0.60 6.63 -9.81
CA SER A 110 0.69 6.78 -11.25
C SER A 110 1.87 7.67 -11.64
N GLY A 111 2.31 7.55 -12.89
CA GLY A 111 3.39 8.31 -13.49
C GLY A 111 2.90 9.21 -14.64
N GLU A 112 1.61 9.55 -14.66
CA GLU A 112 0.96 10.38 -15.66
C GLU A 112 0.37 11.59 -14.94
N ASN A 113 0.71 12.78 -15.43
CA ASN A 113 0.22 14.05 -14.90
C ASN A 113 -1.27 14.22 -15.25
N THR A 114 -1.72 13.63 -16.35
CA THR A 114 -3.08 13.65 -16.85
C THR A 114 -3.48 12.20 -17.08
N PHE A 115 -4.54 11.75 -16.41
CA PHE A 115 -5.06 10.39 -16.50
C PHE A 115 -6.49 10.36 -17.08
N GLY A 116 -6.98 11.47 -17.62
CA GLY A 116 -8.30 11.61 -18.19
C GLY A 116 -8.28 11.29 -19.67
N GLY B 1 -13.11 -24.69 5.33
CA GLY B 1 -11.67 -24.99 5.32
C GLY B 1 -10.93 -23.81 4.73
N ALA B 2 -9.70 -23.60 5.20
CA ALA B 2 -8.83 -22.52 4.74
C ALA B 2 -8.61 -22.58 3.23
N MET B 3 -8.11 -21.49 2.66
CA MET B 3 -7.86 -21.34 1.25
C MET B 3 -6.34 -21.36 1.02
N GLU B 4 -5.73 -22.54 1.19
CA GLU B 4 -4.30 -22.81 1.02
C GLU B 4 -4.09 -23.81 -0.13
N ILE B 5 -4.71 -23.55 -1.28
CA ILE B 5 -4.61 -24.40 -2.46
C ILE B 5 -3.20 -24.38 -3.07
N ILE B 6 -2.90 -25.34 -3.95
CA ILE B 6 -1.60 -25.43 -4.63
C ILE B 6 -1.51 -24.50 -5.85
N HIS B 7 -2.61 -23.84 -6.21
CA HIS B 7 -2.72 -22.93 -7.34
C HIS B 7 -2.97 -21.50 -6.83
N GLU B 8 -2.15 -21.04 -5.88
CA GLU B 8 -2.28 -19.70 -5.34
C GLU B 8 -1.55 -18.77 -6.31
N ASP B 9 -2.29 -17.97 -7.07
CA ASP B 9 -1.72 -17.02 -8.03
C ASP B 9 -1.27 -15.72 -7.36
N ASN B 10 -1.94 -15.38 -6.26
CA ASN B 10 -1.70 -14.21 -5.45
C ASN B 10 -0.44 -14.43 -4.59
N GLU B 11 0.56 -13.54 -4.67
CA GLU B 11 1.77 -13.70 -3.86
C GLU B 11 1.69 -12.96 -2.52
N TRP B 12 1.58 -11.62 -2.50
CA TRP B 12 1.48 -10.81 -1.28
C TRP B 12 2.61 -11.13 -0.27
N GLY B 13 3.86 -10.81 -0.60
CA GLY B 13 4.99 -11.04 0.30
C GLY B 13 5.12 -9.86 1.27
N ILE B 14 5.52 -10.07 2.52
CA ILE B 14 5.65 -9.02 3.54
C ILE B 14 6.97 -8.27 3.34
N GLU B 15 6.94 -6.93 3.39
CA GLU B 15 8.11 -6.09 3.24
C GLU B 15 8.07 -4.94 4.25
N LEU B 16 9.16 -4.79 5.02
CA LEU B 16 9.31 -3.74 6.03
C LEU B 16 9.96 -2.56 5.32
N VAL B 17 9.28 -1.41 5.26
CA VAL B 17 9.79 -0.22 4.60
C VAL B 17 9.89 0.98 5.54
N SER B 18 11.09 1.44 5.84
CA SER B 18 11.36 2.60 6.68
C SER B 18 12.72 3.15 6.29
N GLU B 19 12.91 4.44 6.53
CA GLU B 19 14.10 5.22 6.25
C GLU B 19 13.83 6.61 6.76
N MET A 1 -10.55 0.32 -8.65
CA MET A 1 -11.33 -0.64 -9.44
C MET A 1 -10.53 -1.93 -9.65
N GLY A 2 -11.20 -3.08 -9.59
CA GLY A 2 -10.59 -4.39 -9.79
C GLY A 2 -9.45 -4.66 -8.81
N TRP A 3 -9.78 -4.74 -7.53
CA TRP A 3 -8.81 -5.01 -6.49
C TRP A 3 -8.42 -6.48 -6.50
N MET A 4 -7.17 -6.80 -6.85
CA MET A 4 -6.71 -8.19 -6.89
C MET A 4 -6.79 -8.82 -5.50
N PHE A 5 -6.36 -8.08 -4.47
CA PHE A 5 -6.39 -8.59 -3.10
C PHE A 5 -7.82 -9.02 -2.75
N LYS A 6 -8.77 -8.12 -2.96
CA LYS A 6 -10.18 -8.33 -2.66
C LYS A 6 -10.80 -9.42 -3.53
N GLU A 7 -10.35 -9.55 -4.78
CA GLU A 7 -10.87 -10.55 -5.69
C GLU A 7 -10.61 -11.93 -5.09
N ASP A 8 -9.37 -12.17 -4.65
CA ASP A 8 -9.03 -13.45 -4.06
C ASP A 8 -9.66 -13.59 -2.68
N HIS A 9 -9.20 -12.82 -1.69
CA HIS A 9 -9.70 -12.82 -0.32
C HIS A 9 -9.29 -11.56 0.44
N SER A 10 -10.15 -11.01 1.30
CA SER A 10 -9.85 -9.84 2.10
C SER A 10 -10.16 -10.03 3.57
N LEU A 11 -11.42 -10.20 3.97
CA LEU A 11 -11.85 -10.31 5.37
C LEU A 11 -10.99 -11.19 6.28
N GLU A 12 -10.86 -12.49 5.97
CA GLU A 12 -10.04 -13.38 6.80
C GLU A 12 -8.57 -13.00 6.71
N HIS A 13 -8.08 -12.81 5.47
CA HIS A 13 -6.70 -12.45 5.18
C HIS A 13 -6.26 -11.23 5.99
N ARG A 14 -7.10 -10.18 6.03
CA ARG A 14 -6.87 -8.95 6.75
C ARG A 14 -6.85 -9.25 8.24
N CYS A 15 -7.76 -10.08 8.75
CA CYS A 15 -7.78 -10.43 10.17
C CYS A 15 -6.50 -11.20 10.55
N VAL A 16 -6.03 -12.12 9.69
CA VAL A 16 -4.83 -12.90 9.96
C VAL A 16 -3.64 -11.94 9.93
N GLU A 17 -3.54 -11.09 8.90
CA GLU A 17 -2.44 -10.15 8.80
C GLU A 17 -2.48 -9.16 9.95
N SER A 18 -3.65 -8.69 10.40
CA SER A 18 -3.75 -7.76 11.51
C SER A 18 -3.12 -8.42 12.73
N ALA A 19 -3.49 -9.67 13.01
CA ALA A 19 -2.96 -10.40 14.15
C ALA A 19 -1.44 -10.59 14.02
N LYS A 20 -0.97 -11.08 12.87
CA LYS A 20 0.44 -11.34 12.62
C LYS A 20 1.29 -10.08 12.69
N ILE A 21 0.90 -9.04 11.96
CA ILE A 21 1.64 -7.79 11.90
C ILE A 21 1.53 -7.02 13.21
N ARG A 22 0.36 -6.92 13.87
CA ARG A 22 0.27 -6.18 15.13
C ARG A 22 1.12 -6.88 16.19
N ALA A 23 1.25 -8.21 16.11
CA ALA A 23 2.06 -8.93 17.07
C ALA A 23 3.55 -8.67 16.84
N LYS A 24 4.03 -8.75 15.59
CA LYS A 24 5.45 -8.52 15.28
C LYS A 24 5.87 -7.05 15.26
N TYR A 25 5.10 -6.22 14.57
CA TYR A 25 5.33 -4.82 14.35
C TYR A 25 4.06 -4.06 14.80
N PRO A 26 3.91 -3.82 16.11
CA PRO A 26 2.78 -3.11 16.66
C PRO A 26 2.78 -1.67 16.14
N ASP A 27 3.98 -1.10 15.99
CA ASP A 27 4.18 0.28 15.53
C ASP A 27 4.31 0.43 14.01
N ARG A 28 3.82 -0.54 13.23
CA ARG A 28 3.82 -0.47 11.77
C ARG A 28 2.40 -0.69 11.28
N VAL A 29 2.10 -0.19 10.09
CA VAL A 29 0.78 -0.28 9.49
C VAL A 29 0.88 -0.88 8.08
N PRO A 30 -0.05 -1.77 7.69
CA PRO A 30 -0.09 -2.44 6.40
C PRO A 30 -0.65 -1.57 5.27
N VAL A 31 0.17 -1.34 4.25
CA VAL A 31 -0.15 -0.54 3.09
C VAL A 31 0.09 -1.38 1.83
N ILE A 32 -0.85 -1.32 0.89
CA ILE A 32 -0.78 -2.03 -0.36
C ILE A 32 -0.89 -0.94 -1.43
N VAL A 33 0.14 -0.81 -2.24
CA VAL A 33 0.26 0.14 -3.33
C VAL A 33 0.08 -0.65 -4.63
N GLU A 34 -0.88 -0.26 -5.48
CA GLU A 34 -1.10 -0.92 -6.77
C GLU A 34 -1.02 0.16 -7.86
N LYS A 35 -0.38 -0.18 -8.97
CA LYS A 35 -0.19 0.72 -10.10
C LYS A 35 -1.51 0.92 -10.85
N VAL A 36 -1.76 2.16 -11.28
CA VAL A 36 -2.94 2.56 -12.03
C VAL A 36 -2.86 1.88 -13.41
N SER A 37 -3.90 1.16 -13.80
CA SER A 37 -3.99 0.47 -15.07
C SER A 37 -3.77 1.48 -16.20
N GLY A 38 -2.78 1.26 -17.06
CA GLY A 38 -2.50 2.15 -18.18
C GLY A 38 -1.54 3.28 -17.87
N SER A 39 -0.87 3.28 -16.70
CA SER A 39 0.07 4.34 -16.39
C SER A 39 1.45 4.02 -16.95
N GLN A 40 2.15 5.09 -17.35
CA GLN A 40 3.50 5.02 -17.88
C GLN A 40 4.51 4.52 -16.82
N ILE A 41 4.23 4.70 -15.53
CA ILE A 41 5.15 4.26 -14.49
C ILE A 41 5.33 2.73 -14.42
N VAL A 42 6.39 2.30 -13.74
CA VAL A 42 6.75 0.91 -13.52
C VAL A 42 5.75 0.31 -12.52
N ASP A 43 5.35 -0.93 -12.72
CA ASP A 43 4.43 -1.63 -11.84
C ASP A 43 5.18 -2.21 -10.63
N ILE A 44 4.43 -2.71 -9.65
CA ILE A 44 4.94 -3.32 -8.44
C ILE A 44 4.28 -4.70 -8.30
N ASP A 45 4.95 -5.67 -7.70
CA ASP A 45 4.44 -7.02 -7.49
C ASP A 45 3.45 -7.00 -6.32
N LYS A 46 2.67 -8.07 -6.15
CA LYS A 46 1.69 -8.20 -5.08
C LYS A 46 2.49 -8.45 -3.81
N ARG A 47 2.76 -7.40 -3.05
CA ARG A 47 3.50 -7.43 -1.79
C ARG A 47 2.74 -6.57 -0.79
N LYS A 48 2.96 -6.78 0.50
CA LYS A 48 2.29 -6.05 1.60
C LYS A 48 3.34 -5.21 2.31
N TYR A 49 3.39 -3.90 2.09
CA TYR A 49 4.40 -3.06 2.73
C TYR A 49 3.95 -2.66 4.14
N LEU A 50 4.91 -2.55 5.05
CA LEU A 50 4.70 -2.19 6.45
C LEU A 50 5.50 -0.94 6.75
N VAL A 51 4.82 0.18 7.01
CA VAL A 51 5.47 1.45 7.31
C VAL A 51 5.27 1.83 8.78
N PRO A 52 6.25 2.42 9.48
CA PRO A 52 6.14 2.80 10.89
C PRO A 52 5.28 4.05 11.08
N SER A 53 4.48 4.05 12.15
CA SER A 53 3.57 5.14 12.52
C SER A 53 4.26 6.48 12.77
N ASP A 54 5.55 6.45 13.07
CA ASP A 54 6.36 7.62 13.37
C ASP A 54 6.81 8.44 12.16
N ILE A 55 7.05 7.82 11.00
CA ILE A 55 7.48 8.59 9.83
C ILE A 55 6.30 9.39 9.26
N THR A 56 6.61 10.35 8.38
CA THR A 56 5.63 11.19 7.72
C THR A 56 5.40 10.71 6.28
N VAL A 57 4.29 11.11 5.65
CA VAL A 57 3.93 10.75 4.29
C VAL A 57 5.06 11.13 3.31
N ALA A 58 5.75 12.24 3.54
CA ALA A 58 6.84 12.69 2.69
C ALA A 58 7.95 11.63 2.67
N GLN A 59 8.31 11.09 3.84
CA GLN A 59 9.33 10.07 3.95
C GLN A 59 8.87 8.83 3.21
N PHE A 60 7.61 8.40 3.41
CA PHE A 60 7.07 7.22 2.73
C PHE A 60 7.13 7.43 1.21
N MET A 61 6.72 8.60 0.72
CA MET A 61 6.74 8.93 -0.69
C MET A 61 8.17 8.84 -1.24
N TRP A 62 9.17 9.29 -0.47
CA TRP A 62 10.57 9.24 -0.86
C TRP A 62 11.04 7.78 -0.91
N ILE A 63 10.62 6.96 0.05
CA ILE A 63 10.99 5.56 0.09
C ILE A 63 10.36 4.87 -1.13
N ILE A 64 9.09 5.13 -1.45
CA ILE A 64 8.40 4.51 -2.59
C ILE A 64 9.10 4.85 -3.91
N ARG A 65 9.37 6.14 -4.19
CA ARG A 65 10.02 6.52 -5.43
C ARG A 65 11.40 5.88 -5.55
N LYS A 66 12.16 5.77 -4.46
CA LYS A 66 13.47 5.14 -4.48
C LYS A 66 13.32 3.64 -4.69
N ARG A 67 12.37 2.99 -3.99
CA ARG A 67 12.12 1.56 -4.06
C ARG A 67 11.86 1.12 -5.49
N ILE A 68 10.97 1.82 -6.18
CA ILE A 68 10.62 1.49 -7.57
C ILE A 68 11.60 2.12 -8.57
N GLN A 69 12.61 2.87 -8.11
CA GLN A 69 13.62 3.53 -8.93
C GLN A 69 12.97 4.50 -9.94
N LEU A 70 12.18 5.46 -9.46
CA LEU A 70 11.51 6.48 -10.27
C LEU A 70 12.62 7.41 -10.80
N PRO A 71 12.95 7.39 -12.10
CA PRO A 71 14.00 8.23 -12.68
C PRO A 71 13.56 9.69 -12.79
N SER A 72 14.50 10.60 -13.01
CA SER A 72 14.21 12.02 -13.16
C SER A 72 13.27 12.25 -14.36
N GLU A 73 13.29 11.38 -15.38
CA GLU A 73 12.46 11.51 -16.57
C GLU A 73 10.95 11.43 -16.27
N LYS A 74 10.49 10.58 -15.34
CA LYS A 74 9.07 10.46 -14.98
C LYS A 74 8.74 11.14 -13.64
N ALA A 75 7.46 11.35 -13.39
CA ALA A 75 6.91 11.93 -12.16
C ALA A 75 6.23 10.81 -11.36
N ILE A 76 5.70 11.11 -10.17
CA ILE A 76 5.02 10.16 -9.31
C ILE A 76 3.88 10.85 -8.54
N PHE A 77 2.73 10.19 -8.41
CA PHE A 77 1.54 10.65 -7.70
C PHE A 77 0.84 9.45 -7.05
N LEU A 78 0.35 9.64 -5.82
CA LEU A 78 -0.40 8.66 -5.01
C LEU A 78 -1.82 9.20 -4.82
N PHE A 79 -2.81 8.32 -4.74
CA PHE A 79 -4.21 8.66 -4.55
C PHE A 79 -4.78 7.65 -3.57
N VAL A 80 -5.34 8.11 -2.46
CA VAL A 80 -5.92 7.24 -1.43
C VAL A 80 -7.35 7.66 -1.18
N ASP A 81 -8.30 6.75 -1.33
CA ASP A 81 -9.74 6.96 -1.12
C ASP A 81 -10.23 8.28 -1.74
N LYS A 82 -9.64 8.64 -2.88
CA LYS A 82 -9.95 9.84 -3.65
C LYS A 82 -9.58 11.14 -2.93
N THR A 83 -8.46 11.11 -2.22
CA THR A 83 -7.87 12.22 -1.48
C THR A 83 -6.37 12.24 -1.78
N VAL A 84 -5.70 13.38 -1.59
CA VAL A 84 -4.26 13.53 -1.80
C VAL A 84 -3.64 13.52 -0.39
N PRO A 85 -2.90 12.48 0.00
CA PRO A 85 -2.31 12.42 1.33
C PRO A 85 -1.23 13.50 1.47
N GLN A 86 -1.39 14.37 2.47
CA GLN A 86 -0.48 15.47 2.73
C GLN A 86 0.87 14.90 3.17
N SER A 87 1.95 15.27 2.49
CA SER A 87 3.31 14.81 2.78
C SER A 87 3.74 15.12 4.24
N SER A 88 3.27 16.24 4.81
CA SER A 88 3.59 16.61 6.19
C SER A 88 2.75 15.84 7.23
N LEU A 89 1.79 15.01 6.82
CA LEU A 89 0.98 14.23 7.76
C LEU A 89 1.80 13.04 8.27
N THR A 90 1.60 12.64 9.53
CA THR A 90 2.31 11.53 10.15
C THR A 90 1.59 10.22 9.78
N MET A 91 2.33 9.10 9.66
CA MET A 91 1.75 7.81 9.32
C MET A 91 0.63 7.45 10.29
N GLY A 92 0.86 7.55 11.60
CA GLY A 92 -0.16 7.23 12.59
C GLY A 92 -1.42 8.05 12.41
N GLN A 93 -1.30 9.35 12.13
CA GLN A 93 -2.46 10.22 11.95
C GLN A 93 -3.25 9.76 10.72
N LEU A 94 -2.53 9.58 9.61
CA LEU A 94 -3.09 9.14 8.35
C LEU A 94 -3.76 7.78 8.48
N TYR A 95 -3.14 6.82 9.14
CA TYR A 95 -3.64 5.47 9.36
C TYR A 95 -4.94 5.57 10.12
N GLU A 96 -4.94 6.31 11.23
CA GLU A 96 -6.12 6.48 12.07
C GLU A 96 -7.24 7.23 11.34
N LYS A 97 -6.95 8.12 10.39
CA LYS A 97 -7.97 8.85 9.63
C LYS A 97 -8.42 8.15 8.35
N GLU A 98 -7.55 7.35 7.70
CA GLU A 98 -7.86 6.67 6.44
C GLU A 98 -8.14 5.16 6.56
N LYS A 99 -8.03 4.59 7.76
CA LYS A 99 -8.23 3.17 8.09
C LYS A 99 -9.38 2.51 7.32
N ASP A 100 -9.11 1.45 6.56
CA ASP A 100 -10.16 0.75 5.83
C ASP A 100 -11.04 0.02 6.84
N GLU A 101 -12.24 -0.38 6.42
CA GLU A 101 -13.18 -1.12 7.24
C GLU A 101 -12.55 -2.41 7.76
N ASP A 102 -11.65 -3.01 6.97
CA ASP A 102 -11.00 -4.25 7.35
C ASP A 102 -9.78 -3.91 8.20
N GLY A 103 -9.09 -2.79 7.91
CA GLY A 103 -7.94 -2.33 8.69
C GLY A 103 -6.69 -1.90 7.94
N PHE A 104 -6.51 -2.40 6.71
CA PHE A 104 -5.35 -2.09 5.88
C PHE A 104 -5.53 -0.77 5.15
N LEU A 105 -4.53 -0.36 4.37
CA LEU A 105 -4.62 0.87 3.60
C LEU A 105 -4.41 0.53 2.12
N TYR A 106 -5.37 0.91 1.29
CA TYR A 106 -5.38 0.67 -0.14
C TYR A 106 -5.13 1.98 -0.89
N VAL A 107 -3.99 2.08 -1.55
CA VAL A 107 -3.60 3.28 -2.29
C VAL A 107 -3.21 2.90 -3.74
N ALA A 108 -3.49 3.81 -4.67
CA ALA A 108 -3.19 3.64 -6.07
C ALA A 108 -2.13 4.68 -6.44
N TYR A 109 -1.27 4.35 -7.41
CA TYR A 109 -0.23 5.30 -7.83
C TYR A 109 -0.08 5.32 -9.35
N SER A 110 0.39 6.45 -9.86
CA SER A 110 0.63 6.69 -11.26
C SER A 110 1.83 7.62 -11.40
N GLY A 111 2.34 7.76 -12.62
CA GLY A 111 3.47 8.64 -12.91
C GLY A 111 3.08 9.79 -13.83
N GLU A 112 1.79 10.11 -13.97
CA GLU A 112 1.32 11.16 -14.86
C GLU A 112 0.24 11.96 -14.13
N ASN A 113 0.33 13.28 -14.22
CA ASN A 113 -0.57 14.22 -13.56
C ASN A 113 -2.02 14.27 -14.09
N THR A 114 -2.37 13.59 -15.18
CA THR A 114 -3.71 13.60 -15.73
C THR A 114 -4.10 12.13 -15.97
N PHE A 115 -5.01 11.64 -15.13
CA PHE A 115 -5.53 10.28 -15.12
C PHE A 115 -6.96 10.18 -15.67
N GLY A 116 -7.38 11.16 -16.48
CA GLY A 116 -8.69 11.28 -17.11
C GLY A 116 -9.38 9.97 -17.43
N GLY B 1 -16.61 -19.39 6.98
CA GLY B 1 -16.90 -20.79 6.60
C GLY B 1 -15.67 -21.63 6.85
N ALA B 2 -14.71 -21.58 5.92
CA ALA B 2 -13.44 -22.28 5.95
C ALA B 2 -12.62 -21.70 4.80
N MET B 3 -11.91 -20.60 5.00
CA MET B 3 -11.08 -19.96 3.95
C MET B 3 -9.71 -20.62 3.82
N GLU B 4 -9.64 -21.92 4.15
CA GLU B 4 -8.50 -22.84 4.13
C GLU B 4 -8.01 -23.15 2.71
N ILE B 5 -7.82 -22.13 1.88
CA ILE B 5 -7.34 -22.28 0.51
C ILE B 5 -5.87 -22.73 0.57
N ILE B 6 -5.34 -23.26 -0.52
CA ILE B 6 -3.95 -23.72 -0.59
C ILE B 6 -3.23 -22.91 -1.65
N HIS B 7 -3.73 -22.94 -2.88
CA HIS B 7 -3.17 -22.22 -4.02
C HIS B 7 -3.51 -20.74 -3.89
N GLU B 8 -2.71 -19.99 -3.13
CA GLU B 8 -2.95 -18.55 -2.98
C GLU B 8 -2.58 -17.97 -4.34
N ASP B 9 -3.59 -17.53 -5.09
CA ASP B 9 -3.47 -16.95 -6.44
C ASP B 9 -2.41 -15.85 -6.54
N ASN B 10 -2.25 -15.08 -5.46
CA ASN B 10 -1.32 -13.98 -5.36
C ASN B 10 -0.16 -14.32 -4.41
N GLU B 11 0.92 -13.53 -4.49
CA GLU B 11 2.07 -13.72 -3.63
C GLU B 11 1.83 -13.02 -2.28
N TRP B 12 1.56 -11.71 -2.29
CA TRP B 12 1.31 -10.87 -1.12
C TRP B 12 2.36 -11.07 -0.04
N GLY B 13 3.65 -10.89 -0.36
CA GLY B 13 4.70 -11.07 0.63
C GLY B 13 4.84 -9.82 1.50
N ILE B 14 4.79 -9.96 2.82
CA ILE B 14 4.92 -8.86 3.76
C ILE B 14 6.37 -8.33 3.73
N GLU B 15 6.55 -7.01 3.75
CA GLU B 15 7.86 -6.37 3.72
C GLU B 15 7.97 -5.16 4.66
N LEU B 16 9.10 -4.98 5.36
CA LEU B 16 9.37 -3.87 6.28
C LEU B 16 9.98 -2.75 5.45
N VAL B 17 9.24 -1.64 5.27
CA VAL B 17 9.68 -0.51 4.46
C VAL B 17 9.70 0.77 5.31
N SER B 18 10.89 1.31 5.54
CA SER B 18 11.09 2.51 6.35
C SER B 18 12.46 3.16 6.10
N GLU B 19 12.54 4.43 6.48
CA GLU B 19 13.68 5.35 6.41
C GLU B 19 13.94 5.88 5.01
N MET A 1 -9.38 -0.84 -13.29
CA MET A 1 -9.74 -0.49 -11.92
C MET A 1 -10.44 -1.67 -11.27
N GLY A 2 -9.89 -2.16 -10.16
CA GLY A 2 -10.38 -3.26 -9.36
C GLY A 2 -9.33 -3.63 -8.31
N TRP A 3 -9.72 -4.32 -7.24
CA TRP A 3 -8.83 -4.73 -6.15
C TRP A 3 -8.55 -6.23 -6.22
N MET A 4 -7.29 -6.61 -6.48
CA MET A 4 -6.87 -8.01 -6.56
C MET A 4 -7.18 -8.73 -5.25
N PHE A 5 -6.83 -8.11 -4.11
CA PHE A 5 -7.07 -8.72 -2.80
C PHE A 5 -8.56 -8.96 -2.58
N LYS A 6 -9.41 -7.97 -2.86
CA LYS A 6 -10.85 -8.06 -2.65
C LYS A 6 -11.50 -9.13 -3.52
N GLU A 7 -11.05 -9.30 -4.77
CA GLU A 7 -11.62 -10.29 -5.67
C GLU A 7 -11.25 -11.72 -5.26
N ASP A 8 -10.00 -11.90 -4.85
CA ASP A 8 -9.43 -13.18 -4.40
C ASP A 8 -9.93 -13.54 -3.00
N HIS A 9 -9.38 -12.88 -1.95
CA HIS A 9 -9.74 -13.09 -0.55
C HIS A 9 -9.26 -11.86 0.21
N SER A 10 -10.16 -11.12 0.87
CA SER A 10 -9.79 -9.93 1.63
C SER A 10 -9.85 -10.15 3.13
N LEU A 11 -11.05 -10.37 3.62
CA LEU A 11 -11.41 -10.56 5.01
C LEU A 11 -10.50 -11.48 5.83
N GLU A 12 -10.34 -12.75 5.44
CA GLU A 12 -9.48 -13.67 6.22
C GLU A 12 -8.01 -13.22 6.13
N HIS A 13 -7.61 -12.71 4.96
CA HIS A 13 -6.25 -12.25 4.72
C HIS A 13 -5.94 -11.10 5.66
N ARG A 14 -6.76 -10.04 5.67
CA ARG A 14 -6.62 -8.85 6.50
C ARG A 14 -6.73 -9.18 7.98
N CYS A 15 -7.71 -9.99 8.39
CA CYS A 15 -7.86 -10.34 9.78
C CYS A 15 -6.56 -10.95 10.32
N VAL A 16 -6.04 -11.98 9.65
CA VAL A 16 -4.81 -12.65 10.06
C VAL A 16 -3.61 -11.70 9.95
N GLU A 17 -3.48 -10.98 8.83
CA GLU A 17 -2.39 -10.05 8.56
C GLU A 17 -2.28 -8.96 9.62
N SER A 18 -3.36 -8.25 9.91
CA SER A 18 -3.35 -7.19 10.89
C SER A 18 -3.07 -7.77 12.27
N ALA A 19 -3.69 -8.89 12.66
CA ALA A 19 -3.44 -9.49 13.97
C ALA A 19 -1.94 -9.71 14.18
N LYS A 20 -1.29 -10.32 13.18
CA LYS A 20 0.13 -10.63 13.18
C LYS A 20 0.96 -9.36 13.29
N ILE A 21 0.65 -8.33 12.49
CA ILE A 21 1.42 -7.10 12.54
C ILE A 21 1.26 -6.44 13.91
N ARG A 22 0.07 -6.39 14.51
CA ARG A 22 -0.07 -5.74 15.82
C ARG A 22 0.77 -6.48 16.85
N ALA A 23 0.85 -7.82 16.73
CA ALA A 23 1.65 -8.58 17.66
C ALA A 23 3.15 -8.36 17.44
N LYS A 24 3.64 -8.42 16.19
CA LYS A 24 5.04 -8.27 15.81
C LYS A 24 5.61 -6.85 15.73
N TYR A 25 4.88 -5.94 15.09
CA TYR A 25 5.25 -4.55 14.84
C TYR A 25 4.05 -3.65 15.18
N PRO A 26 3.84 -3.31 16.47
CA PRO A 26 2.72 -2.49 16.91
C PRO A 26 2.80 -1.05 16.37
N ASP A 27 4.01 -0.58 16.04
CA ASP A 27 4.21 0.76 15.53
C ASP A 27 4.26 0.74 14.00
N ARG A 28 3.86 -0.34 13.34
CA ARG A 28 3.85 -0.43 11.88
C ARG A 28 2.44 -0.72 11.43
N VAL A 29 2.11 -0.30 10.21
CA VAL A 29 0.79 -0.45 9.63
C VAL A 29 0.85 -1.12 8.25
N PRO A 30 -0.13 -1.99 7.92
CA PRO A 30 -0.23 -2.69 6.65
C PRO A 30 -0.69 -1.76 5.54
N VAL A 31 0.09 -1.70 4.47
CA VAL A 31 -0.21 -0.89 3.32
C VAL A 31 -0.04 -1.74 2.07
N ILE A 32 -0.94 -1.55 1.12
CA ILE A 32 -0.96 -2.22 -0.16
C ILE A 32 -0.79 -1.08 -1.15
N VAL A 33 0.29 -1.11 -1.92
CA VAL A 33 0.66 -0.14 -2.92
C VAL A 33 0.39 -0.80 -4.28
N GLU A 34 -0.49 -0.22 -5.10
CA GLU A 34 -0.82 -0.74 -6.42
C GLU A 34 -0.59 0.34 -7.48
N LYS A 35 -0.17 -0.05 -8.69
CA LYS A 35 0.11 0.87 -9.79
C LYS A 35 -1.15 1.01 -10.67
N VAL A 36 -1.51 2.22 -11.07
CA VAL A 36 -2.69 2.45 -11.91
C VAL A 36 -2.33 2.14 -13.37
N SER A 37 -3.17 1.35 -14.05
CA SER A 37 -2.96 0.98 -15.45
C SER A 37 -3.05 2.25 -16.32
N GLY A 38 -2.43 2.22 -17.50
CA GLY A 38 -2.39 3.32 -18.46
C GLY A 38 -1.20 4.25 -18.26
N SER A 39 -0.56 4.26 -17.09
CA SER A 39 0.59 5.11 -16.87
C SER A 39 1.81 4.32 -17.39
N GLN A 40 2.78 5.00 -18.01
CA GLN A 40 3.99 4.38 -18.57
C GLN A 40 5.00 3.98 -17.49
N ILE A 41 4.80 4.43 -16.25
CA ILE A 41 5.68 4.15 -15.10
C ILE A 41 5.73 2.64 -14.79
N VAL A 42 6.79 2.21 -14.12
CA VAL A 42 7.01 0.83 -13.70
C VAL A 42 5.96 0.41 -12.65
N ASP A 43 5.72 -0.89 -12.53
CA ASP A 43 4.77 -1.52 -11.63
C ASP A 43 5.40 -2.14 -10.38
N ILE A 44 4.52 -2.60 -9.48
CA ILE A 44 4.87 -3.22 -8.22
C ILE A 44 4.17 -4.58 -8.15
N ASP A 45 4.92 -5.58 -7.68
CA ASP A 45 4.45 -6.94 -7.54
C ASP A 45 3.55 -7.02 -6.30
N LYS A 46 2.79 -8.09 -6.16
CA LYS A 46 1.85 -8.24 -5.05
C LYS A 46 2.58 -8.55 -3.75
N ARG A 47 2.86 -7.53 -2.96
CA ARG A 47 3.55 -7.62 -1.66
C ARG A 47 2.73 -6.86 -0.61
N LYS A 48 2.99 -7.12 0.66
CA LYS A 48 2.34 -6.50 1.82
C LYS A 48 3.41 -5.61 2.42
N TYR A 49 3.35 -4.30 2.17
CA TYR A 49 4.36 -3.37 2.67
C TYR A 49 3.95 -2.77 4.00
N LEU A 50 4.77 -2.96 5.03
CA LEU A 50 4.53 -2.44 6.38
C LEU A 50 5.38 -1.19 6.56
N VAL A 51 4.75 -0.05 6.85
CA VAL A 51 5.42 1.22 7.08
C VAL A 51 5.28 1.63 8.55
N PRO A 52 6.30 2.22 9.18
CA PRO A 52 6.20 2.64 10.56
C PRO A 52 5.36 3.91 10.70
N SER A 53 4.52 3.92 11.74
CA SER A 53 3.62 4.99 12.15
C SER A 53 4.38 6.27 12.49
N ASP A 54 5.69 6.15 12.70
CA ASP A 54 6.58 7.24 13.07
C ASP A 54 6.94 8.17 11.93
N ILE A 55 7.09 7.66 10.70
CA ILE A 55 7.47 8.51 9.57
C ILE A 55 6.26 9.28 9.00
N THR A 56 6.51 10.24 8.11
CA THR A 56 5.47 11.05 7.47
C THR A 56 5.14 10.54 6.07
N VAL A 57 4.03 11.01 5.51
CA VAL A 57 3.60 10.65 4.15
C VAL A 57 4.72 10.99 3.15
N ALA A 58 5.48 12.08 3.38
CA ALA A 58 6.58 12.51 2.52
C ALA A 58 7.65 11.43 2.46
N GLN A 59 8.02 10.87 3.62
CA GLN A 59 9.03 9.82 3.74
C GLN A 59 8.51 8.56 3.06
N PHE A 60 7.25 8.19 3.29
CA PHE A 60 6.66 7.00 2.70
C PHE A 60 6.72 7.13 1.17
N MET A 61 6.30 8.28 0.65
CA MET A 61 6.30 8.58 -0.76
C MET A 61 7.71 8.49 -1.34
N TRP A 62 8.71 9.06 -0.65
CA TRP A 62 10.10 9.03 -1.09
C TRP A 62 10.60 7.59 -1.21
N ILE A 63 10.21 6.72 -0.27
CA ILE A 63 10.63 5.33 -0.30
C ILE A 63 10.04 4.65 -1.54
N ILE A 64 8.74 4.81 -1.84
CA ILE A 64 8.17 4.14 -3.03
C ILE A 64 8.92 4.58 -4.28
N ARG A 65 9.10 5.89 -4.50
CA ARG A 65 9.82 6.33 -5.70
C ARG A 65 11.26 5.83 -5.72
N LYS A 66 11.94 5.76 -4.59
CA LYS A 66 13.32 5.28 -4.52
C LYS A 66 13.37 3.79 -4.84
N ARG A 67 12.45 2.98 -4.31
CA ARG A 67 12.38 1.53 -4.49
C ARG A 67 12.11 1.18 -5.94
N ILE A 68 11.14 1.84 -6.58
CA ILE A 68 10.84 1.58 -7.99
C ILE A 68 11.85 2.30 -8.91
N GLN A 69 12.82 2.99 -8.32
CA GLN A 69 13.89 3.73 -8.94
C GLN A 69 13.35 4.69 -10.01
N LEU A 70 12.47 5.60 -9.58
CA LEU A 70 11.81 6.60 -10.41
C LEU A 70 12.84 7.62 -10.93
N PRO A 71 13.14 7.63 -12.25
CA PRO A 71 14.10 8.54 -12.88
C PRO A 71 13.64 9.98 -12.90
N SER A 72 14.56 10.90 -13.19
CA SER A 72 14.34 12.33 -13.28
C SER A 72 13.35 12.74 -14.37
N GLU A 73 13.16 11.88 -15.38
CA GLU A 73 12.27 12.08 -16.51
C GLU A 73 10.79 11.95 -16.13
N LYS A 74 10.44 10.82 -15.51
CA LYS A 74 9.07 10.50 -15.13
C LYS A 74 8.65 11.17 -13.82
N ALA A 75 7.33 11.21 -13.59
CA ALA A 75 6.67 11.76 -12.43
C ALA A 75 6.12 10.60 -11.62
N ILE A 76 5.71 10.85 -10.38
CA ILE A 76 5.12 9.87 -9.48
C ILE A 76 4.24 10.63 -8.49
N PHE A 77 3.01 10.18 -8.31
CA PHE A 77 2.02 10.75 -7.42
C PHE A 77 1.29 9.59 -6.74
N LEU A 78 0.83 9.80 -5.51
CA LEU A 78 0.09 8.82 -4.71
C LEU A 78 -1.34 9.30 -4.52
N PHE A 79 -2.23 8.35 -4.26
CA PHE A 79 -3.66 8.56 -4.04
C PHE A 79 -4.18 7.52 -3.05
N VAL A 80 -5.06 7.92 -2.13
CA VAL A 80 -5.66 7.05 -1.11
C VAL A 80 -7.15 7.35 -1.09
N ASP A 81 -8.00 6.35 -1.34
CA ASP A 81 -9.46 6.49 -1.36
C ASP A 81 -9.90 7.76 -2.10
N LYS A 82 -9.41 7.94 -3.33
CA LYS A 82 -9.69 9.09 -4.21
C LYS A 82 -9.21 10.43 -3.64
N THR A 83 -8.30 10.49 -2.68
CA THR A 83 -7.79 11.73 -2.08
C THR A 83 -6.27 11.80 -2.14
N VAL A 84 -5.76 13.02 -2.01
CA VAL A 84 -4.34 13.35 -2.03
C VAL A 84 -3.94 13.61 -0.55
N PRO A 85 -3.24 12.71 0.15
CA PRO A 85 -2.84 12.91 1.53
C PRO A 85 -1.79 14.02 1.63
N GLN A 86 -1.70 14.66 2.80
CA GLN A 86 -0.75 15.73 3.07
C GLN A 86 0.61 15.12 3.37
N SER A 87 1.63 15.48 2.59
CA SER A 87 3.00 14.98 2.76
C SER A 87 3.58 15.16 4.17
N SER A 88 3.18 16.22 4.89
CA SER A 88 3.69 16.48 6.22
C SER A 88 2.95 15.70 7.33
N LEU A 89 1.84 15.01 7.05
CA LEU A 89 1.09 14.24 8.05
C LEU A 89 1.91 13.02 8.49
N THR A 90 1.71 12.54 9.72
CA THR A 90 2.42 11.39 10.25
C THR A 90 1.65 10.11 9.89
N MET A 91 2.36 8.98 9.72
CA MET A 91 1.73 7.72 9.37
C MET A 91 0.69 7.34 10.42
N GLY A 92 0.98 7.39 11.73
CA GLY A 92 -0.01 7.05 12.76
C GLY A 92 -1.35 7.78 12.58
N GLN A 93 -1.32 9.10 12.37
CA GLN A 93 -2.49 9.94 12.19
C GLN A 93 -3.21 9.53 10.92
N LEU A 94 -2.46 9.43 9.82
CA LEU A 94 -2.97 9.05 8.51
C LEU A 94 -3.65 7.68 8.61
N TYR A 95 -3.01 6.69 9.21
CA TYR A 95 -3.52 5.34 9.37
C TYR A 95 -4.83 5.42 10.13
N GLU A 96 -4.84 6.04 11.31
CA GLU A 96 -6.03 6.13 12.13
C GLU A 96 -7.23 6.75 11.40
N LYS A 97 -7.02 7.83 10.64
CA LYS A 97 -8.11 8.48 9.92
C LYS A 97 -8.41 7.85 8.56
N GLU A 98 -7.47 7.18 7.90
CA GLU A 98 -7.68 6.58 6.58
C GLU A 98 -7.90 5.05 6.64
N LYS A 99 -7.91 4.45 7.85
CA LYS A 99 -8.10 3.02 8.08
C LYS A 99 -9.36 2.48 7.40
N ASP A 100 -9.21 1.43 6.60
CA ASP A 100 -10.36 0.81 5.94
C ASP A 100 -11.14 0.00 6.99
N GLU A 101 -12.37 -0.41 6.70
CA GLU A 101 -13.18 -1.20 7.62
C GLU A 101 -12.51 -2.55 7.93
N ASP A 102 -11.59 -2.97 7.05
CA ASP A 102 -10.82 -4.21 7.11
C ASP A 102 -9.45 -3.98 7.81
N GLY A 103 -9.32 -2.87 8.54
CA GLY A 103 -8.16 -2.42 9.30
C GLY A 103 -6.83 -2.16 8.59
N PHE A 104 -6.79 -2.04 7.26
CA PHE A 104 -5.56 -1.79 6.50
C PHE A 104 -5.68 -0.50 5.67
N LEU A 105 -4.62 -0.14 4.94
CA LEU A 105 -4.58 1.05 4.09
C LEU A 105 -4.32 0.68 2.63
N TYR A 106 -5.19 1.09 1.70
CA TYR A 106 -5.07 0.83 0.27
C TYR A 106 -4.63 2.13 -0.41
N VAL A 107 -3.46 2.14 -1.05
CA VAL A 107 -2.93 3.32 -1.71
C VAL A 107 -2.55 2.97 -3.16
N ALA A 108 -2.83 3.85 -4.10
CA ALA A 108 -2.52 3.66 -5.51
C ALA A 108 -1.49 4.72 -5.93
N TYR A 109 -0.72 4.47 -6.99
CA TYR A 109 0.28 5.41 -7.48
C TYR A 109 0.36 5.33 -9.00
N SER A 110 0.83 6.41 -9.61
CA SER A 110 1.00 6.49 -11.05
C SER A 110 1.93 7.67 -11.36
N GLY A 111 2.36 7.78 -12.61
CA GLY A 111 3.22 8.84 -13.12
C GLY A 111 2.45 9.69 -14.14
N GLU A 112 1.12 9.83 -13.99
CA GLU A 112 0.24 10.59 -14.88
C GLU A 112 -0.50 11.67 -14.10
N ASN A 113 -0.22 12.92 -14.44
CA ASN A 113 -0.83 14.09 -13.82
C ASN A 113 -2.34 14.20 -13.98
N THR A 114 -2.98 13.44 -14.87
CA THR A 114 -4.43 13.44 -15.09
C THR A 114 -4.88 12.01 -15.35
N PHE A 115 -6.06 11.62 -14.84
CA PHE A 115 -6.63 10.29 -14.99
C PHE A 115 -7.48 10.18 -16.26
N GLY A 116 -6.93 10.60 -17.39
CA GLY A 116 -7.58 10.57 -18.69
C GLY A 116 -6.53 10.62 -19.78
N GLY B 1 -11.00 -24.57 6.35
CA GLY B 1 -9.79 -24.01 5.73
C GLY B 1 -8.86 -25.13 5.35
N ALA B 2 -8.52 -25.24 4.07
CA ALA B 2 -7.63 -26.23 3.49
C ALA B 2 -6.96 -25.70 2.21
N MET B 3 -7.36 -24.53 1.70
CA MET B 3 -6.83 -23.93 0.49
C MET B 3 -5.45 -23.27 0.71
N GLU B 4 -4.66 -23.78 1.65
CA GLU B 4 -3.30 -23.32 2.01
C GLU B 4 -2.33 -23.77 0.90
N ILE B 5 -2.65 -23.47 -0.35
CA ILE B 5 -1.88 -23.81 -1.53
C ILE B 5 -0.67 -22.89 -1.70
N ILE B 6 0.23 -23.32 -2.57
CA ILE B 6 1.46 -22.63 -2.93
C ILE B 6 1.25 -21.89 -4.25
N HIS B 7 0.46 -22.47 -5.16
CA HIS B 7 0.18 -21.91 -6.47
C HIS B 7 -0.88 -20.80 -6.43
N GLU B 8 -0.78 -19.88 -5.47
CA GLU B 8 -1.70 -18.76 -5.36
C GLU B 8 -1.40 -17.83 -6.55
N ASP B 9 -2.38 -17.06 -7.00
CA ASP B 9 -2.16 -16.14 -8.11
C ASP B 9 -1.37 -14.94 -7.59
N ASN B 10 -1.81 -14.41 -6.44
CA ASN B 10 -1.23 -13.26 -5.78
C ASN B 10 -0.49 -13.68 -4.51
N GLU B 11 0.84 -13.57 -4.56
CA GLU B 11 1.73 -13.93 -3.46
C GLU B 11 1.48 -13.18 -2.16
N TRP B 12 1.41 -11.84 -2.22
CA TRP B 12 1.21 -10.98 -1.06
C TRP B 12 2.30 -11.28 0.00
N GLY B 13 3.57 -10.99 -0.27
CA GLY B 13 4.66 -11.26 0.67
C GLY B 13 4.89 -10.12 1.66
N ILE B 14 4.96 -10.40 2.98
CA ILE B 14 5.16 -9.37 4.01
C ILE B 14 6.58 -8.80 3.90
N GLU B 15 6.68 -7.48 3.85
CA GLU B 15 7.93 -6.72 3.77
C GLU B 15 7.93 -5.54 4.74
N LEU B 16 9.11 -5.02 5.04
CA LEU B 16 9.34 -3.87 5.91
C LEU B 16 9.83 -2.78 4.97
N VAL B 17 9.06 -1.70 4.86
CA VAL B 17 9.40 -0.61 3.99
C VAL B 17 9.48 0.65 4.84
N SER B 18 10.72 1.06 5.09
CA SER B 18 11.06 2.25 5.84
C SER B 18 12.36 2.82 5.28
N GLU B 19 12.59 4.10 5.58
CA GLU B 19 13.70 4.99 5.24
C GLU B 19 14.38 4.73 3.90
N MET A 1 -13.34 -0.33 -9.56
CA MET A 1 -12.24 -0.48 -10.53
C MET A 1 -11.77 -1.91 -10.50
N GLY A 2 -11.06 -2.35 -9.45
CA GLY A 2 -10.61 -3.74 -9.41
C GLY A 2 -9.47 -3.97 -8.44
N TRP A 3 -9.78 -4.30 -7.19
CA TRP A 3 -8.79 -4.62 -6.18
C TRP A 3 -8.59 -6.12 -6.26
N MET A 4 -7.47 -6.55 -6.83
CA MET A 4 -7.13 -7.96 -6.99
C MET A 4 -7.24 -8.68 -5.64
N PHE A 5 -6.83 -8.03 -4.54
CA PHE A 5 -6.90 -8.64 -3.21
C PHE A 5 -8.35 -8.98 -2.82
N LYS A 6 -9.30 -8.10 -3.15
CA LYS A 6 -10.72 -8.27 -2.84
C LYS A 6 -11.26 -9.43 -3.66
N GLU A 7 -10.84 -9.52 -4.91
CA GLU A 7 -11.28 -10.57 -5.83
C GLU A 7 -10.89 -11.94 -5.29
N ASP A 8 -9.68 -12.06 -4.72
CA ASP A 8 -9.17 -13.30 -4.17
C ASP A 8 -9.66 -13.55 -2.75
N HIS A 9 -9.11 -12.84 -1.77
CA HIS A 9 -9.43 -12.97 -0.35
C HIS A 9 -8.97 -11.71 0.37
N SER A 10 -9.91 -11.00 1.01
CA SER A 10 -9.58 -9.78 1.72
C SER A 10 -9.92 -9.84 3.20
N LEU A 11 -11.20 -9.94 3.58
CA LEU A 11 -11.65 -9.93 4.97
C LEU A 11 -10.89 -10.86 5.92
N GLU A 12 -10.89 -12.16 5.63
CA GLU A 12 -10.22 -13.15 6.46
C GLU A 12 -8.71 -12.96 6.43
N HIS A 13 -8.17 -12.87 5.21
CA HIS A 13 -6.74 -12.72 4.96
C HIS A 13 -6.17 -11.51 5.72
N ARG A 14 -6.82 -10.36 5.61
CA ARG A 14 -6.41 -9.13 6.29
C ARG A 14 -6.58 -9.29 7.78
N CYS A 15 -7.63 -9.92 8.29
CA CYS A 15 -7.86 -10.11 9.71
C CYS A 15 -6.69 -10.85 10.36
N VAL A 16 -6.36 -12.03 9.83
CA VAL A 16 -5.29 -12.89 10.29
C VAL A 16 -3.96 -12.12 10.28
N GLU A 17 -3.70 -11.45 9.17
CA GLU A 17 -2.48 -10.70 8.99
C GLU A 17 -2.42 -9.49 9.93
N SER A 18 -3.50 -8.74 10.12
CA SER A 18 -3.47 -7.59 11.01
C SER A 18 -3.13 -8.06 12.41
N ALA A 19 -3.72 -9.16 12.88
CA ALA A 19 -3.43 -9.68 14.22
C ALA A 19 -1.93 -9.97 14.35
N LYS A 20 -1.35 -10.71 13.40
CA LYS A 20 0.08 -11.04 13.44
C LYS A 20 0.95 -9.79 13.33
N ILE A 21 0.69 -8.91 12.38
CA ILE A 21 1.47 -7.70 12.17
C ILE A 21 1.39 -6.81 13.41
N ARG A 22 0.22 -6.64 14.02
CA ARG A 22 0.05 -5.80 15.21
C ARG A 22 0.82 -6.40 16.38
N ALA A 23 0.89 -7.74 16.46
CA ALA A 23 1.59 -8.41 17.53
C ALA A 23 3.11 -8.30 17.34
N LYS A 24 3.63 -8.52 16.12
CA LYS A 24 5.07 -8.43 15.90
C LYS A 24 5.58 -7.00 15.80
N TYR A 25 4.87 -6.17 15.03
CA TYR A 25 5.17 -4.78 14.75
C TYR A 25 3.98 -3.90 15.15
N PRO A 26 3.83 -3.58 16.46
CA PRO A 26 2.75 -2.76 16.97
C PRO A 26 2.88 -1.29 16.58
N ASP A 27 4.06 -0.89 16.10
CA ASP A 27 4.39 0.47 15.68
C ASP A 27 4.52 0.54 14.15
N ARG A 28 3.99 -0.43 13.39
CA ARG A 28 4.00 -0.45 11.93
C ARG A 28 2.57 -0.61 11.43
N VAL A 29 2.27 -0.03 10.28
CA VAL A 29 0.94 -0.05 9.67
C VAL A 29 1.01 -0.77 8.31
N PRO A 30 0.07 -1.71 8.02
CA PRO A 30 0.01 -2.46 6.79
C PRO A 30 -0.63 -1.66 5.65
N VAL A 31 0.14 -1.41 4.59
CA VAL A 31 -0.27 -0.66 3.42
C VAL A 31 -0.10 -1.52 2.15
N ILE A 32 -0.92 -1.26 1.13
CA ILE A 32 -0.93 -1.95 -0.16
C ILE A 32 -0.72 -0.82 -1.18
N VAL A 33 0.34 -0.90 -1.98
CA VAL A 33 0.73 0.08 -3.00
C VAL A 33 0.48 -0.53 -4.39
N GLU A 34 -0.43 0.04 -5.19
CA GLU A 34 -0.74 -0.46 -6.55
C GLU A 34 -0.73 0.70 -7.55
N LYS A 35 -0.40 0.44 -8.83
CA LYS A 35 -0.37 1.48 -9.86
C LYS A 35 -1.67 1.60 -10.64
N VAL A 36 -1.90 2.76 -11.26
CA VAL A 36 -3.07 3.03 -12.09
C VAL A 36 -2.76 2.29 -13.40
N SER A 37 -3.69 1.47 -13.88
CA SER A 37 -3.53 0.69 -15.11
C SER A 37 -3.13 1.58 -16.29
N GLY A 38 -2.43 0.97 -17.26
CA GLY A 38 -1.93 1.59 -18.47
C GLY A 38 -0.75 2.54 -18.22
N SER A 39 -0.53 3.00 -16.98
CA SER A 39 0.56 3.89 -16.66
C SER A 39 1.88 3.19 -16.98
N GLN A 40 2.71 3.83 -17.81
CA GLN A 40 4.01 3.33 -18.25
C GLN A 40 5.01 3.19 -17.11
N ILE A 41 4.73 3.77 -15.93
CA ILE A 41 5.64 3.65 -14.80
C ILE A 41 5.79 2.15 -14.49
N VAL A 42 6.95 1.78 -13.95
CA VAL A 42 7.30 0.42 -13.60
C VAL A 42 6.19 -0.30 -12.84
N ASP A 43 6.05 -1.59 -13.18
CA ASP A 43 5.08 -2.51 -12.61
C ASP A 43 5.48 -2.89 -11.19
N ILE A 44 4.49 -3.20 -10.35
CA ILE A 44 4.70 -3.63 -8.97
C ILE A 44 3.94 -4.95 -8.81
N ASP A 45 4.64 -6.01 -8.39
CA ASP A 45 4.04 -7.34 -8.18
C ASP A 45 3.24 -7.31 -6.89
N LYS A 46 2.40 -8.32 -6.65
CA LYS A 46 1.54 -8.35 -5.47
C LYS A 46 2.34 -8.67 -4.21
N ARG A 47 2.74 -7.61 -3.51
CA ARG A 47 3.50 -7.63 -2.26
C ARG A 47 2.83 -6.69 -1.27
N LYS A 48 3.15 -6.88 0.01
CA LYS A 48 2.63 -6.11 1.11
C LYS A 48 3.73 -5.27 1.70
N TYR A 49 3.40 -4.06 2.10
CA TYR A 49 4.36 -3.13 2.65
C TYR A 49 3.92 -2.69 4.06
N LEU A 50 4.83 -2.72 5.03
CA LEU A 50 4.61 -2.33 6.42
C LEU A 50 5.51 -1.14 6.74
N VAL A 51 4.94 0.05 6.99
CA VAL A 51 5.71 1.26 7.32
C VAL A 51 5.50 1.64 8.80
N PRO A 52 6.51 2.14 9.52
CA PRO A 52 6.33 2.53 10.91
C PRO A 52 5.41 3.75 11.03
N SER A 53 4.51 3.76 12.03
CA SER A 53 3.57 4.83 12.29
C SER A 53 4.27 6.16 12.65
N ASP A 54 5.57 6.13 12.93
CA ASP A 54 6.40 7.27 13.30
C ASP A 54 6.76 8.14 12.10
N ILE A 55 6.98 7.55 10.92
CA ILE A 55 7.35 8.35 9.74
C ILE A 55 6.15 9.16 9.24
N THR A 56 6.39 10.08 8.32
CA THR A 56 5.37 10.95 7.76
C THR A 56 5.02 10.58 6.32
N VAL A 57 3.93 11.17 5.83
CA VAL A 57 3.46 10.99 4.46
C VAL A 57 4.62 11.43 3.53
N ALA A 58 5.39 12.46 3.92
CA ALA A 58 6.51 12.91 3.11
C ALA A 58 7.53 11.78 2.93
N GLN A 59 7.91 11.10 4.02
CA GLN A 59 8.88 10.02 3.95
C GLN A 59 8.34 8.84 3.17
N PHE A 60 7.10 8.42 3.44
CA PHE A 60 6.54 7.27 2.74
C PHE A 60 6.55 7.51 1.23
N MET A 61 6.15 8.71 0.79
CA MET A 61 6.16 9.02 -0.62
C MET A 61 7.59 9.02 -1.20
N TRP A 62 8.58 9.62 -0.52
CA TRP A 62 9.97 9.64 -1.00
C TRP A 62 10.48 8.22 -1.14
N ILE A 63 10.24 7.38 -0.13
CA ILE A 63 10.67 6.00 -0.12
C ILE A 63 10.02 5.28 -1.31
N ILE A 64 8.71 5.43 -1.53
CA ILE A 64 8.03 4.76 -2.66
C ILE A 64 8.71 5.16 -3.98
N ARG A 65 8.93 6.46 -4.25
CA ARG A 65 9.57 6.85 -5.51
C ARG A 65 10.98 6.27 -5.63
N LYS A 66 11.72 6.12 -4.53
CA LYS A 66 13.05 5.53 -4.59
C LYS A 66 12.95 4.01 -4.77
N ARG A 67 11.99 3.33 -4.14
CA ARG A 67 11.79 1.88 -4.22
C ARG A 67 11.51 1.47 -5.66
N ILE A 68 10.63 2.20 -6.36
CA ILE A 68 10.34 1.89 -7.74
C ILE A 68 11.45 2.43 -8.66
N GLN A 69 12.41 3.19 -8.11
CA GLN A 69 13.53 3.80 -8.80
C GLN A 69 13.01 4.66 -9.95
N LEU A 70 12.19 5.65 -9.59
CA LEU A 70 11.54 6.61 -10.48
C LEU A 70 12.56 7.55 -11.12
N PRO A 71 12.85 7.44 -12.42
CA PRO A 71 13.77 8.34 -13.10
C PRO A 71 13.13 9.73 -13.20
N SER A 72 13.92 10.80 -13.22
CA SER A 72 13.40 12.16 -13.29
C SER A 72 12.57 12.42 -14.56
N GLU A 73 12.82 11.64 -15.62
CA GLU A 73 12.09 11.74 -16.88
C GLU A 73 10.60 11.49 -16.65
N LYS A 74 10.26 10.55 -15.76
CA LYS A 74 8.88 10.20 -15.42
C LYS A 74 8.49 10.96 -14.16
N ALA A 75 7.19 10.99 -13.88
CA ALA A 75 6.60 11.65 -12.74
C ALA A 75 6.09 10.57 -11.79
N ILE A 76 5.61 10.99 -10.63
CA ILE A 76 5.04 10.11 -9.62
C ILE A 76 4.04 10.93 -8.81
N PHE A 77 2.89 10.32 -8.54
CA PHE A 77 1.81 10.90 -7.76
C PHE A 77 1.14 9.78 -6.96
N LEU A 78 0.75 10.06 -5.71
CA LEU A 78 0.08 9.10 -4.84
C LEU A 78 -1.33 9.61 -4.60
N PHE A 79 -2.24 8.68 -4.36
CA PHE A 79 -3.65 8.95 -4.14
C PHE A 79 -4.16 8.00 -3.04
N VAL A 80 -4.73 8.55 -1.97
CA VAL A 80 -5.24 7.80 -0.84
C VAL A 80 -6.56 8.45 -0.43
N ASP A 81 -7.57 7.67 -0.07
CA ASP A 81 -8.89 8.19 0.34
C ASP A 81 -9.48 9.15 -0.72
N LYS A 82 -9.16 8.91 -2.00
CA LYS A 82 -9.59 9.69 -3.17
C LYS A 82 -9.01 11.12 -3.15
N THR A 83 -7.88 11.35 -2.49
CA THR A 83 -7.24 12.66 -2.37
C THR A 83 -5.72 12.52 -2.20
N VAL A 84 -4.96 13.58 -2.42
CA VAL A 84 -3.52 13.54 -2.23
C VAL A 84 -3.31 13.83 -0.73
N PRO A 85 -2.68 12.93 0.04
CA PRO A 85 -2.44 13.12 1.47
C PRO A 85 -1.32 14.15 1.66
N GLN A 86 -1.50 15.03 2.66
CA GLN A 86 -0.56 16.07 3.01
C GLN A 86 0.73 15.45 3.56
N SER A 87 1.88 15.79 2.98
CA SER A 87 3.20 15.33 3.37
C SER A 87 3.52 15.54 4.86
N SER A 88 2.92 16.57 5.48
CA SER A 88 3.12 16.90 6.89
C SER A 88 2.40 15.93 7.83
N LEU A 89 1.42 15.18 7.34
CA LEU A 89 0.66 14.21 8.10
C LEU A 89 1.58 13.06 8.51
N THR A 90 1.26 12.40 9.62
CA THR A 90 2.06 11.29 10.14
C THR A 90 1.39 9.96 9.77
N MET A 91 2.16 8.88 9.65
CA MET A 91 1.64 7.57 9.28
C MET A 91 0.56 7.10 10.25
N GLY A 92 0.83 7.16 11.56
CA GLY A 92 -0.14 6.74 12.57
C GLY A 92 -1.45 7.52 12.42
N GLN A 93 -1.34 8.84 12.24
CA GLN A 93 -2.48 9.75 12.08
C GLN A 93 -3.35 9.33 10.90
N LEU A 94 -2.72 9.17 9.73
CA LEU A 94 -3.37 8.78 8.49
C LEU A 94 -4.04 7.42 8.67
N TYR A 95 -3.33 6.41 9.15
CA TYR A 95 -3.83 5.07 9.38
C TYR A 95 -5.04 5.11 10.30
N GLU A 96 -5.00 5.89 11.40
CA GLU A 96 -6.11 5.99 12.33
C GLU A 96 -7.35 6.62 11.68
N LYS A 97 -7.18 7.62 10.81
CA LYS A 97 -8.31 8.28 10.16
C LYS A 97 -8.74 7.58 8.87
N GLU A 98 -7.87 6.83 8.19
CA GLU A 98 -8.23 6.16 6.95
C GLU A 98 -8.45 4.65 7.07
N LYS A 99 -8.23 4.06 8.25
CA LYS A 99 -8.38 2.64 8.49
C LYS A 99 -9.67 2.04 7.92
N ASP A 100 -9.54 1.07 7.02
CA ASP A 100 -10.69 0.39 6.44
C ASP A 100 -11.11 -0.67 7.48
N GLU A 101 -12.21 -1.39 7.26
CA GLU A 101 -12.75 -2.43 8.15
C GLU A 101 -11.78 -3.60 8.34
N ASP A 102 -10.73 -3.66 7.52
CA ASP A 102 -9.71 -4.70 7.52
C ASP A 102 -8.41 -4.28 8.21
N GLY A 103 -8.39 -3.10 8.83
CA GLY A 103 -7.19 -2.63 9.53
C GLY A 103 -6.01 -2.50 8.57
N PHE A 104 -6.27 -2.22 7.30
CA PHE A 104 -5.28 -2.06 6.25
C PHE A 104 -5.51 -0.73 5.55
N LEU A 105 -4.51 -0.29 4.78
CA LEU A 105 -4.55 0.95 4.01
C LEU A 105 -4.27 0.62 2.55
N TYR A 106 -4.96 1.24 1.59
CA TYR A 106 -4.77 1.03 0.16
C TYR A 106 -4.40 2.37 -0.48
N VAL A 107 -3.25 2.46 -1.15
CA VAL A 107 -2.78 3.68 -1.80
C VAL A 107 -2.43 3.36 -3.26
N ALA A 108 -2.89 4.20 -4.19
CA ALA A 108 -2.62 4.02 -5.61
C ALA A 108 -1.54 5.01 -6.05
N TYR A 109 -0.87 4.75 -7.19
CA TYR A 109 0.16 5.63 -7.73
C TYR A 109 0.11 5.69 -9.25
N SER A 110 0.64 6.76 -9.84
CA SER A 110 0.66 6.92 -11.29
C SER A 110 1.90 7.73 -11.67
N GLY A 111 2.32 7.59 -12.94
CA GLY A 111 3.46 8.27 -13.51
C GLY A 111 3.04 9.24 -14.61
N GLU A 112 1.83 9.80 -14.51
CA GLU A 112 1.26 10.75 -15.45
C GLU A 112 0.35 11.69 -14.67
N ASN A 113 0.33 12.97 -15.04
CA ASN A 113 -0.49 14.00 -14.40
C ASN A 113 -1.98 13.77 -14.66
N THR A 114 -2.33 13.46 -15.90
CA THR A 114 -3.69 13.20 -16.36
C THR A 114 -3.76 11.80 -16.95
N PHE A 115 -4.88 11.11 -16.70
CA PHE A 115 -5.18 9.76 -17.19
C PHE A 115 -6.28 9.83 -18.26
N GLY A 116 -6.55 11.02 -18.80
CA GLY A 116 -7.54 11.31 -19.80
C GLY A 116 -7.29 12.73 -20.26
N GLY B 1 -16.16 -17.28 0.67
CA GLY B 1 -15.79 -18.25 -0.37
C GLY B 1 -14.77 -19.23 0.19
N ALA B 2 -13.99 -19.87 -0.69
CA ALA B 2 -12.95 -20.82 -0.33
C ALA B 2 -11.81 -20.57 -1.32
N MET B 3 -11.04 -19.50 -1.07
CA MET B 3 -9.93 -19.07 -1.91
C MET B 3 -8.58 -19.22 -1.22
N GLU B 4 -8.49 -19.98 -0.13
CA GLU B 4 -7.24 -20.19 0.58
C GLU B 4 -6.68 -21.55 0.20
N ILE B 5 -6.71 -21.84 -1.11
CA ILE B 5 -6.19 -23.06 -1.68
C ILE B 5 -4.69 -22.76 -1.83
N ILE B 6 -3.87 -23.81 -1.91
CA ILE B 6 -2.42 -23.70 -2.05
C ILE B 6 -1.96 -22.98 -3.33
N HIS B 7 -2.84 -22.65 -4.26
CA HIS B 7 -2.53 -21.98 -5.51
C HIS B 7 -3.09 -20.56 -5.52
N GLU B 8 -2.59 -19.71 -4.64
CA GLU B 8 -3.01 -18.32 -4.54
C GLU B 8 -2.55 -17.58 -5.79
N ASP B 9 -3.44 -16.88 -6.49
CA ASP B 9 -3.12 -16.10 -7.69
C ASP B 9 -2.20 -14.96 -7.25
N ASN B 10 -2.69 -14.12 -6.34
CA ASN B 10 -1.98 -12.99 -5.78
C ASN B 10 -1.12 -13.53 -4.64
N GLU B 11 0.21 -13.44 -4.74
CA GLU B 11 1.11 -13.96 -3.70
C GLU B 11 1.14 -13.16 -2.38
N TRP B 12 1.12 -11.82 -2.44
CA TRP B 12 1.11 -10.91 -1.29
C TRP B 12 2.19 -11.18 -0.23
N GLY B 13 3.47 -11.12 -0.60
CA GLY B 13 4.58 -11.34 0.32
C GLY B 13 4.86 -10.06 1.12
N ILE B 14 5.10 -10.16 2.42
CA ILE B 14 5.36 -9.04 3.34
C ILE B 14 6.79 -8.49 3.22
N GLU B 15 6.90 -7.16 3.23
CA GLU B 15 8.13 -6.38 3.16
C GLU B 15 8.09 -5.31 4.27
N LEU B 16 9.23 -5.03 4.90
CA LEU B 16 9.40 -4.08 6.00
C LEU B 16 10.21 -2.86 5.55
N VAL B 17 9.58 -1.68 5.46
CA VAL B 17 10.26 -0.45 5.02
C VAL B 17 10.16 0.69 6.05
N SER B 18 11.28 1.26 6.47
CA SER B 18 11.38 2.37 7.41
C SER B 18 12.52 3.29 6.98
N GLU B 19 12.19 4.50 6.50
CA GLU B 19 13.13 5.52 6.03
C GLU B 19 13.76 5.14 4.70
N MET A 1 -11.43 -5.34 -12.62
CA MET A 1 -10.52 -4.18 -12.68
C MET A 1 -10.49 -3.39 -11.35
N GLY A 2 -10.91 -4.00 -10.24
CA GLY A 2 -10.93 -3.42 -8.91
C GLY A 2 -9.70 -3.96 -8.18
N TRP A 3 -9.84 -4.19 -6.87
CA TRP A 3 -8.77 -4.70 -6.03
C TRP A 3 -8.58 -6.20 -6.32
N MET A 4 -7.33 -6.56 -6.65
CA MET A 4 -7.00 -7.96 -6.98
C MET A 4 -7.31 -8.82 -5.77
N PHE A 5 -6.85 -8.40 -4.59
CA PHE A 5 -7.11 -9.16 -3.37
C PHE A 5 -8.60 -9.26 -3.09
N LYS A 6 -9.42 -8.26 -3.41
CA LYS A 6 -10.86 -8.34 -3.16
C LYS A 6 -11.46 -9.45 -4.00
N GLU A 7 -11.04 -9.54 -5.26
CA GLU A 7 -11.54 -10.58 -6.13
C GLU A 7 -11.19 -11.95 -5.53
N ASP A 8 -9.94 -12.10 -5.10
CA ASP A 8 -9.38 -13.30 -4.48
C ASP A 8 -9.96 -13.60 -3.10
N HIS A 9 -9.56 -12.86 -2.06
CA HIS A 9 -9.95 -12.98 -0.65
C HIS A 9 -9.64 -11.65 0.08
N SER A 10 -10.58 -11.07 0.85
CA SER A 10 -10.27 -9.81 1.54
C SER A 10 -10.27 -9.91 3.05
N LEU A 11 -11.42 -10.17 3.67
CA LEU A 11 -11.60 -10.26 5.11
C LEU A 11 -10.63 -11.21 5.80
N GLU A 12 -10.61 -12.47 5.41
CA GLU A 12 -9.74 -13.47 6.03
C GLU A 12 -8.27 -13.07 5.92
N HIS A 13 -7.83 -12.85 4.69
CA HIS A 13 -6.47 -12.48 4.36
C HIS A 13 -6.02 -11.27 5.17
N ARG A 14 -6.82 -10.18 5.21
CA ARG A 14 -6.48 -8.97 5.96
C ARG A 14 -6.55 -9.18 7.47
N CYS A 15 -7.53 -9.92 8.00
CA CYS A 15 -7.63 -10.17 9.44
C CYS A 15 -6.36 -10.87 9.92
N VAL A 16 -6.00 -11.97 9.27
CA VAL A 16 -4.81 -12.74 9.64
C VAL A 16 -3.58 -11.85 9.49
N GLU A 17 -3.44 -11.13 8.37
CA GLU A 17 -2.34 -10.24 8.10
C GLU A 17 -2.20 -9.20 9.23
N SER A 18 -3.30 -8.55 9.60
CA SER A 18 -3.33 -7.54 10.64
C SER A 18 -2.88 -8.15 11.97
N ALA A 19 -3.43 -9.30 12.38
CA ALA A 19 -3.04 -9.94 13.64
C ALA A 19 -1.54 -10.28 13.67
N LYS A 20 -1.02 -10.78 12.54
CA LYS A 20 0.39 -11.15 12.37
C LYS A 20 1.26 -9.91 12.48
N ILE A 21 0.90 -8.83 11.78
CA ILE A 21 1.65 -7.58 11.77
C ILE A 21 1.56 -6.87 13.11
N ARG A 22 0.40 -6.80 13.74
CA ARG A 22 0.24 -6.12 15.01
C ARG A 22 1.05 -6.81 16.09
N ALA A 23 1.09 -8.14 16.08
CA ALA A 23 1.86 -8.86 17.09
C ALA A 23 3.37 -8.64 16.87
N LYS A 24 3.88 -8.79 15.63
CA LYS A 24 5.32 -8.60 15.39
C LYS A 24 5.82 -7.15 15.32
N TYR A 25 5.04 -6.26 14.71
CA TYR A 25 5.34 -4.85 14.50
C TYR A 25 4.11 -3.99 14.83
N PRO A 26 3.76 -3.80 16.12
CA PRO A 26 2.60 -3.01 16.52
C PRO A 26 2.79 -1.54 16.16
N ASP A 27 4.04 -1.09 16.02
CA ASP A 27 4.31 0.31 15.68
C ASP A 27 4.37 0.55 14.17
N ARG A 28 3.95 -0.43 13.36
CA ARG A 28 3.92 -0.34 11.90
C ARG A 28 2.48 -0.51 11.46
N VAL A 29 2.13 0.05 10.30
CA VAL A 29 0.78 -0.02 9.76
C VAL A 29 0.81 -0.77 8.42
N PRO A 30 -0.21 -1.64 8.16
CA PRO A 30 -0.33 -2.44 6.95
C PRO A 30 -0.83 -1.61 5.75
N VAL A 31 -0.01 -1.46 4.72
CA VAL A 31 -0.35 -0.70 3.53
C VAL A 31 -0.17 -1.59 2.30
N ILE A 32 -1.18 -1.61 1.43
CA ILE A 32 -1.15 -2.38 0.19
C ILE A 32 -1.07 -1.32 -0.91
N VAL A 33 -0.17 -1.52 -1.88
CA VAL A 33 0.09 -0.61 -2.98
C VAL A 33 -0.11 -1.20 -4.38
N GLU A 34 -0.73 -0.43 -5.28
CA GLU A 34 -0.97 -0.84 -6.67
C GLU A 34 -0.78 0.37 -7.60
N LYS A 35 -0.41 0.12 -8.86
CA LYS A 35 -0.25 1.20 -9.84
C LYS A 35 -1.56 1.34 -10.61
N VAL A 36 -1.83 2.50 -11.18
CA VAL A 36 -3.04 2.73 -11.97
C VAL A 36 -2.90 1.90 -13.25
N SER A 37 -3.96 1.19 -13.64
CA SER A 37 -3.94 0.33 -14.83
C SER A 37 -3.47 1.08 -16.08
N GLY A 38 -2.57 0.47 -16.82
CA GLY A 38 -1.99 1.02 -18.04
C GLY A 38 -1.06 2.21 -17.81
N SER A 39 -0.78 2.60 -16.57
CA SER A 39 0.08 3.75 -16.31
C SER A 39 1.49 3.51 -16.85
N GLN A 40 2.12 4.59 -17.32
CA GLN A 40 3.46 4.65 -17.88
C GLN A 40 4.56 4.33 -16.85
N ILE A 41 4.24 4.35 -15.56
CA ILE A 41 5.20 4.05 -14.50
C ILE A 41 5.42 2.53 -14.40
N VAL A 42 6.55 2.14 -13.81
CA VAL A 42 6.90 0.74 -13.61
C VAL A 42 5.91 0.11 -12.62
N ASP A 43 5.65 -1.18 -12.77
CA ASP A 43 4.73 -1.93 -11.92
C ASP A 43 5.33 -2.25 -10.55
N ILE A 44 4.47 -2.63 -9.61
CA ILE A 44 4.80 -3.01 -8.24
C ILE A 44 4.38 -4.47 -8.08
N ASP A 45 5.10 -5.22 -7.26
CA ASP A 45 4.78 -6.63 -7.03
C ASP A 45 3.75 -6.72 -5.93
N LYS A 46 3.00 -7.82 -5.87
CA LYS A 46 1.96 -7.99 -4.85
C LYS A 46 2.67 -8.29 -3.54
N ARG A 47 2.78 -7.27 -2.69
CA ARG A 47 3.41 -7.30 -1.38
C ARG A 47 2.55 -6.57 -0.36
N LYS A 48 2.82 -6.83 0.91
CA LYS A 48 2.18 -6.28 2.10
C LYS A 48 3.24 -5.37 2.71
N TYR A 49 3.23 -4.06 2.42
CA TYR A 49 4.25 -3.13 2.91
C TYR A 49 3.87 -2.53 4.26
N LEU A 50 4.72 -2.76 5.26
CA LEU A 50 4.57 -2.30 6.64
C LEU A 50 5.43 -1.07 6.87
N VAL A 51 4.80 0.08 7.14
CA VAL A 51 5.51 1.35 7.37
C VAL A 51 5.38 1.80 8.84
N PRO A 52 6.41 2.37 9.48
CA PRO A 52 6.35 2.83 10.86
C PRO A 52 5.43 4.04 10.98
N SER A 53 4.66 4.07 12.07
CA SER A 53 3.71 5.12 12.40
C SER A 53 4.37 6.50 12.64
N ASP A 54 5.70 6.53 12.85
CA ASP A 54 6.47 7.73 13.12
C ASP A 54 6.87 8.49 11.87
N ILE A 55 7.08 7.82 10.73
CA ILE A 55 7.45 8.55 9.53
C ILE A 55 6.24 9.36 9.03
N THR A 56 6.48 10.30 8.13
CA THR A 56 5.44 11.15 7.55
C THR A 56 5.16 10.74 6.11
N VAL A 57 4.05 11.21 5.55
CA VAL A 57 3.65 10.95 4.17
C VAL A 57 4.83 11.36 3.25
N ALA A 58 5.57 12.43 3.60
CA ALA A 58 6.72 12.92 2.84
C ALA A 58 7.83 11.85 2.74
N GLN A 59 8.14 11.20 3.86
CA GLN A 59 9.16 10.16 3.92
C GLN A 59 8.64 8.93 3.17
N PHE A 60 7.38 8.55 3.39
CA PHE A 60 6.78 7.39 2.75
C PHE A 60 6.83 7.57 1.24
N MET A 61 6.40 8.73 0.76
CA MET A 61 6.39 9.09 -0.64
C MET A 61 7.78 8.90 -1.23
N TRP A 62 8.81 9.41 -0.56
CA TRP A 62 10.17 9.26 -1.05
C TRP A 62 10.58 7.80 -1.14
N ILE A 63 10.31 7.00 -0.11
CA ILE A 63 10.67 5.59 -0.11
C ILE A 63 10.01 4.91 -1.33
N ILE A 64 8.73 5.20 -1.59
CA ILE A 64 8.02 4.60 -2.73
C ILE A 64 8.72 4.93 -4.05
N ARG A 65 9.03 6.20 -4.32
CA ARG A 65 9.68 6.56 -5.59
C ARG A 65 11.08 5.96 -5.70
N LYS A 66 11.83 5.92 -4.59
CA LYS A 66 13.18 5.37 -4.52
C LYS A 66 13.15 3.86 -4.81
N ARG A 67 12.24 3.12 -4.17
CA ARG A 67 12.10 1.68 -4.32
C ARG A 67 11.73 1.25 -5.72
N ILE A 68 10.79 1.95 -6.37
CA ILE A 68 10.41 1.57 -7.74
C ILE A 68 11.48 2.08 -8.73
N GLN A 69 12.43 2.90 -8.27
CA GLN A 69 13.52 3.50 -9.04
C GLN A 69 12.92 4.39 -10.13
N LEU A 70 12.16 5.40 -9.70
CA LEU A 70 11.50 6.38 -10.57
C LEU A 70 12.54 7.35 -11.17
N PRO A 71 12.81 7.28 -12.49
CA PRO A 71 13.78 8.16 -13.16
C PRO A 71 13.32 9.60 -13.18
N SER A 72 14.25 10.51 -13.48
CA SER A 72 14.00 11.95 -13.57
C SER A 72 13.04 12.26 -14.73
N GLU A 73 12.91 11.37 -15.71
CA GLU A 73 12.03 11.55 -16.86
C GLU A 73 10.55 11.41 -16.49
N LYS A 74 10.16 10.33 -15.81
CA LYS A 74 8.76 10.13 -15.43
C LYS A 74 8.51 10.81 -14.09
N ALA A 75 7.23 11.00 -13.77
CA ALA A 75 6.79 11.60 -12.53
C ALA A 75 6.17 10.50 -11.66
N ILE A 76 5.68 10.88 -10.49
CA ILE A 76 5.03 10.01 -9.52
C ILE A 76 4.02 10.87 -8.76
N PHE A 77 2.87 10.29 -8.45
CA PHE A 77 1.74 10.88 -7.73
C PHE A 77 1.09 9.78 -6.88
N LEU A 78 0.68 10.10 -5.65
CA LEU A 78 0.03 9.15 -4.74
C LEU A 78 -1.40 9.56 -4.44
N PHE A 79 -2.25 8.57 -4.17
CA PHE A 79 -3.65 8.75 -3.85
C PHE A 79 -4.09 7.69 -2.84
N VAL A 80 -4.80 8.13 -1.80
CA VAL A 80 -5.33 7.31 -0.71
C VAL A 80 -6.78 7.73 -0.55
N ASP A 81 -7.76 6.82 -0.57
CA ASP A 81 -9.19 7.15 -0.45
C ASP A 81 -9.59 8.20 -1.51
N LYS A 82 -8.94 8.20 -2.67
CA LYS A 82 -9.16 9.15 -3.78
C LYS A 82 -8.87 10.60 -3.32
N THR A 83 -8.02 10.75 -2.32
CA THR A 83 -7.63 12.02 -1.74
C THR A 83 -6.12 12.21 -1.89
N VAL A 84 -5.70 13.46 -1.76
CA VAL A 84 -4.32 13.89 -1.84
C VAL A 84 -3.85 14.04 -0.39
N PRO A 85 -3.04 13.09 0.15
CA PRO A 85 -2.59 13.15 1.53
C PRO A 85 -1.54 14.25 1.72
N GLN A 86 -1.59 14.92 2.87
CA GLN A 86 -0.68 15.98 3.23
C GLN A 86 0.67 15.37 3.61
N SER A 87 1.72 15.78 2.91
CA SER A 87 3.10 15.36 3.09
C SER A 87 3.57 15.44 4.56
N SER A 88 3.19 16.53 5.24
CA SER A 88 3.55 16.78 6.64
C SER A 88 2.78 15.90 7.65
N LEU A 89 1.75 15.16 7.25
CA LEU A 89 1.00 14.32 8.20
C LEU A 89 1.84 13.08 8.56
N THR A 90 1.55 12.47 9.72
CA THR A 90 2.25 11.31 10.24
C THR A 90 1.50 10.04 9.85
N MET A 91 2.25 8.93 9.74
CA MET A 91 1.70 7.64 9.36
C MET A 91 0.64 7.17 10.34
N GLY A 92 0.89 7.32 11.64
CA GLY A 92 -0.04 6.91 12.67
C GLY A 92 -1.34 7.69 12.59
N GLN A 93 -1.28 9.02 12.36
CA GLN A 93 -2.46 9.85 12.28
C GLN A 93 -3.27 9.47 11.07
N LEU A 94 -2.63 9.37 9.91
CA LEU A 94 -3.30 9.00 8.68
C LEU A 94 -3.90 7.59 8.80
N TYR A 95 -3.26 6.67 9.50
CA TYR A 95 -3.76 5.31 9.70
C TYR A 95 -5.02 5.35 10.55
N GLU A 96 -4.99 6.05 11.67
CA GLU A 96 -6.13 6.17 12.58
C GLU A 96 -7.29 6.94 11.94
N LYS A 97 -7.01 7.87 11.02
CA LYS A 97 -8.05 8.64 10.34
C LYS A 97 -8.54 8.01 9.02
N GLU A 98 -7.76 7.16 8.34
CA GLU A 98 -8.18 6.56 7.05
C GLU A 98 -8.37 5.04 7.06
N LYS A 99 -8.14 4.33 8.17
CA LYS A 99 -8.31 2.87 8.26
C LYS A 99 -9.66 2.38 7.70
N ASP A 100 -9.61 1.44 6.74
CA ASP A 100 -10.82 0.85 6.15
C ASP A 100 -11.35 -0.18 7.16
N GLU A 101 -12.50 -0.84 6.94
CA GLU A 101 -13.02 -1.80 7.91
C GLU A 101 -12.07 -2.96 8.21
N ASP A 102 -11.21 -3.31 7.26
CA ASP A 102 -10.24 -4.40 7.41
C ASP A 102 -9.03 -3.95 8.23
N GLY A 103 -9.04 -2.74 8.81
CA GLY A 103 -7.96 -2.18 9.63
C GLY A 103 -6.64 -1.97 8.89
N PHE A 104 -6.70 -1.76 7.58
CA PHE A 104 -5.57 -1.54 6.68
C PHE A 104 -5.77 -0.27 5.85
N LEU A 105 -4.74 0.13 5.10
CA LEU A 105 -4.81 1.31 4.23
C LEU A 105 -4.45 0.92 2.79
N TYR A 106 -5.14 1.49 1.80
CA TYR A 106 -4.95 1.20 0.38
C TYR A 106 -4.38 2.41 -0.37
N VAL A 107 -3.24 2.25 -1.05
CA VAL A 107 -2.61 3.34 -1.80
C VAL A 107 -2.45 2.96 -3.28
N ALA A 108 -2.76 3.92 -4.13
CA ALA A 108 -2.65 3.83 -5.57
C ALA A 108 -1.62 4.87 -6.00
N TYR A 109 -0.80 4.54 -7.00
CA TYR A 109 0.21 5.45 -7.52
C TYR A 109 0.17 5.48 -9.04
N SER A 110 0.65 6.58 -9.62
CA SER A 110 0.68 6.77 -11.07
C SER A 110 1.85 7.69 -11.40
N GLY A 111 2.37 7.61 -12.63
CA GLY A 111 3.47 8.45 -13.09
C GLY A 111 3.07 9.40 -14.20
N GLU A 112 1.80 9.78 -14.29
CA GLU A 112 1.28 10.64 -15.32
C GLU A 112 0.37 11.68 -14.69
N ASN A 113 0.53 12.92 -15.13
CA ASN A 113 -0.25 14.07 -14.67
C ASN A 113 -1.64 14.12 -15.32
N THR A 114 -1.90 13.38 -16.40
CA THR A 114 -3.17 13.34 -17.12
C THR A 114 -3.59 11.89 -17.35
N PHE A 115 -4.82 11.55 -16.94
CA PHE A 115 -5.44 10.23 -17.05
C PHE A 115 -6.70 10.18 -17.93
N GLY A 116 -7.02 11.25 -18.66
CA GLY A 116 -8.17 11.44 -19.54
C GLY A 116 -8.63 10.18 -20.25
N GLY B 1 -10.53 -20.83 11.34
CA GLY B 1 -11.03 -21.13 10.00
C GLY B 1 -10.41 -20.16 9.02
N ALA B 2 -9.38 -20.59 8.29
CA ALA B 2 -8.67 -19.77 7.32
C ALA B 2 -8.23 -20.59 6.11
N MET B 3 -8.02 -19.91 4.97
CA MET B 3 -7.61 -20.49 3.69
C MET B 3 -6.23 -19.94 3.29
N GLU B 4 -5.27 -19.92 4.20
CA GLU B 4 -3.89 -19.45 3.99
C GLU B 4 -3.13 -20.52 3.19
N ILE B 5 -3.69 -20.97 2.06
CA ILE B 5 -3.14 -21.99 1.17
C ILE B 5 -1.89 -21.45 0.45
N ILE B 6 -1.12 -22.35 -0.16
CA ILE B 6 0.10 -22.04 -0.89
C ILE B 6 -0.23 -21.76 -2.36
N HIS B 7 -1.23 -22.45 -2.90
CA HIS B 7 -1.65 -22.30 -4.29
C HIS B 7 -2.57 -21.09 -4.42
N GLU B 8 -1.97 -19.91 -4.51
CA GLU B 8 -2.63 -18.63 -4.65
C GLU B 8 -1.99 -17.94 -5.85
N ASP B 9 -2.79 -17.27 -6.70
CA ASP B 9 -2.23 -16.62 -7.89
C ASP B 9 -1.39 -15.38 -7.58
N ASN B 10 -1.66 -14.68 -6.48
CA ASN B 10 -0.90 -13.49 -6.05
C ASN B 10 -0.09 -13.88 -4.83
N GLU B 11 1.10 -13.30 -4.66
CA GLU B 11 1.99 -13.60 -3.54
C GLU B 11 1.67 -12.89 -2.23
N TRP B 12 1.57 -11.55 -2.23
CA TRP B 12 1.31 -10.74 -1.04
C TRP B 12 2.35 -11.08 0.05
N GLY B 13 3.63 -10.89 -0.28
CA GLY B 13 4.75 -11.15 0.64
C GLY B 13 4.89 -9.96 1.57
N ILE B 14 5.16 -10.16 2.86
CA ILE B 14 5.29 -9.08 3.83
C ILE B 14 6.67 -8.46 3.71
N GLU B 15 6.72 -7.13 3.69
CA GLU B 15 7.94 -6.34 3.60
C GLU B 15 7.93 -5.24 4.65
N LEU B 16 9.08 -5.02 5.30
CA LEU B 16 9.27 -3.99 6.32
C LEU B 16 9.86 -2.83 5.54
N VAL B 17 9.19 -1.68 5.51
CA VAL B 17 9.64 -0.50 4.78
C VAL B 17 9.80 0.67 5.74
N SER B 18 11.03 1.23 5.86
CA SER B 18 11.31 2.36 6.73
C SER B 18 12.63 3.02 6.30
N GLU B 19 12.60 4.33 6.01
CA GLU B 19 13.71 5.20 5.57
C GLU B 19 14.15 4.89 4.13
N MET A 1 -12.14 -6.57 -12.59
CA MET A 1 -10.96 -6.64 -11.71
C MET A 1 -10.60 -5.27 -11.14
N GLY A 2 -10.91 -5.04 -9.86
CA GLY A 2 -10.62 -3.81 -9.16
C GLY A 2 -9.41 -4.05 -8.28
N TRP A 3 -9.65 -4.60 -7.09
CA TRP A 3 -8.66 -4.94 -6.10
C TRP A 3 -8.51 -6.45 -6.10
N MET A 4 -7.31 -6.94 -6.44
CA MET A 4 -7.01 -8.37 -6.50
C MET A 4 -7.25 -8.98 -5.12
N PHE A 5 -6.85 -8.31 -4.04
CA PHE A 5 -7.06 -8.85 -2.70
C PHE A 5 -8.54 -9.09 -2.43
N LYS A 6 -9.43 -8.17 -2.82
CA LYS A 6 -10.86 -8.33 -2.59
C LYS A 6 -11.44 -9.46 -3.44
N GLU A 7 -10.97 -9.61 -4.68
CA GLU A 7 -11.48 -10.68 -5.52
C GLU A 7 -11.06 -12.02 -4.92
N ASP A 8 -9.78 -12.16 -4.55
CA ASP A 8 -9.22 -13.39 -3.97
C ASP A 8 -9.79 -13.63 -2.57
N HIS A 9 -9.31 -12.90 -1.56
CA HIS A 9 -9.74 -12.97 -0.17
C HIS A 9 -9.26 -11.70 0.54
N SER A 10 -10.18 -10.90 1.07
CA SER A 10 -9.81 -9.68 1.78
C SER A 10 -10.04 -9.95 3.26
N LEU A 11 -11.30 -10.15 3.68
CA LEU A 11 -11.71 -10.38 5.07
C LEU A 11 -10.79 -11.31 5.87
N GLU A 12 -10.60 -12.55 5.39
CA GLU A 12 -9.77 -13.52 6.07
C GLU A 12 -8.29 -13.10 6.07
N HIS A 13 -7.74 -12.77 4.90
CA HIS A 13 -6.35 -12.36 4.73
C HIS A 13 -6.03 -11.18 5.65
N ARG A 14 -6.94 -10.21 5.72
CA ARG A 14 -6.85 -9.01 6.53
C ARG A 14 -6.75 -9.42 7.99
N CYS A 15 -7.66 -10.27 8.47
CA CYS A 15 -7.64 -10.73 9.85
C CYS A 15 -6.30 -11.38 10.22
N VAL A 16 -5.82 -12.29 9.37
CA VAL A 16 -4.56 -13.00 9.61
C VAL A 16 -3.40 -12.02 9.61
N GLU A 17 -3.32 -11.12 8.62
CA GLU A 17 -2.24 -10.17 8.52
C GLU A 17 -2.26 -9.20 9.70
N SER A 18 -3.39 -8.58 10.03
CA SER A 18 -3.46 -7.65 11.14
C SER A 18 -2.96 -8.32 12.42
N ALA A 19 -3.40 -9.55 12.73
CA ALA A 19 -2.95 -10.25 13.93
C ALA A 19 -1.43 -10.51 13.90
N LYS A 20 -0.92 -11.09 12.81
CA LYS A 20 0.49 -11.42 12.64
C LYS A 20 1.37 -10.17 12.66
N ILE A 21 0.91 -9.08 12.04
CA ILE A 21 1.66 -7.83 11.98
C ILE A 21 1.63 -7.17 13.34
N ARG A 22 0.50 -7.11 14.06
CA ARG A 22 0.53 -6.46 15.38
C ARG A 22 1.45 -7.26 16.31
N ALA A 23 1.47 -8.58 16.18
CA ALA A 23 2.34 -9.41 17.00
C ALA A 23 3.82 -9.11 16.72
N LYS A 24 4.23 -9.02 15.44
CA LYS A 24 5.62 -8.75 15.06
C LYS A 24 6.02 -7.29 15.22
N TYR A 25 5.21 -6.36 14.74
CA TYR A 25 5.45 -4.92 14.76
C TYR A 25 4.13 -4.21 15.13
N PRO A 26 3.84 -3.98 16.40
CA PRO A 26 2.61 -3.33 16.83
C PRO A 26 2.57 -1.85 16.44
N ASP A 27 3.73 -1.23 16.20
CA ASP A 27 3.92 0.17 15.83
C ASP A 27 4.07 0.39 14.32
N ARG A 28 3.73 -0.60 13.49
CA ARG A 28 3.79 -0.45 12.04
C ARG A 28 2.37 -0.69 11.51
N VAL A 29 2.07 -0.16 10.32
CA VAL A 29 0.74 -0.28 9.69
C VAL A 29 0.85 -0.94 8.30
N PRO A 30 -0.09 -1.86 7.96
CA PRO A 30 -0.13 -2.58 6.69
C PRO A 30 -0.71 -1.72 5.56
N VAL A 31 0.11 -1.45 4.54
CA VAL A 31 -0.25 -0.66 3.38
C VAL A 31 0.00 -1.48 2.11
N ILE A 32 -0.84 -1.28 1.09
CA ILE A 32 -0.73 -1.93 -0.20
C ILE A 32 -0.60 -0.79 -1.19
N VAL A 33 0.40 -0.85 -2.06
CA VAL A 33 0.70 0.14 -3.08
C VAL A 33 0.51 -0.53 -4.44
N GLU A 34 -0.37 -0.02 -5.30
CA GLU A 34 -0.60 -0.59 -6.63
C GLU A 34 -0.59 0.55 -7.65
N LYS A 35 -0.12 0.33 -8.88
CA LYS A 35 -0.11 1.40 -9.89
C LYS A 35 -1.37 1.36 -10.73
N VAL A 36 -1.70 2.53 -11.28
CA VAL A 36 -2.85 2.73 -12.14
C VAL A 36 -2.64 1.86 -13.39
N SER A 37 -3.66 1.09 -13.77
CA SER A 37 -3.60 0.25 -14.96
C SER A 37 -3.42 1.19 -16.15
N GLY A 38 -2.44 0.89 -16.99
CA GLY A 38 -2.14 1.70 -18.15
C GLY A 38 -1.11 2.78 -17.86
N SER A 39 -0.64 2.93 -16.61
CA SER A 39 0.39 3.92 -16.30
C SER A 39 1.69 3.32 -16.81
N GLN A 40 2.54 4.15 -17.40
CA GLN A 40 3.82 3.79 -17.98
C GLN A 40 4.84 3.34 -16.93
N ILE A 41 4.72 3.84 -15.70
CA ILE A 41 5.60 3.53 -14.59
C ILE A 41 5.68 2.03 -14.33
N VAL A 42 6.80 1.58 -13.77
CA VAL A 42 7.06 0.20 -13.45
C VAL A 42 5.95 -0.39 -12.57
N ASP A 43 5.50 -1.61 -12.92
CA ASP A 43 4.47 -2.30 -12.15
C ASP A 43 5.10 -2.78 -10.85
N ILE A 44 4.29 -3.05 -9.83
CA ILE A 44 4.75 -3.53 -8.55
C ILE A 44 3.99 -4.82 -8.23
N ASP A 45 4.71 -5.76 -7.64
CA ASP A 45 4.12 -7.04 -7.26
C ASP A 45 3.12 -6.78 -6.15
N LYS A 46 2.25 -7.75 -5.88
CA LYS A 46 1.25 -7.67 -4.82
C LYS A 46 2.07 -7.85 -3.55
N ARG A 47 2.42 -6.77 -2.86
CA ARG A 47 3.22 -6.84 -1.64
C ARG A 47 2.54 -6.03 -0.55
N LYS A 48 2.85 -6.40 0.69
CA LYS A 48 2.30 -5.76 1.89
C LYS A 48 3.41 -4.93 2.51
N TYR A 49 3.38 -3.61 2.28
CA TYR A 49 4.38 -2.69 2.80
C TYR A 49 3.99 -2.31 4.23
N LEU A 50 4.89 -2.52 5.20
CA LEU A 50 4.64 -2.21 6.61
C LEU A 50 5.43 -0.97 6.98
N VAL A 51 4.76 0.14 7.28
CA VAL A 51 5.44 1.39 7.62
C VAL A 51 5.26 1.81 9.09
N PRO A 52 6.28 2.35 9.77
CA PRO A 52 6.20 2.78 11.17
C PRO A 52 5.39 4.07 11.33
N SER A 53 4.59 4.17 12.40
CA SER A 53 3.76 5.33 12.69
C SER A 53 4.55 6.62 12.91
N ASP A 54 5.84 6.50 13.19
CA ASP A 54 6.76 7.61 13.46
C ASP A 54 7.12 8.43 12.22
N ILE A 55 7.21 7.80 11.03
CA ILE A 55 7.54 8.56 9.83
C ILE A 55 6.30 9.30 9.31
N THR A 56 6.52 10.28 8.43
CA THR A 56 5.46 11.07 7.82
C THR A 56 5.25 10.62 6.37
N VAL A 57 4.16 11.07 5.76
CA VAL A 57 3.83 10.79 4.37
C VAL A 57 5.00 11.24 3.48
N ALA A 58 5.70 12.33 3.82
CA ALA A 58 6.83 12.82 3.02
C ALA A 58 7.89 11.71 2.91
N GLN A 59 8.22 11.06 4.04
CA GLN A 59 9.20 9.99 4.06
C GLN A 59 8.65 8.78 3.30
N PHE A 60 7.39 8.40 3.54
CA PHE A 60 6.77 7.25 2.90
C PHE A 60 6.76 7.40 1.38
N MET A 61 6.26 8.52 0.86
CA MET A 61 6.19 8.82 -0.55
C MET A 61 7.59 8.76 -1.18
N TRP A 62 8.57 9.40 -0.55
CA TRP A 62 9.94 9.39 -1.07
C TRP A 62 10.46 7.96 -1.19
N ILE A 63 10.23 7.14 -0.18
CA ILE A 63 10.69 5.77 -0.19
C ILE A 63 9.99 5.02 -1.34
N ILE A 64 8.69 5.22 -1.62
CA ILE A 64 8.03 4.51 -2.72
C ILE A 64 8.70 4.90 -4.03
N ARG A 65 8.90 6.19 -4.31
CA ARG A 65 9.54 6.61 -5.57
C ARG A 65 10.95 6.03 -5.69
N LYS A 66 11.73 5.97 -4.61
CA LYS A 66 13.07 5.41 -4.72
C LYS A 66 13.01 3.90 -4.90
N ARG A 67 12.11 3.18 -4.23
CA ARG A 67 11.99 1.73 -4.35
C ARG A 67 11.61 1.33 -5.76
N ILE A 68 10.66 2.05 -6.39
CA ILE A 68 10.27 1.74 -7.76
C ILE A 68 11.30 2.35 -8.75
N GLN A 69 12.32 3.04 -8.23
CA GLN A 69 13.39 3.69 -8.97
C GLN A 69 12.81 4.64 -10.02
N LEU A 70 12.06 5.65 -9.56
CA LEU A 70 11.39 6.66 -10.39
C LEU A 70 12.43 7.55 -11.08
N PRO A 71 12.64 7.40 -12.40
CA PRO A 71 13.59 8.23 -13.15
C PRO A 71 13.06 9.66 -13.22
N SER A 72 13.93 10.65 -13.39
CA SER A 72 13.48 12.04 -13.48
C SER A 72 12.61 12.31 -14.71
N GLU A 73 12.69 11.46 -15.75
CA GLU A 73 11.89 11.61 -16.97
C GLU A 73 10.40 11.44 -16.65
N LYS A 74 10.05 10.64 -15.62
CA LYS A 74 8.70 10.38 -15.18
C LYS A 74 8.38 11.15 -13.90
N ALA A 75 7.10 11.23 -13.59
CA ALA A 75 6.56 11.87 -12.41
C ALA A 75 6.04 10.79 -11.46
N ILE A 76 5.55 11.18 -10.29
CA ILE A 76 4.95 10.29 -9.30
C ILE A 76 3.84 11.07 -8.63
N PHE A 77 2.69 10.43 -8.46
CA PHE A 77 1.52 10.99 -7.80
C PHE A 77 0.88 9.87 -6.99
N LEU A 78 0.37 10.20 -5.80
CA LEU A 78 -0.30 9.26 -4.91
C LEU A 78 -1.75 9.69 -4.79
N PHE A 79 -2.65 8.71 -4.73
CA PHE A 79 -4.08 8.92 -4.59
C PHE A 79 -4.62 7.79 -3.71
N VAL A 80 -5.28 8.14 -2.62
CA VAL A 80 -5.84 7.19 -1.67
C VAL A 80 -7.29 7.59 -1.42
N ASP A 81 -8.27 6.70 -1.50
CA ASP A 81 -9.69 7.02 -1.25
C ASP A 81 -10.17 8.29 -2.00
N LYS A 82 -9.61 8.59 -3.18
CA LYS A 82 -9.95 9.78 -3.97
C LYS A 82 -9.54 11.07 -3.21
N THR A 83 -8.51 11.02 -2.38
CA THR A 83 -7.95 12.10 -1.56
C THR A 83 -6.42 12.15 -1.69
N VAL A 84 -5.84 13.30 -1.33
CA VAL A 84 -4.43 13.58 -1.37
C VAL A 84 -3.84 13.45 0.05
N PRO A 85 -3.00 12.43 0.34
CA PRO A 85 -2.40 12.27 1.66
C PRO A 85 -1.41 13.42 1.84
N GLN A 86 -1.55 14.19 2.92
CA GLN A 86 -0.71 15.33 3.23
C GLN A 86 0.68 14.85 3.61
N SER A 87 1.71 15.49 3.06
CA SER A 87 3.11 15.12 3.30
C SER A 87 3.55 15.26 4.76
N SER A 88 3.13 16.33 5.43
CA SER A 88 3.51 16.57 6.82
C SER A 88 2.77 15.66 7.81
N LEU A 89 1.61 15.08 7.47
CA LEU A 89 0.91 14.21 8.42
C LEU A 89 1.73 12.94 8.73
N THR A 90 1.69 12.49 9.99
CA THR A 90 2.39 11.31 10.46
C THR A 90 1.63 10.05 10.03
N MET A 91 2.35 8.94 9.89
CA MET A 91 1.75 7.67 9.51
C MET A 91 0.71 7.29 10.56
N GLY A 92 0.99 7.49 11.86
CA GLY A 92 0.02 7.16 12.90
C GLY A 92 -1.32 7.88 12.72
N GLN A 93 -1.30 9.19 12.44
CA GLN A 93 -2.50 10.01 12.28
C GLN A 93 -3.24 9.64 10.99
N LEU A 94 -2.50 9.57 9.87
CA LEU A 94 -3.07 9.22 8.58
C LEU A 94 -3.71 7.84 8.65
N TYR A 95 -3.01 6.86 9.20
CA TYR A 95 -3.47 5.50 9.34
C TYR A 95 -4.77 5.48 10.10
N GLU A 96 -4.82 6.10 11.28
CA GLU A 96 -6.03 6.10 12.08
C GLU A 96 -7.20 6.78 11.35
N LYS A 97 -7.00 7.97 10.77
CA LYS A 97 -8.10 8.65 10.08
C LYS A 97 -8.48 7.98 8.77
N GLU A 98 -7.54 7.38 8.03
CA GLU A 98 -7.85 6.76 6.75
C GLU A 98 -8.15 5.25 6.84
N LYS A 99 -7.99 4.65 8.02
CA LYS A 99 -8.20 3.22 8.29
C LYS A 99 -9.39 2.62 7.56
N ASP A 100 -9.16 1.55 6.81
CA ASP A 100 -10.20 0.84 6.07
C ASP A 100 -11.18 0.18 7.04
N GLU A 101 -12.37 -0.23 6.58
CA GLU A 101 -13.39 -0.89 7.38
C GLU A 101 -12.82 -2.10 8.12
N ASP A 102 -11.79 -2.74 7.55
CA ASP A 102 -11.14 -3.92 8.09
C ASP A 102 -9.89 -3.57 8.91
N GLY A 103 -9.12 -2.52 8.54
CA GLY A 103 -7.93 -2.13 9.30
C GLY A 103 -6.66 -1.79 8.50
N PHE A 104 -6.55 -2.18 7.23
CA PHE A 104 -5.38 -1.89 6.38
C PHE A 104 -5.57 -0.65 5.51
N LEU A 105 -4.57 -0.26 4.71
CA LEU A 105 -4.66 0.88 3.79
C LEU A 105 -4.33 0.48 2.35
N TYR A 106 -5.06 0.95 1.35
CA TYR A 106 -4.85 0.68 -0.07
C TYR A 106 -4.65 1.99 -0.84
N VAL A 107 -3.43 2.28 -1.28
CA VAL A 107 -3.09 3.50 -2.02
C VAL A 107 -2.67 3.16 -3.45
N ALA A 108 -3.03 4.05 -4.38
CA ALA A 108 -2.73 3.92 -5.78
C ALA A 108 -1.71 4.98 -6.16
N TYR A 109 -0.81 4.65 -7.08
CA TYR A 109 0.20 5.57 -7.56
C TYR A 109 0.22 5.58 -9.08
N SER A 110 0.73 6.65 -9.66
CA SER A 110 0.83 6.78 -11.11
C SER A 110 2.06 7.61 -11.43
N GLY A 111 2.52 7.52 -12.68
CA GLY A 111 3.68 8.25 -13.15
C GLY A 111 3.37 9.27 -14.23
N GLU A 112 2.10 9.66 -14.37
CA GLU A 112 1.65 10.62 -15.37
C GLU A 112 0.75 11.62 -14.66
N ASN A 113 0.88 12.88 -15.03
CA ASN A 113 0.07 13.98 -14.49
C ASN A 113 -1.30 14.00 -15.18
N THR A 114 -1.44 13.36 -16.35
CA THR A 114 -2.66 13.30 -17.11
C THR A 114 -2.88 11.86 -17.55
N PHE A 115 -4.13 11.42 -17.45
CA PHE A 115 -4.60 10.10 -17.82
C PHE A 115 -5.62 10.28 -18.95
N GLY A 116 -5.19 10.65 -20.16
CA GLY A 116 -6.11 10.86 -21.28
C GLY A 116 -5.37 10.88 -22.58
N GLY B 1 -19.85 -19.46 -0.09
CA GLY B 1 -19.57 -20.64 -0.92
C GLY B 1 -18.56 -21.51 -0.21
N ALA B 2 -17.56 -21.97 -0.96
CA ALA B 2 -16.48 -22.81 -0.50
C ALA B 2 -15.21 -22.29 -1.20
N MET B 3 -14.65 -21.18 -0.70
CA MET B 3 -13.45 -20.57 -1.27
C MET B 3 -12.35 -20.64 -0.23
N GLU B 4 -11.88 -21.85 0.04
CA GLU B 4 -10.83 -22.15 1.01
C GLU B 4 -9.64 -22.75 0.24
N ILE B 5 -9.34 -22.17 -0.93
CA ILE B 5 -8.25 -22.63 -1.79
C ILE B 5 -6.89 -22.39 -1.11
N ILE B 6 -5.91 -23.18 -1.53
CA ILE B 6 -4.54 -23.19 -1.07
C ILE B 6 -3.64 -22.46 -2.07
N HIS B 7 -3.64 -22.88 -3.34
CA HIS B 7 -2.81 -22.26 -4.37
C HIS B 7 -3.42 -20.94 -4.84
N GLU B 8 -3.15 -19.87 -4.09
CA GLU B 8 -3.63 -18.54 -4.43
C GLU B 8 -2.86 -18.10 -5.69
N ASP B 9 -3.46 -17.23 -6.48
CA ASP B 9 -2.88 -16.72 -7.73
C ASP B 9 -1.86 -15.59 -7.49
N ASN B 10 -2.27 -14.55 -6.78
CA ASN B 10 -1.44 -13.38 -6.49
C ASN B 10 -0.40 -13.66 -5.39
N GLU B 11 0.66 -12.85 -5.26
CA GLU B 11 1.78 -12.98 -4.32
C GLU B 11 1.62 -12.63 -2.81
N TRP B 12 1.31 -11.38 -2.43
CA TRP B 12 1.16 -10.82 -1.07
C TRP B 12 2.35 -11.13 -0.18
N GLY B 13 3.52 -10.58 -0.52
CA GLY B 13 4.73 -10.79 0.26
C GLY B 13 4.93 -9.58 1.16
N ILE B 14 5.06 -9.76 2.47
CA ILE B 14 5.28 -8.67 3.41
C ILE B 14 6.69 -8.11 3.17
N GLU B 15 6.81 -6.81 3.24
CA GLU B 15 8.02 -6.05 3.06
C GLU B 15 7.99 -4.90 4.08
N LEU B 16 8.86 -4.92 5.08
CA LEU B 16 8.97 -3.88 6.11
C LEU B 16 9.68 -2.72 5.44
N VAL B 17 9.06 -1.53 5.38
CA VAL B 17 9.63 -0.36 4.74
C VAL B 17 9.72 0.83 5.71
N SER B 18 10.94 1.22 6.10
CA SER B 18 11.18 2.35 7.00
C SER B 18 12.47 3.05 6.58
N GLU B 19 12.35 4.37 6.39
CA GLU B 19 13.37 5.35 5.99
C GLU B 19 13.99 5.09 4.62
N MET A 1 -7.81 -0.05 -11.74
CA MET A 1 -8.76 -0.23 -10.63
C MET A 1 -9.03 -1.72 -10.46
N GLY A 2 -9.58 -2.13 -9.31
CA GLY A 2 -9.88 -3.52 -8.99
C GLY A 2 -8.79 -3.95 -8.03
N TRP A 3 -9.15 -4.17 -6.78
CA TRP A 3 -8.24 -4.60 -5.74
C TRP A 3 -8.01 -6.09 -5.86
N MET A 4 -6.78 -6.51 -6.21
CA MET A 4 -6.53 -7.95 -6.35
C MET A 4 -6.79 -8.69 -5.04
N PHE A 5 -6.53 -8.05 -3.90
CA PHE A 5 -6.79 -8.69 -2.62
C PHE A 5 -8.28 -9.02 -2.50
N LYS A 6 -9.15 -8.06 -2.80
CA LYS A 6 -10.59 -8.26 -2.72
C LYS A 6 -11.04 -9.32 -3.72
N GLU A 7 -10.38 -9.43 -4.88
CA GLU A 7 -10.73 -10.42 -5.87
C GLU A 7 -10.57 -11.80 -5.23
N ASP A 8 -9.44 -12.04 -4.55
CA ASP A 8 -9.14 -13.31 -3.89
C ASP A 8 -9.93 -13.43 -2.57
N HIS A 9 -9.50 -12.74 -1.52
CA HIS A 9 -10.06 -12.70 -0.18
C HIS A 9 -9.57 -11.45 0.56
N SER A 10 -10.41 -10.83 1.37
CA SER A 10 -10.05 -9.65 2.14
C SER A 10 -10.28 -9.92 3.62
N LEU A 11 -11.52 -10.23 4.02
CA LEU A 11 -11.91 -10.49 5.41
C LEU A 11 -10.95 -11.40 6.17
N GLU A 12 -10.73 -12.62 5.70
CA GLU A 12 -9.84 -13.57 6.37
C GLU A 12 -8.41 -13.07 6.38
N HIS A 13 -7.94 -12.67 5.19
CA HIS A 13 -6.60 -12.17 5.00
C HIS A 13 -6.29 -11.04 5.97
N ARG A 14 -7.11 -9.98 6.02
CA ARG A 14 -6.96 -8.83 6.88
C ARG A 14 -6.97 -9.23 8.35
N CYS A 15 -7.88 -10.10 8.79
CA CYS A 15 -7.90 -10.51 10.20
C CYS A 15 -6.56 -11.17 10.61
N VAL A 16 -6.11 -12.15 9.84
CA VAL A 16 -4.89 -12.89 10.11
C VAL A 16 -3.64 -12.02 9.92
N GLU A 17 -3.57 -11.29 8.82
CA GLU A 17 -2.46 -10.44 8.48
C GLU A 17 -2.27 -9.39 9.57
N SER A 18 -3.34 -8.69 9.95
CA SER A 18 -3.22 -7.69 11.00
C SER A 18 -2.83 -8.35 12.31
N ALA A 19 -3.37 -9.52 12.68
CA ALA A 19 -3.00 -10.17 13.93
C ALA A 19 -1.49 -10.47 13.93
N LYS A 20 -0.97 -11.08 12.87
CA LYS A 20 0.44 -11.43 12.75
C LYS A 20 1.31 -10.18 12.79
N ILE A 21 0.97 -9.16 12.01
CA ILE A 21 1.73 -7.92 11.94
C ILE A 21 1.63 -7.16 13.25
N ARG A 22 0.46 -7.06 13.90
CA ARG A 22 0.33 -6.34 15.18
C ARG A 22 1.19 -7.04 16.23
N ALA A 23 1.30 -8.36 16.17
CA ALA A 23 2.12 -9.09 17.13
C ALA A 23 3.60 -8.83 16.87
N LYS A 24 4.06 -8.94 15.61
CA LYS A 24 5.47 -8.73 15.28
C LYS A 24 5.92 -7.28 15.28
N TYR A 25 5.13 -6.41 14.66
CA TYR A 25 5.30 -4.99 14.45
C TYR A 25 4.11 -4.18 14.98
N PRO A 26 4.00 -4.04 16.32
CA PRO A 26 2.95 -3.26 16.97
C PRO A 26 3.14 -1.75 16.73
N ASP A 27 4.28 -1.35 16.16
CA ASP A 27 4.68 0.02 15.84
C ASP A 27 4.64 0.29 14.33
N ARG A 28 4.03 -0.60 13.54
CA ARG A 28 3.90 -0.44 12.09
C ARG A 28 2.44 -0.59 11.67
N VAL A 29 2.10 -0.08 10.50
CA VAL A 29 0.75 -0.12 9.95
C VAL A 29 0.80 -0.83 8.58
N PRO A 30 -0.24 -1.62 8.27
CA PRO A 30 -0.37 -2.39 7.03
C PRO A 30 -0.89 -1.53 5.86
N VAL A 31 -0.09 -1.40 4.81
CA VAL A 31 -0.42 -0.63 3.63
C VAL A 31 -0.27 -1.51 2.37
N ILE A 32 -1.07 -1.22 1.35
CA ILE A 32 -1.09 -1.90 0.06
C ILE A 32 -0.86 -0.77 -0.96
N VAL A 33 0.04 -0.99 -1.91
CA VAL A 33 0.42 -0.04 -2.95
C VAL A 33 0.24 -0.71 -4.31
N GLU A 34 -0.62 -0.18 -5.17
CA GLU A 34 -0.83 -0.71 -6.53
C GLU A 34 -0.74 0.43 -7.54
N LYS A 35 -0.37 0.16 -8.81
CA LYS A 35 -0.31 1.22 -9.83
C LYS A 35 -1.62 1.30 -10.59
N VAL A 36 -1.90 2.44 -11.23
CA VAL A 36 -3.10 2.63 -12.03
C VAL A 36 -2.89 1.79 -13.30
N SER A 37 -3.76 0.79 -13.53
CA SER A 37 -3.72 -0.12 -14.65
C SER A 37 -3.71 0.62 -16.00
N GLY A 38 -2.58 0.57 -16.72
CA GLY A 38 -2.38 1.19 -18.02
C GLY A 38 -1.39 2.37 -17.98
N SER A 39 -1.03 2.86 -16.80
CA SER A 39 -0.09 3.97 -16.69
C SER A 39 1.28 3.55 -17.23
N GLN A 40 2.01 4.47 -17.86
CA GLN A 40 3.33 4.28 -18.46
C GLN A 40 4.46 4.03 -17.44
N ILE A 41 4.18 4.04 -16.13
CA ILE A 41 5.18 3.81 -15.08
C ILE A 41 5.33 2.30 -14.82
N VAL A 42 6.36 1.91 -14.05
CA VAL A 42 6.64 0.52 -13.71
C VAL A 42 5.55 -0.07 -12.79
N ASP A 43 5.42 -1.40 -12.81
CA ASP A 43 4.46 -2.13 -11.98
C ASP A 43 5.05 -2.42 -10.59
N ILE A 44 4.17 -2.77 -9.65
CA ILE A 44 4.49 -3.12 -8.28
C ILE A 44 3.85 -4.49 -8.02
N ASP A 45 4.66 -5.45 -7.59
CA ASP A 45 4.22 -6.81 -7.29
C ASP A 45 3.29 -6.80 -6.09
N LYS A 46 2.56 -7.90 -5.89
CA LYS A 46 1.63 -8.06 -4.79
C LYS A 46 2.46 -8.28 -3.54
N ARG A 47 2.63 -7.25 -2.74
CA ARG A 47 3.39 -7.27 -1.49
C ARG A 47 2.58 -6.58 -0.40
N LYS A 48 2.90 -6.80 0.87
CA LYS A 48 2.23 -6.19 2.01
C LYS A 48 3.24 -5.23 2.63
N TYR A 49 3.09 -3.92 2.44
CA TYR A 49 4.05 -2.94 2.96
C TYR A 49 3.73 -2.49 4.39
N LEU A 50 4.67 -2.74 5.31
CA LEU A 50 4.63 -2.41 6.73
C LEU A 50 5.45 -1.15 6.95
N VAL A 51 4.79 -0.02 7.23
CA VAL A 51 5.48 1.25 7.48
C VAL A 51 5.31 1.66 8.95
N PRO A 52 6.33 2.24 9.62
CA PRO A 52 6.20 2.64 11.02
C PRO A 52 5.34 3.88 11.17
N SER A 53 4.52 3.92 12.21
CA SER A 53 3.64 5.06 12.50
C SER A 53 4.41 6.36 12.77
N ASP A 54 5.71 6.28 13.04
CA ASP A 54 6.57 7.41 13.35
C ASP A 54 6.92 8.28 12.15
N ILE A 55 7.08 7.70 10.94
CA ILE A 55 7.43 8.46 9.75
C ILE A 55 6.22 9.20 9.17
N THR A 56 6.45 10.10 8.21
CA THR A 56 5.41 10.88 7.56
C THR A 56 5.18 10.42 6.13
N VAL A 57 4.10 10.91 5.51
CA VAL A 57 3.75 10.62 4.13
C VAL A 57 4.93 10.99 3.22
N ALA A 58 5.67 12.07 3.51
CA ALA A 58 6.81 12.46 2.69
C ALA A 58 7.87 11.36 2.69
N GLN A 59 8.20 10.81 3.86
CA GLN A 59 9.21 9.75 3.97
C GLN A 59 8.71 8.56 3.15
N PHE A 60 7.44 8.18 3.30
CA PHE A 60 6.85 7.06 2.59
C PHE A 60 6.92 7.28 1.07
N MET A 61 6.52 8.46 0.59
CA MET A 61 6.54 8.84 -0.81
C MET A 61 7.97 8.75 -1.34
N TRP A 62 8.95 9.25 -0.58
CA TRP A 62 10.34 9.21 -0.99
C TRP A 62 10.82 7.76 -1.10
N ILE A 63 10.42 6.87 -0.19
CA ILE A 63 10.82 5.48 -0.31
C ILE A 63 10.16 4.90 -1.57
N ILE A 64 8.85 5.10 -1.77
CA ILE A 64 8.12 4.57 -2.93
C ILE A 64 8.80 4.99 -4.24
N ARG A 65 9.10 6.28 -4.43
CA ARG A 65 9.73 6.75 -5.67
C ARG A 65 11.10 6.10 -5.85
N LYS A 66 11.91 5.97 -4.78
CA LYS A 66 13.22 5.34 -4.91
C LYS A 66 13.10 3.84 -5.18
N ARG A 67 12.18 3.15 -4.50
CA ARG A 67 11.93 1.72 -4.62
C ARG A 67 11.57 1.36 -6.04
N ILE A 68 10.65 2.10 -6.67
CA ILE A 68 10.25 1.81 -8.03
C ILE A 68 11.21 2.45 -9.05
N GLN A 69 12.23 3.18 -8.58
CA GLN A 69 13.22 3.90 -9.37
C GLN A 69 12.49 4.83 -10.31
N LEU A 70 11.89 5.89 -9.76
CA LEU A 70 11.16 6.90 -10.50
C LEU A 70 12.22 7.86 -11.02
N PRO A 71 12.57 7.83 -12.32
CA PRO A 71 13.59 8.68 -12.93
C PRO A 71 13.22 10.16 -12.95
N SER A 72 14.22 11.01 -13.21
CA SER A 72 14.06 12.46 -13.29
C SER A 72 13.02 12.82 -14.37
N GLU A 73 13.03 12.07 -15.48
CA GLU A 73 12.13 12.28 -16.59
C GLU A 73 10.65 12.15 -16.22
N LYS A 74 10.25 11.22 -15.36
CA LYS A 74 8.84 11.06 -14.97
C LYS A 74 8.60 11.64 -13.57
N ALA A 75 7.32 11.89 -13.24
CA ALA A 75 6.88 12.42 -11.95
C ALA A 75 6.14 11.31 -11.20
N ILE A 76 5.69 11.55 -9.96
CA ILE A 76 4.95 10.60 -9.14
C ILE A 76 3.72 11.31 -8.57
N PHE A 77 2.60 10.59 -8.55
CA PHE A 77 1.31 11.05 -8.06
C PHE A 77 0.71 9.90 -7.25
N LEU A 78 0.44 10.14 -5.97
CA LEU A 78 -0.12 9.18 -5.02
C LEU A 78 -1.51 9.66 -4.59
N PHE A 79 -2.47 8.76 -4.45
CA PHE A 79 -3.83 9.07 -4.02
C PHE A 79 -4.35 7.93 -3.18
N VAL A 80 -5.09 8.23 -2.12
CA VAL A 80 -5.67 7.28 -1.18
C VAL A 80 -7.15 7.57 -1.09
N ASP A 81 -8.01 6.58 -1.38
CA ASP A 81 -9.47 6.72 -1.27
C ASP A 81 -10.02 8.05 -1.81
N LYS A 82 -9.56 8.46 -3.01
CA LYS A 82 -9.96 9.69 -3.72
C LYS A 82 -9.42 11.00 -3.08
N THR A 83 -8.39 10.95 -2.23
CA THR A 83 -7.81 12.12 -1.57
C THR A 83 -6.29 12.16 -1.75
N VAL A 84 -5.70 13.33 -1.52
CA VAL A 84 -4.27 13.56 -1.61
C VAL A 84 -3.72 13.45 -0.18
N PRO A 85 -2.95 12.42 0.16
CA PRO A 85 -2.39 12.28 1.50
C PRO A 85 -1.37 13.40 1.69
N GLN A 86 -1.54 14.23 2.72
CA GLN A 86 -0.64 15.34 3.00
C GLN A 86 0.72 14.84 3.47
N SER A 87 1.78 15.20 2.75
CA SER A 87 3.18 14.85 3.00
C SER A 87 3.62 15.05 4.46
N SER A 88 3.15 16.10 5.12
CA SER A 88 3.48 16.42 6.51
C SER A 88 2.76 15.54 7.54
N LEU A 89 1.67 14.86 7.19
CA LEU A 89 0.91 14.02 8.10
C LEU A 89 1.73 12.78 8.47
N THR A 90 1.61 12.31 9.70
CA THR A 90 2.33 11.14 10.18
C THR A 90 1.59 9.88 9.77
N MET A 91 2.32 8.77 9.65
CA MET A 91 1.78 7.49 9.27
C MET A 91 0.73 7.01 10.28
N GLY A 92 0.99 7.17 11.57
CA GLY A 92 0.05 6.76 12.60
C GLY A 92 -1.27 7.54 12.51
N GLN A 93 -1.21 8.86 12.29
CA GLN A 93 -2.40 9.67 12.22
C GLN A 93 -3.16 9.33 10.95
N LEU A 94 -2.45 9.27 9.83
CA LEU A 94 -3.02 8.96 8.53
C LEU A 94 -3.71 7.60 8.57
N TYR A 95 -3.11 6.58 9.17
CA TYR A 95 -3.68 5.24 9.28
C TYR A 95 -4.97 5.33 10.07
N GLU A 96 -4.94 6.00 11.23
CA GLU A 96 -6.13 6.11 12.06
C GLU A 96 -7.28 6.85 11.38
N LYS A 97 -6.98 7.83 10.53
CA LYS A 97 -8.00 8.60 9.81
C LYS A 97 -8.39 8.04 8.45
N GLU A 98 -7.51 7.29 7.76
CA GLU A 98 -7.78 6.74 6.43
C GLU A 98 -8.04 5.23 6.42
N LYS A 99 -7.99 4.55 7.57
CA LYS A 99 -8.22 3.10 7.67
C LYS A 99 -9.46 2.64 6.92
N ASP A 100 -9.32 1.54 6.19
CA ASP A 100 -10.41 0.93 5.44
C ASP A 100 -11.31 0.18 6.43
N GLU A 101 -12.54 -0.11 6.01
CA GLU A 101 -13.55 -0.82 6.77
C GLU A 101 -13.03 -2.17 7.29
N ASP A 102 -12.11 -2.81 6.56
CA ASP A 102 -11.56 -4.11 6.94
C ASP A 102 -10.47 -3.97 8.01
N GLY A 103 -9.69 -2.88 8.02
CA GLY A 103 -8.66 -2.62 9.03
C GLY A 103 -7.26 -2.18 8.54
N PHE A 104 -7.03 -2.17 7.23
CA PHE A 104 -5.76 -1.83 6.57
C PHE A 104 -5.91 -0.58 5.69
N LEU A 105 -4.83 -0.16 5.02
CA LEU A 105 -4.86 1.02 4.14
C LEU A 105 -4.41 0.67 2.72
N TYR A 106 -5.01 1.29 1.69
CA TYR A 106 -4.67 1.10 0.29
C TYR A 106 -4.30 2.43 -0.37
N VAL A 107 -3.21 2.47 -1.14
CA VAL A 107 -2.76 3.66 -1.86
C VAL A 107 -2.51 3.26 -3.33
N ALA A 108 -2.88 4.14 -4.25
CA ALA A 108 -2.67 3.93 -5.68
C ALA A 108 -1.73 4.99 -6.20
N TYR A 109 -0.93 4.66 -7.22
CA TYR A 109 0.01 5.61 -7.81
C TYR A 109 0.07 5.52 -9.33
N SER A 110 0.55 6.59 -9.94
CA SER A 110 0.76 6.72 -11.36
C SER A 110 1.94 7.67 -11.53
N GLY A 111 2.63 7.58 -12.67
CA GLY A 111 3.78 8.43 -12.97
C GLY A 111 3.45 9.39 -14.11
N GLU A 112 2.18 9.74 -14.28
CA GLU A 112 1.67 10.62 -15.32
C GLU A 112 0.70 11.58 -14.65
N ASN A 113 0.88 12.89 -14.86
CA ASN A 113 -0.01 13.88 -14.28
C ASN A 113 -1.42 13.72 -14.83
N THR A 114 -1.47 13.54 -16.15
CA THR A 114 -2.67 13.40 -16.94
C THR A 114 -2.74 11.94 -17.42
N PHE A 115 -3.73 11.26 -16.85
CA PHE A 115 -4.07 9.85 -17.06
C PHE A 115 -4.68 9.65 -18.46
N GLY A 116 -3.85 9.75 -19.50
CA GLY A 116 -4.26 9.57 -20.89
C GLY A 116 -4.32 8.09 -21.20
N GLY B 1 -13.22 -18.98 7.67
CA GLY B 1 -12.05 -19.82 7.88
C GLY B 1 -11.91 -20.85 6.78
N ALA B 2 -11.35 -20.45 5.63
CA ALA B 2 -11.14 -21.28 4.44
C ALA B 2 -9.79 -21.02 3.75
N MET B 3 -8.99 -20.05 4.22
CA MET B 3 -7.68 -19.66 3.68
C MET B 3 -6.63 -20.77 3.56
N GLU B 4 -6.88 -21.96 4.13
CA GLU B 4 -6.05 -23.16 4.13
C GLU B 4 -5.94 -23.79 2.73
N ILE B 5 -5.58 -23.02 1.70
CA ILE B 5 -5.42 -23.49 0.33
C ILE B 5 -3.96 -23.31 -0.08
N ILE B 6 -3.55 -24.03 -1.13
CA ILE B 6 -2.20 -23.98 -1.69
C ILE B 6 -2.24 -23.32 -3.07
N HIS B 7 -3.41 -22.79 -3.48
CA HIS B 7 -3.65 -22.14 -4.75
C HIS B 7 -3.93 -20.64 -4.57
N GLU B 8 -3.13 -19.93 -3.77
CA GLU B 8 -3.34 -18.49 -3.56
C GLU B 8 -2.89 -17.83 -4.86
N ASP B 9 -3.81 -17.19 -5.59
CA ASP B 9 -3.51 -16.55 -6.87
C ASP B 9 -2.52 -15.39 -6.82
N ASN B 10 -2.41 -14.70 -5.69
CA ASN B 10 -1.50 -13.57 -5.48
C ASN B 10 -0.38 -13.96 -4.52
N GLU B 11 0.79 -13.31 -4.57
CA GLU B 11 1.91 -13.64 -3.67
C GLU B 11 1.78 -12.96 -2.31
N TRP B 12 1.65 -11.62 -2.26
CA TRP B 12 1.54 -10.82 -1.04
C TRP B 12 2.70 -11.08 -0.07
N GLY B 13 3.92 -10.77 -0.49
CA GLY B 13 5.09 -10.95 0.35
C GLY B 13 5.15 -9.78 1.31
N ILE B 14 5.23 -10.01 2.62
CA ILE B 14 5.26 -8.93 3.60
C ILE B 14 6.64 -8.27 3.52
N GLU B 15 6.71 -6.95 3.46
CA GLU B 15 7.94 -6.20 3.36
C GLU B 15 7.95 -5.09 4.42
N LEU B 16 9.13 -4.71 4.92
CA LEU B 16 9.33 -3.70 5.95
C LEU B 16 10.02 -2.49 5.32
N VAL B 17 9.35 -1.34 5.26
CA VAL B 17 9.89 -0.11 4.67
C VAL B 17 9.89 1.05 5.69
N SER B 18 10.99 1.81 5.74
CA SER B 18 11.19 2.97 6.61
C SER B 18 12.34 3.83 6.06
N GLU B 19 12.43 5.10 6.46
CA GLU B 19 13.45 6.08 6.09
C GLU B 19 13.34 7.24 7.06
N MET A 1 -13.07 -6.27 -11.28
CA MET A 1 -11.97 -5.38 -11.70
C MET A 1 -11.84 -4.21 -10.74
N GLY A 2 -10.77 -4.17 -9.96
CA GLY A 2 -10.50 -3.14 -8.98
C GLY A 2 -9.29 -3.58 -8.17
N TRP A 3 -9.47 -3.95 -6.91
CA TRP A 3 -8.37 -4.40 -6.07
C TRP A 3 -8.10 -5.87 -6.36
N MET A 4 -6.82 -6.21 -6.56
CA MET A 4 -6.46 -7.60 -6.84
C MET A 4 -6.85 -8.44 -5.63
N PHE A 5 -6.49 -7.98 -4.42
CA PHE A 5 -6.81 -8.70 -3.20
C PHE A 5 -8.32 -8.87 -3.02
N LYS A 6 -9.13 -7.84 -3.32
CA LYS A 6 -10.58 -7.93 -3.18
C LYS A 6 -11.13 -8.98 -4.14
N GLU A 7 -10.52 -9.14 -5.31
CA GLU A 7 -10.99 -10.16 -6.24
C GLU A 7 -10.69 -11.56 -5.69
N ASP A 8 -9.46 -11.81 -5.24
CA ASP A 8 -9.02 -13.10 -4.71
C ASP A 8 -9.54 -13.37 -3.29
N HIS A 9 -8.98 -12.71 -2.27
CA HIS A 9 -9.38 -12.86 -0.87
C HIS A 9 -9.01 -11.57 -0.14
N SER A 10 -9.95 -11.00 0.61
CA SER A 10 -9.70 -9.76 1.34
C SER A 10 -9.95 -9.86 2.82
N LEU A 11 -11.20 -10.06 3.24
CA LEU A 11 -11.63 -10.14 4.62
C LEU A 11 -10.78 -11.05 5.51
N GLU A 12 -10.69 -12.33 5.16
CA GLU A 12 -9.93 -13.29 5.95
C GLU A 12 -8.45 -12.99 5.96
N HIS A 13 -7.87 -12.66 4.79
CA HIS A 13 -6.46 -12.33 4.64
C HIS A 13 -6.14 -11.11 5.52
N ARG A 14 -7.06 -10.13 5.57
CA ARG A 14 -6.91 -8.92 6.38
C ARG A 14 -6.95 -9.27 7.86
N CYS A 15 -7.84 -10.15 8.33
CA CYS A 15 -7.94 -10.51 9.73
C CYS A 15 -6.68 -11.21 10.25
N VAL A 16 -6.16 -12.20 9.52
CA VAL A 16 -4.97 -12.92 9.93
C VAL A 16 -3.78 -11.99 9.94
N GLU A 17 -3.61 -11.22 8.87
CA GLU A 17 -2.50 -10.30 8.78
C GLU A 17 -2.58 -9.23 9.84
N SER A 18 -3.75 -8.67 10.18
CA SER A 18 -3.79 -7.66 11.23
C SER A 18 -3.32 -8.29 12.54
N ALA A 19 -3.83 -9.48 12.90
CA ALA A 19 -3.44 -10.13 14.14
C ALA A 19 -1.92 -10.38 14.23
N LYS A 20 -1.35 -10.99 13.19
CA LYS A 20 0.07 -11.32 13.15
C LYS A 20 0.96 -10.09 13.06
N ILE A 21 0.63 -9.12 12.21
CA ILE A 21 1.43 -7.92 12.05
C ILE A 21 1.37 -7.08 13.31
N ARG A 22 0.21 -6.92 13.96
CA ARG A 22 0.08 -6.12 15.16
C ARG A 22 0.87 -6.76 16.28
N ALA A 23 0.86 -8.09 16.37
CA ALA A 23 1.60 -8.74 17.43
C ALA A 23 3.11 -8.51 17.26
N LYS A 24 3.65 -8.70 16.05
CA LYS A 24 5.08 -8.50 15.81
C LYS A 24 5.54 -7.05 15.71
N TYR A 25 4.82 -6.24 14.94
CA TYR A 25 5.10 -4.83 14.65
C TYR A 25 3.90 -3.95 15.03
N PRO A 26 3.62 -3.73 16.32
CA PRO A 26 2.49 -2.92 16.77
C PRO A 26 2.66 -1.45 16.42
N ASP A 27 3.89 -0.99 16.13
CA ASP A 27 4.15 0.40 15.78
C ASP A 27 4.25 0.56 14.25
N ARG A 28 3.83 -0.43 13.47
CA ARG A 28 3.84 -0.35 12.01
C ARG A 28 2.39 -0.49 11.52
N VAL A 29 2.08 0.03 10.34
CA VAL A 29 0.76 -0.01 9.73
C VAL A 29 0.89 -0.70 8.36
N PRO A 30 -0.03 -1.61 8.00
CA PRO A 30 -0.04 -2.36 6.75
C PRO A 30 -0.65 -1.56 5.58
N VAL A 31 0.13 -1.36 4.52
CA VAL A 31 -0.23 -0.62 3.32
C VAL A 31 -0.10 -1.50 2.05
N ILE A 32 -1.03 -1.36 1.10
CA ILE A 32 -1.06 -2.06 -0.19
C ILE A 32 -0.85 -0.98 -1.25
N VAL A 33 -0.03 -1.23 -2.27
CA VAL A 33 0.25 -0.25 -3.33
C VAL A 33 0.05 -0.89 -4.71
N GLU A 34 -0.99 -0.48 -5.45
CA GLU A 34 -1.28 -0.99 -6.81
C GLU A 34 -1.08 0.17 -7.81
N LYS A 35 -0.62 -0.12 -9.03
CA LYS A 35 -0.39 0.93 -10.03
C LYS A 35 -1.71 1.27 -10.72
N VAL A 36 -1.93 2.55 -11.02
CA VAL A 36 -3.13 3.02 -11.69
C VAL A 36 -3.18 2.37 -13.06
N SER A 37 -4.30 1.74 -13.39
CA SER A 37 -4.55 1.06 -14.64
C SER A 37 -4.22 2.00 -15.81
N GLY A 38 -3.40 1.52 -16.76
CA GLY A 38 -2.98 2.28 -17.94
C GLY A 38 -1.71 3.10 -17.74
N SER A 39 -1.30 3.39 -16.49
CA SER A 39 -0.09 4.15 -16.22
C SER A 39 1.07 3.24 -16.67
N GLN A 40 1.75 3.60 -17.77
CA GLN A 40 2.85 2.86 -18.37
C GLN A 40 4.13 2.79 -17.52
N ILE A 41 4.15 3.43 -16.34
CA ILE A 41 5.30 3.41 -15.44
C ILE A 41 5.48 1.98 -14.88
N VAL A 42 6.67 1.73 -14.32
CA VAL A 42 7.05 0.45 -13.72
C VAL A 42 6.01 0.03 -12.66
N ASP A 43 5.56 -1.21 -12.78
CA ASP A 43 4.60 -1.85 -11.89
C ASP A 43 5.36 -2.42 -10.69
N ILE A 44 4.65 -2.75 -9.61
CA ILE A 44 5.20 -3.30 -8.39
C ILE A 44 4.44 -4.60 -8.11
N ASP A 45 5.17 -5.65 -7.74
CA ASP A 45 4.59 -6.95 -7.46
C ASP A 45 3.66 -6.87 -6.26
N LYS A 46 2.84 -7.91 -6.09
CA LYS A 46 1.89 -7.99 -5.00
C LYS A 46 2.67 -8.28 -3.74
N ARG A 47 2.86 -7.25 -2.93
CA ARG A 47 3.58 -7.27 -1.68
C ARG A 47 2.76 -6.47 -0.67
N LYS A 48 3.01 -6.71 0.61
CA LYS A 48 2.32 -6.05 1.70
C LYS A 48 3.37 -5.14 2.29
N TYR A 49 3.32 -3.85 2.00
CA TYR A 49 4.31 -2.91 2.51
C TYR A 49 3.86 -2.49 3.91
N LEU A 50 4.80 -2.32 4.84
CA LEU A 50 4.50 -1.91 6.22
C LEU A 50 5.38 -0.75 6.60
N VAL A 51 4.79 0.37 7.01
CA VAL A 51 5.52 1.57 7.43
C VAL A 51 5.37 1.87 8.92
N PRO A 52 6.40 2.37 9.62
CA PRO A 52 6.29 2.72 11.04
C PRO A 52 5.38 3.95 11.15
N SER A 53 4.55 3.95 12.19
CA SER A 53 3.59 4.96 12.55
C SER A 53 4.22 6.34 12.81
N ASP A 54 5.55 6.44 12.93
CA ASP A 54 6.22 7.72 13.22
C ASP A 54 6.69 8.49 11.99
N ILE A 55 6.98 7.86 10.85
CA ILE A 55 7.40 8.62 9.68
C ILE A 55 6.21 9.39 9.08
N THR A 56 6.47 10.30 8.15
CA THR A 56 5.45 11.11 7.49
C THR A 56 5.24 10.66 6.04
N VAL A 57 4.09 11.01 5.46
CA VAL A 57 3.70 10.68 4.08
C VAL A 57 4.81 11.03 3.08
N ALA A 58 5.53 12.15 3.27
CA ALA A 58 6.60 12.59 2.39
C ALA A 58 7.72 11.55 2.35
N GLN A 59 8.13 11.06 3.52
CA GLN A 59 9.19 10.07 3.66
C GLN A 59 8.76 8.76 2.99
N PHE A 60 7.51 8.34 3.19
CA PHE A 60 7.02 7.10 2.57
C PHE A 60 7.14 7.23 1.05
N MET A 61 6.71 8.37 0.50
CA MET A 61 6.77 8.65 -0.92
C MET A 61 8.22 8.61 -1.42
N TRP A 62 9.15 9.19 -0.66
CA TRP A 62 10.57 9.21 -1.00
C TRP A 62 11.11 7.78 -1.08
N ILE A 63 10.70 6.90 -0.17
CA ILE A 63 11.15 5.51 -0.17
C ILE A 63 10.61 4.82 -1.43
N ILE A 64 9.30 4.89 -1.71
CA ILE A 64 8.70 4.23 -2.87
C ILE A 64 9.41 4.68 -4.16
N ARG A 65 9.60 5.98 -4.38
CA ARG A 65 10.28 6.43 -5.61
C ARG A 65 11.71 5.90 -5.68
N LYS A 66 12.43 5.84 -4.55
CA LYS A 66 13.80 5.32 -4.53
C LYS A 66 13.79 3.83 -4.82
N ARG A 67 12.81 3.10 -4.29
CA ARG A 67 12.66 1.66 -4.47
C ARG A 67 12.48 1.34 -5.93
N ILE A 68 11.54 1.99 -6.61
CA ILE A 68 11.29 1.73 -8.02
C ILE A 68 12.24 2.51 -8.93
N GLN A 69 13.23 3.21 -8.36
CA GLN A 69 14.24 4.04 -9.02
C GLN A 69 13.60 4.93 -10.07
N LEU A 70 12.73 5.84 -9.63
CA LEU A 70 12.01 6.77 -10.48
C LEU A 70 12.96 7.83 -11.08
N PRO A 71 13.26 7.80 -12.40
CA PRO A 71 14.13 8.77 -13.06
C PRO A 71 13.40 10.09 -13.29
N SER A 72 14.13 11.20 -13.47
CA SER A 72 13.55 12.53 -13.72
C SER A 72 12.60 12.56 -14.93
N GLU A 73 12.83 11.66 -15.90
CA GLU A 73 12.03 11.55 -17.10
C GLU A 73 10.57 11.18 -16.79
N LYS A 74 10.30 10.36 -15.75
CA LYS A 74 8.93 10.00 -15.36
C LYS A 74 8.56 10.81 -14.11
N ALA A 75 7.27 10.89 -13.77
CA ALA A 75 6.76 11.58 -12.59
C ALA A 75 6.26 10.51 -11.60
N ILE A 76 5.83 10.92 -10.40
CA ILE A 76 5.32 10.01 -9.38
C ILE A 76 4.25 10.68 -8.51
N PHE A 77 3.09 10.03 -8.35
CA PHE A 77 1.97 10.53 -7.53
C PHE A 77 1.32 9.36 -6.77
N LEU A 78 0.77 9.62 -5.57
CA LEU A 78 0.05 8.66 -4.72
C LEU A 78 -1.40 9.14 -4.58
N PHE A 79 -2.34 8.21 -4.37
CA PHE A 79 -3.77 8.48 -4.19
C PHE A 79 -4.31 7.48 -3.16
N VAL A 80 -4.99 7.96 -2.11
CA VAL A 80 -5.56 7.14 -1.05
C VAL A 80 -7.03 7.50 -0.90
N ASP A 81 -7.94 6.53 -0.99
CA ASP A 81 -9.40 6.71 -0.86
C ASP A 81 -9.95 7.95 -1.61
N LYS A 82 -9.40 8.22 -2.80
CA LYS A 82 -9.73 9.34 -3.69
C LYS A 82 -9.35 10.68 -3.05
N THR A 83 -8.21 10.74 -2.36
CA THR A 83 -7.70 11.93 -1.71
C THR A 83 -6.18 12.01 -1.88
N VAL A 84 -5.66 13.24 -1.79
CA VAL A 84 -4.25 13.57 -1.86
C VAL A 84 -3.86 13.79 -0.39
N PRO A 85 -3.16 12.83 0.24
CA PRO A 85 -2.79 12.94 1.64
C PRO A 85 -1.74 14.03 1.83
N GLN A 86 -1.80 14.68 2.98
CA GLN A 86 -0.87 15.74 3.31
C GLN A 86 0.49 15.11 3.56
N SER A 87 1.50 15.51 2.79
CA SER A 87 2.87 15.01 2.86
C SER A 87 3.47 15.06 4.27
N SER A 88 3.13 16.07 5.07
CA SER A 88 3.64 16.24 6.43
C SER A 88 2.85 15.43 7.46
N LEU A 89 1.75 14.77 7.10
CA LEU A 89 0.94 14.00 8.04
C LEU A 89 1.75 12.78 8.45
N THR A 90 1.61 12.37 9.70
CA THR A 90 2.33 11.23 10.24
C THR A 90 1.57 9.95 9.89
N MET A 91 2.29 8.84 9.72
CA MET A 91 1.72 7.54 9.37
C MET A 91 0.61 7.12 10.31
N GLY A 92 0.83 7.17 11.63
CA GLY A 92 -0.18 6.79 12.61
C GLY A 92 -1.44 7.65 12.49
N GLN A 93 -1.26 8.96 12.31
CA GLN A 93 -2.36 9.90 12.18
C GLN A 93 -3.20 9.56 10.96
N LEU A 94 -2.51 9.44 9.81
CA LEU A 94 -3.12 9.10 8.55
C LEU A 94 -3.83 7.74 8.64
N TYR A 95 -3.22 6.73 9.25
CA TYR A 95 -3.79 5.40 9.42
C TYR A 95 -5.07 5.50 10.23
N GLU A 96 -5.01 6.16 11.39
CA GLU A 96 -6.15 6.34 12.26
C GLU A 96 -7.32 7.06 11.59
N LYS A 97 -7.05 8.05 10.72
CA LYS A 97 -8.12 8.78 10.04
C LYS A 97 -8.54 8.17 8.70
N GLU A 98 -7.67 7.40 8.03
CA GLU A 98 -7.97 6.79 6.72
C GLU A 98 -8.20 5.27 6.80
N LYS A 99 -8.23 4.70 8.01
CA LYS A 99 -8.43 3.28 8.30
C LYS A 99 -9.64 2.68 7.57
N ASP A 100 -9.43 1.58 6.85
CA ASP A 100 -10.48 0.87 6.12
C ASP A 100 -11.29 0.02 7.12
N GLU A 101 -12.37 -0.64 6.69
CA GLU A 101 -13.20 -1.50 7.52
C GLU A 101 -12.39 -2.65 8.11
N ASP A 102 -11.37 -3.10 7.37
CA ASP A 102 -10.50 -4.21 7.76
C ASP A 102 -9.24 -3.74 8.49
N GLY A 103 -9.26 -2.51 8.99
CA GLY A 103 -8.14 -1.93 9.74
C GLY A 103 -6.84 -1.84 8.96
N PHE A 104 -6.86 -1.69 7.63
CA PHE A 104 -5.67 -1.57 6.78
C PHE A 104 -5.73 -0.32 5.90
N LEU A 105 -4.66 -0.07 5.13
CA LEU A 105 -4.55 1.06 4.21
C LEU A 105 -4.27 0.56 2.79
N TYR A 106 -4.96 1.11 1.79
CA TYR A 106 -4.81 0.78 0.39
C TYR A 106 -4.45 2.07 -0.37
N VAL A 107 -3.38 2.07 -1.16
CA VAL A 107 -2.94 3.24 -1.92
C VAL A 107 -2.72 2.85 -3.38
N ALA A 108 -2.94 3.80 -4.28
CA ALA A 108 -2.75 3.65 -5.72
C ALA A 108 -1.65 4.62 -6.12
N TYR A 109 -0.88 4.33 -7.17
CA TYR A 109 0.19 5.24 -7.62
C TYR A 109 0.24 5.32 -9.14
N SER A 110 0.70 6.44 -9.68
CA SER A 110 0.81 6.66 -11.12
C SER A 110 2.06 7.47 -11.47
N GLY A 111 2.34 7.56 -12.77
CA GLY A 111 3.46 8.29 -13.34
C GLY A 111 3.01 9.49 -14.18
N GLU A 112 1.73 9.82 -14.15
CA GLU A 112 1.09 10.91 -14.88
C GLU A 112 -0.02 11.47 -14.02
N ASN A 113 -0.20 12.79 -14.06
CA ASN A 113 -1.23 13.50 -13.30
C ASN A 113 -2.60 13.41 -13.99
N THR A 114 -2.62 13.05 -15.27
CA THR A 114 -3.79 12.91 -16.10
C THR A 114 -4.26 11.47 -15.93
N PHE A 115 -5.48 11.25 -15.44
CA PHE A 115 -6.04 9.91 -15.24
C PHE A 115 -7.29 9.65 -16.10
N GLY A 116 -7.62 10.49 -17.09
CA GLY A 116 -8.78 10.27 -17.93
C GLY A 116 -8.80 11.20 -19.13
N GLY B 1 -16.48 -16.59 -4.27
CA GLY B 1 -15.54 -17.41 -5.06
C GLY B 1 -14.71 -18.27 -4.12
N ALA B 2 -14.00 -19.26 -4.65
CA ALA B 2 -13.18 -20.18 -3.87
C ALA B 2 -11.80 -20.35 -4.53
N MET B 3 -11.23 -19.25 -5.02
CA MET B 3 -9.94 -19.18 -5.69
C MET B 3 -8.75 -19.21 -4.73
N GLU B 4 -8.97 -19.55 -3.46
CA GLU B 4 -8.00 -19.63 -2.36
C GLU B 4 -6.91 -20.70 -2.51
N ILE B 5 -6.65 -21.16 -3.73
CA ILE B 5 -5.66 -22.16 -4.07
C ILE B 5 -4.26 -21.53 -4.04
N ILE B 6 -3.26 -22.39 -3.97
CA ILE B 6 -1.84 -22.03 -3.93
C ILE B 6 -1.33 -21.51 -5.29
N HIS B 7 -2.13 -21.63 -6.34
CA HIS B 7 -1.80 -21.20 -7.70
C HIS B 7 -2.06 -19.70 -7.90
N GLU B 8 -2.25 -18.98 -6.80
CA GLU B 8 -2.50 -17.56 -6.74
C GLU B 8 -1.39 -16.78 -7.46
N ASP B 9 -1.76 -15.73 -8.20
CA ASP B 9 -0.79 -14.87 -8.89
C ASP B 9 -0.20 -13.89 -7.89
N ASN B 10 -1.07 -13.36 -7.03
CA ASN B 10 -0.71 -12.41 -6.00
C ASN B 10 0.00 -13.10 -4.85
N GLU B 11 1.30 -12.87 -4.71
CA GLU B 11 2.07 -13.48 -3.63
C GLU B 11 1.78 -12.81 -2.29
N TRP B 12 1.59 -11.47 -2.30
CA TRP B 12 1.34 -10.67 -1.09
C TRP B 12 2.43 -10.95 -0.04
N GLY B 13 3.69 -10.75 -0.40
CA GLY B 13 4.80 -10.97 0.52
C GLY B 13 4.98 -9.73 1.39
N ILE B 14 5.03 -9.90 2.70
CA ILE B 14 5.21 -8.85 3.72
C ILE B 14 6.58 -8.22 3.46
N GLU B 15 6.68 -6.90 3.46
CA GLU B 15 7.92 -6.16 3.26
C GLU B 15 7.91 -4.99 4.25
N LEU B 16 8.72 -5.11 5.30
CA LEU B 16 8.86 -4.13 6.37
C LEU B 16 9.80 -3.04 5.87
N VAL B 17 9.28 -1.82 5.71
CA VAL B 17 10.03 -0.67 5.23
C VAL B 17 9.98 0.47 6.26
N SER B 18 11.03 1.29 6.28
CA SER B 18 11.23 2.46 7.12
C SER B 18 12.37 3.28 6.48
N GLU B 19 12.51 4.58 6.81
CA GLU B 19 13.58 5.42 6.27
C GLU B 19 14.68 5.47 7.31
N MET A 1 -13.65 -6.34 -10.56
CA MET A 1 -12.27 -6.11 -10.99
C MET A 1 -11.84 -4.72 -10.54
N GLY A 2 -10.65 -4.62 -9.97
CA GLY A 2 -10.05 -3.40 -9.46
C GLY A 2 -9.07 -3.80 -8.38
N TRP A 3 -9.57 -4.23 -7.22
CA TRP A 3 -8.72 -4.67 -6.14
C TRP A 3 -8.58 -6.17 -6.32
N MET A 4 -7.42 -6.60 -6.82
CA MET A 4 -7.15 -8.01 -7.08
C MET A 4 -7.35 -8.80 -5.79
N PHE A 5 -6.80 -8.30 -4.68
CA PHE A 5 -6.92 -8.93 -3.37
C PHE A 5 -8.38 -9.12 -2.95
N LYS A 6 -9.23 -8.13 -3.16
CA LYS A 6 -10.65 -8.22 -2.79
C LYS A 6 -11.35 -9.27 -3.61
N GLU A 7 -11.01 -9.39 -4.88
CA GLU A 7 -11.63 -10.40 -5.72
C GLU A 7 -11.19 -11.78 -5.23
N ASP A 8 -9.89 -11.96 -5.02
CA ASP A 8 -9.25 -13.20 -4.57
C ASP A 8 -9.65 -13.61 -3.15
N HIS A 9 -9.10 -12.96 -2.12
CA HIS A 9 -9.35 -13.18 -0.70
C HIS A 9 -8.87 -11.96 0.08
N SER A 10 -9.76 -11.28 0.81
CA SER A 10 -9.36 -10.12 1.59
C SER A 10 -9.86 -10.13 3.03
N LEU A 11 -11.05 -10.64 3.36
CA LEU A 11 -11.53 -10.61 4.74
C LEU A 11 -10.60 -11.35 5.71
N GLU A 12 -10.38 -12.65 5.49
CA GLU A 12 -9.48 -13.42 6.36
C GLU A 12 -8.05 -12.95 6.19
N HIS A 13 -7.72 -12.51 4.98
CA HIS A 13 -6.40 -12.04 4.61
C HIS A 13 -6.03 -10.89 5.56
N ARG A 14 -6.84 -9.82 5.56
CA ARG A 14 -6.64 -8.64 6.41
C ARG A 14 -6.75 -9.05 7.88
N CYS A 15 -7.68 -9.94 8.26
CA CYS A 15 -7.86 -10.40 9.64
C CYS A 15 -6.55 -10.97 10.23
N VAL A 16 -5.99 -12.01 9.58
CA VAL A 16 -4.77 -12.68 10.02
C VAL A 16 -3.59 -11.70 9.94
N GLU A 17 -3.53 -10.95 8.84
CA GLU A 17 -2.47 -9.98 8.61
C GLU A 17 -2.44 -8.96 9.72
N SER A 18 -3.59 -8.39 10.09
CA SER A 18 -3.71 -7.40 11.14
C SER A 18 -3.18 -8.02 12.43
N ALA A 19 -3.62 -9.23 12.80
CA ALA A 19 -3.16 -9.85 14.04
C ALA A 19 -1.65 -10.09 14.05
N LYS A 20 -1.09 -10.70 13.01
CA LYS A 20 0.36 -10.97 12.99
C LYS A 20 1.17 -9.69 12.88
N ILE A 21 0.75 -8.70 12.10
CA ILE A 21 1.52 -7.46 11.99
C ILE A 21 1.43 -6.71 13.31
N ARG A 22 0.26 -6.65 13.96
CA ARG A 22 0.10 -5.93 15.22
C ARG A 22 0.86 -6.61 16.34
N ALA A 23 0.99 -7.94 16.28
CA ALA A 23 1.73 -8.68 17.28
C ALA A 23 3.24 -8.51 17.08
N LYS A 24 3.74 -8.67 15.84
CA LYS A 24 5.18 -8.55 15.56
C LYS A 24 5.71 -7.13 15.46
N TYR A 25 4.98 -6.26 14.78
CA TYR A 25 5.31 -4.87 14.52
C TYR A 25 4.11 -3.97 14.87
N PRO A 26 3.78 -3.78 16.16
CA PRO A 26 2.66 -2.94 16.55
C PRO A 26 2.84 -1.49 16.11
N ASP A 27 4.09 -1.07 15.94
CA ASP A 27 4.42 0.28 15.53
C ASP A 27 4.48 0.40 14.01
N ARG A 28 4.02 -0.59 13.24
CA ARG A 28 4.03 -0.55 11.77
C ARG A 28 2.60 -0.76 11.29
N VAL A 29 2.19 -0.02 10.26
CA VAL A 29 0.83 -0.08 9.71
C VAL A 29 0.84 -0.80 8.35
N PRO A 30 -0.21 -1.59 8.04
CA PRO A 30 -0.38 -2.36 6.82
C PRO A 30 -0.88 -1.51 5.64
N VAL A 31 -0.07 -1.41 4.60
CA VAL A 31 -0.35 -0.65 3.41
C VAL A 31 -0.23 -1.52 2.15
N ILE A 32 -1.05 -1.25 1.14
CA ILE A 32 -1.10 -1.91 -0.17
C ILE A 32 -0.64 -0.84 -1.14
N VAL A 33 0.23 -1.22 -2.08
CA VAL A 33 0.78 -0.32 -3.07
C VAL A 33 0.46 -0.94 -4.43
N GLU A 34 -0.43 -0.33 -5.22
CA GLU A 34 -0.81 -0.83 -6.54
C GLU A 34 -0.66 0.26 -7.59
N LYS A 35 -0.38 -0.13 -8.84
CA LYS A 35 -0.22 0.82 -9.94
C LYS A 35 -1.58 1.04 -10.60
N VAL A 36 -1.95 2.29 -10.85
CA VAL A 36 -3.21 2.68 -11.50
C VAL A 36 -3.22 1.99 -12.88
N SER A 37 -4.18 1.09 -13.14
CA SER A 37 -4.27 0.38 -14.41
C SER A 37 -4.29 1.38 -15.57
N GLY A 38 -3.36 1.21 -16.52
CA GLY A 38 -3.20 2.05 -17.70
C GLY A 38 -1.97 2.95 -17.60
N SER A 39 -1.23 2.92 -16.49
CA SER A 39 -0.05 3.76 -16.32
C SER A 39 1.16 2.97 -16.83
N GLN A 40 1.97 3.55 -17.74
CA GLN A 40 3.16 2.91 -18.28
C GLN A 40 4.29 2.80 -17.25
N ILE A 41 4.25 3.60 -16.17
CA ILE A 41 5.27 3.58 -15.13
C ILE A 41 5.48 2.17 -14.57
N VAL A 42 6.66 1.92 -14.00
CA VAL A 42 7.02 0.65 -13.41
C VAL A 42 5.96 0.21 -12.42
N ASP A 43 5.43 -1.00 -12.61
CA ASP A 43 4.44 -1.60 -11.76
C ASP A 43 5.14 -2.33 -10.61
N ILE A 44 4.35 -2.81 -9.65
CA ILE A 44 4.84 -3.52 -8.49
C ILE A 44 4.16 -4.87 -8.36
N ASP A 45 4.87 -5.81 -7.77
CA ASP A 45 4.40 -7.15 -7.51
C ASP A 45 3.38 -7.05 -6.37
N LYS A 46 2.60 -8.09 -6.15
CA LYS A 46 1.58 -8.11 -5.09
C LYS A 46 2.35 -8.28 -3.79
N ARG A 47 2.47 -7.22 -2.99
CA ARG A 47 3.22 -7.25 -1.73
C ARG A 47 2.46 -6.59 -0.59
N LYS A 48 2.91 -6.86 0.62
CA LYS A 48 2.38 -6.34 1.87
C LYS A 48 3.41 -5.32 2.27
N TYR A 49 3.11 -4.04 2.16
CA TYR A 49 4.02 -2.96 2.53
C TYR A 49 3.70 -2.61 3.98
N LEU A 50 4.72 -2.60 4.84
CA LEU A 50 4.64 -2.31 6.26
C LEU A 50 5.45 -1.04 6.54
N VAL A 51 4.83 0.09 6.91
CA VAL A 51 5.54 1.35 7.22
C VAL A 51 5.42 1.68 8.71
N PRO A 52 6.45 2.23 9.38
CA PRO A 52 6.36 2.58 10.78
C PRO A 52 5.45 3.79 10.93
N SER A 53 4.52 3.71 11.88
CA SER A 53 3.54 4.73 12.22
C SER A 53 4.19 6.07 12.64
N ASP A 54 5.49 6.07 12.90
CA ASP A 54 6.27 7.22 13.33
C ASP A 54 6.62 8.20 12.21
N ILE A 55 6.86 7.71 10.98
CA ILE A 55 7.22 8.58 9.86
C ILE A 55 6.01 9.28 9.22
N THR A 56 6.27 10.24 8.33
CA THR A 56 5.27 11.03 7.60
C THR A 56 5.08 10.55 6.16
N VAL A 57 4.02 11.03 5.52
CA VAL A 57 3.70 10.72 4.12
C VAL A 57 4.89 11.11 3.23
N ALA A 58 5.62 12.19 3.54
CA ALA A 58 6.77 12.63 2.79
C ALA A 58 7.86 11.56 2.80
N GLN A 59 8.14 11.00 3.97
CA GLN A 59 9.16 9.97 4.14
C GLN A 59 8.73 8.73 3.35
N PHE A 60 7.47 8.32 3.46
CA PHE A 60 6.96 7.15 2.75
C PHE A 60 7.11 7.36 1.24
N MET A 61 6.68 8.51 0.73
CA MET A 61 6.74 8.89 -0.68
C MET A 61 8.19 8.79 -1.18
N TRP A 62 9.14 9.43 -0.48
CA TRP A 62 10.55 9.40 -0.82
C TRP A 62 11.03 7.96 -0.84
N ILE A 63 10.64 7.09 0.10
CA ILE A 63 11.09 5.71 0.05
C ILE A 63 10.47 5.02 -1.19
N ILE A 64 9.17 5.18 -1.47
CA ILE A 64 8.53 4.53 -2.63
C ILE A 64 9.27 4.89 -3.93
N ARG A 65 9.51 6.18 -4.18
CA ARG A 65 10.22 6.63 -5.39
C ARG A 65 11.67 6.15 -5.40
N LYS A 66 12.29 6.04 -4.22
CA LYS A 66 13.66 5.59 -4.09
C LYS A 66 13.74 4.10 -4.47
N ARG A 67 12.86 3.26 -3.91
CA ARG A 67 12.78 1.82 -4.10
C ARG A 67 12.54 1.47 -5.57
N ILE A 68 11.53 2.08 -6.19
CA ILE A 68 11.22 1.81 -7.59
C ILE A 68 12.18 2.58 -8.52
N GLN A 69 13.17 3.29 -7.96
CA GLN A 69 14.18 4.07 -8.65
C GLN A 69 13.52 4.90 -9.76
N LEU A 70 12.63 5.81 -9.35
CA LEU A 70 11.86 6.66 -10.25
C LEU A 70 12.85 7.62 -10.96
N PRO A 71 13.07 7.46 -12.27
CA PRO A 71 14.00 8.27 -13.07
C PRO A 71 13.57 9.73 -13.23
N SER A 72 14.50 10.56 -13.69
CA SER A 72 14.27 11.98 -13.95
C SER A 72 13.19 12.17 -15.02
N GLU A 73 13.01 11.21 -15.94
CA GLU A 73 12.02 11.31 -17.00
C GLU A 73 10.57 11.34 -16.49
N LYS A 74 10.19 10.46 -15.57
CA LYS A 74 8.81 10.39 -15.06
C LYS A 74 8.66 11.06 -13.70
N ALA A 75 7.40 11.30 -13.31
CA ALA A 75 6.99 11.89 -12.04
C ALA A 75 6.37 10.77 -11.19
N ILE A 76 5.90 11.09 -9.99
CA ILE A 76 5.25 10.14 -9.09
C ILE A 76 4.04 10.86 -8.51
N PHE A 77 2.93 10.15 -8.47
CA PHE A 77 1.64 10.62 -7.97
C PHE A 77 1.08 9.50 -7.11
N LEU A 78 0.65 9.81 -5.90
CA LEU A 78 0.06 8.90 -4.93
C LEU A 78 -1.40 9.31 -4.72
N PHE A 79 -2.27 8.33 -4.47
CA PHE A 79 -3.71 8.53 -4.27
C PHE A 79 -4.18 7.55 -3.19
N VAL A 80 -4.87 8.03 -2.16
CA VAL A 80 -5.36 7.18 -1.07
C VAL A 80 -6.83 7.51 -0.86
N ASP A 81 -7.73 6.51 -0.95
CA ASP A 81 -9.18 6.67 -0.79
C ASP A 81 -9.71 7.84 -1.64
N LYS A 82 -9.15 7.99 -2.85
CA LYS A 82 -9.52 9.04 -3.81
C LYS A 82 -9.15 10.46 -3.33
N THR A 83 -8.20 10.59 -2.41
CA THR A 83 -7.75 11.86 -1.83
C THR A 83 -6.24 12.08 -2.03
N VAL A 84 -5.83 13.34 -1.85
CA VAL A 84 -4.47 13.86 -1.94
C VAL A 84 -3.89 13.87 -0.50
N PRO A 85 -3.02 12.92 -0.12
CA PRO A 85 -2.45 12.88 1.22
C PRO A 85 -1.35 13.92 1.42
N GLN A 86 -1.51 14.78 2.43
CA GLN A 86 -0.56 15.82 2.76
C GLN A 86 0.74 15.15 3.18
N SER A 87 1.85 15.55 2.57
CA SER A 87 3.19 15.03 2.82
C SER A 87 3.61 15.18 4.30
N SER A 88 3.08 16.19 4.99
CA SER A 88 3.37 16.51 6.38
C SER A 88 2.50 15.70 7.35
N LEU A 89 1.53 14.91 6.86
CA LEU A 89 0.69 14.11 7.74
C LEU A 89 1.52 12.91 8.21
N THR A 90 1.34 12.47 9.45
CA THR A 90 2.07 11.36 10.02
C THR A 90 1.38 10.05 9.65
N MET A 91 2.13 8.94 9.57
CA MET A 91 1.62 7.63 9.22
C MET A 91 0.56 7.21 10.22
N GLY A 92 0.85 7.25 11.52
CA GLY A 92 -0.10 6.86 12.56
C GLY A 92 -1.43 7.59 12.41
N GLN A 93 -1.38 8.90 12.15
CA GLN A 93 -2.56 9.73 11.99
C GLN A 93 -3.31 9.35 10.72
N LEU A 94 -2.61 9.24 9.59
CA LEU A 94 -3.23 8.89 8.33
C LEU A 94 -3.89 7.50 8.41
N TYR A 95 -3.23 6.53 9.05
CA TYR A 95 -3.68 5.17 9.22
C TYR A 95 -4.94 5.17 10.11
N GLU A 96 -4.84 5.72 11.33
CA GLU A 96 -5.94 5.75 12.27
C GLU A 96 -7.14 6.54 11.76
N LYS A 97 -6.94 7.54 10.88
CA LYS A 97 -8.02 8.35 10.35
C LYS A 97 -8.60 7.80 9.06
N GLU A 98 -7.79 7.25 8.14
CA GLU A 98 -8.32 6.73 6.89
C GLU A 98 -8.75 5.26 6.97
N LYS A 99 -8.47 4.56 8.08
CA LYS A 99 -8.79 3.15 8.30
C LYS A 99 -10.09 2.66 7.65
N ASP A 100 -9.95 1.67 6.78
CA ASP A 100 -11.03 1.01 6.04
C ASP A 100 -11.78 0.06 7.00
N GLU A 101 -12.86 -0.61 6.58
CA GLU A 101 -13.61 -1.54 7.44
C GLU A 101 -12.71 -2.58 8.11
N ASP A 102 -11.68 -3.03 7.40
CA ASP A 102 -10.71 -4.03 7.86
C ASP A 102 -9.46 -3.38 8.46
N GLY A 103 -9.49 -2.07 8.69
CA GLY A 103 -8.41 -1.28 9.26
C GLY A 103 -7.11 -1.30 8.45
N PHE A 104 -7.15 -1.57 7.15
CA PHE A 104 -5.98 -1.60 6.28
C PHE A 104 -5.97 -0.34 5.41
N LEU A 105 -4.83 -0.01 4.78
CA LEU A 105 -4.70 1.19 3.94
C LEU A 105 -4.30 0.77 2.53
N TYR A 106 -4.93 1.33 1.50
CA TYR A 106 -4.65 1.03 0.10
C TYR A 106 -4.27 2.32 -0.62
N VAL A 107 -3.09 2.38 -1.21
CA VAL A 107 -2.61 3.55 -1.94
C VAL A 107 -2.27 3.11 -3.36
N ALA A 108 -2.65 3.94 -4.32
CA ALA A 108 -2.42 3.72 -5.74
C ALA A 108 -1.43 4.77 -6.24
N TYR A 109 -0.66 4.44 -7.28
CA TYR A 109 0.32 5.38 -7.84
C TYR A 109 0.38 5.34 -9.36
N SER A 110 0.94 6.41 -9.93
CA SER A 110 1.15 6.61 -11.35
C SER A 110 2.25 7.67 -11.56
N GLY A 111 2.66 7.86 -12.81
CA GLY A 111 3.66 8.81 -13.29
C GLY A 111 3.05 9.89 -14.20
N GLU A 112 1.73 10.09 -14.20
CA GLU A 112 1.01 11.06 -15.02
C GLU A 112 0.14 11.93 -14.11
N ASN A 113 0.16 13.23 -14.38
CA ASN A 113 -0.60 14.24 -13.64
C ASN A 113 -2.11 14.10 -13.84
N THR A 114 -2.57 13.60 -14.99
CA THR A 114 -3.99 13.43 -15.31
C THR A 114 -4.28 11.94 -15.47
N PHE A 115 -5.34 11.47 -14.81
CA PHE A 115 -5.77 10.08 -14.84
C PHE A 115 -7.15 9.90 -15.47
N GLY A 116 -7.73 10.95 -16.09
CA GLY A 116 -9.04 10.88 -16.72
C GLY A 116 -9.00 9.97 -17.94
N GLY B 1 -13.99 -23.13 1.40
CA GLY B 1 -13.30 -23.59 2.61
C GLY B 1 -12.00 -24.30 2.27
N ALA B 2 -10.95 -24.05 3.06
CA ALA B 2 -9.60 -24.61 2.95
C ALA B 2 -8.93 -24.47 1.57
N MET B 3 -9.47 -23.68 0.63
CA MET B 3 -8.89 -23.47 -0.69
C MET B 3 -7.88 -22.34 -0.53
N GLU B 4 -6.80 -22.64 0.19
CA GLU B 4 -5.71 -21.73 0.48
C GLU B 4 -4.48 -22.34 -0.18
N ILE B 5 -4.59 -22.71 -1.46
CA ILE B 5 -3.51 -23.32 -2.21
C ILE B 5 -2.36 -22.33 -2.39
N ILE B 6 -1.11 -22.82 -2.32
CA ILE B 6 0.07 -21.97 -2.47
C ILE B 6 0.42 -21.71 -3.95
N HIS B 7 -0.39 -22.17 -4.91
CA HIS B 7 -0.20 -22.00 -6.35
C HIS B 7 -1.28 -21.05 -6.89
N GLU B 8 -1.14 -19.77 -6.54
CA GLU B 8 -2.03 -18.70 -6.95
C GLU B 8 -1.20 -17.57 -7.55
N ASP B 9 -1.85 -16.60 -8.19
CA ASP B 9 -1.19 -15.42 -8.78
C ASP B 9 -1.10 -14.32 -7.72
N ASN B 10 -1.82 -14.48 -6.60
CA ASN B 10 -1.82 -13.55 -5.50
C ASN B 10 -0.73 -13.99 -4.54
N GLU B 11 0.37 -13.25 -4.50
CA GLU B 11 1.50 -13.55 -3.63
C GLU B 11 1.40 -12.83 -2.29
N TRP B 12 1.40 -11.49 -2.30
CA TRP B 12 1.32 -10.64 -1.12
C TRP B 12 2.48 -10.96 -0.15
N GLY B 13 3.73 -10.67 -0.57
CA GLY B 13 4.90 -10.93 0.27
C GLY B 13 5.15 -9.79 1.25
N ILE B 14 5.46 -10.11 2.51
CA ILE B 14 5.74 -9.17 3.60
C ILE B 14 7.02 -8.40 3.25
N GLU B 15 6.93 -7.07 3.26
CA GLU B 15 8.03 -6.19 2.90
C GLU B 15 8.03 -5.00 3.87
N LEU B 16 9.15 -4.66 4.49
CA LEU B 16 9.24 -3.54 5.43
C LEU B 16 9.95 -2.35 4.79
N VAL B 17 9.33 -1.18 4.84
CA VAL B 17 9.86 0.07 4.31
C VAL B 17 9.92 1.08 5.46
N SER B 18 11.13 1.51 5.77
CA SER B 18 11.40 2.51 6.79
C SER B 18 12.81 3.00 6.48
N GLU B 19 12.97 4.31 6.34
CA GLU B 19 14.21 5.01 6.04
C GLU B 19 14.60 4.87 4.57
#